data_8KHP
#
_entry.id   8KHP
#
_cell.length_a   1.00
_cell.length_b   1.00
_cell.length_c   1.00
_cell.angle_alpha   90.00
_cell.angle_beta   90.00
_cell.angle_gamma   90.00
#
_symmetry.space_group_name_H-M   'P 1'
#
loop_
_entity.id
_entity.type
_entity.pdbx_description
1 polymer 'Kelch-like protein 22'
2 polymer Cullin-3
3 polymer 'E3 ubiquitin-protein ligase RBX1'
#
loop_
_entity_poly.entity_id
_entity_poly.type
_entity_poly.pdbx_seq_one_letter_code
_entity_poly.pdbx_strand_id
1 'polypeptide(L)'
;MAEEQEFTQLCKLPAQPSHPHCVNNTYRSAQHSQALLRGLLALRDSGILFDVVLVVEGRHIEAHRILLAASCDYFRGMFA
GGLKEMEQEEVLIHGVSYNAMCQILHFIYTSELELSLSNVQETLVAACQLQIPEIIHFCCDFLMSWVDEENILDVYRLAE
LFDLSRLTEQLDTYILKNFVAFSRTDKYRQLPLEKVYSLLSSNRLEVSCETEVYEGALLYHYSLEQVQADQISLHEPPKL
LETVRFPLMEAEVLQRLHDKLDPSPLRDTVASALMYHRNESLQPSLQSPQTELRSDFQCVVGFGGIHSTPSTVLSDQAKY
LNPLLGEWKHFTASLAPRMSNQGIAVLNNFVYLIGGDNNVQGFRAESRCWRYDPRHNRWFQIQSLQQEHADLSVCVVGRY
IYAVAGRDYHNDLNAVERYDPATNSWAYVAPLKREVYAHAGATLEGKMYITCGRRGEDYLKETHCYDPGSNTWHTLADGP
VRRAWHGMATLLNKLYVIGGSNNDAGYRRDVHQVACYSCTSGQWSSVCPLPAGHGEPGIAVLDNRIYVLGGRSHNRGSRT
GYVHIYDVEKDCWEEGPQLDNSISGLAACVLTLPRSLLLEPPRGTPDRSQADPDFASEVMSVSDWEEFDNSSED
;
A,B
2 'polypeptide(L)'
;MSNLSKGTGSRKDTKMRIRAFPMTMDEKYVNSIWDLLKNAIQEIQRKNNSGLSFEELYRNAYTMVLHKHGEKLYTGLREV
VTEHLINKVREDVLNSLNNNFLQTLNQAWNDHQTAMVMIRDILMYMDRVYVQQNNVENVYNLGLIIFRDQVVRYGCIRDH
LRQTLLDMIARERKGEVVDRGAIRNACQMLMILGLEGRSVYEEDFEAPFLEMSAEFFQMESQKFLAENSASVYIKKVEAR
INEEIERVMHCLDKSTEEPIVKVVERELISKHMKTIVEMENSGLVHMLKNGKTEDLGCMYKLFSRVPNGLKTMCECMSSY
LREQGKALVSEEGEGKNPVDYIQGLLDLKSRFDRFLLESFNNDRLFKQTIAGDFEYFLNLNSRSPEYLSLFIDDKLKKGV
KGLTEQEVETILDKAMVLFRFMQEKDVFERYYKQHLARRLLTNKSVSDDSEKNMISKLKTECGCQFTSKLEGMFRDMSIS
NTTMDEFRQHLQATGVSLGGVDLTVRVLTTGYWPTQSATPKCNIPPAPRHAFEIFRRFYLAKHSGRQLTLQHHMGSADLN
ATFYGPVKKEDGSEVGVGGAQVTGSNTRKHILQVSTFQMTILMLFNNREKYTFEEIQQETDIPERELVRALQSLACGKPT
QRVLTKEPKSKEIENGHIFTVNDQFTSKLHRVKIQTVAAKQGESDPERKETRQKVDDDRKHEIEAAIVRIMKSRKKMQHN
VLVAEVTQQLKARFLPSPVVIKKRIEGLIEREYLARTPEDRKVYTYVA
;
C,D
3 'polypeptide(L)'
;MAAAMDVDTPSGTNSGAGKKRFEVKKWNAVALWAWDIVVDNCAICRNHIMDLCIECQANQASATSEECTVAWGVCNHAFH
FHCISRWLKTRQVCPLDNREWEFQKYGH
;
E,F
#
# COMPACT_ATOMS: atom_id res chain seq x y z
N VAL A 23 7.82 31.88 -16.64
CA VAL A 23 7.66 30.91 -15.56
C VAL A 23 7.98 31.58 -14.22
N ASN A 24 7.04 31.45 -13.27
CA ASN A 24 7.23 32.05 -11.96
C ASN A 24 7.38 30.97 -10.89
N ASN A 25 6.36 30.10 -10.78
CA ASN A 25 6.35 28.97 -9.87
C ASN A 25 6.29 29.40 -8.41
N THR A 26 5.48 28.71 -7.61
CA THR A 26 5.32 29.01 -6.20
C THR A 26 5.72 27.79 -5.38
N TYR A 27 6.61 27.99 -4.42
CA TYR A 27 7.06 26.93 -3.52
C TYR A 27 6.47 27.16 -2.13
N ARG A 28 5.90 26.10 -1.56
CA ARG A 28 5.28 26.17 -0.24
C ARG A 28 5.86 25.08 0.65
N SER A 29 6.29 25.46 1.85
CA SER A 29 6.84 24.51 2.79
C SER A 29 5.73 23.83 3.59
N ALA A 30 6.12 22.83 4.39
CA ALA A 30 5.17 22.11 5.21
C ALA A 30 5.67 21.99 6.65
N GLN A 31 6.98 22.05 6.84
CA GLN A 31 7.61 21.90 8.14
C GLN A 31 8.11 23.22 8.71
N HIS A 32 7.48 24.33 8.33
CA HIS A 32 7.89 25.65 8.80
C HIS A 32 7.09 26.12 10.00
N SER A 33 5.78 25.85 10.02
CA SER A 33 4.95 26.33 11.13
C SER A 33 5.38 25.70 12.45
N GLN A 34 5.66 24.40 12.45
CA GLN A 34 6.08 23.74 13.68
C GLN A 34 7.43 24.25 14.15
N ALA A 35 8.34 24.55 13.22
CA ALA A 35 9.60 25.15 13.60
C ALA A 35 9.40 26.51 14.26
N LEU A 36 8.47 27.30 13.71
CA LEU A 36 8.16 28.60 14.31
C LEU A 36 7.58 28.43 15.71
N LEU A 37 6.70 27.45 15.88
CA LEU A 37 6.13 27.20 17.20
C LEU A 37 7.22 26.77 18.19
N ARG A 38 8.14 25.92 17.76
CA ARG A 38 9.24 25.52 18.62
C ARG A 38 10.11 26.70 19.00
N GLY A 39 10.40 27.58 18.05
CA GLY A 39 11.16 28.77 18.36
C GLY A 39 10.45 29.67 19.35
N LEU A 40 9.14 29.83 19.19
CA LEU A 40 8.37 30.64 20.14
C LEU A 40 8.39 30.01 21.53
N LEU A 41 8.27 28.69 21.60
CA LEU A 41 8.33 28.01 22.90
C LEU A 41 9.67 28.21 23.56
N ALA A 42 10.76 28.08 22.78
CA ALA A 42 12.09 28.30 23.34
C ALA A 42 12.25 29.74 23.82
N LEU A 43 11.73 30.70 23.06
CA LEU A 43 11.81 32.09 23.47
C LEU A 43 11.06 32.33 24.76
N ARG A 44 9.87 31.74 24.89
CA ARG A 44 9.10 31.90 26.13
C ARG A 44 9.81 31.26 27.31
N ASP A 45 10.41 30.09 27.09
CA ASP A 45 11.15 29.43 28.17
C ASP A 45 12.36 30.25 28.58
N SER A 46 13.01 30.91 27.63
CA SER A 46 14.12 31.78 27.97
C SER A 46 13.67 32.95 28.85
N GLY A 47 12.51 33.52 28.55
CA GLY A 47 11.96 34.58 29.36
C GLY A 47 12.33 35.97 28.89
N ILE A 48 12.23 36.22 27.58
CA ILE A 48 12.55 37.51 27.00
C ILE A 48 11.45 37.90 26.02
N LEU A 49 11.40 39.19 25.70
CA LEU A 49 10.41 39.79 24.81
C LEU A 49 8.99 39.67 25.34
N PHE A 50 8.83 39.37 26.62
CA PHE A 50 7.50 39.39 27.24
C PHE A 50 6.97 40.82 27.25
N ASP A 51 5.66 40.96 27.00
CA ASP A 51 5.09 42.29 26.91
C ASP A 51 3.89 42.48 27.82
N VAL A 52 3.05 41.46 28.00
CA VAL A 52 1.81 41.60 28.74
C VAL A 52 1.85 40.65 29.95
N VAL A 53 1.19 41.06 31.03
CA VAL A 53 1.07 40.26 32.23
C VAL A 53 -0.40 40.16 32.62
N LEU A 54 -0.86 38.94 32.89
CA LEU A 54 -2.23 38.67 33.25
C LEU A 54 -2.30 38.36 34.74
N VAL A 55 -3.22 39.02 35.42
CA VAL A 55 -3.46 38.82 36.84
C VAL A 55 -4.68 37.91 36.97
N VAL A 56 -4.44 36.66 37.35
CA VAL A 56 -5.50 35.67 37.53
C VAL A 56 -5.41 35.16 38.95
N GLU A 57 -6.51 35.29 39.70
CA GLU A 57 -6.61 34.78 41.07
C GLU A 57 -5.46 35.31 41.93
N GLY A 58 -5.11 36.58 41.72
CA GLY A 58 -4.05 37.19 42.49
C GLY A 58 -2.66 36.70 42.16
N ARG A 59 -2.45 36.16 40.96
CA ARG A 59 -1.14 35.69 40.55
C ARG A 59 -0.83 36.19 39.15
N HIS A 60 0.46 36.34 38.86
CA HIS A 60 0.91 36.95 37.61
C HIS A 60 1.40 35.87 36.66
N ILE A 61 0.90 35.91 35.42
CA ILE A 61 1.41 35.09 34.34
C ILE A 61 1.80 36.00 33.20
N GLU A 62 3.04 35.86 32.73
CA GLU A 62 3.63 36.83 31.82
C GLU A 62 3.81 36.19 30.44
N ALA A 63 3.31 36.85 29.41
CA ALA A 63 3.31 36.29 28.07
C ALA A 63 3.31 37.40 27.03
N HIS A 64 3.18 36.99 25.77
CA HIS A 64 3.27 37.88 24.61
C HIS A 64 1.88 38.26 24.13
N ARG A 65 1.75 39.50 23.67
CA ARG A 65 0.46 39.99 23.18
C ARG A 65 0.09 39.34 21.85
N ILE A 66 1.05 39.24 20.93
CA ILE A 66 0.74 38.89 19.56
C ILE A 66 0.22 37.45 19.46
N LEU A 67 0.88 36.52 20.15
CA LEU A 67 0.44 35.13 20.10
C LEU A 67 -0.96 34.97 20.67
N LEU A 68 -1.23 35.62 21.80
CA LEU A 68 -2.57 35.55 22.38
C LEU A 68 -3.61 36.14 21.43
N ALA A 69 -3.29 37.28 20.81
CA ALA A 69 -4.24 37.90 19.89
C ALA A 69 -4.51 37.03 18.67
N ALA A 70 -3.49 36.35 18.16
CA ALA A 70 -3.65 35.55 16.96
C ALA A 70 -4.08 34.11 17.23
N SER A 71 -4.13 33.70 18.49
CA SER A 71 -4.48 32.32 18.81
C SER A 71 -5.99 32.13 19.00
N CYS A 72 -6.54 32.81 19.99
CA CYS A 72 -7.96 32.67 20.32
C CYS A 72 -8.75 33.79 19.64
N ASP A 73 -10.04 33.86 19.94
CA ASP A 73 -10.88 34.95 19.47
C ASP A 73 -11.26 35.93 20.57
N TYR A 74 -11.48 35.45 21.79
CA TYR A 74 -11.70 36.36 22.91
C TYR A 74 -10.48 37.22 23.16
N PHE A 75 -9.29 36.62 23.12
CA PHE A 75 -8.07 37.40 23.28
C PHE A 75 -7.88 38.37 22.12
N ARG A 76 -8.25 37.95 20.91
CA ARG A 76 -8.16 38.85 19.77
C ARG A 76 -9.07 40.06 19.97
N GLY A 77 -10.28 39.84 20.45
CA GLY A 77 -11.17 40.95 20.72
C GLY A 77 -10.64 41.85 21.81
N MET A 78 -10.04 41.27 22.85
CA MET A 78 -9.55 42.08 23.97
C MET A 78 -8.34 42.91 23.56
N PHE A 79 -7.47 42.37 22.71
CA PHE A 79 -6.18 43.00 22.45
C PHE A 79 -6.11 43.75 21.13
N ALA A 80 -7.04 43.51 20.21
CA ALA A 80 -7.05 44.16 18.90
C ALA A 80 -8.43 44.70 18.58
N GLY A 81 -9.22 44.99 19.62
CA GLY A 81 -10.58 45.43 19.42
C GLY A 81 -10.75 46.94 19.52
N GLY A 82 -9.65 47.65 19.77
CA GLY A 82 -9.67 49.08 19.89
C GLY A 82 -10.05 49.61 21.26
N LEU A 83 -10.30 48.72 22.22
CA LEU A 83 -10.69 49.13 23.56
C LEU A 83 -9.47 49.54 24.38
N LYS A 84 -9.66 49.68 25.69
CA LYS A 84 -8.64 50.27 26.55
C LYS A 84 -7.36 49.44 26.57
N GLU A 85 -7.46 48.13 26.38
CA GLU A 85 -6.31 47.24 26.55
C GLU A 85 -5.16 47.55 25.59
N MET A 86 -5.34 48.48 24.65
CA MET A 86 -4.21 48.94 23.85
C MET A 86 -3.14 49.60 24.72
N GLU A 87 -3.54 50.37 25.71
CA GLU A 87 -2.61 51.20 26.49
C GLU A 87 -2.65 50.80 27.96
N GLN A 88 -2.63 49.48 28.20
CA GLN A 88 -2.58 48.98 29.56
C GLN A 88 -1.56 47.87 29.63
N GLU A 89 -0.63 47.98 30.58
CA GLU A 89 0.45 47.00 30.69
C GLU A 89 -0.05 45.67 31.21
N GLU A 90 -0.89 45.69 32.24
CA GLU A 90 -1.38 44.48 32.87
C GLU A 90 -2.89 44.34 32.65
N VAL A 91 -3.34 43.10 32.55
CA VAL A 91 -4.76 42.81 32.36
C VAL A 91 -5.19 41.84 33.45
N LEU A 92 -6.24 42.20 34.18
CA LEU A 92 -6.69 41.41 35.33
C LEU A 92 -7.95 40.65 34.93
N ILE A 93 -7.85 39.32 34.89
CA ILE A 93 -8.95 38.46 34.46
C ILE A 93 -9.76 38.06 35.68
N HIS A 94 -11.05 37.76 35.46
CA HIS A 94 -11.96 37.38 36.52
C HIS A 94 -12.62 36.05 36.21
N GLY A 95 -12.94 35.30 37.26
CA GLY A 95 -13.79 34.14 37.15
C GLY A 95 -13.14 32.88 36.61
N VAL A 96 -11.82 32.89 36.39
CA VAL A 96 -11.12 31.74 35.83
C VAL A 96 -10.03 31.31 36.81
N SER A 97 -9.84 30.00 36.93
CA SER A 97 -8.84 29.46 37.84
C SER A 97 -7.43 29.66 37.27
N TYR A 98 -6.47 29.78 38.19
CA TYR A 98 -5.08 29.97 37.79
C TYR A 98 -4.56 28.77 37.01
N ASN A 99 -4.86 27.57 37.48
CA ASN A 99 -4.41 26.36 36.78
C ASN A 99 -5.02 26.27 35.40
N ALA A 100 -6.25 26.74 35.24
CA ALA A 100 -6.88 26.74 33.92
C ALA A 100 -6.11 27.63 32.96
N MET A 101 -5.73 28.83 33.39
CA MET A 101 -4.94 29.71 32.54
C MET A 101 -3.59 29.10 32.22
N CYS A 102 -2.95 28.46 33.20
CA CYS A 102 -1.67 27.82 32.94
C CYS A 102 -1.81 26.74 31.87
N GLN A 103 -2.87 25.91 31.98
CA GLN A 103 -3.08 24.86 30.98
C GLN A 103 -3.36 25.46 29.60
N ILE A 104 -4.17 26.52 29.54
CA ILE A 104 -4.49 27.13 28.25
C ILE A 104 -3.23 27.69 27.59
N LEU A 105 -2.40 28.38 28.38
CA LEU A 105 -1.18 28.95 27.82
C LEU A 105 -0.21 27.86 27.38
N HIS A 106 -0.11 26.77 28.16
CA HIS A 106 0.74 25.67 27.75
C HIS A 106 0.26 25.06 26.45
N PHE A 107 -1.07 24.92 26.29
CA PHE A 107 -1.60 24.39 25.04
C PHE A 107 -1.29 25.33 23.88
N ILE A 108 -1.43 26.64 24.09
CA ILE A 108 -1.17 27.60 23.02
C ILE A 108 0.28 27.53 22.59
N TYR A 109 1.20 27.45 23.55
CA TYR A 109 2.62 27.47 23.22
C TYR A 109 3.11 26.14 22.66
N THR A 110 2.57 25.02 23.15
CA THR A 110 3.14 23.72 22.84
C THR A 110 2.25 22.83 21.98
N SER A 111 1.00 23.22 21.73
CA SER A 111 0.03 22.46 20.95
C SER A 111 -0.37 21.14 21.61
N GLU A 112 0.12 20.87 22.81
CA GLU A 112 -0.23 19.67 23.55
C GLU A 112 -1.13 20.07 24.72
N LEU A 113 -1.56 19.06 25.49
CA LEU A 113 -2.43 19.31 26.63
C LEU A 113 -2.37 18.13 27.59
N GLU A 114 -2.13 18.42 28.86
CA GLU A 114 -2.06 17.39 29.90
C GLU A 114 -3.32 17.49 30.76
N LEU A 115 -3.98 16.34 30.95
CA LEU A 115 -5.24 16.30 31.68
C LEU A 115 -5.16 15.24 32.77
N SER A 116 -5.92 15.48 33.84
CA SER A 116 -5.98 14.57 34.97
C SER A 116 -7.43 14.49 35.44
N LEU A 117 -7.65 13.78 36.54
CA LEU A 117 -8.98 13.60 37.10
C LEU A 117 -9.36 14.72 38.07
N SER A 118 -8.48 15.69 38.28
CA SER A 118 -8.74 16.77 39.21
C SER A 118 -8.80 18.15 38.55
N ASN A 119 -8.22 18.32 37.36
CA ASN A 119 -8.23 19.60 36.67
C ASN A 119 -9.08 19.57 35.41
N VAL A 120 -9.91 18.54 35.25
CA VAL A 120 -10.74 18.44 34.07
C VAL A 120 -12.03 19.25 34.20
N GLN A 121 -12.58 19.34 35.41
CA GLN A 121 -13.80 20.12 35.60
C GLN A 121 -13.54 21.61 35.46
N GLU A 122 -12.42 22.09 36.00
CA GLU A 122 -12.11 23.51 35.96
C GLU A 122 -11.51 23.95 34.63
N THR A 123 -11.06 23.02 33.79
CA THR A 123 -10.57 23.39 32.47
C THR A 123 -11.69 23.58 31.47
N LEU A 124 -12.72 22.73 31.54
CA LEU A 124 -13.85 22.86 30.62
C LEU A 124 -14.57 24.19 30.83
N VAL A 125 -14.70 24.62 32.08
CA VAL A 125 -15.36 25.88 32.37
C VAL A 125 -14.60 27.04 31.72
N ALA A 126 -13.28 27.03 31.84
CA ALA A 126 -12.46 28.08 31.25
C ALA A 126 -12.40 28.01 29.73
N ALA A 127 -12.42 26.81 29.15
CA ALA A 127 -12.38 26.67 27.70
C ALA A 127 -13.73 26.96 27.05
N CYS A 128 -14.84 26.74 27.77
CA CYS A 128 -16.14 27.09 27.24
C CYS A 128 -16.45 28.58 27.33
N GLN A 129 -15.73 29.31 28.18
CA GLN A 129 -15.97 30.74 28.31
C GLN A 129 -15.15 31.56 27.30
N LEU A 130 -13.92 31.15 27.04
CA LEU A 130 -13.09 31.81 26.03
C LEU A 130 -13.40 31.31 24.62
N GLN A 131 -14.25 30.29 24.49
CA GLN A 131 -14.71 29.78 23.20
C GLN A 131 -13.53 29.30 22.34
N ILE A 132 -12.84 28.29 22.85
CA ILE A 132 -11.80 27.59 22.10
C ILE A 132 -12.32 26.19 21.82
N PRO A 133 -12.52 25.80 20.56
CA PRO A 133 -13.21 24.52 20.29
C PRO A 133 -12.36 23.30 20.56
N GLU A 134 -11.07 23.34 20.23
CA GLU A 134 -10.24 22.16 20.35
C GLU A 134 -10.11 21.70 21.80
N ILE A 135 -9.92 22.65 22.71
CA ILE A 135 -9.80 22.28 24.12
C ILE A 135 -11.11 21.71 24.63
N ILE A 136 -12.24 22.28 24.19
CA ILE A 136 -13.54 21.76 24.61
C ILE A 136 -13.72 20.32 24.12
N HIS A 137 -13.36 20.06 22.86
CA HIS A 137 -13.48 18.70 22.33
C HIS A 137 -12.59 17.73 23.08
N PHE A 138 -11.35 18.13 23.36
CA PHE A 138 -10.44 17.25 24.09
C PHE A 138 -10.97 16.96 25.49
N CYS A 139 -11.49 17.99 26.17
CA CYS A 139 -12.03 17.79 27.51
C CYS A 139 -13.25 16.90 27.48
N CYS A 140 -14.10 17.04 26.47
CA CYS A 140 -15.27 16.16 26.36
C CYS A 140 -14.83 14.72 26.15
N ASP A 141 -13.82 14.51 25.31
CA ASP A 141 -13.31 13.15 25.09
C ASP A 141 -12.76 12.57 26.39
N PHE A 142 -11.99 13.36 27.13
CA PHE A 142 -11.44 12.87 28.40
C PHE A 142 -12.55 12.55 29.39
N LEU A 143 -13.57 13.41 29.47
CA LEU A 143 -14.68 13.15 30.37
C LEU A 143 -15.40 11.86 30.00
N MET A 144 -15.62 11.64 28.70
CA MET A 144 -16.25 10.40 28.28
C MET A 144 -15.35 9.20 28.51
N SER A 145 -14.04 9.40 28.61
CA SER A 145 -13.15 8.30 28.97
C SER A 145 -13.33 7.85 30.41
N TRP A 146 -14.03 8.61 31.24
CA TRP A 146 -14.23 8.25 32.64
C TRP A 146 -15.68 8.44 33.08
N VAL A 147 -16.62 8.15 32.20
CA VAL A 147 -18.03 8.24 32.54
C VAL A 147 -18.47 6.92 33.17
N ASP A 148 -19.25 7.00 34.23
CA ASP A 148 -19.71 5.83 34.96
C ASP A 148 -21.21 5.99 35.23
N GLU A 149 -21.78 5.01 35.93
CA GLU A 149 -23.19 5.02 36.28
C GLU A 149 -23.47 5.70 37.61
N GLU A 150 -22.46 6.31 38.22
CA GLU A 150 -22.60 6.96 39.51
C GLU A 150 -22.69 8.48 39.43
N ASN A 151 -22.29 9.08 38.31
CA ASN A 151 -22.27 10.53 38.18
C ASN A 151 -22.80 11.00 36.84
N ILE A 152 -23.60 10.17 36.17
CA ILE A 152 -24.06 10.54 34.84
C ILE A 152 -25.04 11.70 34.89
N LEU A 153 -25.81 11.83 35.98
CA LEU A 153 -26.71 12.95 36.11
C LEU A 153 -25.95 14.27 36.21
N ASP A 154 -24.81 14.26 36.93
CA ASP A 154 -23.96 15.44 36.99
C ASP A 154 -23.44 15.81 35.60
N VAL A 155 -23.06 14.80 34.82
CA VAL A 155 -22.57 15.07 33.47
C VAL A 155 -23.66 15.67 32.59
N TYR A 156 -24.88 15.13 32.68
CA TYR A 156 -25.98 15.71 31.93
C TYR A 156 -26.25 17.14 32.35
N ARG A 157 -26.24 17.41 33.66
CA ARG A 157 -26.47 18.76 34.13
C ARG A 157 -25.40 19.72 33.62
N LEU A 158 -24.14 19.30 33.66
CA LEU A 158 -23.07 20.15 33.16
C LEU A 158 -23.20 20.38 31.67
N ALA A 159 -23.53 19.34 30.90
CA ALA A 159 -23.65 19.49 29.46
C ALA A 159 -24.80 20.41 29.09
N GLU A 160 -25.93 20.29 29.77
CA GLU A 160 -27.08 21.14 29.44
C GLU A 160 -26.87 22.56 29.93
N LEU A 161 -26.13 22.74 31.02
CA LEU A 161 -25.87 24.09 31.52
C LEU A 161 -25.04 24.90 30.53
N PHE A 162 -24.05 24.28 29.92
CA PHE A 162 -23.15 24.96 28.98
C PHE A 162 -23.62 24.84 27.54
N ASP A 163 -24.81 24.29 27.31
CA ASP A 163 -25.40 24.18 25.97
C ASP A 163 -24.48 23.40 25.03
N LEU A 164 -23.85 22.35 25.55
CA LEU A 164 -23.02 21.48 24.73
C LEU A 164 -23.86 20.42 24.05
N SER A 165 -23.64 20.23 22.75
CA SER A 165 -24.38 19.25 21.97
C SER A 165 -23.51 18.14 21.43
N ARG A 166 -22.20 18.19 21.66
CA ARG A 166 -21.32 17.09 21.28
C ARG A 166 -21.16 16.07 22.40
N LEU A 167 -21.69 16.34 23.59
CA LEU A 167 -21.65 15.42 24.71
C LEU A 167 -22.96 14.67 24.89
N THR A 168 -24.09 15.37 24.82
CA THR A 168 -25.39 14.70 24.82
C THR A 168 -25.79 14.23 23.43
N GLU A 169 -24.85 13.62 22.71
CA GLU A 169 -25.12 12.80 21.53
C GLU A 169 -24.22 11.58 21.66
N GLN A 170 -23.38 11.59 22.70
CA GLN A 170 -22.58 10.42 23.03
C GLN A 170 -23.03 9.82 24.35
N LEU A 171 -23.63 10.59 25.25
CA LEU A 171 -24.25 10.04 26.45
C LEU A 171 -25.41 9.11 26.14
N ASP A 172 -26.23 9.46 25.15
CA ASP A 172 -27.28 8.56 24.70
C ASP A 172 -26.69 7.27 24.14
N THR A 173 -25.58 7.37 23.42
CA THR A 173 -24.92 6.17 22.91
C THR A 173 -24.48 5.26 24.05
N TYR A 174 -23.89 5.85 25.09
CA TYR A 174 -23.45 5.05 26.24
C TYR A 174 -24.64 4.42 26.95
N ILE A 175 -25.71 5.18 27.14
CA ILE A 175 -26.85 4.65 27.89
C ILE A 175 -27.55 3.55 27.07
N LEU A 176 -27.50 3.64 25.75
CA LEU A 176 -28.09 2.58 24.93
C LEU A 176 -27.20 1.34 24.93
N LYS A 177 -25.88 1.53 24.88
CA LYS A 177 -24.97 0.39 24.84
C LYS A 177 -24.92 -0.36 26.16
N ASN A 178 -25.37 0.25 27.25
CA ASN A 178 -25.33 -0.37 28.57
C ASN A 178 -26.66 -0.19 29.28
N PHE A 179 -27.76 -0.44 28.56
CA PHE A 179 -29.09 -0.29 29.13
C PHE A 179 -29.30 -1.27 30.29
N VAL A 180 -28.89 -2.52 30.12
CA VAL A 180 -29.14 -3.53 31.14
C VAL A 180 -28.37 -3.19 32.41
N ALA A 181 -27.11 -2.80 32.27
CA ALA A 181 -26.29 -2.47 33.44
C ALA A 181 -26.86 -1.27 34.19
N PHE A 182 -27.28 -0.23 33.45
CA PHE A 182 -27.80 0.96 34.10
C PHE A 182 -29.22 0.75 34.65
N SER A 183 -29.92 -0.26 34.16
CA SER A 183 -31.29 -0.52 34.65
C SER A 183 -31.30 -0.81 36.13
N ARG A 184 -30.22 -1.42 36.65
CA ARG A 184 -30.13 -1.75 38.06
C ARG A 184 -29.73 -0.57 38.94
N THR A 185 -29.28 0.53 38.34
CA THR A 185 -28.86 1.68 39.13
C THR A 185 -30.06 2.37 39.76
N ASP A 186 -29.85 2.89 40.97
CA ASP A 186 -30.92 3.62 41.66
C ASP A 186 -31.26 4.91 40.94
N LYS A 187 -30.25 5.58 40.38
CA LYS A 187 -30.47 6.85 39.69
C LYS A 187 -31.24 6.67 38.40
N TYR A 188 -31.42 5.44 37.94
CA TYR A 188 -32.15 5.20 36.70
C TYR A 188 -33.58 5.73 36.79
N ARG A 189 -34.23 5.58 37.94
CA ARG A 189 -35.57 6.10 38.13
C ARG A 189 -35.61 7.63 38.18
N GLN A 190 -34.46 8.29 38.32
CA GLN A 190 -34.40 9.73 38.41
C GLN A 190 -34.34 10.43 37.06
N LEU A 191 -34.25 9.68 35.96
CA LEU A 191 -34.19 10.29 34.65
C LEU A 191 -35.54 10.90 34.29
N PRO A 192 -35.54 11.96 33.48
CA PRO A 192 -36.81 12.54 33.02
C PRO A 192 -37.61 11.54 32.19
N LEU A 193 -38.94 11.62 32.33
CA LEU A 193 -39.81 10.68 31.63
C LEU A 193 -39.68 10.83 30.12
N GLU A 194 -39.61 12.06 29.62
CA GLU A 194 -39.49 12.27 28.19
C GLU A 194 -38.20 11.68 27.64
N LYS A 195 -37.09 11.88 28.35
CA LYS A 195 -35.80 11.39 27.87
C LYS A 195 -35.78 9.87 27.82
N VAL A 196 -36.23 9.21 28.89
CA VAL A 196 -36.23 7.75 28.91
C VAL A 196 -37.22 7.20 27.88
N TYR A 197 -38.35 7.88 27.69
CA TYR A 197 -39.30 7.43 26.67
C TYR A 197 -38.69 7.52 25.28
N SER A 198 -37.97 8.61 24.99
CA SER A 198 -37.31 8.75 23.71
C SER A 198 -36.24 7.69 23.52
N LEU A 199 -35.45 7.43 24.56
CA LEU A 199 -34.39 6.43 24.47
C LEU A 199 -34.96 5.04 24.24
N LEU A 200 -36.03 4.68 24.96
CA LEU A 200 -36.63 3.36 24.81
C LEU A 200 -37.22 3.19 23.42
N SER A 201 -37.86 4.23 22.89
CA SER A 201 -38.45 4.17 21.56
C SER A 201 -37.41 4.18 20.45
N SER A 202 -36.14 4.44 20.76
CA SER A 202 -35.11 4.45 19.74
C SER A 202 -34.85 3.04 19.23
N ASN A 203 -34.21 2.97 18.07
CA ASN A 203 -33.93 1.70 17.43
C ASN A 203 -32.53 1.16 17.70
N ARG A 204 -31.62 1.97 18.23
CA ARG A 204 -30.26 1.53 18.51
C ARG A 204 -30.16 0.72 19.80
N LEU A 205 -31.18 0.75 20.65
CA LEU A 205 -31.16 -0.01 21.90
C LEU A 205 -31.19 -1.51 21.57
N GLU A 206 -30.15 -2.23 21.98
CA GLU A 206 -30.00 -3.64 21.64
C GLU A 206 -30.38 -4.50 22.85
N VAL A 207 -31.41 -5.32 22.67
CA VAL A 207 -31.83 -6.31 23.66
C VAL A 207 -32.29 -7.55 22.91
N SER A 208 -31.89 -8.73 23.41
CA SER A 208 -32.21 -9.98 22.74
C SER A 208 -33.70 -10.31 22.74
N CYS A 209 -34.50 -9.59 23.51
CA CYS A 209 -35.93 -9.88 23.61
C CYS A 209 -36.68 -8.56 23.70
N GLU A 210 -37.96 -8.64 24.06
CA GLU A 210 -38.79 -7.46 24.26
C GLU A 210 -39.43 -7.46 25.65
N THR A 211 -38.93 -8.33 26.53
CA THR A 211 -39.42 -8.43 27.90
C THR A 211 -38.54 -7.66 28.89
N GLU A 212 -37.24 -7.62 28.64
CA GLU A 212 -36.34 -6.86 29.51
C GLU A 212 -36.67 -5.37 29.47
N VAL A 213 -37.03 -4.86 28.30
CA VAL A 213 -37.43 -3.46 28.19
C VAL A 213 -38.71 -3.22 28.99
N TYR A 214 -39.65 -4.16 28.95
CA TYR A 214 -40.88 -4.02 29.74
C TYR A 214 -40.57 -4.03 31.23
N GLU A 215 -39.66 -4.91 31.66
CA GLU A 215 -39.27 -4.93 33.07
C GLU A 215 -38.60 -3.64 33.48
N GLY A 216 -37.73 -3.09 32.63
CA GLY A 216 -37.11 -1.81 32.95
C GLY A 216 -38.12 -0.68 33.02
N ALA A 217 -39.10 -0.68 32.12
CA ALA A 217 -40.15 0.33 32.17
C ALA A 217 -40.97 0.21 33.44
N LEU A 218 -41.29 -1.02 33.85
CA LEU A 218 -42.01 -1.21 35.10
C LEU A 218 -41.18 -0.73 36.29
N LEU A 219 -39.88 -1.02 36.29
CA LEU A 219 -39.01 -0.57 37.37
C LEU A 219 -38.95 0.96 37.43
N TYR A 220 -38.91 1.61 36.27
CA TYR A 220 -38.93 3.07 36.24
C TYR A 220 -40.25 3.60 36.75
N HIS A 221 -41.37 2.99 36.36
CA HIS A 221 -42.69 3.46 36.74
C HIS A 221 -43.09 3.02 38.13
N TYR A 222 -42.74 1.80 38.54
CA TYR A 222 -43.12 1.27 39.84
C TYR A 222 -41.90 0.71 40.56
N SER A 223 -41.99 0.66 41.89
CA SER A 223 -40.90 0.18 42.70
C SER A 223 -40.65 -1.30 42.47
N LEU A 224 -39.45 -1.75 42.84
CA LEU A 224 -39.08 -3.15 42.64
C LEU A 224 -39.99 -4.08 43.43
N GLU A 225 -40.28 -3.73 44.68
CA GLU A 225 -41.19 -4.53 45.49
C GLU A 225 -42.59 -4.57 44.90
N GLN A 226 -43.10 -3.40 44.47
CA GLN A 226 -44.42 -3.37 43.87
C GLN A 226 -44.46 -4.16 42.56
N VAL A 227 -43.42 -4.01 41.73
CA VAL A 227 -43.37 -4.77 40.48
C VAL A 227 -43.18 -6.25 40.77
N GLN A 228 -42.29 -6.58 41.70
CA GLN A 228 -42.03 -7.97 42.05
C GLN A 228 -41.68 -8.11 43.53
N PRO A 238 -47.94 2.00 32.06
CA PRO A 238 -47.94 3.43 31.70
C PRO A 238 -47.56 3.65 30.24
N LYS A 239 -47.14 4.87 29.91
CA LYS A 239 -46.78 5.21 28.54
C LYS A 239 -45.44 4.62 28.11
N LEU A 240 -44.55 4.34 29.06
CA LEU A 240 -43.27 3.76 28.71
C LEU A 240 -43.40 2.41 28.03
N LEU A 241 -44.46 1.65 28.35
CA LEU A 241 -44.71 0.37 27.71
C LEU A 241 -45.12 0.51 26.26
N GLU A 242 -45.46 1.73 25.81
CA GLU A 242 -45.87 1.91 24.42
C GLU A 242 -44.74 1.62 23.45
N THR A 243 -43.49 1.77 23.88
CA THR A 243 -42.35 1.54 23.02
C THR A 243 -42.04 0.07 22.80
N VAL A 244 -42.71 -0.83 23.54
CA VAL A 244 -42.43 -2.26 23.41
C VAL A 244 -42.95 -2.75 22.07
N ARG A 245 -42.11 -3.48 21.35
CA ARG A 245 -42.47 -4.06 20.05
C ARG A 245 -43.07 -5.43 20.29
N PHE A 246 -44.38 -5.49 20.44
CA PHE A 246 -45.06 -6.76 20.65
C PHE A 246 -44.86 -7.75 19.50
N PRO A 247 -45.01 -7.37 18.22
CA PRO A 247 -44.80 -8.35 17.14
C PRO A 247 -43.39 -8.90 17.06
N LEU A 248 -42.41 -8.24 17.66
CA LEU A 248 -41.04 -8.75 17.65
C LEU A 248 -40.78 -9.73 18.77
N MET A 249 -41.70 -9.83 19.73
CA MET A 249 -41.57 -10.74 20.85
C MET A 249 -42.25 -12.08 20.52
N GLU A 250 -42.00 -13.08 21.35
CA GLU A 250 -42.60 -14.40 21.13
C GLU A 250 -44.08 -14.36 21.51
N ALA A 251 -44.93 -14.85 20.60
CA ALA A 251 -46.36 -14.86 20.83
C ALA A 251 -46.81 -15.99 21.75
N GLU A 252 -45.93 -16.96 22.05
CA GLU A 252 -46.30 -18.08 22.89
C GLU A 252 -46.32 -17.72 24.38
N VAL A 253 -45.76 -16.58 24.77
CA VAL A 253 -45.77 -16.16 26.16
C VAL A 253 -46.89 -15.16 26.38
N LEU A 254 -47.56 -14.78 25.28
CA LEU A 254 -48.66 -13.82 25.38
C LEU A 254 -49.82 -14.38 26.17
N GLN A 255 -50.14 -15.66 25.98
CA GLN A 255 -51.24 -16.27 26.73
C GLN A 255 -50.93 -16.29 28.22
N ARG A 256 -49.69 -16.62 28.59
CA ARG A 256 -49.31 -16.62 29.99
C ARG A 256 -49.29 -15.21 30.57
N LEU A 257 -48.86 -14.22 29.78
CA LEU A 257 -48.85 -12.85 30.27
C LEU A 257 -50.26 -12.33 30.50
N HIS A 258 -51.18 -12.64 29.57
CA HIS A 258 -52.54 -12.15 29.68
C HIS A 258 -53.28 -12.74 30.87
N ASP A 259 -52.94 -13.96 31.27
CA ASP A 259 -53.62 -14.59 32.41
C ASP A 259 -53.32 -13.83 33.70
N LYS A 260 -52.05 -13.48 33.92
CA LYS A 260 -51.65 -12.76 35.11
C LYS A 260 -51.67 -11.24 34.92
N LEU A 261 -52.05 -10.76 33.75
CA LEU A 261 -52.04 -9.32 33.48
C LEU A 261 -53.07 -8.60 34.34
N ASP A 262 -52.68 -7.46 34.88
CA ASP A 262 -53.61 -6.62 35.60
C ASP A 262 -54.63 -6.02 34.63
N PRO A 263 -55.83 -5.65 35.13
CA PRO A 263 -56.84 -5.06 34.23
C PRO A 263 -56.33 -3.80 33.54
N SER A 264 -56.17 -3.87 32.22
CA SER A 264 -55.60 -2.79 31.44
C SER A 264 -55.94 -3.03 29.99
N PRO A 265 -55.90 -1.98 29.15
CA PRO A 265 -56.15 -2.18 27.72
C PRO A 265 -55.00 -2.88 27.01
N LEU A 266 -53.94 -3.19 27.77
CA LEU A 266 -52.82 -3.92 27.19
C LEU A 266 -53.23 -5.33 26.80
N ARG A 267 -54.32 -5.83 27.36
CA ARG A 267 -54.84 -7.13 26.96
C ARG A 267 -55.26 -7.12 25.49
N ASP A 268 -55.87 -6.03 25.04
CA ASP A 268 -56.23 -5.91 23.63
C ASP A 268 -54.99 -5.92 22.74
N THR A 269 -53.93 -5.22 23.16
CA THR A 269 -52.69 -5.22 22.39
C THR A 269 -52.08 -6.62 22.34
N VAL A 270 -52.13 -7.35 23.47
CA VAL A 270 -51.60 -8.71 23.49
C VAL A 270 -52.41 -9.60 22.55
N ALA A 271 -53.73 -9.48 22.59
CA ALA A 271 -54.57 -10.26 21.68
C ALA A 271 -54.34 -9.88 20.22
N SER A 272 -53.96 -8.63 19.95
CA SER A 272 -53.63 -8.23 18.59
C SER A 272 -52.45 -9.02 18.05
N ALA A 273 -51.48 -9.33 18.90
CA ALA A 273 -50.37 -10.17 18.48
C ALA A 273 -50.83 -11.57 18.11
N LEU A 274 -51.82 -12.10 18.83
CA LEU A 274 -52.37 -13.42 18.49
C LEU A 274 -53.01 -13.40 17.11
N MET A 275 -53.78 -12.34 16.80
CA MET A 275 -54.37 -12.21 15.48
C MET A 275 -53.31 -12.04 14.40
N TYR A 276 -52.25 -11.26 14.70
CA TYR A 276 -51.17 -11.08 13.74
C TYR A 276 -50.43 -12.38 13.45
N HIS A 277 -50.21 -13.22 14.47
CA HIS A 277 -49.53 -14.49 14.29
C HIS A 277 -50.31 -15.45 13.40
N ARG A 278 -51.62 -15.24 13.26
CA ARG A 278 -52.45 -16.01 12.35
C ARG A 278 -52.57 -15.37 10.98
N ASN A 279 -51.59 -14.55 10.61
CA ASN A 279 -51.56 -13.84 9.33
C ASN A 279 -50.20 -14.02 8.67
N GLU A 280 -49.73 -15.26 8.61
CA GLU A 280 -48.42 -15.57 8.04
C GLU A 280 -48.36 -15.14 6.58
N SER A 281 -49.44 -15.38 5.83
CA SER A 281 -49.53 -14.94 4.45
C SER A 281 -49.94 -13.47 4.34
N LEU A 282 -50.32 -12.84 5.44
CA LEU A 282 -50.70 -11.43 5.44
C LEU A 282 -49.83 -10.58 6.35
N GLN A 283 -48.75 -11.13 6.90
CA GLN A 283 -47.88 -10.35 7.77
C GLN A 283 -47.30 -9.11 7.09
N PRO A 284 -46.80 -9.16 5.85
CA PRO A 284 -46.42 -7.91 5.17
C PRO A 284 -47.60 -6.96 5.00
N SER A 285 -48.81 -7.48 4.80
CA SER A 285 -49.98 -6.62 4.70
C SER A 285 -50.40 -6.06 6.05
N LEU A 286 -50.08 -6.77 7.14
CA LEU A 286 -50.45 -6.35 8.48
C LEU A 286 -49.35 -5.57 9.18
N GLN A 287 -48.54 -4.83 8.43
CA GLN A 287 -47.45 -4.06 9.04
C GLN A 287 -48.00 -2.97 9.94
N SER A 288 -47.35 -2.78 11.08
CA SER A 288 -47.75 -1.81 12.09
C SER A 288 -46.54 -0.98 12.50
N PRO A 289 -46.77 0.26 12.97
CA PRO A 289 -45.64 1.08 13.44
C PRO A 289 -44.90 0.46 14.61
N GLN A 290 -45.58 -0.32 15.45
CA GLN A 290 -44.95 -1.02 16.56
C GLN A 290 -44.34 -2.35 16.13
N THR A 291 -44.46 -2.71 14.84
CA THR A 291 -43.90 -3.94 14.31
C THR A 291 -42.57 -3.69 13.59
N GLU A 292 -41.94 -2.56 13.86
CA GLU A 292 -40.66 -2.24 13.25
C GLU A 292 -39.57 -3.13 13.82
N LEU A 293 -38.44 -3.17 13.11
CA LEU A 293 -37.28 -3.98 13.50
C LEU A 293 -36.33 -3.09 14.28
N ARG A 294 -36.21 -3.37 15.59
CA ARG A 294 -35.34 -2.58 16.45
C ARG A 294 -33.88 -2.94 16.22
N SER A 295 -33.36 -2.62 15.04
CA SER A 295 -31.98 -2.90 14.68
C SER A 295 -31.58 -2.11 13.44
N ASP A 296 -30.33 -2.27 12.99
CA ASP A 296 -29.89 -1.60 11.77
C ASP A 296 -28.87 -2.45 11.04
N PHE A 297 -29.33 -3.26 10.08
CA PHE A 297 -28.44 -4.02 9.22
C PHE A 297 -29.11 -4.31 7.89
N GLN A 298 -28.85 -3.47 6.89
CA GLN A 298 -29.43 -3.62 5.57
C GLN A 298 -28.34 -3.92 4.55
N CYS A 299 -28.49 -5.03 3.83
CA CYS A 299 -27.50 -5.46 2.86
C CYS A 299 -28.13 -6.47 1.92
N VAL A 300 -27.29 -7.12 1.12
CA VAL A 300 -27.71 -8.11 0.13
C VAL A 300 -27.41 -9.50 0.68
N VAL A 301 -28.42 -10.37 0.65
CA VAL A 301 -28.30 -11.74 1.11
C VAL A 301 -28.53 -12.66 -0.09
N GLY A 302 -27.56 -13.52 -0.37
CA GLY A 302 -27.69 -14.49 -1.44
C GLY A 302 -27.85 -15.91 -0.94
N PHE A 303 -29.07 -16.44 -1.02
CA PHE A 303 -29.35 -17.79 -0.55
C PHE A 303 -30.14 -18.53 -1.62
N GLY A 304 -29.92 -19.84 -1.71
CA GLY A 304 -30.59 -20.66 -2.68
C GLY A 304 -29.95 -20.59 -4.05
N GLY A 305 -30.58 -21.27 -5.01
CA GLY A 305 -30.11 -21.33 -6.37
C GLY A 305 -29.44 -22.65 -6.69
N ILE A 306 -28.65 -22.62 -7.76
CA ILE A 306 -27.89 -23.78 -8.21
C ILE A 306 -26.44 -23.33 -8.39
N HIS A 307 -25.56 -23.82 -7.52
CA HIS A 307 -24.14 -23.49 -7.64
C HIS A 307 -23.54 -24.19 -8.85
N SER A 308 -22.79 -23.42 -9.64
CA SER A 308 -22.14 -23.97 -10.84
C SER A 308 -20.74 -24.49 -10.53
N THR A 309 -19.89 -23.65 -9.94
CA THR A 309 -18.54 -24.01 -9.58
C THR A 309 -18.25 -23.55 -8.16
N PRO A 310 -17.41 -24.28 -7.41
CA PRO A 310 -16.71 -25.51 -7.80
C PRO A 310 -17.52 -26.77 -7.53
N SER A 311 -18.75 -26.59 -7.04
CA SER A 311 -19.65 -27.70 -6.76
C SER A 311 -20.69 -27.77 -7.87
N THR A 312 -20.74 -28.91 -8.55
CA THR A 312 -21.68 -29.13 -9.66
C THR A 312 -22.97 -29.75 -9.17
N VAL A 313 -23.58 -29.14 -8.14
CA VAL A 313 -24.84 -29.60 -7.59
C VAL A 313 -25.72 -28.39 -7.32
N LEU A 314 -27.03 -28.64 -7.29
CA LEU A 314 -27.99 -27.57 -7.00
C LEU A 314 -27.96 -27.25 -5.51
N SER A 315 -27.83 -25.98 -5.18
CA SER A 315 -27.77 -25.57 -3.79
C SER A 315 -29.12 -25.77 -3.12
N ASP A 316 -29.10 -26.25 -1.87
CA ASP A 316 -30.32 -26.45 -1.10
C ASP A 316 -30.31 -25.75 0.25
N GLN A 317 -29.17 -25.65 0.92
CA GLN A 317 -29.11 -24.91 2.18
C GLN A 317 -29.14 -23.41 1.91
N ALA A 318 -29.87 -22.69 2.75
CA ALA A 318 -30.05 -21.25 2.60
C ALA A 318 -29.14 -20.53 3.59
N LYS A 319 -28.02 -20.02 3.09
CA LYS A 319 -27.09 -19.23 3.87
C LYS A 319 -26.89 -17.89 3.19
N TYR A 320 -26.66 -16.85 3.99
CA TYR A 320 -26.56 -15.49 3.48
C TYR A 320 -25.20 -14.90 3.82
N LEU A 321 -24.61 -14.23 2.83
CA LEU A 321 -23.34 -13.55 3.02
C LEU A 321 -23.54 -12.29 3.85
N ASN A 322 -22.73 -12.13 4.88
CA ASN A 322 -22.84 -10.98 5.77
C ASN A 322 -21.96 -9.85 5.25
N PRO A 323 -22.54 -8.72 4.81
CA PRO A 323 -21.70 -7.59 4.38
C PRO A 323 -20.84 -7.03 5.51
N LEU A 324 -21.29 -7.10 6.76
CA LEU A 324 -20.48 -6.61 7.86
C LEU A 324 -19.19 -7.38 7.99
N LEU A 325 -19.24 -8.70 7.85
CA LEU A 325 -18.05 -9.55 7.86
C LEU A 325 -17.42 -9.68 6.48
N GLY A 326 -18.12 -9.29 5.43
CA GLY A 326 -17.58 -9.39 4.08
C GLY A 326 -17.29 -10.81 3.64
N GLU A 327 -18.13 -11.76 4.05
CA GLU A 327 -17.92 -13.16 3.70
C GLU A 327 -19.26 -13.86 3.66
N TRP A 328 -19.28 -15.01 2.98
CA TRP A 328 -20.48 -15.84 2.88
C TRP A 328 -20.59 -16.72 4.11
N LYS A 329 -20.82 -16.07 5.26
CA LYS A 329 -20.93 -16.77 6.52
C LYS A 329 -22.30 -17.43 6.65
N HIS A 330 -22.50 -18.15 7.75
CA HIS A 330 -23.77 -18.81 7.99
C HIS A 330 -24.84 -17.77 8.34
N PHE A 331 -26.09 -18.13 8.07
CA PHE A 331 -27.22 -17.24 8.33
C PHE A 331 -28.47 -18.11 8.44
N THR A 332 -29.63 -17.45 8.53
CA THR A 332 -30.89 -18.15 8.67
C THR A 332 -31.26 -18.86 7.38
N ALA A 333 -31.77 -20.09 7.50
CA ALA A 333 -32.23 -20.86 6.34
C ALA A 333 -33.71 -20.63 6.09
N SER A 334 -34.07 -19.36 5.97
CA SER A 334 -35.46 -18.97 5.77
C SER A 334 -35.80 -18.96 4.28
N LEU A 335 -36.87 -19.68 3.92
CA LEU A 335 -37.37 -19.75 2.55
C LEU A 335 -36.29 -20.26 1.59
N ALA A 336 -35.82 -21.48 1.88
CA ALA A 336 -34.84 -22.12 1.02
C ALA A 336 -35.49 -22.55 -0.28
N PRO A 337 -35.17 -21.89 -1.40
CA PRO A 337 -35.84 -22.24 -2.66
C PRO A 337 -35.14 -23.37 -3.40
N ARG A 338 -35.93 -24.36 -3.85
CA ARG A 338 -35.39 -25.48 -4.61
C ARG A 338 -35.52 -25.19 -6.10
N MET A 339 -34.92 -24.07 -6.50
CA MET A 339 -34.94 -23.63 -7.90
C MET A 339 -33.68 -22.84 -8.18
N SER A 340 -33.36 -22.72 -9.47
CA SER A 340 -32.17 -22.01 -9.94
C SER A 340 -32.62 -20.68 -10.55
N ASN A 341 -32.03 -19.58 -10.07
CA ASN A 341 -32.36 -18.24 -10.53
C ASN A 341 -33.85 -17.95 -10.38
N GLN A 342 -34.32 -18.07 -9.14
CA GLN A 342 -35.71 -17.83 -8.82
C GLN A 342 -35.99 -16.33 -8.74
N GLY A 343 -37.27 -15.98 -8.61
CA GLY A 343 -37.65 -14.59 -8.48
C GLY A 343 -37.28 -14.03 -7.12
N ILE A 344 -37.28 -12.70 -7.03
CA ILE A 344 -36.90 -12.01 -5.80
C ILE A 344 -37.74 -10.74 -5.68
N ALA A 345 -38.35 -10.56 -4.51
CA ALA A 345 -39.10 -9.35 -4.22
C ALA A 345 -38.95 -9.04 -2.73
N VAL A 346 -39.07 -7.76 -2.41
CA VAL A 346 -38.91 -7.27 -1.04
C VAL A 346 -40.14 -6.41 -0.71
N LEU A 347 -41.07 -6.97 0.06
CA LEU A 347 -42.29 -6.28 0.44
C LEU A 347 -42.24 -6.01 1.94
N ASN A 348 -41.92 -4.77 2.31
CA ASN A 348 -41.84 -4.32 3.69
C ASN A 348 -40.87 -5.20 4.50
N ASN A 349 -39.62 -5.20 4.05
CA ASN A 349 -38.52 -5.95 4.65
C ASN A 349 -38.77 -7.46 4.69
N PHE A 350 -39.71 -7.96 3.88
CA PHE A 350 -39.99 -9.38 3.78
C PHE A 350 -39.65 -9.85 2.38
N VAL A 351 -38.84 -10.89 2.28
CA VAL A 351 -38.40 -11.41 1.00
C VAL A 351 -39.40 -12.44 0.49
N TYR A 352 -39.57 -12.47 -0.83
CA TYR A 352 -40.45 -13.44 -1.47
C TYR A 352 -39.79 -13.93 -2.75
N LEU A 353 -39.99 -15.21 -3.04
CA LEU A 353 -39.38 -15.85 -4.19
C LEU A 353 -40.40 -16.77 -4.86
N ILE A 354 -40.42 -16.75 -6.19
CA ILE A 354 -41.31 -17.58 -6.99
C ILE A 354 -40.70 -17.77 -8.37
N GLY A 355 -40.97 -18.92 -8.97
CA GLY A 355 -40.48 -19.21 -10.30
C GLY A 355 -39.02 -19.62 -10.31
N GLY A 356 -38.49 -19.72 -11.53
CA GLY A 356 -37.09 -20.07 -11.73
C GLY A 356 -36.79 -20.42 -13.17
N ASP A 357 -35.58 -20.09 -13.63
CA ASP A 357 -35.18 -20.37 -15.00
C ASP A 357 -33.66 -20.30 -15.10
N ASN A 358 -33.05 -21.40 -15.55
CA ASN A 358 -31.60 -21.47 -15.74
C ASN A 358 -31.30 -22.10 -17.09
N ASN A 359 -31.96 -21.62 -18.14
CA ASN A 359 -31.89 -22.23 -19.46
C ASN A 359 -30.46 -22.31 -20.00
N VAL A 360 -29.57 -21.43 -19.54
CA VAL A 360 -28.18 -21.48 -20.00
C VAL A 360 -27.52 -22.78 -19.56
N GLN A 361 -27.74 -23.18 -18.31
CA GLN A 361 -27.14 -24.39 -17.76
C GLN A 361 -28.17 -25.45 -17.40
N GLY A 362 -29.40 -25.34 -17.89
CA GLY A 362 -30.44 -26.30 -17.57
C GLY A 362 -31.53 -25.71 -16.70
N PHE A 363 -32.65 -25.35 -17.32
CA PHE A 363 -33.72 -24.67 -16.60
C PHE A 363 -34.43 -25.62 -15.64
N ARG A 364 -34.78 -25.11 -14.46
CA ARG A 364 -35.55 -25.86 -13.46
C ARG A 364 -36.67 -24.93 -12.97
N ALA A 365 -37.79 -24.95 -13.69
CA ALA A 365 -38.91 -24.08 -13.35
C ALA A 365 -39.60 -24.56 -12.09
N GLU A 366 -40.00 -23.61 -11.24
CA GLU A 366 -40.70 -23.88 -10.00
C GLU A 366 -42.01 -23.11 -9.96
N SER A 367 -43.02 -23.71 -9.32
CA SER A 367 -44.32 -23.06 -9.17
C SER A 367 -44.61 -22.63 -7.74
N ARG A 368 -43.93 -23.19 -6.75
CA ARG A 368 -44.17 -22.81 -5.36
C ARG A 368 -43.46 -21.51 -5.04
N CYS A 369 -44.09 -20.68 -4.22
CA CYS A 369 -43.53 -19.40 -3.79
C CYS A 369 -43.26 -19.46 -2.29
N TRP A 370 -42.09 -19.00 -1.89
CA TRP A 370 -41.67 -19.03 -0.50
C TRP A 370 -41.33 -17.63 -0.02
N ARG A 371 -41.75 -17.31 1.19
CA ARG A 371 -41.54 -16.00 1.79
C ARG A 371 -40.71 -16.14 3.06
N TYR A 372 -39.73 -15.26 3.21
CA TYR A 372 -38.90 -15.19 4.40
C TYR A 372 -39.18 -13.86 5.10
N ASP A 373 -39.57 -13.93 6.36
CA ASP A 373 -39.88 -12.74 7.13
C ASP A 373 -38.73 -12.41 8.05
N PRO A 374 -38.00 -11.33 7.81
CA PRO A 374 -36.92 -10.95 8.74
C PRO A 374 -37.47 -10.38 10.03
N ARG A 375 -38.66 -9.79 9.97
CA ARG A 375 -39.30 -9.27 11.17
C ARG A 375 -39.60 -10.40 12.15
N HIS A 376 -40.13 -11.51 11.67
CA HIS A 376 -40.29 -12.71 12.47
C HIS A 376 -39.12 -13.67 12.28
N ASN A 377 -38.24 -13.41 11.33
CA ASN A 377 -37.08 -14.26 11.05
C ASN A 377 -37.50 -15.71 10.82
N ARG A 378 -38.59 -15.89 10.07
CA ARG A 378 -39.16 -17.21 9.85
C ARG A 378 -39.42 -17.39 8.36
N TRP A 379 -39.99 -18.54 8.01
CA TRP A 379 -40.30 -18.89 6.62
C TRP A 379 -41.75 -19.33 6.52
N PHE A 380 -42.33 -19.12 5.33
CA PHE A 380 -43.71 -19.48 5.09
C PHE A 380 -43.90 -19.74 3.59
N GLN A 381 -45.00 -20.40 3.26
CA GLN A 381 -45.34 -20.68 1.87
C GLN A 381 -46.10 -19.51 1.29
N ILE A 382 -45.45 -18.76 0.39
CA ILE A 382 -46.11 -17.62 -0.23
C ILE A 382 -47.10 -18.10 -1.28
N GLN A 383 -47.96 -17.19 -1.72
CA GLN A 383 -48.98 -17.53 -2.70
C GLN A 383 -48.32 -17.87 -4.03
N SER A 384 -48.69 -19.01 -4.60
CA SER A 384 -48.11 -19.46 -5.86
C SER A 384 -48.53 -18.54 -7.01
N LEU A 385 -47.61 -18.30 -7.93
CA LEU A 385 -47.89 -17.49 -9.09
C LEU A 385 -48.87 -18.19 -10.03
N GLN A 386 -49.61 -17.40 -10.79
CA GLN A 386 -50.58 -17.96 -11.73
C GLN A 386 -49.91 -18.84 -12.77
N GLN A 387 -48.77 -18.39 -13.31
CA GLN A 387 -48.01 -19.15 -14.28
C GLN A 387 -46.57 -19.30 -13.79
N GLU A 388 -46.07 -20.53 -13.83
CA GLU A 388 -44.70 -20.82 -13.41
C GLU A 388 -43.75 -20.35 -14.51
N HIS A 389 -43.62 -19.03 -14.62
CA HIS A 389 -42.80 -18.39 -15.64
C HIS A 389 -41.71 -17.55 -14.99
N ALA A 390 -40.59 -17.44 -15.69
CA ALA A 390 -39.43 -16.71 -15.18
C ALA A 390 -38.69 -16.11 -16.38
N ASP A 391 -37.43 -15.74 -16.16
CA ASP A 391 -36.59 -15.12 -17.19
C ASP A 391 -37.23 -13.83 -17.70
N LEU A 392 -37.71 -13.00 -16.78
CA LEU A 392 -38.31 -11.73 -17.13
C LEU A 392 -37.90 -10.71 -16.07
N SER A 393 -38.55 -9.54 -16.09
CA SER A 393 -38.29 -8.47 -15.13
C SER A 393 -39.54 -8.28 -14.27
N VAL A 394 -39.34 -8.06 -12.98
CA VAL A 394 -40.42 -7.86 -12.02
C VAL A 394 -40.18 -6.55 -11.29
N CYS A 395 -41.19 -5.68 -11.29
CA CYS A 395 -41.12 -4.40 -10.60
C CYS A 395 -42.15 -4.40 -9.47
N VAL A 396 -41.70 -4.09 -8.26
CA VAL A 396 -42.56 -4.08 -7.08
C VAL A 396 -43.13 -2.66 -6.98
N VAL A 397 -44.25 -2.43 -7.65
CA VAL A 397 -44.93 -1.15 -7.64
C VAL A 397 -46.42 -1.38 -7.35
N GLY A 398 -47.01 -0.44 -6.62
CA GLY A 398 -48.41 -0.58 -6.27
C GLY A 398 -48.63 -1.69 -5.24
N ARG A 399 -49.85 -2.22 -5.25
CA ARG A 399 -50.22 -3.25 -4.29
C ARG A 399 -49.75 -4.64 -4.69
N TYR A 400 -49.31 -4.82 -5.94
CA TYR A 400 -48.85 -6.11 -6.42
C TYR A 400 -47.66 -5.91 -7.33
N ILE A 401 -46.63 -6.75 -7.15
CA ILE A 401 -45.46 -6.70 -8.02
C ILE A 401 -45.86 -7.22 -9.39
N TYR A 402 -45.52 -6.44 -10.43
CA TYR A 402 -45.95 -6.72 -11.79
C TYR A 402 -44.76 -7.15 -12.63
N ALA A 403 -44.98 -8.12 -13.51
CA ALA A 403 -43.95 -8.63 -14.41
C ALA A 403 -44.07 -7.95 -15.77
N VAL A 404 -42.96 -7.42 -16.26
CA VAL A 404 -42.90 -6.75 -17.56
C VAL A 404 -42.50 -7.80 -18.59
N ALA A 405 -43.27 -7.87 -19.68
CA ALA A 405 -43.09 -8.88 -20.74
C ALA A 405 -43.21 -10.25 -20.09
N GLY A 406 -42.34 -11.20 -20.42
CA GLY A 406 -42.38 -12.51 -19.82
C GLY A 406 -41.95 -13.58 -20.81
N ARG A 407 -41.59 -14.73 -20.25
CA ARG A 407 -41.18 -15.89 -21.04
C ARG A 407 -41.26 -17.12 -20.13
N ASP A 408 -41.09 -18.28 -20.73
CA ASP A 408 -41.07 -19.54 -19.98
C ASP A 408 -39.68 -19.74 -19.38
N TYR A 409 -39.43 -20.94 -18.86
CA TYR A 409 -38.11 -21.24 -18.30
C TYR A 409 -37.02 -21.16 -19.37
N HIS A 410 -37.32 -21.67 -20.57
CA HIS A 410 -36.34 -21.64 -21.66
C HIS A 410 -36.93 -21.18 -22.98
N ASN A 411 -38.21 -20.86 -23.05
CA ASN A 411 -38.88 -20.47 -24.29
C ASN A 411 -39.67 -19.19 -24.09
N ASP A 412 -40.03 -18.55 -25.20
CA ASP A 412 -40.83 -17.35 -25.15
C ASP A 412 -42.27 -17.68 -24.78
N LEU A 413 -42.88 -16.82 -23.96
CA LEU A 413 -44.26 -17.02 -23.55
C LEU A 413 -44.90 -15.67 -23.25
N ASN A 414 -46.22 -15.63 -23.33
CA ASN A 414 -46.98 -14.43 -23.03
C ASN A 414 -47.57 -14.44 -21.62
N ALA A 415 -47.22 -15.42 -20.80
CA ALA A 415 -47.78 -15.54 -19.45
C ALA A 415 -47.22 -14.42 -18.57
N VAL A 416 -48.03 -13.40 -18.31
CA VAL A 416 -47.66 -12.28 -17.47
C VAL A 416 -48.79 -12.02 -16.47
N GLU A 417 -48.41 -11.75 -15.22
CA GLU A 417 -49.38 -11.52 -14.17
C GLU A 417 -48.74 -10.70 -13.06
N ARG A 418 -49.58 -10.11 -12.23
CA ARG A 418 -49.16 -9.34 -11.07
C ARG A 418 -49.49 -10.14 -9.80
N TYR A 419 -48.50 -10.26 -8.92
CA TYR A 419 -48.62 -11.08 -7.73
C TYR A 419 -48.55 -10.20 -6.49
N ASP A 420 -49.46 -10.45 -5.55
CA ASP A 420 -49.48 -9.80 -4.25
C ASP A 420 -49.57 -10.87 -3.17
N PRO A 421 -48.43 -11.45 -2.79
CA PRO A 421 -48.47 -12.52 -1.78
C PRO A 421 -49.02 -12.06 -0.45
N ALA A 422 -48.78 -10.81 -0.04
CA ALA A 422 -49.34 -10.32 1.22
C ALA A 422 -50.86 -10.31 1.17
N THR A 423 -51.43 -9.87 0.06
CA THR A 423 -52.87 -9.93 -0.16
C THR A 423 -53.30 -11.18 -0.92
N ASN A 424 -52.36 -12.03 -1.31
CA ASN A 424 -52.62 -13.25 -2.05
C ASN A 424 -53.44 -13.00 -3.33
N SER A 425 -53.13 -11.94 -4.05
CA SER A 425 -53.89 -11.54 -5.24
C SER A 425 -53.02 -11.80 -6.47
N TRP A 426 -53.44 -12.77 -7.28
CA TRP A 426 -52.82 -13.06 -8.56
C TRP A 426 -53.75 -12.51 -9.64
N ALA A 427 -53.36 -11.38 -10.24
CA ALA A 427 -54.22 -10.67 -11.18
C ALA A 427 -53.56 -10.63 -12.55
N TYR A 428 -54.39 -10.43 -13.57
CA TYR A 428 -53.86 -10.27 -14.92
C TYR A 428 -53.10 -8.96 -15.03
N VAL A 429 -51.94 -9.02 -15.70
CA VAL A 429 -51.11 -7.83 -15.88
C VAL A 429 -51.03 -7.49 -17.37
N ALA A 430 -50.37 -6.39 -17.69
CA ALA A 430 -50.25 -5.98 -19.08
C ALA A 430 -49.40 -7.00 -19.84
N PRO A 431 -49.89 -7.54 -20.96
CA PRO A 431 -49.08 -8.51 -21.71
C PRO A 431 -47.98 -7.83 -22.51
N LEU A 432 -47.07 -8.62 -23.07
CA LEU A 432 -45.98 -8.06 -23.83
C LEU A 432 -46.49 -7.51 -25.17
N LYS A 433 -46.15 -6.26 -25.45
CA LYS A 433 -46.56 -5.66 -26.72
C LYS A 433 -45.85 -6.32 -27.90
N ARG A 434 -44.61 -6.75 -27.71
CA ARG A 434 -43.85 -7.44 -28.73
C ARG A 434 -43.30 -8.73 -28.17
N GLU A 435 -42.97 -9.67 -29.06
CA GLU A 435 -42.43 -10.96 -28.65
C GLU A 435 -41.06 -10.76 -28.00
N VAL A 436 -41.02 -10.86 -26.67
CA VAL A 436 -39.80 -10.67 -25.90
C VAL A 436 -39.63 -11.84 -24.97
N TYR A 437 -38.44 -12.44 -24.98
CA TYR A 437 -38.10 -13.55 -24.10
C TYR A 437 -36.73 -13.31 -23.49
N ALA A 438 -36.60 -13.64 -22.20
CA ALA A 438 -35.37 -13.42 -21.45
C ALA A 438 -34.93 -11.95 -21.53
N HIS A 439 -35.89 -11.05 -21.42
CA HIS A 439 -35.62 -9.62 -21.48
C HIS A 439 -35.17 -9.12 -20.12
N ALA A 440 -34.76 -7.84 -20.07
CA ALA A 440 -34.30 -7.21 -18.85
C ALA A 440 -35.04 -5.91 -18.64
N GLY A 441 -35.24 -5.55 -17.37
CA GLY A 441 -35.97 -4.34 -17.05
C GLY A 441 -35.71 -3.90 -15.63
N ALA A 442 -36.16 -2.69 -15.33
CA ALA A 442 -35.98 -2.10 -14.01
C ALA A 442 -37.08 -1.08 -13.77
N THR A 443 -37.28 -0.75 -12.49
CA THR A 443 -38.29 0.24 -12.09
C THR A 443 -37.62 1.62 -12.11
N LEU A 444 -37.69 2.28 -13.26
CA LEU A 444 -37.10 3.59 -13.42
C LEU A 444 -38.11 4.65 -12.98
N GLU A 445 -37.70 5.49 -12.02
CA GLU A 445 -38.55 6.56 -11.48
C GLU A 445 -39.87 6.00 -10.95
N GLY A 446 -39.79 4.83 -10.32
CA GLY A 446 -40.98 4.19 -9.79
C GLY A 446 -41.98 3.76 -10.84
N LYS A 447 -41.50 3.38 -12.03
CA LYS A 447 -42.37 2.94 -13.11
C LYS A 447 -41.79 1.67 -13.72
N MET A 448 -42.66 0.70 -13.96
CA MET A 448 -42.22 -0.57 -14.53
C MET A 448 -41.84 -0.38 -16.00
N TYR A 449 -40.58 -0.66 -16.32
CA TYR A 449 -40.10 -0.50 -17.67
C TYR A 449 -39.05 -1.56 -17.96
N ILE A 450 -38.87 -1.85 -19.25
CA ILE A 450 -37.88 -2.82 -19.70
C ILE A 450 -37.03 -2.17 -20.78
N THR A 451 -35.80 -2.69 -20.94
CA THR A 451 -34.86 -2.17 -21.91
C THR A 451 -34.52 -3.27 -22.91
N CYS A 452 -34.74 -2.98 -24.19
CA CYS A 452 -34.45 -3.92 -25.29
C CYS A 452 -35.25 -5.21 -25.05
N GLY A 453 -34.74 -6.32 -25.56
CA GLY A 453 -35.39 -7.59 -25.39
C GLY A 453 -34.88 -8.60 -26.39
N ARG A 454 -35.51 -9.77 -26.41
CA ARG A 454 -35.12 -10.82 -27.33
C ARG A 454 -36.34 -11.65 -27.68
N ARG A 455 -36.62 -11.81 -28.97
CA ARG A 455 -37.67 -12.70 -29.44
C ARG A 455 -37.10 -14.11 -29.47
N GLY A 456 -36.88 -14.65 -28.27
CA GLY A 456 -36.19 -15.92 -28.13
C GLY A 456 -34.68 -15.72 -28.09
N GLU A 457 -34.01 -16.02 -29.20
CA GLU A 457 -32.57 -15.82 -29.30
C GLU A 457 -32.19 -14.55 -30.05
N ASP A 458 -33.08 -14.04 -30.90
CA ASP A 458 -32.79 -12.84 -31.68
C ASP A 458 -33.04 -11.60 -30.84
N TYR A 459 -31.98 -10.87 -30.54
CA TYR A 459 -32.10 -9.67 -29.72
C TYR A 459 -32.64 -8.50 -30.54
N LEU A 460 -33.53 -7.74 -29.93
CA LEU A 460 -34.13 -6.55 -30.53
C LEU A 460 -34.12 -5.42 -29.51
N LYS A 461 -34.21 -4.18 -30.02
CA LYS A 461 -34.18 -3.00 -29.18
C LYS A 461 -35.55 -2.47 -28.80
N GLU A 462 -36.62 -3.18 -29.15
CA GLU A 462 -37.96 -2.71 -28.82
C GLU A 462 -38.18 -2.73 -27.32
N THR A 463 -38.53 -1.58 -26.76
CA THR A 463 -38.75 -1.41 -25.33
C THR A 463 -40.11 -0.77 -25.09
N HIS A 464 -40.90 -1.36 -24.21
CA HIS A 464 -42.21 -0.85 -23.84
C HIS A 464 -42.30 -0.76 -22.33
N CYS A 465 -42.68 0.41 -21.82
CA CYS A 465 -42.81 0.62 -20.38
C CYS A 465 -44.26 0.44 -19.97
N TYR A 466 -44.49 -0.48 -19.02
CA TYR A 466 -45.85 -0.74 -18.56
C TYR A 466 -46.23 0.31 -17.52
N ASP A 467 -47.17 1.18 -17.88
CA ASP A 467 -47.59 2.24 -16.97
C ASP A 467 -48.46 1.65 -15.86
N PRO A 468 -48.07 1.78 -14.59
CA PRO A 468 -48.92 1.24 -13.51
C PRO A 468 -50.30 1.88 -13.46
N GLY A 469 -50.41 3.18 -13.78
CA GLY A 469 -51.70 3.83 -13.76
C GLY A 469 -52.64 3.30 -14.83
N SER A 470 -52.13 3.13 -16.05
CA SER A 470 -52.95 2.65 -17.15
C SER A 470 -52.96 1.13 -17.28
N ASN A 471 -52.11 0.43 -16.53
CA ASN A 471 -52.03 -1.02 -16.54
C ASN A 471 -51.76 -1.58 -17.94
N THR A 472 -51.08 -0.82 -18.79
CA THR A 472 -50.78 -1.23 -20.15
C THR A 472 -49.33 -0.91 -20.47
N TRP A 473 -48.77 -1.67 -21.40
CA TRP A 473 -47.39 -1.49 -21.82
C TRP A 473 -47.30 -0.28 -22.75
N HIS A 474 -47.10 0.89 -22.17
CA HIS A 474 -46.98 2.12 -22.96
C HIS A 474 -45.65 2.17 -23.67
N THR A 475 -45.65 2.77 -24.86
CA THR A 475 -44.41 2.90 -25.63
C THR A 475 -43.45 3.85 -24.92
N LEU A 476 -42.17 3.49 -24.94
CA LEU A 476 -41.13 4.29 -24.31
C LEU A 476 -39.93 4.33 -25.24
N ALA A 477 -38.84 4.95 -24.77
CA ALA A 477 -37.64 5.05 -25.57
C ALA A 477 -36.98 3.68 -25.72
N ASP A 478 -36.59 3.34 -26.94
CA ASP A 478 -35.96 2.05 -27.19
C ASP A 478 -34.55 2.03 -26.64
N GLY A 479 -34.16 0.88 -26.10
CA GLY A 479 -32.83 0.69 -25.57
C GLY A 479 -31.76 0.81 -26.63
N PRO A 480 -30.73 1.61 -26.36
CA PRO A 480 -29.65 1.76 -27.35
C PRO A 480 -28.93 0.46 -27.66
N VAL A 481 -28.80 -0.44 -26.69
CA VAL A 481 -28.12 -1.71 -26.87
C VAL A 481 -29.16 -2.82 -26.77
N ARG A 482 -29.23 -3.67 -27.80
CA ARG A 482 -30.18 -4.78 -27.82
C ARG A 482 -29.62 -5.95 -27.02
N ARG A 483 -29.72 -5.82 -25.70
CA ARG A 483 -29.25 -6.81 -24.76
C ARG A 483 -30.44 -7.50 -24.10
N ALA A 484 -30.22 -8.74 -23.68
CA ALA A 484 -31.27 -9.54 -23.06
C ALA A 484 -30.64 -10.45 -22.01
N TRP A 485 -31.48 -10.89 -21.06
CA TRP A 485 -31.05 -11.73 -19.95
C TRP A 485 -29.92 -11.06 -19.17
N HIS A 486 -30.00 -9.74 -19.03
CA HIS A 486 -29.00 -8.96 -18.33
C HIS A 486 -29.54 -8.52 -16.97
N GLY A 487 -28.66 -7.87 -16.19
CA GLY A 487 -29.06 -7.32 -14.92
C GLY A 487 -29.37 -5.83 -15.03
N MET A 488 -30.66 -5.50 -15.09
CA MET A 488 -31.11 -4.12 -15.23
C MET A 488 -31.55 -3.61 -13.87
N ALA A 489 -30.90 -2.55 -13.41
CA ALA A 489 -31.19 -1.95 -12.11
C ALA A 489 -31.42 -0.45 -12.28
N THR A 490 -31.76 0.21 -11.18
CA THR A 490 -31.98 1.64 -11.15
C THR A 490 -30.91 2.30 -10.29
N LEU A 491 -29.99 3.02 -10.94
CA LEU A 491 -28.95 3.77 -10.25
C LEU A 491 -29.12 5.24 -10.57
N LEU A 492 -29.14 6.07 -9.53
CA LEU A 492 -29.36 7.51 -9.67
C LEU A 492 -30.67 7.79 -10.42
N ASN A 493 -31.69 6.99 -10.12
CA ASN A 493 -33.00 7.06 -10.77
C ASN A 493 -32.86 6.95 -12.30
N LYS A 494 -31.95 6.07 -12.73
CA LYS A 494 -31.70 5.85 -14.15
C LYS A 494 -31.49 4.36 -14.40
N LEU A 495 -32.06 3.87 -15.50
CA LEU A 495 -31.91 2.47 -15.84
C LEU A 495 -30.48 2.16 -16.25
N TYR A 496 -29.97 1.03 -15.78
CA TYR A 496 -28.61 0.62 -16.10
C TYR A 496 -28.57 -0.90 -16.24
N VAL A 497 -28.13 -1.36 -17.41
CA VAL A 497 -28.03 -2.79 -17.71
C VAL A 497 -26.58 -3.12 -18.01
N ILE A 498 -26.06 -4.16 -17.37
CA ILE A 498 -24.67 -4.58 -17.54
C ILE A 498 -24.65 -6.00 -18.09
N GLY A 499 -23.88 -6.21 -19.16
CA GLY A 499 -23.79 -7.53 -19.74
C GLY A 499 -25.08 -7.95 -20.42
N GLY A 500 -25.27 -9.26 -20.52
CA GLY A 500 -26.47 -9.81 -21.11
C GLY A 500 -26.17 -11.13 -21.80
N SER A 501 -27.25 -11.82 -22.16
CA SER A 501 -27.19 -13.11 -22.86
C SER A 501 -28.16 -13.03 -24.03
N ASN A 502 -27.66 -12.61 -25.19
CA ASN A 502 -28.49 -12.43 -26.39
C ASN A 502 -27.59 -12.62 -27.61
N ASN A 503 -28.10 -12.21 -28.77
CA ASN A 503 -27.37 -12.36 -30.02
C ASN A 503 -26.27 -11.33 -30.20
N ASP A 504 -26.14 -10.36 -29.29
CA ASP A 504 -25.10 -9.36 -29.40
C ASP A 504 -23.70 -9.95 -29.27
N ALA A 505 -23.56 -11.10 -28.61
CA ALA A 505 -22.28 -11.76 -28.47
C ALA A 505 -22.02 -12.79 -29.57
N GLY A 506 -22.96 -12.96 -30.50
CA GLY A 506 -22.81 -13.91 -31.59
C GLY A 506 -23.29 -15.31 -31.28
N TYR A 507 -23.67 -15.59 -30.03
CA TYR A 507 -24.14 -16.90 -29.63
C TYR A 507 -24.88 -16.75 -28.30
N ARG A 508 -25.19 -17.88 -27.67
CA ARG A 508 -25.82 -17.88 -26.34
C ARG A 508 -24.79 -17.70 -25.24
N ARG A 509 -24.01 -16.64 -25.34
CA ARG A 509 -22.94 -16.32 -24.41
C ARG A 509 -23.23 -14.98 -23.72
N ASP A 510 -22.27 -14.54 -22.92
CA ASP A 510 -22.40 -13.29 -22.16
C ASP A 510 -21.57 -12.21 -22.85
N VAL A 511 -22.20 -11.09 -23.14
CA VAL A 511 -21.54 -9.98 -23.80
C VAL A 511 -20.74 -9.20 -22.76
N HIS A 512 -19.42 -9.09 -22.99
CA HIS A 512 -18.56 -8.37 -22.04
C HIS A 512 -18.74 -6.87 -22.15
N GLN A 513 -19.14 -6.35 -23.30
CA GLN A 513 -19.32 -4.92 -23.45
C GLN A 513 -20.51 -4.43 -22.63
N VAL A 514 -20.37 -3.23 -22.06
CA VAL A 514 -21.41 -2.63 -21.23
C VAL A 514 -21.88 -1.36 -21.93
N ALA A 515 -23.18 -1.32 -22.25
CA ALA A 515 -23.78 -0.16 -22.90
C ALA A 515 -25.25 -0.10 -22.50
N CYS A 516 -25.64 0.99 -21.83
CA CYS A 516 -27.01 1.17 -21.37
C CYS A 516 -27.44 2.61 -21.59
N TYR A 517 -28.71 2.79 -21.92
CA TYR A 517 -29.32 4.11 -22.08
C TYR A 517 -30.54 4.20 -21.19
N SER A 518 -30.57 5.20 -20.32
CA SER A 518 -31.67 5.41 -19.39
C SER A 518 -32.70 6.32 -20.08
N CYS A 519 -33.90 5.78 -20.31
CA CYS A 519 -34.99 6.59 -20.86
C CYS A 519 -35.48 7.60 -19.84
N THR A 520 -35.54 7.22 -18.56
CA THR A 520 -35.93 8.17 -17.53
C THR A 520 -34.95 9.33 -17.44
N SER A 521 -33.65 9.03 -17.49
CA SER A 521 -32.65 10.08 -17.61
C SER A 521 -32.59 10.65 -19.02
N GLY A 522 -33.07 9.92 -20.02
CA GLY A 522 -33.12 10.40 -21.39
C GLY A 522 -31.81 10.36 -22.13
N GLN A 523 -30.82 9.63 -21.64
CA GLN A 523 -29.50 9.64 -22.27
C GLN A 523 -28.77 8.34 -21.97
N TRP A 524 -27.74 8.07 -22.76
CA TRP A 524 -26.92 6.89 -22.56
C TRP A 524 -25.95 7.11 -21.40
N SER A 525 -25.92 6.17 -20.48
CA SER A 525 -25.02 6.21 -19.33
C SER A 525 -24.01 5.08 -19.50
N SER A 526 -22.92 5.37 -20.20
CA SER A 526 -21.90 4.37 -20.47
C SER A 526 -21.20 3.96 -19.18
N VAL A 527 -20.93 2.67 -19.05
CA VAL A 527 -20.26 2.11 -17.87
C VAL A 527 -19.11 1.23 -18.34
N CYS A 528 -18.19 0.98 -17.41
CA CYS A 528 -17.05 0.12 -17.72
C CYS A 528 -17.51 -1.31 -17.96
N PRO A 529 -16.82 -2.05 -18.82
CA PRO A 529 -17.22 -3.44 -19.07
C PRO A 529 -17.15 -4.29 -17.81
N LEU A 530 -18.10 -5.19 -17.68
CA LEU A 530 -18.15 -6.06 -16.50
C LEU A 530 -16.96 -7.01 -16.51
N PRO A 531 -16.26 -7.18 -15.38
CA PRO A 531 -15.16 -8.15 -15.35
C PRO A 531 -15.61 -9.57 -15.66
N ALA A 532 -16.82 -9.94 -15.27
CA ALA A 532 -17.39 -11.24 -15.56
C ALA A 532 -18.71 -11.07 -16.28
N GLY A 533 -18.96 -11.94 -17.25
CA GLY A 533 -20.20 -11.89 -18.02
C GLY A 533 -21.44 -12.05 -17.17
N HIS A 534 -22.41 -11.15 -17.36
CA HIS A 534 -23.65 -11.16 -16.59
C HIS A 534 -24.66 -12.06 -17.31
N GLY A 535 -24.45 -13.38 -17.17
CA GLY A 535 -25.36 -14.34 -17.75
C GLY A 535 -26.21 -15.01 -16.70
N GLU A 536 -27.49 -14.63 -16.64
CA GLU A 536 -28.44 -15.12 -15.64
C GLU A 536 -27.87 -14.96 -14.24
N PRO A 537 -27.25 -13.82 -13.94
CA PRO A 537 -26.68 -13.61 -12.61
C PRO A 537 -27.65 -12.87 -11.68
N GLY A 538 -27.24 -12.77 -10.43
CA GLY A 538 -28.00 -12.03 -9.43
C GLY A 538 -27.42 -10.66 -9.21
N ILE A 539 -28.20 -9.63 -9.53
CA ILE A 539 -27.76 -8.25 -9.44
C ILE A 539 -28.55 -7.57 -8.32
N ALA A 540 -27.83 -6.96 -7.39
CA ALA A 540 -28.43 -6.25 -6.27
C ALA A 540 -27.74 -4.91 -6.08
N VAL A 541 -28.47 -3.95 -5.50
CA VAL A 541 -27.98 -2.61 -5.27
C VAL A 541 -27.93 -2.37 -3.77
N LEU A 542 -26.74 -2.12 -3.25
CA LEU A 542 -26.53 -1.80 -1.84
C LEU A 542 -25.86 -0.44 -1.73
N ASP A 543 -26.29 0.35 -0.75
CA ASP A 543 -25.75 1.68 -0.50
C ASP A 543 -25.82 2.55 -1.76
N ASN A 544 -26.95 2.45 -2.48
CA ASN A 544 -27.15 3.18 -3.73
C ASN A 544 -26.04 2.89 -4.75
N ARG A 545 -25.61 1.63 -4.78
CA ARG A 545 -24.59 1.21 -5.73
C ARG A 545 -24.90 -0.22 -6.16
N ILE A 546 -25.09 -0.44 -7.45
CA ILE A 546 -25.37 -1.78 -7.95
C ILE A 546 -24.08 -2.61 -7.93
N TYR A 547 -24.24 -3.93 -7.98
CA TYR A 547 -23.10 -4.82 -7.99
C TYR A 547 -23.44 -6.08 -8.80
N VAL A 548 -22.40 -6.75 -9.26
CA VAL A 548 -22.55 -7.97 -10.05
C VAL A 548 -21.76 -9.07 -9.35
N LEU A 549 -22.41 -10.22 -9.14
CA LEU A 549 -21.78 -11.36 -8.48
C LEU A 549 -22.39 -12.63 -9.05
N GLY A 550 -21.54 -13.54 -9.55
CA GLY A 550 -22.00 -14.79 -10.09
C GLY A 550 -22.36 -14.70 -11.55
N GLY A 551 -22.63 -15.86 -12.14
CA GLY A 551 -23.00 -15.96 -13.54
C GLY A 551 -22.01 -16.78 -14.33
N ARG A 552 -22.41 -17.10 -15.56
CA ARG A 552 -21.60 -17.86 -16.49
C ARG A 552 -21.23 -16.96 -17.66
N SER A 553 -19.94 -16.88 -17.97
CA SER A 553 -19.41 -16.03 -19.04
C SER A 553 -18.77 -16.93 -20.08
N HIS A 554 -19.59 -17.41 -21.02
CA HIS A 554 -19.07 -18.25 -22.10
C HIS A 554 -18.16 -17.50 -23.04
N ASN A 555 -18.49 -16.25 -23.38
CA ASN A 555 -17.64 -15.48 -24.30
C ASN A 555 -16.34 -15.07 -23.65
N ARG A 556 -16.36 -14.79 -22.35
CA ARG A 556 -15.15 -14.37 -21.64
C ARG A 556 -14.18 -15.51 -21.40
N GLY A 557 -14.59 -16.76 -21.63
CA GLY A 557 -13.70 -17.89 -21.47
C GLY A 557 -13.47 -18.33 -20.05
N SER A 558 -14.21 -17.79 -19.08
CA SER A 558 -14.04 -18.16 -17.69
C SER A 558 -15.36 -17.89 -16.97
N ARG A 559 -15.45 -18.34 -15.72
CA ARG A 559 -16.66 -18.15 -14.93
C ARG A 559 -16.57 -16.83 -14.16
N THR A 560 -17.57 -16.55 -13.35
CA THR A 560 -17.61 -15.32 -12.56
C THR A 560 -16.93 -15.59 -11.22
N GLY A 561 -15.63 -15.39 -11.17
CA GLY A 561 -14.87 -15.59 -9.96
C GLY A 561 -14.56 -14.30 -9.22
N TYR A 562 -15.27 -13.23 -9.57
CA TYR A 562 -15.07 -11.94 -8.94
C TYR A 562 -16.39 -11.21 -8.85
N VAL A 563 -16.49 -10.32 -7.86
CA VAL A 563 -17.68 -9.50 -7.65
C VAL A 563 -17.26 -8.05 -7.66
N HIS A 564 -17.87 -7.25 -8.52
CA HIS A 564 -17.56 -5.84 -8.66
C HIS A 564 -18.81 -5.00 -8.46
N ILE A 565 -18.66 -3.91 -7.73
CA ILE A 565 -19.74 -2.97 -7.43
C ILE A 565 -19.45 -1.67 -8.18
N TYR A 566 -20.44 -1.19 -8.93
CA TYR A 566 -20.29 0.04 -9.71
C TYR A 566 -20.74 1.20 -8.84
N ASP A 567 -19.78 1.97 -8.37
CA ASP A 567 -20.07 3.12 -7.53
C ASP A 567 -20.75 4.21 -8.36
N VAL A 568 -21.86 4.74 -7.85
CA VAL A 568 -22.58 5.78 -8.56
C VAL A 568 -21.75 7.06 -8.62
N GLU A 569 -21.16 7.47 -7.50
CA GLU A 569 -20.36 8.69 -7.48
C GLU A 569 -19.10 8.54 -8.31
N LYS A 570 -18.40 7.41 -8.17
CA LYS A 570 -17.17 7.19 -8.91
C LYS A 570 -17.41 6.83 -10.37
N ASP A 571 -18.62 6.38 -10.72
CA ASP A 571 -18.97 5.98 -12.09
C ASP A 571 -18.04 4.89 -12.60
N CYS A 572 -17.54 4.06 -11.70
CA CYS A 572 -16.61 2.99 -12.07
C CYS A 572 -16.88 1.77 -11.19
N TRP A 573 -16.47 0.62 -11.68
CA TRP A 573 -16.66 -0.64 -10.97
C TRP A 573 -15.41 -0.96 -10.17
N GLU A 574 -15.57 -1.13 -8.86
CA GLU A 574 -14.50 -1.52 -7.96
C GLU A 574 -14.72 -2.95 -7.49
N GLU A 575 -13.64 -3.71 -7.41
CA GLU A 575 -13.71 -5.12 -7.04
C GLU A 575 -14.17 -5.23 -5.59
N GLY A 576 -15.40 -5.71 -5.39
CA GLY A 576 -15.92 -5.92 -4.06
C GLY A 576 -15.55 -7.28 -3.52
N PRO A 577 -16.33 -7.78 -2.57
CA PRO A 577 -16.04 -9.12 -2.02
C PRO A 577 -16.37 -10.22 -3.03
N GLN A 578 -15.34 -10.78 -3.64
CA GLN A 578 -15.54 -11.80 -4.66
C GLN A 578 -16.07 -13.08 -4.03
N LEU A 579 -17.04 -13.70 -4.70
CA LEU A 579 -17.60 -14.96 -4.22
C LEU A 579 -16.58 -16.08 -4.36
N ASP A 580 -16.48 -16.91 -3.32
CA ASP A 580 -15.56 -18.04 -3.37
C ASP A 580 -16.01 -19.12 -4.34
N ASN A 581 -17.29 -19.17 -4.67
CA ASN A 581 -17.84 -20.14 -5.60
C ASN A 581 -18.32 -19.43 -6.85
N SER A 582 -17.82 -19.86 -8.01
CA SER A 582 -18.21 -19.28 -9.29
C SER A 582 -19.52 -19.94 -9.74
N ILE A 583 -20.61 -19.50 -9.12
CA ILE A 583 -21.92 -20.08 -9.37
C ILE A 583 -22.59 -19.31 -10.50
N SER A 584 -23.57 -19.95 -11.13
CA SER A 584 -24.32 -19.34 -12.22
C SER A 584 -25.78 -19.78 -12.08
N GLY A 585 -26.66 -18.83 -11.81
CA GLY A 585 -28.06 -19.13 -11.62
C GLY A 585 -28.55 -19.07 -10.19
N LEU A 586 -27.90 -18.30 -9.32
CA LEU A 586 -28.31 -18.14 -7.94
C LEU A 586 -28.80 -16.72 -7.71
N ALA A 587 -30.02 -16.58 -7.19
CA ALA A 587 -30.60 -15.27 -6.98
C ALA A 587 -30.26 -14.74 -5.59
N ALA A 588 -30.11 -13.42 -5.49
CA ALA A 588 -29.82 -12.74 -4.24
C ALA A 588 -30.78 -11.58 -4.06
N CYS A 589 -31.25 -11.38 -2.84
CA CYS A 589 -32.18 -10.30 -2.52
C CYS A 589 -31.43 -9.22 -1.73
N VAL A 590 -32.05 -8.06 -1.59
CA VAL A 590 -31.50 -6.96 -0.80
C VAL A 590 -32.57 -6.49 0.18
N LEU A 591 -32.24 -6.48 1.46
CA LEU A 591 -33.21 -6.12 2.49
C LEU A 591 -32.46 -5.84 3.79
N THR A 592 -33.21 -5.48 4.83
CA THR A 592 -32.66 -5.20 6.15
C THR A 592 -32.78 -6.44 7.01
N LEU A 593 -31.68 -6.85 7.62
CA LEU A 593 -31.65 -8.05 8.45
C LEU A 593 -31.46 -7.69 9.92
N PRO A 594 -31.84 -8.59 10.83
CA PRO A 594 -31.65 -8.29 12.26
C PRO A 594 -30.18 -8.21 12.61
N ARG A 595 -29.75 -7.03 13.08
CA ARG A 595 -28.36 -6.83 13.44
C ARG A 595 -27.98 -7.60 14.70
N SER A 596 -28.95 -8.07 15.47
CA SER A 596 -28.65 -8.86 16.66
C SER A 596 -27.93 -10.15 16.29
N LEU A 597 -28.37 -10.82 15.22
CA LEU A 597 -27.70 -12.03 14.78
C LEU A 597 -26.27 -11.74 14.32
N LEU A 598 -26.07 -10.64 13.60
CA LEU A 598 -24.73 -10.28 13.16
C LEU A 598 -23.83 -9.91 14.34
N LEU A 599 -24.42 -9.38 15.40
CA LEU A 599 -23.65 -9.02 16.60
C LEU A 599 -23.25 -10.23 17.43
N GLU A 600 -23.81 -11.40 17.14
CA GLU A 600 -23.47 -12.61 17.89
C GLU A 600 -23.41 -13.82 16.98
N VAL B 23 -6.53 8.06 34.96
CA VAL B 23 -5.29 8.09 34.20
C VAL B 23 -4.87 9.54 33.95
N ASN B 24 -3.77 9.72 33.23
CA ASN B 24 -3.21 11.03 32.93
C ASN B 24 -2.90 11.15 31.45
N ASN B 25 -3.86 10.78 30.60
CA ASN B 25 -3.66 10.85 29.16
C ASN B 25 -3.45 12.29 28.72
N THR B 26 -2.58 12.46 27.73
CA THR B 26 -2.25 13.77 27.18
C THR B 26 -2.57 13.79 25.70
N TYR B 27 -3.25 14.85 25.25
CA TYR B 27 -3.62 15.00 23.85
C TYR B 27 -2.66 15.95 23.15
N ARG B 28 -2.71 15.92 21.82
CA ARG B 28 -1.84 16.78 21.02
C ARG B 28 -2.50 16.97 19.66
N SER B 29 -2.92 18.19 19.35
CA SER B 29 -3.54 18.49 18.08
C SER B 29 -2.47 18.63 17.00
N ALA B 30 -2.92 18.68 15.74
CA ALA B 30 -2.03 18.81 14.60
C ALA B 30 -2.38 19.97 13.67
N GLN B 31 -3.54 20.61 13.84
CA GLN B 31 -3.95 21.70 12.98
C GLN B 31 -3.88 23.05 13.69
N HIS B 32 -3.13 23.11 14.78
CA HIS B 32 -3.03 24.35 15.55
C HIS B 32 -2.04 25.33 14.95
N SER B 33 -0.93 24.84 14.40
CA SER B 33 0.09 25.74 13.86
C SER B 33 -0.43 26.52 12.66
N GLN B 34 -1.14 25.84 11.76
CA GLN B 34 -1.66 26.52 10.57
C GLN B 34 -2.68 27.58 10.94
N ALA B 35 -3.55 27.29 11.93
CA ALA B 35 -4.50 28.28 12.38
C ALA B 35 -3.79 29.49 12.97
N LEU B 36 -2.73 29.26 13.75
CA LEU B 36 -1.96 30.37 14.30
C LEU B 36 -1.34 31.21 13.19
N LEU B 37 -0.77 30.57 12.18
CA LEU B 37 -0.16 31.32 11.08
C LEU B 37 -1.22 32.11 10.31
N ARG B 38 -2.39 31.52 10.10
CA ARG B 38 -3.46 32.23 9.41
C ARG B 38 -3.92 33.44 10.22
N GLY B 39 -4.04 33.29 11.54
CA GLY B 39 -4.39 34.43 12.37
C GLY B 39 -3.34 35.52 12.32
N LEU B 40 -2.06 35.13 12.33
CA LEU B 40 -0.99 36.11 12.23
C LEU B 40 -1.04 36.84 10.89
N LEU B 41 -1.30 36.12 9.80
CA LEU B 41 -1.40 36.75 8.50
C LEU B 41 -2.58 37.71 8.45
N ALA B 42 -3.71 37.32 9.04
CA ALA B 42 -4.86 38.21 9.09
C ALA B 42 -4.56 39.47 9.88
N LEU B 43 -3.87 39.32 11.01
CA LEU B 43 -3.50 40.49 11.80
C LEU B 43 -2.57 41.41 11.01
N ARG B 44 -1.60 40.84 10.29
CA ARG B 44 -0.70 41.66 9.49
C ARG B 44 -1.47 42.38 8.39
N ASP B 45 -2.40 41.69 7.74
CA ASP B 45 -3.18 42.30 6.67
C ASP B 45 -4.04 43.44 7.21
N SER B 46 -4.62 43.26 8.41
CA SER B 46 -5.40 44.31 9.01
C SER B 46 -4.56 45.53 9.40
N GLY B 47 -3.24 45.37 9.44
CA GLY B 47 -2.37 46.49 9.77
C GLY B 47 -2.52 47.00 11.18
N ILE B 48 -2.61 46.08 12.15
CA ILE B 48 -2.75 46.45 13.56
C ILE B 48 -1.71 45.68 14.36
N LEU B 49 -1.42 46.21 15.55
CA LEU B 49 -0.48 45.63 16.51
C LEU B 49 0.95 45.58 15.96
N PHE B 50 1.25 46.35 14.93
CA PHE B 50 2.61 46.46 14.45
C PHE B 50 3.47 47.19 15.47
N ASP B 51 4.70 46.72 15.65
CA ASP B 51 5.59 47.31 16.65
C ASP B 51 6.99 47.61 16.16
N VAL B 52 7.43 47.08 15.02
CA VAL B 52 8.76 47.41 14.52
C VAL B 52 8.64 47.81 13.06
N VAL B 53 9.50 48.74 12.65
CA VAL B 53 9.58 49.17 11.25
C VAL B 53 11.01 49.02 10.78
N LEU B 54 11.16 48.35 9.64
CA LEU B 54 12.44 48.12 9.00
C LEU B 54 12.58 49.08 7.83
N VAL B 55 13.68 49.82 7.79
CA VAL B 55 13.98 50.72 6.68
C VAL B 55 15.08 50.08 5.84
N VAL B 56 14.73 49.74 4.60
CA VAL B 56 15.64 49.12 3.65
C VAL B 56 15.82 50.08 2.49
N GLU B 57 17.06 50.55 2.29
CA GLU B 57 17.44 51.44 1.19
C GLU B 57 16.57 52.69 1.10
N GLY B 58 15.82 52.99 2.17
CA GLY B 58 14.97 54.16 2.21
C GLY B 58 13.48 53.89 2.19
N ARG B 59 13.06 52.63 2.23
CA ARG B 59 11.65 52.29 2.21
C ARG B 59 11.28 51.58 3.51
N HIS B 60 10.06 51.83 3.99
CA HIS B 60 9.60 51.38 5.29
C HIS B 60 8.72 50.15 5.16
N ILE B 61 8.93 49.18 6.05
CA ILE B 61 8.10 47.99 6.14
C ILE B 61 7.73 47.79 7.60
N GLU B 62 6.47 47.43 7.86
CA GLU B 62 5.98 47.20 9.21
C GLU B 62 5.97 45.71 9.51
N ALA B 63 6.36 45.35 10.73
CA ALA B 63 6.42 43.95 11.12
C ALA B 63 6.34 43.84 12.64
N HIS B 64 6.21 42.61 13.11
CA HIS B 64 6.14 42.29 14.53
C HIS B 64 7.48 41.74 14.99
N ARG B 65 7.95 42.24 16.14
CA ARG B 65 9.28 41.86 16.62
C ARG B 65 9.37 40.37 16.92
N ILE B 66 8.35 39.82 17.57
CA ILE B 66 8.44 38.45 18.09
C ILE B 66 8.51 37.45 16.95
N LEU B 67 7.71 37.65 15.89
CA LEU B 67 7.73 36.71 14.78
C LEU B 67 9.09 36.66 14.12
N LEU B 68 9.70 37.82 13.88
CA LEU B 68 11.05 37.84 13.32
C LEU B 68 12.06 37.20 14.26
N ALA B 69 11.94 37.49 15.56
CA ALA B 69 12.90 36.96 16.52
C ALA B 69 12.77 35.45 16.69
N ALA B 70 11.62 34.87 16.35
CA ALA B 70 11.41 33.43 16.54
C ALA B 70 11.34 32.68 15.23
N SER B 71 11.76 33.29 14.12
CA SER B 71 11.73 32.65 12.82
C SER B 71 13.11 32.25 12.34
N CYS B 72 14.06 33.17 12.33
CA CYS B 72 15.43 32.91 11.87
C CYS B 72 16.39 33.09 13.04
N ASP B 73 17.68 33.00 12.74
CA ASP B 73 18.72 33.21 13.74
C ASP B 73 19.36 34.59 13.65
N TYR B 74 19.42 35.18 12.46
CA TYR B 74 19.95 36.53 12.34
C TYR B 74 19.07 37.52 13.10
N PHE B 75 17.75 37.42 12.94
CA PHE B 75 16.85 38.32 13.65
C PHE B 75 16.80 37.99 15.13
N ARG B 76 16.96 36.72 15.50
CA ARG B 76 16.90 36.34 16.91
C ARG B 76 18.01 37.03 17.70
N GLY B 77 19.23 37.05 17.16
CA GLY B 77 20.30 37.74 17.83
C GLY B 77 20.08 39.24 17.88
N MET B 78 19.56 39.81 16.80
CA MET B 78 19.40 41.26 16.72
C MET B 78 18.33 41.76 17.68
N PHE B 79 17.24 41.00 17.86
CA PHE B 79 16.14 41.42 18.69
C PHE B 79 16.13 40.77 20.07
N ALA B 80 17.03 39.83 20.35
CA ALA B 80 17.07 39.15 21.64
C ALA B 80 18.46 39.04 22.23
N GLY B 81 19.51 39.44 21.50
CA GLY B 81 20.86 39.32 22.03
C GLY B 81 21.10 40.23 23.24
N GLY B 82 20.59 41.46 23.17
CA GLY B 82 20.77 42.41 24.26
C GLY B 82 21.49 43.66 23.83
N LEU B 83 21.64 43.85 22.52
CA LEU B 83 22.37 44.98 21.99
C LEU B 83 21.44 46.20 21.92
N LYS B 84 21.88 47.24 21.21
CA LYS B 84 21.16 48.51 21.17
C LYS B 84 19.76 48.35 20.60
N GLU B 85 19.53 47.32 19.78
CA GLU B 85 18.28 47.19 19.04
C GLU B 85 17.08 46.99 19.96
N MET B 86 17.34 46.68 21.23
CA MET B 86 16.27 46.63 22.22
C MET B 86 15.52 47.95 22.33
N GLU B 87 16.16 49.07 22.03
CA GLU B 87 15.58 50.39 22.25
C GLU B 87 15.57 51.19 20.97
N GLN B 88 15.12 50.58 19.88
CA GLN B 88 14.99 51.24 18.59
C GLN B 88 13.64 50.91 17.99
N GLU B 89 12.94 51.93 17.52
CA GLU B 89 11.66 51.73 16.84
C GLU B 89 11.84 51.37 15.38
N GLU B 90 12.82 51.98 14.71
CA GLU B 90 13.14 51.70 13.32
C GLU B 90 14.52 51.09 13.23
N VAL B 91 14.68 50.14 12.31
CA VAL B 91 15.93 49.40 12.16
C VAL B 91 16.44 49.58 10.73
N LEU B 92 17.67 50.09 10.60
CA LEU B 92 18.31 50.23 9.30
C LEU B 92 18.79 48.87 8.81
N ILE B 93 18.55 48.58 7.53
CA ILE B 93 19.08 47.37 6.91
C ILE B 93 19.77 47.78 5.62
N HIS B 94 21.06 47.47 5.50
CA HIS B 94 21.81 47.76 4.29
C HIS B 94 22.17 46.47 3.56
N GLY B 95 22.61 46.62 2.31
CA GLY B 95 23.08 45.48 1.55
C GLY B 95 22.03 44.43 1.27
N VAL B 96 20.84 44.85 0.86
CA VAL B 96 19.76 43.92 0.58
C VAL B 96 18.73 44.62 -0.29
N SER B 97 17.99 43.84 -1.07
CA SER B 97 16.99 44.38 -1.98
C SER B 97 15.63 44.45 -1.30
N TYR B 98 14.90 45.52 -1.58
CA TYR B 98 13.58 45.70 -0.99
C TYR B 98 12.63 44.58 -1.39
N ASN B 99 12.66 44.20 -2.66
CA ASN B 99 11.80 43.11 -3.12
C ASN B 99 12.20 41.80 -2.43
N ALA B 100 13.49 41.61 -2.18
CA ALA B 100 13.93 40.41 -1.48
C ALA B 100 13.34 40.35 -0.07
N MET B 101 13.35 41.48 0.65
CA MET B 101 12.77 41.49 1.98
C MET B 101 11.26 41.31 1.93
N CYS B 102 10.61 41.88 0.91
CA CYS B 102 9.17 41.66 0.76
C CYS B 102 8.86 40.17 0.59
N GLN B 103 9.64 39.50 -0.27
CA GLN B 103 9.43 38.07 -0.48
C GLN B 103 9.72 37.28 0.79
N ILE B 104 10.78 37.65 1.51
CA ILE B 104 11.14 36.92 2.73
C ILE B 104 10.04 37.07 3.78
N LEU B 105 9.51 38.29 3.96
CA LEU B 105 8.45 38.49 4.93
C LEU B 105 7.18 37.78 4.51
N HIS B 106 6.87 37.76 3.20
CA HIS B 106 5.72 37.01 2.74
C HIS B 106 5.88 35.53 3.05
N PHE B 107 7.08 34.98 2.84
CA PHE B 107 7.31 33.58 3.18
C PHE B 107 7.16 33.33 4.68
N ILE B 108 7.68 34.23 5.49
CA ILE B 108 7.59 34.06 6.95
C ILE B 108 6.13 34.06 7.39
N TYR B 109 5.35 35.01 6.86
CA TYR B 109 3.95 35.14 7.27
C TYR B 109 3.03 34.15 6.58
N THR B 110 3.51 33.42 5.57
CA THR B 110 2.65 32.56 4.78
C THR B 110 3.16 31.13 4.65
N SER B 111 4.47 30.91 4.73
CA SER B 111 5.12 29.63 4.46
C SER B 111 4.96 29.20 3.01
N GLU B 112 4.56 30.13 2.14
CA GLU B 112 4.54 29.92 0.71
C GLU B 112 5.30 31.06 0.04
N LEU B 113 6.23 30.70 -0.83
CA LEU B 113 7.15 31.67 -1.43
C LEU B 113 6.98 31.63 -2.94
N GLU B 114 6.69 32.79 -3.54
CA GLU B 114 6.50 32.89 -4.98
C GLU B 114 7.79 33.41 -5.62
N LEU B 115 8.33 32.66 -6.57
CA LEU B 115 9.55 33.02 -7.27
C LEU B 115 9.23 33.56 -8.66
N SER B 116 10.27 34.01 -9.36
CA SER B 116 10.16 34.51 -10.71
C SER B 116 11.53 34.39 -11.37
N LEU B 117 11.62 34.82 -12.63
CA LEU B 117 12.88 34.77 -13.35
C LEU B 117 13.67 36.07 -13.25
N SER B 118 13.12 37.09 -12.58
CA SER B 118 13.79 38.38 -12.50
C SER B 118 14.43 38.64 -11.14
N ASN B 119 13.74 38.30 -10.05
CA ASN B 119 14.19 38.62 -8.71
C ASN B 119 14.75 37.40 -7.98
N VAL B 120 15.04 36.33 -8.71
CA VAL B 120 15.52 35.11 -8.07
C VAL B 120 16.93 35.31 -7.50
N GLN B 121 17.78 36.05 -8.20
CA GLN B 121 19.13 36.29 -7.70
C GLN B 121 19.12 37.13 -6.43
N GLU B 122 18.27 38.17 -6.40
CA GLU B 122 18.17 39.00 -5.20
C GLU B 122 17.66 38.20 -4.02
N THR B 123 16.64 37.37 -4.24
CA THR B 123 16.12 36.54 -3.18
C THR B 123 17.17 35.56 -2.68
N LEU B 124 17.92 34.96 -3.60
CA LEU B 124 18.94 33.99 -3.21
C LEU B 124 20.06 34.66 -2.40
N VAL B 125 20.52 35.83 -2.83
CA VAL B 125 21.60 36.49 -2.10
C VAL B 125 21.11 36.97 -0.73
N ALA B 126 19.86 37.44 -0.65
CA ALA B 126 19.33 37.83 0.65
C ALA B 126 19.18 36.63 1.57
N ALA B 127 18.74 35.50 1.04
CA ALA B 127 18.60 34.29 1.85
C ALA B 127 19.96 33.82 2.35
N CYS B 128 20.97 33.84 1.48
CA CYS B 128 22.32 33.48 1.91
C CYS B 128 22.86 34.46 2.93
N GLN B 129 22.41 35.72 2.87
CA GLN B 129 22.84 36.70 3.86
C GLN B 129 22.36 36.34 5.25
N LEU B 130 21.09 35.94 5.38
CA LEU B 130 20.48 35.69 6.68
C LEU B 130 20.55 34.24 7.11
N GLN B 131 21.09 33.35 6.28
CA GLN B 131 21.30 31.95 6.62
C GLN B 131 19.97 31.27 6.99
N ILE B 132 19.09 31.19 6.01
CA ILE B 132 17.81 30.49 6.14
C ILE B 132 17.83 29.33 5.16
N PRO B 133 17.75 28.08 5.62
CA PRO B 133 18.00 26.95 4.71
C PRO B 133 16.90 26.70 3.70
N GLU B 134 15.63 26.77 4.13
CA GLU B 134 14.53 26.37 3.25
C GLU B 134 14.45 27.24 2.00
N ILE B 135 14.57 28.56 2.17
CA ILE B 135 14.53 29.45 1.02
C ILE B 135 15.74 29.25 0.13
N ILE B 136 16.91 28.96 0.72
CA ILE B 136 18.10 28.68 -0.08
C ILE B 136 17.88 27.47 -0.96
N HIS B 137 17.35 26.40 -0.38
CA HIS B 137 17.06 25.18 -1.13
C HIS B 137 16.02 25.43 -2.22
N PHE B 138 14.97 26.18 -1.91
CA PHE B 138 13.95 26.48 -2.91
C PHE B 138 14.55 27.27 -4.08
N CYS B 139 15.38 28.27 -3.78
CA CYS B 139 16.01 29.06 -4.83
C CYS B 139 16.93 28.19 -5.68
N CYS B 140 17.70 27.31 -5.06
CA CYS B 140 18.59 26.44 -5.82
C CYS B 140 17.80 25.52 -6.74
N ASP B 141 16.69 24.95 -6.24
CA ASP B 141 15.88 24.07 -7.07
C ASP B 141 15.28 24.84 -8.24
N PHE B 142 14.79 26.07 -7.99
CA PHE B 142 14.22 26.85 -9.08
C PHE B 142 15.28 27.18 -10.13
N LEU B 143 16.49 27.57 -9.68
CA LEU B 143 17.54 27.91 -10.64
C LEU B 143 17.95 26.71 -11.47
N MET B 144 18.10 25.53 -10.84
CA MET B 144 18.41 24.35 -11.64
C MET B 144 17.27 23.98 -12.58
N SER B 145 16.01 24.16 -12.16
CA SER B 145 14.90 23.92 -13.06
C SER B 145 14.88 24.91 -14.21
N TRP B 146 15.48 26.08 -14.04
CA TRP B 146 15.62 27.08 -15.11
C TRP B 146 17.10 27.29 -15.42
N VAL B 147 17.85 26.20 -15.46
CA VAL B 147 19.29 26.28 -15.70
C VAL B 147 19.54 26.78 -17.12
N ASP B 148 20.51 27.66 -17.27
CA ASP B 148 20.85 28.25 -18.55
C ASP B 148 22.19 27.70 -19.04
N GLU B 149 22.22 27.28 -20.31
CA GLU B 149 23.45 26.75 -20.89
C GLU B 149 24.50 27.83 -21.09
N GLU B 150 24.10 29.06 -21.42
CA GLU B 150 25.03 30.13 -21.72
C GLU B 150 25.60 30.79 -20.47
N ASN B 151 25.11 30.43 -19.28
CA ASN B 151 25.58 31.07 -18.05
C ASN B 151 25.91 30.04 -16.97
N ILE B 152 26.35 28.84 -17.37
CA ILE B 152 26.69 27.82 -16.38
C ILE B 152 27.90 28.22 -15.57
N LEU B 153 28.87 28.91 -16.19
CA LEU B 153 30.03 29.39 -15.44
C LEU B 153 29.62 30.45 -14.42
N ASP B 154 28.67 31.32 -14.78
CA ASP B 154 28.13 32.27 -13.83
C ASP B 154 27.38 31.59 -12.69
N VAL B 155 26.93 30.35 -12.88
CA VAL B 155 26.31 29.57 -11.83
C VAL B 155 27.36 28.92 -10.92
N TYR B 156 28.43 28.38 -11.51
CA TYR B 156 29.51 27.86 -10.70
C TYR B 156 30.16 28.96 -9.86
N ARG B 157 30.34 30.15 -10.43
CA ARG B 157 30.88 31.26 -9.65
C ARG B 157 29.97 31.60 -8.48
N LEU B 158 28.66 31.64 -8.73
CA LEU B 158 27.72 31.99 -7.67
C LEU B 158 27.71 30.93 -6.57
N ALA B 159 27.75 29.65 -6.94
CA ALA B 159 27.74 28.55 -5.98
C ALA B 159 29.09 28.35 -5.31
N GLU B 160 30.15 28.96 -5.85
CA GLU B 160 31.46 28.92 -5.25
C GLU B 160 31.74 30.06 -4.29
N LEU B 161 31.35 31.30 -4.64
CA LEU B 161 31.56 32.41 -3.72
C LEU B 161 30.78 32.24 -2.43
N PHE B 162 29.54 31.76 -2.53
CA PHE B 162 28.70 31.55 -1.37
C PHE B 162 28.91 30.20 -0.71
N ASP B 163 29.75 29.34 -1.29
CA ASP B 163 30.09 28.03 -0.73
C ASP B 163 28.84 27.17 -0.55
N LEU B 164 28.19 26.88 -1.67
CA LEU B 164 26.97 26.06 -1.69
C LEU B 164 27.36 24.66 -2.17
N SER B 165 27.84 23.83 -1.24
CA SER B 165 28.27 22.48 -1.58
C SER B 165 27.11 21.58 -1.96
N ARG B 166 25.88 21.98 -1.71
CA ARG B 166 24.70 21.21 -2.08
C ARG B 166 24.26 21.44 -3.51
N LEU B 167 24.87 22.39 -4.23
CA LEU B 167 24.50 22.64 -5.61
C LEU B 167 25.50 22.01 -6.58
N THR B 168 26.79 22.05 -6.25
CA THR B 168 27.84 21.67 -7.18
C THR B 168 27.73 20.19 -7.56
N GLU B 169 27.36 19.34 -6.60
CA GLU B 169 27.28 17.91 -6.87
C GLU B 169 26.27 17.60 -7.97
N GLN B 170 25.05 18.13 -7.86
CA GLN B 170 24.06 17.80 -8.88
C GLN B 170 24.25 18.63 -10.14
N LEU B 171 24.97 19.76 -10.05
CA LEU B 171 25.43 20.40 -11.28
C LEU B 171 26.35 19.47 -12.08
N ASP B 172 27.30 18.84 -11.39
CA ASP B 172 28.17 17.88 -12.07
C ASP B 172 27.37 16.67 -12.54
N THR B 173 26.36 16.26 -11.77
CA THR B 173 25.49 15.17 -12.22
C THR B 173 24.79 15.53 -13.52
N TYR B 174 24.30 16.77 -13.62
CA TYR B 174 23.72 17.25 -14.87
C TYR B 174 24.74 17.24 -16.00
N ILE B 175 25.97 17.65 -15.70
CA ILE B 175 26.99 17.68 -16.74
C ILE B 175 27.24 16.27 -17.28
N LEU B 176 27.34 15.28 -16.40
CA LEU B 176 27.61 13.91 -16.83
C LEU B 176 26.47 13.26 -17.59
N LYS B 177 25.28 13.85 -17.64
CA LYS B 177 24.20 13.27 -18.43
C LYS B 177 23.93 14.05 -19.71
N ASN B 178 24.58 15.19 -19.92
CA ASN B 178 24.45 15.98 -21.13
C ASN B 178 25.81 16.32 -21.71
N PHE B 179 26.74 15.36 -21.65
CA PHE B 179 28.11 15.63 -22.10
C PHE B 179 28.16 15.91 -23.60
N VAL B 180 27.39 15.18 -24.40
CA VAL B 180 27.49 15.29 -25.86
C VAL B 180 27.12 16.68 -26.32
N ALA B 181 26.01 17.21 -25.81
CA ALA B 181 25.56 18.54 -26.22
C ALA B 181 26.54 19.62 -25.78
N PHE B 182 27.03 19.53 -24.54
CA PHE B 182 27.89 20.59 -24.02
C PHE B 182 29.29 20.54 -24.64
N SER B 183 29.73 19.36 -25.07
CA SER B 183 31.06 19.25 -25.65
C SER B 183 31.20 20.08 -26.92
N ARG B 184 30.11 20.25 -27.67
CA ARG B 184 30.15 21.09 -28.86
C ARG B 184 30.43 22.55 -28.51
N THR B 185 29.82 23.04 -27.43
CA THR B 185 30.02 24.42 -27.02
C THR B 185 31.47 24.64 -26.58
N ASP B 186 31.99 25.83 -26.90
CA ASP B 186 33.36 26.17 -26.54
C ASP B 186 33.56 26.26 -25.02
N LYS B 187 32.48 26.44 -24.26
CA LYS B 187 32.60 26.48 -22.81
C LYS B 187 33.17 25.18 -22.26
N TYR B 188 33.01 24.08 -22.99
CA TYR B 188 33.63 22.82 -22.58
C TYR B 188 35.14 22.95 -22.52
N ARG B 189 35.74 23.63 -23.51
CA ARG B 189 37.15 23.94 -23.41
C ARG B 189 37.41 24.97 -22.32
N GLN B 190 36.44 25.87 -22.09
CA GLN B 190 36.59 26.88 -21.05
C GLN B 190 36.50 26.30 -19.65
N LEU B 191 35.96 25.10 -19.50
CA LEU B 191 35.82 24.50 -18.18
C LEU B 191 37.19 24.19 -17.61
N PRO B 192 37.35 24.22 -16.28
CA PRO B 192 38.65 23.90 -15.68
C PRO B 192 39.07 22.47 -15.96
N LEU B 193 40.38 22.27 -16.06
CA LEU B 193 40.91 20.95 -16.37
C LEU B 193 40.57 19.94 -15.28
N GLU B 194 40.64 20.38 -14.02
CA GLU B 194 40.37 19.45 -12.91
C GLU B 194 38.93 18.95 -12.94
N LYS B 195 37.97 19.85 -13.16
CA LYS B 195 36.57 19.44 -13.21
C LYS B 195 36.30 18.53 -14.40
N VAL B 196 36.89 18.83 -15.55
CA VAL B 196 36.72 17.99 -16.73
C VAL B 196 37.29 16.60 -16.48
N TYR B 197 38.48 16.54 -15.87
CA TYR B 197 39.10 15.25 -15.57
C TYR B 197 38.25 14.46 -14.58
N SER B 198 37.73 15.13 -13.55
CA SER B 198 36.88 14.46 -12.59
C SER B 198 35.61 13.93 -13.23
N LEU B 199 34.99 14.69 -14.13
CA LEU B 199 33.82 14.22 -14.85
C LEU B 199 34.15 13.03 -15.73
N LEU B 200 35.25 13.11 -16.47
CA LEU B 200 35.62 12.03 -17.38
C LEU B 200 35.94 10.74 -16.63
N SER B 201 36.66 10.84 -15.51
CA SER B 201 36.99 9.64 -14.74
C SER B 201 35.76 9.03 -14.07
N SER B 202 34.72 9.83 -13.84
CA SER B 202 33.53 9.33 -13.17
C SER B 202 32.81 8.29 -14.04
N ASN B 203 32.35 7.22 -13.40
CA ASN B 203 31.63 6.16 -14.10
C ASN B 203 30.13 6.49 -14.16
N ARG B 204 29.84 7.69 -14.65
CA ARG B 204 28.46 8.15 -14.78
C ARG B 204 28.17 8.89 -16.07
N LEU B 205 29.15 9.08 -16.95
CA LEU B 205 28.90 9.79 -18.20
C LEU B 205 27.96 8.99 -19.08
N GLU B 206 26.98 9.67 -19.67
CA GLU B 206 25.98 9.03 -20.53
C GLU B 206 26.54 8.97 -21.94
N VAL B 207 27.29 7.91 -22.23
CA VAL B 207 27.91 7.70 -23.53
C VAL B 207 27.67 6.26 -23.97
N SER B 208 27.82 6.03 -25.27
CA SER B 208 27.61 4.71 -25.86
C SER B 208 28.92 4.01 -26.19
N CYS B 209 29.87 4.73 -26.78
CA CYS B 209 31.15 4.16 -27.18
C CYS B 209 32.29 5.08 -26.77
N GLU B 210 33.49 4.51 -26.67
CA GLU B 210 34.67 5.28 -26.31
C GLU B 210 35.07 6.28 -27.39
N THR B 211 34.50 6.18 -28.59
CA THR B 211 34.81 7.14 -29.64
C THR B 211 34.37 8.55 -29.23
N GLU B 212 33.20 8.67 -28.60
CA GLU B 212 32.77 9.97 -28.10
C GLU B 212 33.72 10.50 -27.04
N VAL B 213 34.21 9.62 -26.16
CA VAL B 213 35.17 10.05 -25.14
C VAL B 213 36.45 10.55 -25.80
N TYR B 214 36.93 9.83 -26.83
CA TYR B 214 38.13 10.26 -27.53
C TYR B 214 37.92 11.60 -28.22
N GLU B 215 36.75 11.79 -28.82
CA GLU B 215 36.44 13.06 -29.48
C GLU B 215 36.40 14.20 -28.47
N GLY B 216 35.79 13.96 -27.31
CA GLY B 216 35.77 14.98 -26.27
C GLY B 216 37.17 15.30 -25.75
N ALA B 217 38.01 14.27 -25.60
CA ALA B 217 39.38 14.50 -25.18
C ALA B 217 40.14 15.33 -26.20
N LEU B 218 39.96 15.03 -27.48
CA LEU B 218 40.61 15.81 -28.53
C LEU B 218 40.12 17.25 -28.52
N LEU B 219 38.81 17.45 -28.35
CA LEU B 219 38.26 18.80 -28.31
C LEU B 219 38.73 19.58 -27.09
N TYR B 220 38.99 18.90 -25.97
CA TYR B 220 39.50 19.58 -24.79
C TYR B 220 40.99 19.89 -24.95
N HIS B 221 41.74 18.99 -25.57
CA HIS B 221 43.19 19.14 -25.71
C HIS B 221 43.59 19.90 -26.98
N TYR B 222 42.64 20.28 -27.82
CA TYR B 222 42.94 21.00 -29.05
C TYR B 222 41.78 21.90 -29.41
N SER B 223 42.07 22.91 -30.23
CA SER B 223 41.05 23.85 -30.65
C SER B 223 40.06 23.19 -31.60
N LEU B 224 38.86 23.76 -31.68
CA LEU B 224 37.85 23.24 -32.59
C LEU B 224 38.29 23.38 -34.04
N GLU B 225 38.92 24.50 -34.38
CA GLU B 225 39.43 24.68 -35.73
C GLU B 225 40.54 23.68 -36.04
N GLN B 226 41.40 23.39 -35.06
CA GLN B 226 42.47 22.42 -35.28
C GLN B 226 41.92 21.04 -35.57
N VAL B 227 40.89 20.62 -34.83
CA VAL B 227 40.26 19.33 -35.08
C VAL B 227 39.60 19.33 -36.45
N GLN B 228 38.89 20.40 -36.79
CA GLN B 228 38.21 20.52 -38.08
C GLN B 228 39.18 20.97 -39.17
N PRO B 238 46.05 15.00 -23.62
CA PRO B 238 47.00 14.13 -22.94
C PRO B 238 46.46 13.59 -21.62
N LYS B 239 46.15 14.50 -20.70
CA LYS B 239 45.61 14.11 -19.39
C LYS B 239 44.24 13.46 -19.52
N LEU B 240 43.38 13.99 -20.39
CA LEU B 240 42.08 13.37 -20.61
C LEU B 240 42.21 11.94 -21.11
N LEU B 241 43.22 11.66 -21.93
CA LEU B 241 43.47 10.30 -22.39
C LEU B 241 43.75 9.35 -21.24
N GLU B 242 44.17 9.86 -20.07
CA GLU B 242 44.34 8.99 -18.91
C GLU B 242 43.02 8.39 -18.47
N THR B 243 41.92 9.13 -18.64
CA THR B 243 40.59 8.64 -18.29
C THR B 243 39.92 7.89 -19.43
N VAL B 244 40.56 7.84 -20.61
CA VAL B 244 39.96 7.16 -21.75
C VAL B 244 40.12 5.66 -21.57
N ARG B 245 39.03 4.93 -21.73
CA ARG B 245 39.03 3.47 -21.61
C ARG B 245 39.39 2.89 -22.98
N PHE B 246 40.68 2.61 -23.18
CA PHE B 246 41.13 2.06 -24.45
C PHE B 246 40.51 0.72 -24.80
N PRO B 247 40.43 -0.28 -23.89
CA PRO B 247 39.83 -1.56 -24.28
C PRO B 247 38.35 -1.49 -24.63
N LEU B 248 37.67 -0.38 -24.35
CA LEU B 248 36.26 -0.26 -24.69
C LEU B 248 36.00 -0.21 -26.19
N MET B 249 37.01 0.11 -27.00
CA MET B 249 36.84 0.14 -28.43
C MET B 249 37.02 -1.25 -29.03
N GLU B 250 36.64 -1.38 -30.30
CA GLU B 250 36.77 -2.64 -31.02
C GLU B 250 38.20 -2.85 -31.49
N ALA B 251 38.52 -4.11 -31.80
CA ALA B 251 39.87 -4.45 -32.27
C ALA B 251 40.15 -3.78 -33.61
N GLU B 252 39.18 -3.79 -34.53
CA GLU B 252 39.36 -3.11 -35.80
C GLU B 252 39.48 -1.60 -35.61
N VAL B 253 38.66 -1.03 -34.72
CA VAL B 253 38.74 0.40 -34.45
C VAL B 253 40.09 0.75 -33.84
N LEU B 254 40.57 -0.10 -32.91
CA LEU B 254 41.89 0.14 -32.31
C LEU B 254 42.99 0.06 -33.35
N GLN B 255 42.93 -0.92 -34.24
CA GLN B 255 43.94 -1.07 -35.28
C GLN B 255 43.94 0.14 -36.21
N ARG B 256 42.75 0.60 -36.61
CA ARG B 256 42.64 1.79 -37.44
C ARG B 256 43.16 3.04 -36.75
N LEU B 257 42.86 3.22 -35.47
CA LEU B 257 43.38 4.36 -34.74
C LEU B 257 44.91 4.30 -34.63
N HIS B 258 45.45 3.11 -34.37
CA HIS B 258 46.90 2.97 -34.28
C HIS B 258 47.56 3.27 -35.63
N ASP B 259 46.95 2.80 -36.72
CA ASP B 259 47.48 3.10 -38.04
C ASP B 259 47.42 4.60 -38.33
N LYS B 260 46.33 5.26 -37.96
CA LYS B 260 46.17 6.68 -38.19
C LYS B 260 46.92 7.54 -37.18
N LEU B 261 47.39 6.96 -36.08
CA LEU B 261 48.10 7.73 -35.06
C LEU B 261 49.56 7.86 -35.43
N ASP B 262 50.14 9.03 -35.12
CA ASP B 262 51.56 9.24 -35.30
C ASP B 262 52.35 8.48 -34.25
N PRO B 263 53.66 8.29 -34.47
CA PRO B 263 54.48 7.58 -33.47
C PRO B 263 54.47 8.31 -32.14
N SER B 264 53.91 7.65 -31.13
CA SER B 264 53.74 8.24 -29.81
C SER B 264 53.40 7.14 -28.80
N PRO B 265 53.58 7.37 -27.50
CA PRO B 265 53.18 6.37 -26.51
C PRO B 265 51.67 6.09 -26.51
N LEU B 266 50.85 7.00 -27.04
CA LEU B 266 49.44 6.70 -27.21
C LEU B 266 49.25 5.52 -28.17
N ARG B 267 50.07 5.46 -29.22
CA ARG B 267 50.06 4.30 -30.10
C ARG B 267 50.47 3.02 -29.39
N ASP B 268 51.46 3.09 -28.50
CA ASP B 268 51.84 1.91 -27.72
C ASP B 268 50.69 1.46 -26.83
N THR B 269 50.00 2.41 -26.20
CA THR B 269 48.85 2.08 -25.38
C THR B 269 47.73 1.46 -26.21
N VAL B 270 47.49 1.99 -27.41
CA VAL B 270 46.47 1.42 -28.29
C VAL B 270 46.84 -0.01 -28.69
N ALA B 271 48.12 -0.23 -28.98
CA ALA B 271 48.58 -1.58 -29.32
C ALA B 271 48.41 -2.53 -28.14
N SER B 272 48.71 -2.07 -26.93
CA SER B 272 48.52 -2.89 -25.75
C SER B 272 47.05 -3.22 -25.55
N ALA B 273 46.16 -2.24 -25.76
CA ALA B 273 44.73 -2.49 -25.63
C ALA B 273 44.25 -3.48 -26.68
N LEU B 274 44.74 -3.36 -27.91
CA LEU B 274 44.38 -4.33 -28.95
C LEU B 274 44.87 -5.73 -28.60
N MET B 275 46.09 -5.83 -28.07
CA MET B 275 46.60 -7.14 -27.66
C MET B 275 45.75 -7.73 -26.53
N TYR B 276 45.35 -6.89 -25.57
CA TYR B 276 44.48 -7.36 -24.49
C TYR B 276 43.14 -7.85 -25.04
N HIS B 277 42.57 -7.10 -25.99
CA HIS B 277 41.33 -7.54 -26.65
C HIS B 277 41.54 -8.81 -27.45
N ARG B 278 42.77 -9.08 -27.90
CA ARG B 278 43.09 -10.30 -28.61
C ARG B 278 43.31 -11.48 -27.68
N ASN B 279 43.19 -11.29 -26.37
CA ASN B 279 43.34 -12.34 -25.37
C ASN B 279 42.10 -12.43 -24.51
N GLU B 280 40.93 -12.47 -25.18
CA GLU B 280 39.67 -12.52 -24.45
C GLU B 280 39.57 -13.79 -23.60
N SER B 281 40.26 -14.85 -24.01
CA SER B 281 40.31 -16.07 -23.19
C SER B 281 40.93 -15.81 -21.83
N LEU B 282 41.83 -14.84 -21.73
CA LEU B 282 42.39 -14.39 -20.45
C LEU B 282 41.75 -13.09 -20.00
N GLN B 283 40.48 -12.86 -20.36
CA GLN B 283 39.81 -11.64 -19.97
C GLN B 283 39.75 -11.41 -18.46
N PRO B 284 39.34 -12.37 -17.62
CA PRO B 284 39.35 -12.12 -16.17
C PRO B 284 40.74 -12.10 -15.56
N SER B 285 41.76 -12.53 -16.30
CA SER B 285 43.14 -12.48 -15.84
C SER B 285 43.86 -11.23 -16.33
N LEU B 286 43.15 -10.33 -17.02
CA LEU B 286 43.72 -9.11 -17.56
C LEU B 286 42.84 -7.92 -17.20
N GLN B 287 42.44 -7.85 -15.93
CA GLN B 287 41.61 -6.77 -15.43
C GLN B 287 42.46 -5.52 -15.22
N SER B 288 41.82 -4.36 -15.41
CA SER B 288 42.50 -3.08 -15.30
C SER B 288 41.44 -2.02 -15.00
N PRO B 289 41.85 -0.89 -14.41
CA PRO B 289 40.88 0.20 -14.18
C PRO B 289 40.24 0.73 -15.45
N GLN B 290 40.96 0.71 -16.58
CA GLN B 290 40.39 1.08 -17.86
C GLN B 290 39.79 -0.12 -18.59
N THR B 291 39.83 -1.30 -17.99
CA THR B 291 39.25 -2.51 -18.56
C THR B 291 37.88 -2.82 -17.95
N GLU B 292 37.24 -1.83 -17.34
CA GLU B 292 35.93 -2.02 -16.75
C GLU B 292 34.93 -1.04 -17.38
N LEU B 293 33.64 -1.28 -17.16
CA LEU B 293 32.58 -0.47 -17.73
C LEU B 293 32.32 0.73 -16.82
N ARG B 294 31.38 1.58 -17.19
CA ARG B 294 31.04 2.74 -16.38
C ARG B 294 29.54 2.80 -16.12
N SER B 295 29.10 2.11 -15.06
CA SER B 295 27.68 2.05 -14.72
C SER B 295 27.50 1.57 -13.29
N ASP B 296 26.24 1.43 -12.87
CA ASP B 296 25.92 0.95 -11.53
C ASP B 296 24.75 -0.02 -11.59
N PHE B 297 24.45 -0.52 -12.78
CA PHE B 297 23.28 -1.38 -12.98
C PHE B 297 23.51 -2.77 -12.43
N GLN B 298 23.62 -2.89 -11.11
CA GLN B 298 23.75 -4.19 -10.47
C GLN B 298 22.41 -4.91 -10.48
N CYS B 299 22.31 -5.98 -11.26
CA CYS B 299 21.06 -6.73 -11.38
C CYS B 299 21.39 -8.22 -11.43
N VAL B 300 20.37 -9.03 -11.16
CA VAL B 300 20.49 -10.49 -11.17
C VAL B 300 20.03 -11.00 -12.53
N VAL B 301 20.88 -11.78 -13.19
CA VAL B 301 20.61 -12.32 -14.51
C VAL B 301 20.59 -13.84 -14.41
N GLY B 302 19.48 -14.45 -14.84
CA GLY B 302 19.37 -15.89 -14.87
C GLY B 302 19.78 -16.43 -16.22
N PHE B 303 20.73 -17.37 -16.21
CA PHE B 303 21.26 -17.95 -17.44
C PHE B 303 21.43 -19.46 -17.26
N GLY B 304 21.34 -20.18 -18.37
CA GLY B 304 21.48 -21.61 -18.32
C GLY B 304 20.33 -22.29 -17.59
N GLY B 305 20.59 -23.49 -17.11
CA GLY B 305 19.63 -24.25 -16.35
C GLY B 305 18.57 -24.90 -17.24
N ILE B 306 17.58 -25.50 -16.58
CA ILE B 306 16.48 -26.19 -17.26
C ILE B 306 15.18 -25.52 -16.83
N HIS B 307 14.36 -25.17 -17.81
CA HIS B 307 13.04 -24.59 -17.56
C HIS B 307 12.00 -25.66 -17.83
N SER B 308 11.14 -25.91 -16.83
CA SER B 308 10.15 -26.98 -16.94
C SER B 308 9.12 -26.72 -18.03
N THR B 309 8.94 -25.47 -18.45
CA THR B 309 7.97 -25.12 -19.47
C THR B 309 8.69 -24.83 -20.78
N PRO B 310 8.46 -25.61 -21.84
CA PRO B 310 7.56 -26.77 -21.84
C PRO B 310 8.29 -28.08 -21.58
N SER B 311 9.62 -28.03 -21.49
CA SER B 311 10.42 -29.22 -21.25
C SER B 311 11.76 -28.80 -20.68
N THR B 312 12.22 -29.56 -19.68
CA THR B 312 13.45 -29.22 -18.96
C THR B 312 14.64 -29.51 -19.87
N VAL B 313 15.15 -28.46 -20.51
CA VAL B 313 16.32 -28.57 -21.38
C VAL B 313 17.28 -27.43 -21.04
N LEU B 314 18.55 -27.63 -21.39
CA LEU B 314 19.58 -26.64 -21.11
C LEU B 314 19.37 -25.42 -22.00
N SER B 315 18.86 -24.34 -21.42
CA SER B 315 18.60 -23.13 -22.19
C SER B 315 19.91 -22.44 -22.58
N ASP B 316 19.84 -21.64 -23.64
CA ASP B 316 20.99 -20.89 -24.13
C ASP B 316 20.68 -19.40 -24.19
N GLN B 317 19.72 -18.95 -23.38
CA GLN B 317 19.33 -17.55 -23.34
C GLN B 317 19.30 -17.07 -21.89
N ALA B 318 19.60 -15.77 -21.72
CA ALA B 318 19.66 -15.16 -20.39
C ALA B 318 18.31 -14.53 -20.08
N LYS B 319 17.70 -14.95 -18.98
CA LYS B 319 16.43 -14.40 -18.50
C LYS B 319 16.73 -13.62 -17.23
N TYR B 320 17.03 -12.34 -17.38
CA TYR B 320 17.37 -11.50 -16.25
C TYR B 320 16.13 -10.85 -15.67
N LEU B 321 16.25 -10.35 -14.43
CA LEU B 321 15.18 -9.64 -13.75
C LEU B 321 15.63 -8.18 -13.63
N ASN B 322 15.33 -7.39 -14.65
CA ASN B 322 15.81 -6.01 -14.68
C ASN B 322 15.05 -5.18 -13.67
N PRO B 323 15.74 -4.55 -12.70
CA PRO B 323 15.03 -3.69 -11.75
C PRO B 323 14.73 -2.32 -12.31
N LEU B 324 15.61 -1.78 -13.15
CA LEU B 324 15.34 -0.50 -13.80
C LEU B 324 14.11 -0.60 -14.69
N LEU B 325 14.03 -1.65 -15.50
CA LEU B 325 12.80 -1.95 -16.21
C LEU B 325 11.78 -2.66 -15.31
N GLY B 326 12.25 -3.29 -14.23
CA GLY B 326 11.36 -3.99 -13.31
C GLY B 326 10.58 -5.12 -13.95
N GLU B 327 11.23 -5.92 -14.80
CA GLU B 327 10.53 -6.97 -15.51
C GLU B 327 11.53 -8.02 -15.98
N TRP B 328 11.00 -9.11 -16.53
CA TRP B 328 11.83 -10.19 -17.05
C TRP B 328 12.43 -9.76 -18.39
N LYS B 329 13.68 -9.32 -18.36
CA LYS B 329 14.38 -8.97 -19.59
C LYS B 329 15.03 -10.20 -20.19
N HIS B 330 15.15 -10.18 -21.51
CA HIS B 330 15.71 -11.29 -22.28
C HIS B 330 17.01 -10.85 -22.94
N PHE B 331 17.96 -11.79 -23.01
CA PHE B 331 19.24 -11.53 -23.65
C PHE B 331 19.76 -12.82 -24.24
N THR B 332 20.73 -12.69 -25.15
CA THR B 332 21.33 -13.84 -25.85
C THR B 332 22.74 -14.02 -25.33
N ALA B 333 22.95 -15.07 -24.54
CA ALA B 333 24.27 -15.37 -24.01
C ALA B 333 25.09 -16.11 -25.05
N SER B 334 26.19 -15.51 -25.48
CA SER B 334 27.04 -16.13 -26.48
C SER B 334 27.85 -17.27 -25.87
N LEU B 335 28.10 -18.30 -26.67
CA LEU B 335 28.89 -19.46 -26.26
C LEU B 335 28.34 -20.08 -24.99
N ALA B 336 27.02 -20.20 -24.92
CA ALA B 336 26.37 -20.76 -23.74
C ALA B 336 26.46 -22.28 -23.77
N PRO B 337 27.12 -22.91 -22.82
CA PRO B 337 27.17 -24.38 -22.81
C PRO B 337 25.83 -24.98 -22.41
N ARG B 338 25.61 -26.22 -22.86
CA ARG B 338 24.39 -26.96 -22.53
C ARG B 338 24.57 -27.62 -21.17
N MET B 339 24.52 -26.79 -20.13
CA MET B 339 24.69 -27.25 -18.76
C MET B 339 23.63 -26.62 -17.88
N SER B 340 23.34 -27.29 -16.76
CA SER B 340 22.37 -26.81 -15.79
C SER B 340 22.96 -26.91 -14.40
N ASN B 341 22.56 -25.97 -13.53
CA ASN B 341 23.01 -25.92 -12.14
C ASN B 341 24.53 -25.88 -12.06
N GLN B 342 25.16 -25.15 -12.97
CA GLN B 342 26.60 -24.99 -12.96
C GLN B 342 27.02 -23.87 -12.02
N GLY B 343 28.12 -24.08 -11.31
CA GLY B 343 28.62 -23.06 -10.41
C GLY B 343 29.02 -21.80 -11.15
N ILE B 344 28.45 -20.66 -10.78
CA ILE B 344 28.69 -19.40 -11.45
C ILE B 344 29.71 -18.61 -10.63
N ALA B 345 30.82 -18.23 -11.26
CA ALA B 345 31.84 -17.43 -10.63
C ALA B 345 31.97 -16.11 -11.36
N VAL B 346 31.87 -15.01 -10.62
CA VAL B 346 31.90 -13.66 -11.18
C VAL B 346 33.19 -13.00 -10.72
N LEU B 347 34.16 -12.92 -11.63
CA LEU B 347 35.44 -12.29 -11.35
C LEU B 347 35.73 -11.26 -12.43
N ASN B 348 36.08 -10.04 -12.00
CA ASN B 348 36.42 -8.94 -12.92
C ASN B 348 35.30 -8.70 -13.92
N ASN B 349 34.06 -8.72 -13.43
CA ASN B 349 32.86 -8.50 -14.25
C ASN B 349 32.75 -9.54 -15.37
N PHE B 350 33.32 -10.71 -15.15
CA PHE B 350 33.23 -11.83 -16.10
C PHE B 350 32.67 -13.03 -15.37
N VAL B 351 31.66 -13.65 -15.97
CA VAL B 351 31.01 -14.81 -15.37
C VAL B 351 31.55 -16.06 -16.02
N TYR B 352 31.70 -17.12 -15.22
CA TYR B 352 32.19 -18.40 -15.72
C TYR B 352 31.38 -19.51 -15.08
N LEU B 353 31.16 -20.58 -15.86
CA LEU B 353 30.40 -21.73 -15.42
C LEU B 353 31.33 -22.91 -15.17
N ILE B 354 31.18 -23.53 -14.01
CA ILE B 354 32.01 -24.67 -13.60
C ILE B 354 31.10 -25.86 -13.36
N GLY B 355 31.49 -27.01 -13.91
CA GLY B 355 30.72 -28.23 -13.76
C GLY B 355 29.38 -28.17 -14.48
N GLY B 356 28.30 -28.37 -13.74
CA GLY B 356 26.97 -28.32 -14.32
C GLY B 356 26.37 -29.68 -14.61
N ASP B 357 25.41 -30.10 -13.79
CA ASP B 357 24.73 -31.37 -14.00
C ASP B 357 23.64 -31.22 -15.05
N ASN B 358 23.60 -32.16 -15.99
CA ASN B 358 22.62 -32.11 -17.06
C ASN B 358 21.68 -33.31 -16.98
N ASN B 359 21.24 -33.65 -15.76
CA ASN B 359 20.38 -34.81 -15.57
C ASN B 359 19.06 -34.69 -16.32
N VAL B 360 18.63 -33.47 -16.65
CA VAL B 360 17.44 -33.30 -17.47
C VAL B 360 17.70 -33.84 -18.87
N GLN B 361 18.87 -33.57 -19.44
CA GLN B 361 19.24 -34.03 -20.77
C GLN B 361 20.16 -35.25 -20.72
N GLY B 362 20.37 -35.83 -19.54
CA GLY B 362 21.25 -37.00 -19.44
C GLY B 362 22.41 -36.71 -18.50
N PHE B 363 22.50 -37.51 -17.44
CA PHE B 363 23.51 -37.30 -16.41
C PHE B 363 24.91 -37.56 -16.94
N ARG B 364 25.68 -36.49 -17.17
CA ARG B 364 27.03 -36.61 -17.66
C ARG B 364 27.78 -35.32 -17.35
N ALA B 365 28.92 -35.45 -16.68
CA ALA B 365 29.73 -34.28 -16.34
C ALA B 365 30.41 -33.72 -17.58
N GLU B 366 30.51 -32.40 -17.63
CA GLU B 366 31.13 -31.70 -18.75
C GLU B 366 32.39 -31.00 -18.27
N SER B 367 33.53 -31.32 -18.90
CA SER B 367 34.79 -30.68 -18.53
C SER B 367 34.90 -29.28 -19.10
N ARG B 368 34.24 -29.02 -20.24
CA ARG B 368 34.30 -27.71 -20.86
C ARG B 368 33.56 -26.67 -20.01
N CYS B 369 33.99 -25.42 -20.12
CA CYS B 369 33.40 -24.33 -19.36
C CYS B 369 33.03 -23.20 -20.31
N TRP B 370 32.01 -22.44 -19.93
CA TRP B 370 31.52 -21.32 -20.71
C TRP B 370 31.62 -20.04 -19.89
N ARG B 371 32.12 -18.98 -20.52
CA ARG B 371 32.30 -17.71 -19.87
C ARG B 371 31.62 -16.59 -20.65
N TYR B 372 30.96 -15.70 -19.91
CA TYR B 372 30.35 -14.51 -20.46
C TYR B 372 31.09 -13.27 -19.97
N ASP B 373 31.17 -12.28 -20.85
CA ASP B 373 31.92 -11.04 -20.59
C ASP B 373 31.00 -9.85 -20.79
N PRO B 374 30.19 -9.52 -19.77
CA PRO B 374 29.36 -8.31 -19.87
C PRO B 374 30.17 -7.05 -20.04
N ARG B 375 31.40 -7.01 -19.51
CA ARG B 375 32.26 -5.85 -19.68
C ARG B 375 32.64 -5.62 -21.14
N HIS B 376 32.89 -6.69 -21.89
CA HIS B 376 33.22 -6.60 -23.30
C HIS B 376 32.00 -6.71 -24.20
N ASN B 377 30.80 -6.78 -23.61
CA ASN B 377 29.55 -6.89 -24.35
C ASN B 377 29.55 -8.11 -25.27
N ARG B 378 30.16 -9.20 -24.80
CA ARG B 378 30.26 -10.43 -25.57
C ARG B 378 30.41 -11.59 -24.60
N TRP B 379 30.76 -12.76 -25.13
CA TRP B 379 30.94 -13.94 -24.30
C TRP B 379 31.79 -14.95 -25.06
N PHE B 380 32.83 -15.44 -24.40
CA PHE B 380 33.71 -16.46 -24.98
C PHE B 380 33.82 -17.61 -24.00
N GLN B 381 33.50 -18.82 -24.46
CA GLN B 381 33.52 -20.00 -23.60
C GLN B 381 34.96 -20.36 -23.27
N ILE B 382 35.43 -19.96 -22.09
CA ILE B 382 36.77 -20.29 -21.62
C ILE B 382 36.67 -21.65 -20.95
N GLN B 383 36.97 -22.70 -21.71
CA GLN B 383 36.85 -24.06 -21.20
C GLN B 383 37.86 -24.31 -20.09
N SER B 384 37.41 -25.03 -19.07
CA SER B 384 38.26 -25.39 -17.94
C SER B 384 38.82 -26.80 -18.12
N LEU B 385 39.66 -27.21 -17.17
CA LEU B 385 40.30 -28.51 -17.21
C LEU B 385 39.30 -29.57 -16.73
N GLN B 386 39.79 -30.80 -16.53
CA GLN B 386 38.94 -31.91 -16.12
C GLN B 386 38.42 -31.67 -14.71
N GLN B 387 37.11 -31.45 -14.58
CA GLN B 387 36.44 -31.23 -13.30
C GLN B 387 35.34 -32.26 -13.17
N GLU B 388 35.67 -33.38 -12.53
CA GLU B 388 34.71 -34.48 -12.34
C GLU B 388 33.81 -34.22 -11.13
N HIS B 389 33.09 -33.10 -11.20
CA HIS B 389 32.18 -32.72 -10.14
C HIS B 389 31.06 -31.87 -10.72
N ALA B 390 29.93 -31.84 -10.01
CA ALA B 390 28.78 -31.06 -10.42
C ALA B 390 28.16 -30.41 -9.18
N ASP B 391 27.42 -29.32 -9.42
CA ASP B 391 26.76 -28.56 -8.35
C ASP B 391 27.76 -28.10 -7.30
N LEU B 392 28.92 -27.62 -7.76
CA LEU B 392 29.98 -27.14 -6.89
C LEU B 392 30.30 -25.69 -7.21
N SER B 393 30.66 -24.93 -6.17
CA SER B 393 31.01 -23.53 -6.31
C SER B 393 32.40 -23.29 -5.74
N VAL B 394 33.14 -22.39 -6.37
CA VAL B 394 34.51 -22.07 -5.99
C VAL B 394 34.58 -20.59 -5.63
N CYS B 395 35.11 -20.30 -4.44
CA CYS B 395 35.34 -18.92 -4.01
C CYS B 395 36.70 -18.47 -4.50
N VAL B 396 36.72 -17.35 -5.22
CA VAL B 396 37.95 -16.86 -5.85
C VAL B 396 38.80 -16.13 -4.81
N VAL B 397 39.83 -16.81 -4.32
CA VAL B 397 40.76 -16.22 -3.36
C VAL B 397 42.09 -16.04 -4.07
N GLY B 398 42.43 -14.80 -4.43
CA GLY B 398 43.64 -14.55 -5.16
C GLY B 398 43.53 -14.99 -6.61
N ARG B 399 44.68 -15.39 -7.18
CA ARG B 399 44.70 -15.83 -8.57
C ARG B 399 43.98 -17.16 -8.76
N TYR B 400 43.76 -17.92 -7.69
CA TYR B 400 43.07 -19.20 -7.75
C TYR B 400 41.74 -19.10 -7.05
N ILE B 401 40.97 -20.19 -7.14
CA ILE B 401 39.67 -20.31 -6.49
C ILE B 401 39.62 -21.65 -5.78
N TYR B 402 39.16 -21.61 -4.53
CA TYR B 402 39.09 -22.78 -3.67
C TYR B 402 37.66 -23.29 -3.64
N ALA B 403 37.49 -24.60 -3.81
CA ALA B 403 36.19 -25.24 -3.76
C ALA B 403 36.29 -26.54 -2.96
N VAL B 404 35.20 -26.90 -2.30
CA VAL B 404 35.15 -28.08 -1.45
C VAL B 404 33.88 -28.87 -1.75
N ALA B 405 33.86 -30.12 -1.26
CA ALA B 405 32.72 -31.02 -1.39
C ALA B 405 32.46 -31.27 -2.86
N GLY B 406 31.26 -31.05 -3.38
CA GLY B 406 30.91 -31.34 -4.75
C GLY B 406 29.94 -32.50 -4.85
N ARG B 407 29.51 -32.75 -6.09
CA ARG B 407 28.56 -33.82 -6.36
C ARG B 407 28.80 -34.35 -7.76
N ASP B 408 28.32 -35.57 -8.00
CA ASP B 408 28.44 -36.21 -9.30
C ASP B 408 27.33 -35.72 -10.22
N TYR B 409 27.16 -36.37 -11.37
CA TYR B 409 26.11 -35.98 -12.30
C TYR B 409 24.73 -36.16 -11.68
N HIS B 410 24.51 -37.28 -10.99
CA HIS B 410 23.25 -37.54 -10.33
C HIS B 410 23.39 -38.10 -8.92
N ASN B 411 24.60 -38.45 -8.48
CA ASN B 411 24.80 -39.03 -7.16
C ASN B 411 25.84 -38.25 -6.36
N ASP B 412 26.22 -38.79 -5.21
CA ASP B 412 27.20 -38.13 -4.35
C ASP B 412 28.60 -38.25 -4.93
N LEU B 413 29.44 -37.28 -4.59
CA LEU B 413 30.84 -37.28 -5.01
C LEU B 413 31.64 -36.44 -4.04
N ASN B 414 32.95 -36.70 -3.99
CA ASN B 414 33.86 -35.98 -3.11
C ASN B 414 35.04 -35.41 -3.88
N ALA B 415 34.97 -35.36 -5.21
CA ALA B 415 36.06 -34.84 -6.03
C ALA B 415 35.99 -33.32 -6.05
N VAL B 416 36.58 -32.70 -5.03
CA VAL B 416 36.62 -31.24 -4.94
C VAL B 416 37.69 -30.74 -5.91
N GLU B 417 37.31 -29.78 -6.75
CA GLU B 417 38.21 -29.24 -7.76
C GLU B 417 38.37 -27.75 -7.57
N ARG B 418 39.62 -27.30 -7.57
CA ARG B 418 39.93 -25.88 -7.45
C ARG B 418 40.06 -25.27 -8.85
N TYR B 419 40.15 -23.95 -8.92
CA TYR B 419 40.18 -23.26 -10.19
C TYR B 419 41.41 -22.37 -10.27
N ASP B 420 41.87 -22.16 -11.50
CA ASP B 420 42.97 -21.23 -11.79
C ASP B 420 42.43 -20.15 -12.73
N PRO B 421 42.05 -18.98 -12.20
CA PRO B 421 41.51 -17.93 -13.08
C PRO B 421 42.50 -17.43 -14.11
N ALA B 422 43.80 -17.45 -13.81
CA ALA B 422 44.78 -16.97 -14.77
C ALA B 422 44.75 -17.79 -16.05
N THR B 423 44.67 -19.12 -15.91
CA THR B 423 44.49 -20.01 -17.05
C THR B 423 43.07 -20.56 -17.15
N ASN B 424 42.20 -20.21 -16.18
CA ASN B 424 40.83 -20.72 -16.13
C ASN B 424 40.81 -22.24 -16.19
N SER B 425 41.69 -22.88 -15.41
CA SER B 425 41.89 -24.32 -15.46
C SER B 425 41.31 -24.97 -14.21
N TRP B 426 40.55 -26.05 -14.41
CA TRP B 426 39.93 -26.77 -13.30
C TRP B 426 40.92 -27.82 -12.78
N ALA B 427 41.70 -27.42 -11.79
CA ALA B 427 42.72 -28.30 -11.24
C ALA B 427 42.21 -28.99 -9.98
N TYR B 428 43.08 -29.82 -9.39
CA TYR B 428 42.70 -30.55 -8.19
C TYR B 428 42.64 -29.62 -6.98
N VAL B 429 41.88 -30.05 -5.98
CA VAL B 429 41.71 -29.32 -4.73
C VAL B 429 41.89 -30.29 -3.57
N ALA B 430 41.69 -29.77 -2.36
CA ALA B 430 41.79 -30.61 -1.17
C ALA B 430 40.65 -31.63 -1.15
N PRO B 431 40.90 -32.84 -0.66
CA PRO B 431 39.85 -33.86 -0.66
C PRO B 431 38.68 -33.46 0.23
N LEU B 432 37.48 -33.83 -0.20
CA LEU B 432 36.28 -33.55 0.58
C LEU B 432 36.19 -34.50 1.77
N LYS B 433 35.55 -34.02 2.84
CA LYS B 433 35.37 -34.86 4.03
C LYS B 433 34.51 -36.06 3.73
N ARG B 434 33.42 -35.87 2.98
CA ARG B 434 32.52 -36.95 2.61
C ARG B 434 31.80 -36.59 1.33
N GLU B 435 31.38 -37.62 0.60
CA GLU B 435 30.64 -37.40 -0.64
C GLU B 435 29.22 -36.94 -0.35
N VAL B 436 28.76 -35.95 -1.13
CA VAL B 436 27.42 -35.40 -0.99
C VAL B 436 26.84 -35.17 -2.38
N TYR B 437 25.51 -35.13 -2.44
CA TYR B 437 24.78 -34.91 -3.68
C TYR B 437 23.78 -33.78 -3.46
N ALA B 438 23.84 -32.77 -4.34
CA ALA B 438 22.98 -31.59 -4.24
C ALA B 438 23.10 -30.95 -2.86
N HIS B 439 24.33 -30.83 -2.37
CA HIS B 439 24.59 -30.35 -1.02
C HIS B 439 24.37 -28.84 -0.94
N ALA B 440 24.55 -28.29 0.26
CA ALA B 440 24.48 -26.85 0.46
C ALA B 440 25.87 -26.33 0.78
N GLY B 441 26.26 -25.26 0.10
CA GLY B 441 27.61 -24.75 0.28
C GLY B 441 27.70 -23.24 0.12
N ALA B 442 28.49 -22.60 0.98
CA ALA B 442 28.63 -21.16 0.92
C ALA B 442 30.00 -20.75 1.45
N THR B 443 30.59 -19.74 0.81
CA THR B 443 31.88 -19.20 1.23
C THR B 443 31.65 -18.17 2.32
N LEU B 444 31.88 -18.57 3.57
CA LEU B 444 31.64 -17.70 4.72
C LEU B 444 32.96 -17.09 5.16
N GLU B 445 33.17 -15.82 4.77
CA GLU B 445 34.36 -15.05 5.17
C GLU B 445 35.64 -15.79 4.79
N GLY B 446 35.76 -16.10 3.51
CA GLY B 446 36.94 -16.78 3.00
C GLY B 446 37.13 -18.18 3.57
N LYS B 447 36.03 -18.89 3.80
CA LYS B 447 36.11 -20.25 4.34
C LYS B 447 34.85 -20.98 3.90
N MET B 448 35.00 -21.99 3.04
CA MET B 448 33.85 -22.71 2.52
C MET B 448 33.19 -23.51 3.64
N TYR B 449 31.87 -23.52 3.65
CA TYR B 449 31.08 -24.33 4.58
C TYR B 449 30.10 -25.16 3.78
N ILE B 450 30.10 -26.47 4.04
CA ILE B 450 29.22 -27.41 3.35
C ILE B 450 28.35 -28.09 4.40
N THR B 451 27.03 -28.00 4.21
CA THR B 451 26.05 -28.60 5.09
C THR B 451 24.99 -29.31 4.26
N CYS B 452 24.17 -30.10 4.93
CA CYS B 452 23.12 -30.91 4.31
C CYS B 452 23.80 -31.87 3.33
N GLY B 453 23.23 -32.09 2.15
CA GLY B 453 23.82 -32.98 1.18
C GLY B 453 23.33 -34.41 1.33
N ARG B 454 23.53 -35.18 0.26
CA ARG B 454 23.05 -36.56 0.21
C ARG B 454 24.24 -37.47 -0.01
N ARG B 455 24.68 -38.13 1.05
CA ARG B 455 25.68 -39.19 0.93
C ARG B 455 24.96 -40.46 0.49
N GLY B 456 25.28 -40.93 -0.72
CA GLY B 456 24.50 -42.00 -1.30
C GLY B 456 23.06 -41.56 -1.43
N GLU B 457 22.14 -42.38 -0.90
CA GLU B 457 20.75 -41.99 -0.85
C GLU B 457 20.43 -41.20 0.42
N ASP B 458 21.21 -41.42 1.49
CA ASP B 458 20.87 -40.87 2.79
C ASP B 458 21.32 -39.41 2.90
N TYR B 459 20.39 -38.56 3.33
CA TYR B 459 20.69 -37.15 3.49
C TYR B 459 21.47 -36.94 4.79
N LEU B 460 22.74 -36.57 4.66
CA LEU B 460 23.59 -36.36 5.82
C LEU B 460 23.38 -34.97 6.41
N LYS B 461 23.65 -34.85 7.71
CA LYS B 461 23.53 -33.58 8.41
C LYS B 461 24.87 -33.05 8.89
N GLU B 462 25.97 -33.75 8.64
CA GLU B 462 27.28 -33.28 9.07
C GLU B 462 27.67 -32.02 8.32
N THR B 463 28.36 -31.13 9.02
CA THR B 463 28.81 -29.86 8.45
C THR B 463 30.32 -29.82 8.42
N HIS B 464 30.89 -29.47 7.28
CA HIS B 464 32.32 -29.39 7.08
C HIS B 464 32.72 -27.95 6.78
N CYS B 465 33.64 -27.41 7.58
CA CYS B 465 34.13 -26.05 7.40
C CYS B 465 35.50 -26.11 6.76
N TYR B 466 35.53 -26.23 5.44
CA TYR B 466 36.79 -26.26 4.70
C TYR B 466 37.28 -24.83 4.52
N ASP B 467 38.13 -24.36 5.44
CA ASP B 467 38.66 -23.00 5.36
C ASP B 467 39.72 -22.93 4.28
N PRO B 468 39.60 -22.01 3.31
CA PRO B 468 40.65 -21.90 2.29
C PRO B 468 42.02 -21.59 2.87
N GLY B 469 42.08 -20.78 3.94
CA GLY B 469 43.36 -20.53 4.58
C GLY B 469 43.94 -21.76 5.24
N SER B 470 43.10 -22.54 5.94
CA SER B 470 43.54 -23.78 6.55
C SER B 470 43.64 -24.93 5.58
N ASN B 471 42.99 -24.84 4.41
CA ASN B 471 43.01 -25.88 3.39
C ASN B 471 42.55 -27.23 3.93
N THR B 472 41.64 -27.20 4.89
CA THR B 472 41.12 -28.43 5.49
C THR B 472 39.76 -28.14 6.12
N TRP B 473 38.99 -29.21 6.31
CA TRP B 473 37.68 -29.07 6.93
C TRP B 473 37.82 -28.77 8.42
N HIS B 474 36.83 -28.04 8.95
CA HIS B 474 36.81 -27.67 10.36
C HIS B 474 35.39 -27.81 10.87
N THR B 475 35.17 -27.46 12.14
CA THR B 475 33.84 -27.55 12.73
C THR B 475 32.93 -26.46 12.18
N LEU B 476 31.66 -26.80 12.02
CA LEU B 476 30.67 -25.86 11.51
C LEU B 476 29.32 -26.19 12.13
N ALA B 477 28.42 -25.20 12.11
CA ALA B 477 27.09 -25.39 12.66
C ALA B 477 26.30 -26.39 11.83
N ASP B 478 25.62 -27.30 12.51
CA ASP B 478 24.84 -28.32 11.82
C ASP B 478 23.63 -27.70 11.13
N GLY B 479 23.27 -28.28 9.98
CA GLY B 479 22.12 -27.82 9.22
C GLY B 479 20.83 -27.92 10.01
N PRO B 480 20.02 -26.85 9.96
CA PRO B 480 18.74 -26.89 10.67
C PRO B 480 17.82 -28.00 10.20
N VAL B 481 17.85 -28.33 8.91
CA VAL B 481 17.05 -29.41 8.35
C VAL B 481 17.99 -30.47 7.80
N ARG B 482 17.85 -31.70 8.28
CA ARG B 482 18.69 -32.82 7.83
C ARG B 482 18.08 -33.41 6.57
N ARG B 483 18.17 -32.64 5.49
CA ARG B 483 17.60 -33.06 4.21
C ARG B 483 18.62 -32.95 3.10
N ALA B 484 18.18 -33.14 1.85
CA ALA B 484 19.04 -33.07 0.69
C ALA B 484 18.41 -32.15 -0.35
N TRP B 485 19.22 -31.74 -1.32
CA TRP B 485 18.79 -30.83 -2.38
C TRP B 485 18.22 -29.53 -1.82
N HIS B 486 18.86 -29.03 -0.76
CA HIS B 486 18.46 -27.78 -0.11
C HIS B 486 19.47 -26.70 -0.45
N GLY B 487 18.99 -25.61 -1.03
CA GLY B 487 19.88 -24.52 -1.41
C GLY B 487 20.39 -23.75 -0.21
N MET B 488 21.57 -23.16 -0.38
CA MET B 488 22.20 -22.34 0.64
C MET B 488 22.41 -20.93 0.11
N ALA B 489 22.03 -19.93 0.92
CA ALA B 489 22.17 -18.54 0.56
C ALA B 489 23.19 -17.87 1.50
N THR B 490 23.67 -16.70 1.07
CA THR B 490 24.63 -15.93 1.86
C THR B 490 23.87 -14.76 2.49
N LEU B 491 23.33 -15.02 3.68
CA LEU B 491 22.56 -14.04 4.42
C LEU B 491 23.38 -13.57 5.62
N LEU B 492 23.61 -12.26 5.72
CA LEU B 492 24.41 -11.66 6.78
C LEU B 492 25.79 -12.32 6.86
N ASN B 493 26.39 -12.58 5.70
CA ASN B 493 27.69 -13.26 5.60
C ASN B 493 27.65 -14.61 6.30
N LYS B 494 26.52 -15.31 6.18
CA LYS B 494 26.32 -16.60 6.81
C LYS B 494 25.64 -17.54 5.84
N LEU B 495 25.94 -18.83 5.97
CA LEU B 495 25.36 -19.86 5.11
C LEU B 495 23.99 -20.22 5.67
N TYR B 496 22.96 -19.56 5.15
CA TYR B 496 21.59 -19.79 5.59
C TYR B 496 20.96 -20.88 4.72
N VAL B 497 20.33 -21.85 5.36
CA VAL B 497 19.65 -22.95 4.67
C VAL B 497 18.16 -22.72 4.76
N ILE B 498 17.49 -22.72 3.61
CA ILE B 498 16.06 -22.46 3.54
C ILE B 498 15.48 -23.29 2.40
N GLY B 499 14.21 -23.66 2.54
CA GLY B 499 13.53 -24.44 1.53
C GLY B 499 13.77 -25.93 1.69
N GLY B 500 14.35 -26.56 0.68
CA GLY B 500 14.60 -27.98 0.74
C GLY B 500 13.37 -28.80 0.42
N SER B 501 13.58 -29.88 -0.32
CA SER B 501 12.49 -30.78 -0.71
C SER B 501 13.07 -32.20 -0.83
N ASN B 502 12.93 -32.97 0.23
CA ASN B 502 13.42 -34.34 0.25
C ASN B 502 12.62 -35.13 1.27
N ASN B 503 12.53 -36.44 1.03
CA ASN B 503 11.79 -37.30 1.95
C ASN B 503 12.52 -37.48 3.27
N ASP B 504 13.86 -37.32 3.25
CA ASP B 504 14.65 -37.50 4.46
C ASP B 504 14.35 -36.45 5.52
N ALA B 505 13.73 -35.33 5.14
CA ALA B 505 13.33 -34.31 6.10
C ALA B 505 12.07 -34.68 6.86
N GLY B 506 11.59 -35.91 6.71
CA GLY B 506 10.36 -36.35 7.36
C GLY B 506 9.29 -36.70 6.34
N TYR B 507 9.18 -35.89 5.29
CA TYR B 507 8.25 -36.13 4.21
C TYR B 507 8.68 -35.31 3.01
N ARG B 508 8.20 -35.69 1.83
CA ARG B 508 8.48 -34.96 0.60
C ARG B 508 7.51 -33.79 0.44
N ARG B 509 7.43 -32.97 1.49
CA ARG B 509 6.55 -31.82 1.53
C ARG B 509 7.37 -30.54 1.63
N ASP B 510 6.72 -29.42 1.36
CA ASP B 510 7.38 -28.11 1.43
C ASP B 510 7.78 -27.81 2.87
N VAL B 511 9.03 -27.38 3.04
CA VAL B 511 9.56 -27.01 4.36
C VAL B 511 9.49 -25.49 4.42
N HIS B 512 8.43 -24.97 5.04
CA HIS B 512 8.22 -23.53 5.16
C HIS B 512 9.02 -22.90 6.27
N GLN B 513 9.71 -23.69 7.09
CA GLN B 513 10.52 -23.18 8.19
C GLN B 513 11.94 -22.94 7.70
N VAL B 514 12.44 -21.73 7.87
CA VAL B 514 13.77 -21.34 7.43
C VAL B 514 14.56 -20.85 8.63
N ALA B 515 15.75 -21.41 8.81
CA ALA B 515 16.66 -20.99 9.87
C ALA B 515 18.03 -20.74 9.27
N CYS B 516 18.68 -19.67 9.72
CA CYS B 516 19.96 -19.25 9.18
C CYS B 516 21.08 -19.93 9.97
N TYR B 517 21.81 -20.83 9.31
CA TYR B 517 22.91 -21.55 9.96
C TYR B 517 24.13 -20.62 9.95
N SER B 518 24.17 -19.72 10.92
CA SER B 518 25.25 -18.73 11.02
C SER B 518 26.49 -19.45 11.53
N CYS B 519 27.48 -19.60 10.64
CA CYS B 519 28.75 -20.21 11.04
C CYS B 519 29.53 -19.29 11.96
N THR B 520 29.44 -17.97 11.74
CA THR B 520 30.11 -17.03 12.63
C THR B 520 29.57 -17.12 14.05
N SER B 521 28.25 -17.19 14.18
CA SER B 521 27.64 -17.50 15.47
C SER B 521 27.60 -19.00 15.75
N GLY B 522 27.81 -19.83 14.74
CA GLY B 522 27.83 -21.27 14.92
C GLY B 522 26.52 -21.84 15.44
N GLN B 523 25.39 -21.34 14.94
CA GLN B 523 24.10 -21.79 15.42
C GLN B 523 23.04 -21.54 14.35
N TRP B 524 21.94 -22.27 14.48
CA TRP B 524 20.80 -22.11 13.57
C TRP B 524 19.89 -21.02 14.12
N SER B 525 20.27 -19.78 13.84
CA SER B 525 19.50 -18.64 14.32
C SER B 525 18.14 -18.59 13.62
N SER B 526 17.15 -18.03 14.32
CA SER B 526 15.81 -17.94 13.77
C SER B 526 15.78 -16.99 12.58
N VAL B 527 15.07 -17.39 11.53
CA VAL B 527 14.93 -16.61 10.32
C VAL B 527 13.46 -16.57 9.93
N CYS B 528 13.14 -15.70 8.99
CA CYS B 528 11.76 -15.59 8.50
C CYS B 528 11.35 -16.89 7.81
N PRO B 529 10.19 -17.45 8.14
CA PRO B 529 9.79 -18.71 7.49
C PRO B 529 9.64 -18.54 5.99
N LEU B 530 10.02 -19.58 5.25
CA LEU B 530 9.95 -19.54 3.80
C LEU B 530 8.51 -19.63 3.34
N PRO B 531 7.98 -18.63 2.62
CA PRO B 531 6.59 -18.74 2.14
C PRO B 531 6.36 -19.92 1.21
N ALA B 532 7.34 -20.25 0.37
CA ALA B 532 7.24 -21.36 -0.57
C ALA B 532 8.36 -22.35 -0.31
N GLY B 533 8.02 -23.64 -0.23
CA GLY B 533 9.00 -24.68 -0.05
C GLY B 533 9.37 -25.37 -1.34
N HIS B 534 10.62 -25.22 -1.76
CA HIS B 534 11.09 -25.82 -3.02
C HIS B 534 12.57 -26.12 -2.88
N GLY B 535 12.95 -27.38 -3.08
CA GLY B 535 14.33 -27.77 -2.97
C GLY B 535 15.17 -27.35 -4.17
N GLU B 536 16.48 -27.29 -3.95
CA GLU B 536 17.45 -26.90 -4.96
C GLU B 536 17.08 -25.56 -5.61
N PRO B 537 16.68 -24.57 -4.82
CA PRO B 537 16.31 -23.27 -5.41
C PRO B 537 17.51 -22.33 -5.50
N GLY B 538 17.62 -21.66 -6.64
CA GLY B 538 18.68 -20.70 -6.84
C GLY B 538 18.52 -19.44 -6.02
N ILE B 539 19.57 -19.06 -5.31
CA ILE B 539 19.50 -17.87 -4.46
C ILE B 539 20.22 -16.71 -5.15
N ALA B 540 19.82 -15.49 -4.78
CA ALA B 540 20.43 -14.29 -5.35
C ALA B 540 20.25 -13.15 -4.35
N VAL B 541 21.36 -12.53 -3.95
CA VAL B 541 21.35 -11.45 -2.99
C VAL B 541 21.49 -10.14 -3.74
N LEU B 542 20.47 -9.28 -3.65
CA LEU B 542 20.46 -7.98 -4.32
C LEU B 542 20.16 -6.92 -3.25
N ASP B 543 21.22 -6.25 -2.78
CA ASP B 543 21.11 -5.21 -1.76
C ASP B 543 20.45 -5.77 -0.49
N ASN B 544 21.12 -6.75 0.10
CA ASN B 544 20.67 -7.40 1.34
C ASN B 544 19.28 -8.02 1.19
N ARG B 545 18.96 -8.50 -0.01
CA ARG B 545 17.69 -9.16 -0.30
C ARG B 545 18.01 -10.51 -0.95
N ILE B 546 18.12 -11.55 -0.13
CA ILE B 546 18.45 -12.88 -0.61
C ILE B 546 17.18 -13.59 -1.05
N TYR B 547 16.81 -13.40 -2.32
CA TYR B 547 15.63 -14.06 -2.86
C TYR B 547 15.98 -15.45 -3.38
N VAL B 548 15.01 -16.34 -3.31
CA VAL B 548 15.15 -17.71 -3.79
C VAL B 548 14.12 -17.95 -4.88
N LEU B 549 14.57 -18.44 -6.03
CA LEU B 549 13.69 -18.66 -7.17
C LEU B 549 14.10 -19.95 -7.86
N GLY B 550 13.19 -20.49 -8.66
CA GLY B 550 13.47 -21.72 -9.39
C GLY B 550 13.48 -22.94 -8.50
N GLY B 551 14.12 -23.99 -9.01
CA GLY B 551 14.18 -25.24 -8.28
C GLY B 551 12.93 -26.09 -8.49
N ARG B 552 12.95 -27.25 -7.84
CA ARG B 552 11.85 -28.20 -7.92
C ARG B 552 11.21 -28.37 -6.54
N SER B 553 9.90 -28.15 -6.48
CA SER B 553 9.15 -28.26 -5.23
C SER B 553 8.51 -29.63 -5.17
N HIS B 554 8.93 -30.44 -4.18
CA HIS B 554 8.36 -31.77 -4.02
C HIS B 554 6.90 -31.71 -3.61
N ASN B 555 6.51 -30.70 -2.83
CA ASN B 555 5.11 -30.57 -2.43
C ASN B 555 4.22 -30.30 -3.63
N ARG B 556 4.66 -29.44 -4.54
CA ARG B 556 3.90 -29.15 -5.75
C ARG B 556 4.12 -30.18 -6.85
N GLY B 557 5.13 -31.03 -6.71
CA GLY B 557 5.38 -32.05 -7.71
C GLY B 557 5.88 -31.53 -9.04
N SER B 558 6.43 -30.31 -9.07
CA SER B 558 6.91 -29.72 -10.30
C SER B 558 7.90 -28.61 -9.95
N ARG B 559 8.38 -27.91 -10.96
CA ARG B 559 9.33 -26.82 -10.75
C ARG B 559 8.63 -25.62 -10.11
N THR B 560 9.44 -24.79 -9.45
CA THR B 560 8.95 -23.59 -8.79
C THR B 560 9.19 -22.38 -9.68
N GLY B 561 8.14 -21.59 -9.90
CA GLY B 561 8.24 -20.42 -10.75
C GLY B 561 7.93 -19.13 -10.01
N TYR B 562 8.22 -19.10 -8.71
CA TYR B 562 7.98 -17.92 -7.89
C TYR B 562 9.19 -17.64 -7.02
N VAL B 563 9.37 -16.38 -6.66
CA VAL B 563 10.46 -15.95 -5.81
C VAL B 563 9.90 -15.22 -4.61
N HIS B 564 10.67 -15.22 -3.53
CA HIS B 564 10.31 -14.52 -2.29
C HIS B 564 11.36 -13.46 -1.99
N ILE B 565 10.90 -12.23 -1.83
CA ILE B 565 11.80 -11.10 -1.56
C ILE B 565 11.80 -10.90 -0.05
N TYR B 566 12.93 -11.22 0.58
CA TYR B 566 13.10 -11.05 2.02
C TYR B 566 14.43 -10.38 2.29
N ASP B 567 14.45 -9.56 3.34
CA ASP B 567 15.65 -8.85 3.76
C ASP B 567 16.00 -9.25 5.19
N VAL B 568 17.24 -9.68 5.40
CA VAL B 568 17.67 -10.08 6.74
C VAL B 568 17.64 -8.89 7.68
N GLU B 569 18.14 -7.74 7.23
CA GLU B 569 18.17 -6.56 8.09
C GLU B 569 16.76 -6.04 8.37
N LYS B 570 15.92 -5.96 7.34
CA LYS B 570 14.58 -5.44 7.50
C LYS B 570 13.61 -6.46 8.06
N ASP B 571 13.96 -7.75 8.04
CA ASP B 571 13.14 -8.84 8.56
C ASP B 571 11.77 -8.93 7.89
N CYS B 572 11.60 -8.30 6.72
CA CYS B 572 10.33 -8.31 6.02
C CYS B 572 10.42 -9.25 4.83
N TRP B 573 9.51 -10.21 4.77
CA TRP B 573 9.44 -11.18 3.68
C TRP B 573 8.11 -11.03 2.96
N GLU B 574 8.16 -10.98 1.64
CA GLU B 574 6.96 -10.88 0.82
C GLU B 574 7.22 -11.61 -0.50
N GLU B 575 6.29 -11.50 -1.43
CA GLU B 575 6.38 -12.16 -2.73
C GLU B 575 7.25 -11.33 -3.66
N GLY B 576 8.31 -11.93 -4.16
CA GLY B 576 9.20 -11.28 -5.09
C GLY B 576 8.72 -11.41 -6.51
N PRO B 577 9.59 -11.10 -7.48
CA PRO B 577 9.21 -11.26 -8.89
C PRO B 577 8.89 -12.71 -9.21
N GLN B 578 7.89 -12.90 -10.06
CA GLN B 578 7.45 -14.23 -10.47
C GLN B 578 7.87 -14.49 -11.90
N LEU B 579 8.54 -15.62 -12.12
CA LEU B 579 8.95 -15.99 -13.47
C LEU B 579 7.74 -16.38 -14.31
N ASP B 580 7.83 -16.12 -15.62
CA ASP B 580 6.77 -16.46 -16.54
C ASP B 580 6.65 -17.96 -16.79
N ASN B 581 7.64 -18.75 -16.35
CA ASN B 581 7.60 -20.20 -16.52
C ASN B 581 8.37 -20.84 -15.39
N SER B 582 7.82 -21.92 -14.84
CA SER B 582 8.49 -22.62 -13.76
C SER B 582 9.75 -23.29 -14.26
N ILE B 583 10.85 -23.14 -13.51
CA ILE B 583 12.13 -23.72 -13.87
C ILE B 583 12.70 -24.44 -12.66
N SER B 584 13.52 -25.45 -12.93
CA SER B 584 14.18 -26.23 -11.89
C SER B 584 15.63 -26.45 -12.25
N GLY B 585 16.50 -26.34 -11.24
CA GLY B 585 17.93 -26.51 -11.48
C GLY B 585 18.51 -25.44 -12.39
N LEU B 586 18.14 -24.19 -12.18
CA LEU B 586 18.62 -23.07 -12.98
C LEU B 586 19.72 -22.33 -12.22
N ALA B 587 20.41 -21.45 -12.95
CA ALA B 587 21.52 -20.69 -12.38
C ALA B 587 21.29 -19.20 -12.63
N ALA B 588 21.67 -18.40 -11.64
CA ALA B 588 21.54 -16.95 -11.72
C ALA B 588 22.63 -16.33 -10.86
N CYS B 589 22.95 -15.07 -11.16
CA CYS B 589 23.98 -14.36 -10.42
C CYS B 589 23.72 -12.86 -10.52
N VAL B 590 24.07 -12.14 -9.45
CA VAL B 590 23.93 -10.69 -9.43
C VAL B 590 25.26 -10.06 -9.81
N LEU B 591 25.24 -9.19 -10.83
CA LEU B 591 26.44 -8.54 -11.30
C LEU B 591 26.06 -7.18 -11.87
N THR B 592 27.07 -6.33 -12.03
CA THR B 592 26.88 -4.99 -12.60
C THR B 592 26.84 -5.12 -14.12
N LEU B 593 25.68 -4.84 -14.70
CA LEU B 593 25.52 -4.96 -16.15
C LEU B 593 25.71 -3.61 -16.82
N PRO B 594 25.76 -3.57 -18.15
CA PRO B 594 25.92 -2.28 -18.84
C PRO B 594 24.71 -1.38 -18.61
N ARG B 595 24.97 -0.07 -18.62
CA ARG B 595 23.90 0.89 -18.41
C ARG B 595 22.88 0.85 -19.55
N SER B 596 23.34 0.60 -20.77
CA SER B 596 22.42 0.50 -21.90
C SER B 596 21.47 -0.69 -21.73
N LEU B 597 21.98 -1.81 -21.22
CA LEU B 597 21.13 -2.97 -21.00
C LEU B 597 20.04 -2.68 -19.98
N LEU B 598 20.38 -1.97 -18.90
CA LEU B 598 19.38 -1.60 -17.91
C LEU B 598 18.43 -0.53 -18.43
N LEU B 599 18.85 0.26 -19.41
CA LEU B 599 18.00 1.29 -19.99
C LEU B 599 17.20 0.81 -21.18
N GLU B 600 17.34 -0.47 -21.55
CA GLU B 600 16.61 -1.02 -22.68
C GLU B 600 16.38 -2.52 -22.50
N ARG C 17 -13.95 10.36 39.53
CA ARG C 17 -14.25 11.56 38.77
C ARG C 17 -15.61 12.12 39.17
N ILE C 18 -15.61 13.08 40.10
CA ILE C 18 -16.84 13.71 40.60
C ILE C 18 -16.70 15.22 40.45
N ARG C 19 -17.71 15.84 39.85
CA ARG C 19 -17.70 17.28 39.61
C ARG C 19 -18.76 17.95 40.47
N ALA C 20 -18.40 19.10 41.05
CA ALA C 20 -19.32 19.87 41.87
C ALA C 20 -20.17 20.78 40.98
N PHE C 21 -21.49 20.66 41.10
CA PHE C 21 -22.39 21.41 40.24
C PHE C 21 -22.58 22.82 40.77
N PRO C 22 -22.27 23.85 39.99
CA PRO C 22 -22.55 25.23 40.43
C PRO C 22 -23.89 25.72 39.92
N MET C 23 -24.55 26.54 40.74
CA MET C 23 -25.85 27.06 40.39
C MET C 23 -26.06 28.41 41.07
N THR C 24 -26.77 29.31 40.39
CA THR C 24 -27.05 30.63 40.93
C THR C 24 -28.27 31.19 40.21
N MET C 25 -28.85 32.24 40.80
CA MET C 25 -30.01 32.91 40.22
C MET C 25 -30.08 34.33 40.74
N ASP C 26 -30.81 35.17 40.01
CA ASP C 26 -30.99 36.57 40.39
C ASP C 26 -32.24 37.10 39.70
N GLU C 27 -32.73 38.24 40.19
CA GLU C 27 -33.90 38.88 39.63
C GLU C 27 -33.69 40.32 39.21
N LYS C 28 -32.91 41.10 39.95
CA LYS C 28 -32.60 42.48 39.59
C LYS C 28 -31.19 42.65 39.06
N TYR C 29 -30.27 41.76 39.45
CA TYR C 29 -28.92 41.81 38.90
C TYR C 29 -28.93 41.65 37.39
N VAL C 30 -29.85 40.82 36.87
CA VAL C 30 -29.97 40.67 35.42
C VAL C 30 -30.36 41.99 34.77
N ASN C 31 -31.30 42.71 35.37
CA ASN C 31 -31.72 44.01 34.83
C ASN C 31 -30.58 45.02 34.89
N SER C 32 -29.83 45.03 36.00
CA SER C 32 -28.71 45.96 36.11
C SER C 32 -27.65 45.66 35.07
N ILE C 33 -27.34 44.37 34.86
CA ILE C 33 -26.34 44.00 33.87
C ILE C 33 -26.81 44.39 32.47
N TRP C 34 -28.09 44.16 32.17
CA TRP C 34 -28.60 44.57 30.87
C TRP C 34 -28.52 46.07 30.68
N ASP C 35 -28.85 46.84 31.72
CA ASP C 35 -28.77 48.29 31.61
C ASP C 35 -27.33 48.74 31.36
N LEU C 36 -26.38 48.14 32.06
CA LEU C 36 -24.97 48.49 31.85
C LEU C 36 -24.54 48.16 30.43
N LEU C 37 -24.94 46.99 29.92
CA LEU C 37 -24.58 46.61 28.56
C LEU C 37 -25.20 47.56 27.54
N LYS C 38 -26.46 47.97 27.76
CA LYS C 38 -27.11 48.90 26.87
C LYS C 38 -26.39 50.25 26.87
N ASN C 39 -25.99 50.72 28.05
CA ASN C 39 -25.23 51.97 28.13
C ASN C 39 -23.92 51.86 27.37
N ALA C 40 -23.22 50.73 27.53
CA ALA C 40 -21.96 50.55 26.80
C ALA C 40 -22.18 50.53 25.30
N ILE C 41 -23.24 49.86 24.84
CA ILE C 41 -23.51 49.79 23.41
C ILE C 41 -23.82 51.18 22.87
N GLN C 42 -24.61 51.95 23.60
CA GLN C 42 -24.92 53.31 23.16
C GLN C 42 -23.67 54.17 23.12
N GLU C 43 -22.79 54.02 24.13
CA GLU C 43 -21.55 54.78 24.14
C GLU C 43 -20.68 54.44 22.94
N ILE C 44 -20.62 53.15 22.58
CA ILE C 44 -19.90 52.75 21.38
C ILE C 44 -20.52 53.40 20.15
N GLN C 45 -21.85 53.39 20.08
CA GLN C 45 -22.56 53.99 18.96
C GLN C 45 -22.37 55.49 18.88
N ARG C 46 -21.96 56.15 19.97
CA ARG C 46 -21.62 57.57 19.95
C ARG C 46 -20.15 57.80 19.65
N LYS C 47 -19.44 56.77 19.17
CA LYS C 47 -18.03 56.87 18.80
C LYS C 47 -17.18 57.35 19.97
N ASN C 48 -17.42 56.76 21.13
CA ASN C 48 -16.69 57.11 22.36
C ASN C 48 -16.29 55.83 23.09
N ASN C 49 -15.70 54.89 22.35
CA ASN C 49 -15.39 53.56 22.88
C ASN C 49 -14.04 53.48 23.57
N SER C 50 -13.26 54.55 23.59
CA SER C 50 -11.89 54.51 24.09
C SER C 50 -11.82 54.57 25.61
N GLY C 51 -12.91 54.33 26.33
CA GLY C 51 -12.88 54.40 27.76
C GLY C 51 -13.51 53.20 28.45
N LEU C 52 -13.98 52.24 27.67
CA LEU C 52 -14.64 51.06 28.20
C LEU C 52 -13.62 49.95 28.49
N SER C 53 -14.12 48.84 29.02
CA SER C 53 -13.30 47.68 29.31
C SER C 53 -13.89 46.46 28.63
N PHE C 54 -13.04 45.68 27.97
CA PHE C 54 -13.52 44.52 27.24
C PHE C 54 -13.96 43.40 28.17
N GLU C 55 -13.18 43.14 29.22
CA GLU C 55 -13.47 42.01 30.09
C GLU C 55 -14.82 42.16 30.78
N GLU C 56 -15.11 43.37 31.28
CA GLU C 56 -16.36 43.58 32.00
C GLU C 56 -17.57 43.26 31.14
N LEU C 57 -17.61 43.84 29.93
CA LEU C 57 -18.76 43.65 29.07
C LEU C 57 -18.89 42.21 28.59
N TYR C 58 -17.78 41.59 28.22
CA TYR C 58 -17.84 40.21 27.76
C TYR C 58 -18.28 39.27 28.87
N ARG C 59 -17.77 39.48 30.08
CA ARG C 59 -18.18 38.66 31.21
C ARG C 59 -19.66 38.86 31.52
N ASN C 60 -20.14 40.10 31.43
CA ASN C 60 -21.55 40.36 31.66
C ASN C 60 -22.43 39.66 30.62
N ALA C 61 -22.01 39.72 29.35
CA ALA C 61 -22.77 39.05 28.30
C ALA C 61 -22.77 37.54 28.50
N TYR C 62 -21.62 36.97 28.90
CA TYR C 62 -21.55 35.55 29.16
C TYR C 62 -22.47 35.16 30.32
N THR C 63 -22.50 35.98 31.37
CA THR C 63 -23.40 35.71 32.49
C THR C 63 -24.85 35.78 32.05
N MET C 64 -25.20 36.77 31.21
CA MET C 64 -26.56 36.87 30.71
C MET C 64 -26.96 35.62 29.92
N VAL C 65 -26.07 35.16 29.05
CA VAL C 65 -26.38 33.99 28.23
C VAL C 65 -26.48 32.74 29.09
N LEU C 66 -25.61 32.63 30.10
CA LEU C 66 -25.54 31.41 30.89
C LEU C 66 -26.78 31.18 31.73
N HIS C 67 -27.64 32.19 31.90
CA HIS C 67 -28.83 32.06 32.73
C HIS C 67 -30.10 32.04 31.89
N LYS C 68 -29.99 31.64 30.62
CA LYS C 68 -31.14 31.48 29.73
C LYS C 68 -31.92 32.78 29.58
N HIS C 69 -31.24 33.79 29.03
CA HIS C 69 -31.87 35.08 28.79
C HIS C 69 -31.44 35.67 27.45
N GLY C 70 -31.12 34.81 26.49
CA GLY C 70 -30.65 35.28 25.20
C GLY C 70 -31.69 36.10 24.44
N GLU C 71 -32.96 35.73 24.57
CA GLU C 71 -34.00 36.42 23.84
C GLU C 71 -34.10 37.89 24.26
N LYS C 72 -34.03 38.15 25.56
CA LYS C 72 -34.08 39.52 26.05
C LYS C 72 -32.91 40.33 25.50
N LEU C 73 -31.71 39.75 25.51
CA LEU C 73 -30.54 40.45 24.98
C LEU C 73 -30.70 40.75 23.50
N TYR C 74 -31.19 39.77 22.73
CA TYR C 74 -31.37 39.97 21.29
C TYR C 74 -32.38 41.07 21.02
N THR C 75 -33.51 41.05 21.73
CA THR C 75 -34.53 42.07 21.53
C THR C 75 -34.00 43.45 21.90
N GLY C 76 -33.28 43.55 23.00
CA GLY C 76 -32.71 44.84 23.39
C GLY C 76 -31.70 45.35 22.38
N LEU C 77 -30.85 44.46 21.88
CA LEU C 77 -29.87 44.88 20.87
C LEU C 77 -30.55 45.39 19.62
N ARG C 78 -31.56 44.66 19.14
CA ARG C 78 -32.26 45.10 17.93
C ARG C 78 -32.94 46.44 18.16
N GLU C 79 -33.61 46.60 19.31
CA GLU C 79 -34.29 47.86 19.59
C GLU C 79 -33.31 49.02 19.65
N VAL C 80 -32.18 48.82 20.32
CA VAL C 80 -31.19 49.90 20.44
C VAL C 80 -30.64 50.29 19.07
N VAL C 81 -30.30 49.29 18.26
CA VAL C 81 -29.71 49.57 16.95
C VAL C 81 -30.71 50.31 16.07
N THR C 82 -31.95 49.82 16.01
CA THR C 82 -32.93 50.47 15.14
C THR C 82 -33.27 51.86 15.63
N GLU C 83 -33.35 52.06 16.96
CA GLU C 83 -33.63 53.39 17.49
C GLU C 83 -32.51 54.37 17.14
N HIS C 84 -31.26 53.93 17.28
CA HIS C 84 -30.14 54.81 16.96
C HIS C 84 -30.11 55.15 15.48
N LEU C 85 -30.34 54.16 14.61
CA LEU C 85 -30.32 54.45 13.19
C LEU C 85 -31.45 55.37 12.78
N ILE C 86 -32.65 55.16 13.34
CA ILE C 86 -33.79 55.99 12.96
C ILE C 86 -33.63 57.41 13.47
N ASN C 87 -33.19 57.56 14.72
CA ASN C 87 -33.24 58.87 15.36
C ASN C 87 -32.06 59.76 14.98
N LYS C 88 -30.96 59.19 14.48
CA LYS C 88 -29.76 59.97 14.20
C LYS C 88 -29.36 59.93 12.73
N VAL C 89 -29.21 58.74 12.15
CA VAL C 89 -28.62 58.64 10.82
C VAL C 89 -29.54 59.21 9.76
N ARG C 90 -30.84 58.89 9.85
CA ARG C 90 -31.78 59.32 8.82
C ARG C 90 -31.90 60.83 8.75
N GLU C 91 -31.95 61.52 9.88
CA GLU C 91 -32.04 62.98 9.92
C GLU C 91 -30.68 63.63 9.70
N ASP C 92 -29.64 62.82 9.61
CA ASP C 92 -28.34 63.30 9.18
C ASP C 92 -28.12 63.13 7.69
N VAL C 93 -28.80 62.19 7.04
CA VAL C 93 -28.75 62.04 5.60
C VAL C 93 -29.76 62.97 4.91
N LEU C 94 -30.96 63.09 5.48
CA LEU C 94 -31.99 63.94 4.87
C LEU C 94 -31.56 65.39 4.83
N ASN C 95 -30.85 65.85 5.86
CA ASN C 95 -30.38 67.24 5.88
C ASN C 95 -29.37 67.50 4.76
N SER C 96 -28.61 66.48 4.35
CA SER C 96 -27.65 66.60 3.26
C SER C 96 -28.22 66.04 1.96
N LEU C 97 -29.53 66.19 1.76
CA LEU C 97 -30.18 65.61 0.60
C LEU C 97 -29.68 66.25 -0.70
N ASN C 98 -29.53 67.57 -0.70
CA ASN C 98 -29.21 68.31 -1.92
C ASN C 98 -27.76 68.77 -1.99
N ASN C 99 -26.92 68.28 -1.08
CA ASN C 99 -25.50 68.64 -1.10
C ASN C 99 -24.68 67.59 -0.35
N ASN C 100 -23.61 67.11 -0.99
CA ASN C 100 -22.70 66.13 -0.39
C ASN C 100 -23.47 64.91 0.12
N PHE C 101 -24.49 64.50 -0.64
CA PHE C 101 -25.32 63.38 -0.22
C PHE C 101 -24.53 62.08 -0.22
N LEU C 102 -23.76 61.85 -1.28
CA LEU C 102 -23.00 60.61 -1.39
C LEU C 102 -21.95 60.51 -0.29
N GLN C 103 -21.24 61.61 -0.01
CA GLN C 103 -20.23 61.58 1.03
C GLN C 103 -20.85 61.30 2.40
N THR C 104 -21.98 61.92 2.71
CA THR C 104 -22.64 61.67 3.98
C THR C 104 -23.09 60.23 4.08
N LEU C 105 -23.65 59.67 3.00
CA LEU C 105 -24.09 58.28 3.03
C LEU C 105 -22.91 57.35 3.23
N ASN C 106 -21.80 57.59 2.55
CA ASN C 106 -20.62 56.75 2.70
C ASN C 106 -20.08 56.82 4.12
N GLN C 107 -20.04 58.02 4.70
CA GLN C 107 -19.56 58.17 6.07
C GLN C 107 -20.45 57.41 7.05
N ALA C 108 -21.77 57.53 6.87
CA ALA C 108 -22.68 56.80 7.75
C ALA C 108 -22.50 55.29 7.60
N TRP C 109 -22.31 54.81 6.37
CA TRP C 109 -22.10 53.40 6.14
C TRP C 109 -20.84 52.89 6.83
N ASN C 110 -19.74 53.65 6.70
CA ASN C 110 -18.49 53.24 7.34
C ASN C 110 -18.61 53.24 8.85
N ASP C 111 -19.26 54.27 9.41
CA ASP C 111 -19.44 54.32 10.86
C ASP C 111 -20.27 53.16 11.34
N HIS C 112 -21.33 52.81 10.60
CA HIS C 112 -22.15 51.66 10.98
C HIS C 112 -21.35 50.37 10.93
N GLN C 113 -20.51 50.22 9.90
CA GLN C 113 -19.66 49.03 9.82
C GLN C 113 -18.77 48.92 11.05
N THR C 114 -18.10 50.01 11.42
CA THR C 114 -17.19 49.96 12.55
C THR C 114 -17.93 49.65 13.85
N ALA C 115 -19.08 50.30 14.06
CA ALA C 115 -19.84 50.06 15.28
C ALA C 115 -20.31 48.62 15.37
N MET C 116 -20.79 48.07 14.26
CA MET C 116 -21.25 46.68 14.27
C MET C 116 -20.10 45.72 14.52
N VAL C 117 -18.93 46.00 13.95
CA VAL C 117 -17.77 45.13 14.18
C VAL C 117 -17.43 45.10 15.66
N MET C 118 -17.36 46.28 16.29
CA MET C 118 -17.02 46.30 17.70
C MET C 118 -18.09 45.62 18.55
N ILE C 119 -19.37 45.85 18.22
CA ILE C 119 -20.44 45.24 19.01
C ILE C 119 -20.40 43.71 18.89
N ARG C 120 -20.23 43.18 17.69
CA ARG C 120 -20.15 41.73 17.57
C ARG C 120 -18.91 41.18 18.25
N ASP C 121 -17.83 41.97 18.30
CA ASP C 121 -16.65 41.54 19.05
C ASP C 121 -16.96 41.43 20.53
N ILE C 122 -17.73 42.37 21.07
CA ILE C 122 -18.06 42.32 22.50
C ILE C 122 -18.98 41.16 22.82
N LEU C 123 -20.00 40.94 22.00
CA LEU C 123 -21.02 39.92 22.25
C LEU C 123 -20.73 38.63 21.50
N MET C 124 -19.46 38.28 21.37
CA MET C 124 -19.08 37.11 20.58
C MET C 124 -19.68 35.83 21.14
N TYR C 125 -19.73 35.70 22.47
CA TYR C 125 -20.22 34.46 23.07
C TYR C 125 -21.68 34.21 22.73
N MET C 126 -22.50 35.26 22.78
CA MET C 126 -23.91 35.09 22.45
C MET C 126 -24.10 34.65 21.00
N ASP C 127 -23.26 35.19 20.11
CA ASP C 127 -23.37 34.84 18.69
C ASP C 127 -23.14 33.36 18.45
N ARG C 128 -22.16 32.77 19.14
CA ARG C 128 -21.80 31.39 18.89
C ARG C 128 -22.65 30.38 19.63
N VAL C 129 -23.58 30.83 20.48
CA VAL C 129 -24.42 29.89 21.22
C VAL C 129 -25.90 30.16 20.94
N TYR C 130 -26.37 31.35 21.33
CA TYR C 130 -27.79 31.64 21.22
C TYR C 130 -28.24 31.67 19.76
N VAL C 131 -27.47 32.34 18.91
CA VAL C 131 -27.82 32.40 17.49
C VAL C 131 -27.67 31.03 16.84
N GLN C 132 -26.62 30.29 17.21
CA GLN C 132 -26.38 28.98 16.62
C GLN C 132 -27.51 28.01 16.95
N GLN C 133 -28.00 28.04 18.18
CA GLN C 133 -28.99 27.06 18.61
C GLN C 133 -30.39 27.41 18.10
N ASN C 134 -30.85 28.62 18.41
CA ASN C 134 -32.20 29.04 18.04
C ASN C 134 -32.36 29.32 16.55
N ASN C 135 -31.26 29.30 15.79
CA ASN C 135 -31.29 29.41 14.33
C ASN C 135 -31.93 30.73 13.90
N VAL C 136 -31.27 31.83 14.27
CA VAL C 136 -31.66 33.16 13.82
C VAL C 136 -30.46 33.78 13.11
N GLU C 137 -30.62 35.00 12.62
CA GLU C 137 -29.53 35.70 11.95
C GLU C 137 -28.55 36.26 12.97
N ASN C 138 -27.26 36.17 12.66
CA ASN C 138 -26.23 36.61 13.59
C ASN C 138 -26.20 38.15 13.67
N VAL C 139 -25.25 38.66 14.46
CA VAL C 139 -25.24 40.08 14.78
C VAL C 139 -24.94 40.92 13.55
N TYR C 140 -23.90 40.54 12.80
CA TYR C 140 -23.49 41.36 11.66
C TYR C 140 -24.59 41.41 10.60
N ASN C 141 -25.19 40.27 10.29
CA ASN C 141 -26.29 40.27 9.33
C ASN C 141 -27.49 41.03 9.86
N LEU C 142 -27.74 40.98 11.17
CA LEU C 142 -28.82 41.76 11.75
C LEU C 142 -28.60 43.25 11.54
N GLY C 143 -27.37 43.72 11.80
CA GLY C 143 -27.06 45.12 11.57
C GLY C 143 -27.19 45.51 10.11
N LEU C 144 -26.71 44.65 9.21
CA LEU C 144 -26.84 44.93 7.79
C LEU C 144 -28.31 45.01 7.38
N ILE C 145 -29.14 44.10 7.88
CA ILE C 145 -30.55 44.08 7.53
C ILE C 145 -31.22 45.36 8.02
N ILE C 146 -30.95 45.75 9.26
CA ILE C 146 -31.58 46.95 9.81
C ILE C 146 -31.15 48.17 9.02
N PHE C 147 -29.85 48.28 8.71
CA PHE C 147 -29.39 49.44 7.94
C PHE C 147 -30.03 49.48 6.56
N ARG C 148 -30.12 48.33 5.89
CA ARG C 148 -30.73 48.29 4.57
C ARG C 148 -32.20 48.69 4.63
N ASP C 149 -32.93 48.19 5.63
CA ASP C 149 -34.36 48.42 5.69
C ASP C 149 -34.73 49.78 6.25
N GLN C 150 -33.81 50.49 6.89
CA GLN C 150 -34.16 51.76 7.51
C GLN C 150 -33.33 52.95 7.03
N VAL C 151 -32.35 52.76 6.15
CA VAL C 151 -31.58 53.88 5.65
C VAL C 151 -31.59 53.91 4.13
N VAL C 152 -31.11 52.82 3.50
CA VAL C 152 -30.96 52.81 2.05
C VAL C 152 -32.32 52.71 1.37
N ARG C 153 -33.15 51.78 1.82
CA ARG C 153 -34.43 51.51 1.15
C ARG C 153 -35.56 52.40 1.65
N TYR C 154 -35.24 53.45 2.40
CA TYR C 154 -36.24 54.46 2.71
C TYR C 154 -36.64 55.18 1.43
N GLY C 155 -37.95 55.44 1.30
CA GLY C 155 -38.51 55.95 0.07
C GLY C 155 -37.80 57.14 -0.55
N CYS C 156 -37.82 58.28 0.15
CA CYS C 156 -37.21 59.49 -0.39
C CYS C 156 -35.71 59.30 -0.61
N ILE C 157 -35.03 58.67 0.35
CA ILE C 157 -33.59 58.47 0.23
C ILE C 157 -33.27 57.59 -0.96
N ARG C 158 -34.01 56.49 -1.13
CA ARG C 158 -33.77 55.60 -2.25
C ARG C 158 -34.03 56.30 -3.58
N ASP C 159 -35.12 57.06 -3.66
CA ASP C 159 -35.42 57.77 -4.90
C ASP C 159 -34.34 58.79 -5.24
N HIS C 160 -33.89 59.56 -4.25
CA HIS C 160 -32.85 60.53 -4.50
C HIS C 160 -31.54 59.87 -4.90
N LEU C 161 -31.19 58.76 -4.26
CA LEU C 161 -29.98 58.03 -4.62
C LEU C 161 -30.05 57.55 -6.07
N ARG C 162 -31.18 56.96 -6.44
CA ARG C 162 -31.34 56.46 -7.81
C ARG C 162 -31.24 57.59 -8.82
N GLN C 163 -31.93 58.70 -8.56
CA GLN C 163 -31.90 59.82 -9.48
C GLN C 163 -30.50 60.41 -9.59
N THR C 164 -29.81 60.56 -8.46
CA THR C 164 -28.46 61.12 -8.48
C THR C 164 -27.51 60.24 -9.27
N LEU C 165 -27.57 58.92 -9.03
CA LEU C 165 -26.67 58.02 -9.74
C LEU C 165 -26.95 58.04 -11.24
N LEU C 166 -28.22 57.99 -11.63
CA LEU C 166 -28.55 58.00 -13.04
C LEU C 166 -28.15 59.31 -13.70
N ASP C 167 -28.38 60.44 -13.03
CA ASP C 167 -28.00 61.73 -13.57
C ASP C 167 -26.48 61.83 -13.73
N MET C 168 -25.73 61.34 -12.75
CA MET C 168 -24.28 61.37 -12.84
C MET C 168 -23.79 60.52 -14.01
N ILE C 169 -24.36 59.33 -14.18
CA ILE C 169 -23.96 58.46 -15.28
C ILE C 169 -24.26 59.12 -16.61
N ALA C 170 -25.46 59.71 -16.75
CA ALA C 170 -25.83 60.35 -18.01
C ALA C 170 -24.93 61.55 -18.30
N ARG C 171 -24.65 62.37 -17.28
CA ARG C 171 -23.81 63.54 -17.48
C ARG C 171 -22.39 63.14 -17.87
N GLU C 172 -21.85 62.09 -17.26
CA GLU C 172 -20.55 61.59 -17.70
C GLU C 172 -20.61 61.06 -19.12
N ARG C 173 -21.71 60.40 -19.48
CA ARG C 173 -21.87 59.94 -20.86
C ARG C 173 -21.88 61.11 -21.83
N LYS C 174 -22.42 62.25 -21.43
CA LYS C 174 -22.41 63.44 -22.26
C LYS C 174 -21.03 64.07 -22.40
N GLY C 175 -20.04 63.60 -21.63
CA GLY C 175 -18.69 64.10 -21.72
C GLY C 175 -18.23 64.92 -20.53
N GLU C 176 -19.14 65.31 -19.63
CA GLU C 176 -18.76 66.09 -18.47
C GLU C 176 -18.12 65.16 -17.44
N VAL C 177 -16.90 65.49 -17.01
CA VAL C 177 -16.18 64.66 -16.05
C VAL C 177 -16.79 64.85 -14.67
N VAL C 178 -17.02 63.74 -13.97
CA VAL C 178 -17.62 63.73 -12.64
C VAL C 178 -16.85 62.74 -11.77
N ASP C 179 -17.31 62.59 -10.53
CA ASP C 179 -16.69 61.66 -9.60
C ASP C 179 -16.87 60.23 -10.06
N ARG C 180 -15.93 59.38 -9.69
CA ARG C 180 -15.97 57.95 -10.01
C ARG C 180 -15.85 57.07 -8.79
N GLY C 181 -15.09 57.47 -7.78
CA GLY C 181 -14.94 56.65 -6.60
C GLY C 181 -16.23 56.49 -5.81
N ALA C 182 -17.07 57.52 -5.78
CA ALA C 182 -18.32 57.44 -5.05
C ALA C 182 -19.24 56.38 -5.64
N ILE C 183 -19.26 56.28 -6.98
CA ILE C 183 -20.09 55.26 -7.63
C ILE C 183 -19.62 53.87 -7.23
N ARG C 184 -18.30 53.65 -7.22
CA ARG C 184 -17.77 52.36 -6.83
C ARG C 184 -18.07 52.06 -5.37
N ASN C 185 -17.99 53.07 -4.51
CA ASN C 185 -18.34 52.87 -3.10
C ASN C 185 -19.80 52.47 -2.95
N ALA C 186 -20.69 53.13 -3.70
CA ALA C 186 -22.10 52.78 -3.65
C ALA C 186 -22.33 51.35 -4.15
N CYS C 187 -21.64 50.96 -5.22
CA CYS C 187 -21.79 49.61 -5.72
C CYS C 187 -21.31 48.59 -4.70
N GLN C 188 -20.18 48.85 -4.05
CA GLN C 188 -19.66 47.93 -3.05
C GLN C 188 -20.60 47.83 -1.85
N MET C 189 -21.15 48.96 -1.41
CA MET C 189 -22.06 48.90 -0.27
C MET C 189 -23.35 48.20 -0.64
N LEU C 190 -23.79 48.30 -1.90
CA LEU C 190 -24.95 47.52 -2.33
C LEU C 190 -24.64 46.03 -2.37
N MET C 191 -23.44 45.66 -2.85
CA MET C 191 -23.00 44.28 -2.75
C MET C 191 -23.08 43.78 -1.31
N ILE C 192 -22.54 44.55 -0.37
CA ILE C 192 -22.54 44.12 1.02
C ILE C 192 -23.96 44.01 1.54
N LEU C 193 -24.80 44.98 1.23
CA LEU C 193 -26.20 44.95 1.67
C LEU C 193 -27.00 43.86 0.99
N GLY C 194 -26.47 43.23 -0.05
CA GLY C 194 -27.13 42.08 -0.62
C GLY C 194 -27.01 40.81 0.18
N LEU C 195 -26.35 40.87 1.34
CA LEU C 195 -26.18 39.74 2.25
C LEU C 195 -25.35 38.64 1.62
N GLU C 196 -25.93 37.91 0.68
CA GLU C 196 -25.20 36.83 0.01
C GLU C 196 -25.21 36.97 -1.50
N GLY C 197 -26.32 37.41 -2.08
CA GLY C 197 -26.46 37.54 -3.52
C GLY C 197 -26.39 38.98 -3.98
N ARG C 198 -27.05 39.26 -5.10
CA ARG C 198 -27.11 40.59 -5.69
C ARG C 198 -28.54 41.05 -5.88
N SER C 199 -29.46 40.54 -5.05
CA SER C 199 -30.87 40.84 -5.21
C SER C 199 -31.14 42.34 -5.04
N VAL C 200 -30.55 42.96 -4.01
CA VAL C 200 -30.75 44.38 -3.80
C VAL C 200 -30.20 45.18 -4.98
N TYR C 201 -29.01 44.82 -5.44
CA TYR C 201 -28.38 45.53 -6.55
C TYR C 201 -29.21 45.41 -7.82
N GLU C 202 -29.71 44.21 -8.10
CA GLU C 202 -30.49 44.00 -9.32
C GLU C 202 -31.85 44.70 -9.22
N GLU C 203 -32.50 44.64 -8.07
CA GLU C 203 -33.85 45.16 -7.93
C GLU C 203 -33.88 46.66 -7.64
N ASP C 204 -32.76 47.28 -7.33
CA ASP C 204 -32.74 48.69 -6.99
C ASP C 204 -31.92 49.55 -7.94
N PHE C 205 -31.00 48.98 -8.68
CA PHE C 205 -30.15 49.80 -9.54
C PHE C 205 -30.07 49.28 -10.97
N GLU C 206 -30.20 47.96 -11.19
CA GLU C 206 -29.99 47.40 -12.51
C GLU C 206 -31.05 47.87 -13.50
N ALA C 207 -32.32 47.74 -13.13
CA ALA C 207 -33.40 48.05 -14.08
C ALA C 207 -33.39 49.50 -14.54
N PRO C 208 -33.32 50.51 -13.66
CA PRO C 208 -33.29 51.89 -14.17
C PRO C 208 -32.08 52.18 -15.03
N PHE C 209 -30.91 51.67 -14.65
CA PHE C 209 -29.72 51.89 -15.46
C PHE C 209 -29.88 51.26 -16.84
N LEU C 210 -30.39 50.03 -16.89
CA LEU C 210 -30.56 49.36 -18.17
C LEU C 210 -31.57 50.08 -19.05
N GLU C 211 -32.69 50.53 -18.49
CA GLU C 211 -33.69 51.19 -19.32
C GLU C 211 -33.19 52.54 -19.81
N MET C 212 -32.52 53.31 -18.95
CA MET C 212 -31.98 54.59 -19.39
C MET C 212 -30.90 54.40 -20.44
N SER C 213 -30.06 53.36 -20.27
CA SER C 213 -29.05 53.07 -21.27
C SER C 213 -29.68 52.69 -22.59
N ALA C 214 -30.76 51.91 -22.55
CA ALA C 214 -31.46 51.55 -23.78
C ALA C 214 -32.00 52.78 -24.49
N GLU C 215 -32.63 53.69 -23.75
CA GLU C 215 -33.17 54.90 -24.36
C GLU C 215 -32.07 55.76 -24.96
N PHE C 216 -31.00 55.98 -24.20
CA PHE C 216 -29.90 56.81 -24.69
C PHE C 216 -29.24 56.18 -25.91
N PHE C 217 -29.06 54.86 -25.88
CA PHE C 217 -28.46 54.16 -27.01
C PHE C 217 -29.34 54.23 -28.23
N GLN C 218 -30.66 54.13 -28.05
CA GLN C 218 -31.59 54.27 -29.17
C GLN C 218 -31.46 55.65 -29.80
N MET C 219 -31.45 56.70 -28.97
CA MET C 219 -31.31 58.05 -29.50
C MET C 219 -29.98 58.23 -30.22
N GLU C 220 -28.89 57.74 -29.63
CA GLU C 220 -27.58 57.88 -30.25
C GLU C 220 -27.49 57.11 -31.56
N SER C 221 -28.09 55.91 -31.61
CA SER C 221 -28.08 55.13 -32.83
C SER C 221 -28.87 55.81 -33.93
N GLN C 222 -30.03 56.39 -33.58
CA GLN C 222 -30.80 57.13 -34.58
C GLN C 222 -30.01 58.32 -35.10
N LYS C 223 -29.36 59.06 -34.20
CA LYS C 223 -28.55 60.20 -34.63
C LYS C 223 -27.40 59.77 -35.54
N PHE C 224 -26.75 58.66 -35.19
CA PHE C 224 -25.65 58.16 -36.01
C PHE C 224 -26.14 57.75 -37.39
N LEU C 225 -27.25 57.02 -37.44
CA LEU C 225 -27.78 56.55 -38.72
C LEU C 225 -28.33 57.68 -39.57
N ALA C 226 -28.75 58.79 -38.97
CA ALA C 226 -29.34 59.87 -39.74
C ALA C 226 -28.32 60.70 -40.52
N GLU C 227 -27.04 60.67 -40.15
CA GLU C 227 -26.09 61.58 -40.77
C GLU C 227 -24.81 60.89 -41.24
N ASN C 228 -24.44 59.78 -40.62
CA ASN C 228 -23.15 59.16 -40.85
C ASN C 228 -23.25 58.11 -41.96
N SER C 229 -22.09 57.76 -42.51
CA SER C 229 -21.97 56.71 -43.50
C SER C 229 -21.70 55.38 -42.79
N ALA C 230 -21.28 54.37 -43.55
CA ALA C 230 -21.11 53.05 -42.99
C ALA C 230 -19.87 52.95 -42.09
N SER C 231 -18.69 53.28 -42.65
CA SER C 231 -17.45 53.07 -41.92
C SER C 231 -17.37 53.92 -40.66
N VAL C 232 -17.76 55.18 -40.75
CA VAL C 232 -17.71 56.06 -39.58
C VAL C 232 -18.67 55.59 -38.51
N TYR C 233 -19.83 55.06 -38.93
CA TYR C 233 -20.77 54.47 -37.97
C TYR C 233 -20.14 53.30 -37.26
N ILE C 234 -19.41 52.45 -37.99
CA ILE C 234 -18.76 51.29 -37.39
C ILE C 234 -17.71 51.75 -36.37
N LYS C 235 -16.90 52.74 -36.75
CA LYS C 235 -15.88 53.24 -35.83
C LYS C 235 -16.52 53.84 -34.58
N LYS C 236 -17.59 54.61 -34.75
CA LYS C 236 -18.25 55.23 -33.60
C LYS C 236 -18.85 54.19 -32.68
N VAL C 237 -19.50 53.16 -33.25
CA VAL C 237 -20.13 52.16 -32.39
C VAL C 237 -19.06 51.33 -31.67
N GLU C 238 -17.94 51.03 -32.35
CA GLU C 238 -16.88 50.30 -31.68
C GLU C 238 -16.29 51.12 -30.54
N ALA C 239 -16.09 52.43 -30.75
CA ALA C 239 -15.60 53.28 -29.69
C ALA C 239 -16.58 53.33 -28.52
N ARG C 240 -17.88 53.39 -28.83
CA ARG C 240 -18.89 53.40 -27.77
C ARG C 240 -18.85 52.10 -26.97
N ILE C 241 -18.68 50.96 -27.66
CA ILE C 241 -18.59 49.69 -26.96
C ILE C 241 -17.38 49.68 -26.04
N ASN C 242 -16.24 50.16 -26.54
CA ASN C 242 -15.03 50.18 -25.71
C ASN C 242 -15.22 51.08 -24.49
N GLU C 243 -15.84 52.25 -24.68
CA GLU C 243 -16.08 53.15 -23.56
C GLU C 243 -17.00 52.51 -22.52
N GLU C 244 -18.05 51.82 -22.98
CA GLU C 244 -18.93 51.13 -22.05
C GLU C 244 -18.21 50.03 -21.28
N ILE C 245 -17.35 49.26 -21.97
CA ILE C 245 -16.56 48.23 -21.29
C ILE C 245 -15.69 48.85 -20.21
N GLU C 246 -15.01 49.95 -20.55
CA GLU C 246 -14.13 50.59 -19.57
C GLU C 246 -14.92 51.11 -18.37
N ARG C 247 -16.08 51.73 -18.64
CA ARG C 247 -16.91 52.25 -17.56
C ARG C 247 -17.38 51.13 -16.63
N VAL C 248 -17.82 50.02 -17.21
CA VAL C 248 -18.27 48.90 -16.38
C VAL C 248 -17.10 48.32 -15.58
N MET C 249 -15.93 48.21 -16.21
CA MET C 249 -14.79 47.63 -15.53
C MET C 249 -14.34 48.48 -14.35
N HIS C 250 -14.36 49.81 -14.50
CA HIS C 250 -13.84 50.66 -13.43
C HIS C 250 -14.84 50.82 -12.28
N CYS C 251 -16.00 51.41 -12.56
CA CYS C 251 -16.89 51.86 -11.50
C CYS C 251 -17.80 50.75 -10.97
N LEU C 252 -18.61 50.16 -11.84
CA LEU C 252 -19.66 49.25 -11.42
C LEU C 252 -19.08 47.85 -11.16
N ASP C 253 -19.96 46.88 -10.99
CA ASP C 253 -19.57 45.50 -10.74
C ASP C 253 -19.00 44.86 -12.00
N LYS C 254 -18.19 43.83 -11.80
CA LYS C 254 -17.68 43.06 -12.93
C LYS C 254 -18.75 42.13 -13.49
N SER C 255 -19.77 41.80 -12.70
CA SER C 255 -20.84 40.93 -13.14
C SER C 255 -21.98 41.68 -13.83
N THR C 256 -21.70 42.88 -14.33
CA THR C 256 -22.69 43.69 -15.02
C THR C 256 -22.40 43.84 -16.51
N GLU C 257 -21.21 43.46 -16.96
CA GLU C 257 -20.82 43.71 -18.34
C GLU C 257 -21.71 42.94 -19.32
N GLU C 258 -22.08 41.71 -18.99
CA GLU C 258 -22.83 40.89 -19.95
C GLU C 258 -24.20 41.48 -20.28
N PRO C 259 -25.05 41.86 -19.33
CA PRO C 259 -26.34 42.45 -19.71
C PRO C 259 -26.21 43.73 -20.51
N ILE C 260 -25.27 44.61 -20.15
CA ILE C 260 -25.16 45.89 -20.84
C ILE C 260 -24.64 45.69 -22.26
N VAL C 261 -23.66 44.80 -22.45
CA VAL C 261 -23.18 44.55 -23.80
C VAL C 261 -24.25 43.88 -24.65
N LYS C 262 -25.02 42.97 -24.04
CA LYS C 262 -26.12 42.36 -24.79
C LYS C 262 -27.13 43.41 -25.22
N VAL C 263 -27.49 44.33 -24.32
CA VAL C 263 -28.48 45.35 -24.64
C VAL C 263 -27.97 46.28 -25.73
N VAL C 264 -26.72 46.73 -25.62
CA VAL C 264 -26.20 47.67 -26.60
C VAL C 264 -26.02 46.99 -27.96
N GLU C 265 -25.62 45.71 -27.97
CA GLU C 265 -25.52 44.99 -29.23
C GLU C 265 -26.89 44.82 -29.87
N ARG C 266 -27.91 44.51 -29.07
CA ARG C 266 -29.26 44.38 -29.61
C ARG C 266 -29.75 45.71 -30.18
N GLU C 267 -29.50 46.81 -29.48
CA GLU C 267 -30.06 48.10 -29.90
C GLU C 267 -29.32 48.68 -31.10
N LEU C 268 -27.99 48.59 -31.14
CA LEU C 268 -27.22 49.30 -32.14
C LEU C 268 -26.83 48.47 -33.34
N ILE C 269 -27.18 47.18 -33.37
CA ILE C 269 -26.85 46.30 -34.49
C ILE C 269 -28.11 45.81 -35.20
N SER C 270 -29.05 45.22 -34.45
CA SER C 270 -30.24 44.64 -35.07
C SER C 270 -31.05 45.70 -35.80
N LYS C 271 -31.34 46.82 -35.12
CA LYS C 271 -32.09 47.89 -35.73
C LYS C 271 -31.43 48.38 -37.02
N HIS C 272 -30.12 48.17 -37.15
CA HIS C 272 -29.37 48.62 -38.29
C HIS C 272 -29.13 47.54 -39.34
N MET C 273 -30.02 46.54 -39.44
CA MET C 273 -29.97 45.64 -40.58
C MET C 273 -29.96 46.39 -41.91
N LYS C 274 -30.82 47.41 -42.02
CA LYS C 274 -30.85 48.21 -43.24
C LYS C 274 -29.50 48.85 -43.50
N THR C 275 -28.76 49.19 -42.43
CA THR C 275 -27.41 49.73 -42.60
C THR C 275 -26.53 48.78 -43.40
N ILE C 276 -26.68 47.47 -43.16
CA ILE C 276 -25.91 46.50 -43.92
C ILE C 276 -26.32 46.51 -45.39
N VAL C 277 -27.61 46.74 -45.65
CA VAL C 277 -28.16 46.58 -46.99
C VAL C 277 -28.37 47.92 -47.69
N GLU C 278 -29.10 48.83 -47.05
CA GLU C 278 -29.53 50.06 -47.72
C GLU C 278 -28.40 51.06 -47.95
N MET C 279 -27.22 50.84 -47.38
CA MET C 279 -26.12 51.76 -47.54
C MET C 279 -25.68 51.84 -49.00
N GLU C 280 -25.58 53.06 -49.49
CA GLU C 280 -25.17 53.33 -50.87
C GLU C 280 -23.90 54.18 -50.87
N ASN C 281 -23.00 53.82 -51.78
CA ASN C 281 -21.72 54.51 -51.97
C ASN C 281 -20.80 54.31 -50.78
N SER C 282 -21.27 53.60 -49.75
CA SER C 282 -20.45 53.27 -48.60
C SER C 282 -20.70 51.87 -48.07
N GLY C 283 -21.63 51.11 -48.64
CA GLY C 283 -21.99 49.81 -48.13
C GLY C 283 -21.08 48.70 -48.63
N LEU C 284 -21.58 47.48 -48.50
CA LEU C 284 -20.80 46.30 -48.92
C LEU C 284 -20.52 46.33 -50.42
N VAL C 285 -21.51 46.74 -51.21
CA VAL C 285 -21.33 46.76 -52.66
C VAL C 285 -20.25 47.76 -53.05
N HIS C 286 -20.26 48.94 -52.42
CA HIS C 286 -19.26 49.96 -52.73
C HIS C 286 -17.88 49.51 -52.27
N MET C 287 -17.80 48.89 -51.10
CA MET C 287 -16.52 48.37 -50.62
C MET C 287 -15.97 47.29 -51.52
N LEU C 288 -16.83 46.42 -52.06
CA LEU C 288 -16.38 45.39 -53.00
C LEU C 288 -15.94 46.00 -54.32
N LYS C 289 -16.69 46.97 -54.84
CA LYS C 289 -16.34 47.60 -56.10
C LYS C 289 -15.07 48.43 -56.00
N ASN C 290 -14.77 48.99 -54.82
CA ASN C 290 -13.59 49.80 -54.61
C ASN C 290 -12.40 48.99 -54.11
N GLY C 291 -12.60 48.14 -53.11
CA GLY C 291 -11.53 47.35 -52.57
C GLY C 291 -11.19 47.69 -51.14
N LYS C 292 -12.19 48.13 -50.37
CA LYS C 292 -12.00 48.51 -48.97
C LYS C 292 -11.83 47.24 -48.14
N THR C 293 -10.66 46.62 -48.28
CA THR C 293 -10.37 45.38 -47.56
C THR C 293 -10.35 45.62 -46.05
N GLU C 294 -9.72 46.72 -45.61
CA GLU C 294 -9.68 47.01 -44.18
C GLU C 294 -11.08 47.25 -43.63
N ASP C 295 -11.90 48.01 -44.35
CA ASP C 295 -13.27 48.25 -43.91
C ASP C 295 -14.07 46.96 -43.89
N LEU C 296 -13.89 46.10 -44.90
CA LEU C 296 -14.59 44.83 -44.94
C LEU C 296 -14.22 43.97 -43.73
N GLY C 297 -12.93 43.93 -43.41
CA GLY C 297 -12.51 43.23 -42.20
C GLY C 297 -13.09 43.85 -40.94
N CYS C 298 -13.21 45.18 -40.92
CA CYS C 298 -13.80 45.84 -39.77
C CYS C 298 -15.25 45.40 -39.56
N MET C 299 -16.06 45.43 -40.62
CA MET C 299 -17.44 45.01 -40.46
C MET C 299 -17.55 43.51 -40.20
N TYR C 300 -16.62 42.71 -40.74
CA TYR C 300 -16.62 41.28 -40.44
C TYR C 300 -16.37 41.03 -38.96
N LYS C 301 -15.40 41.76 -38.37
CA LYS C 301 -15.13 41.61 -36.95
C LYS C 301 -16.28 42.13 -36.11
N LEU C 302 -16.89 43.25 -36.50
CA LEU C 302 -17.94 43.86 -35.69
C LEU C 302 -19.20 42.99 -35.66
N PHE C 303 -19.62 42.48 -36.81
CA PHE C 303 -20.88 41.74 -36.89
C PHE C 303 -20.79 40.33 -36.32
N SER C 304 -19.60 39.90 -35.90
CA SER C 304 -19.40 38.54 -35.42
C SER C 304 -19.88 38.34 -33.98
N ARG C 305 -20.71 39.23 -33.45
CA ARG C 305 -21.21 39.13 -32.10
C ARG C 305 -22.71 38.85 -32.04
N VAL C 306 -23.51 39.61 -32.77
CA VAL C 306 -24.96 39.38 -32.79
C VAL C 306 -25.25 38.06 -33.46
N PRO C 307 -26.22 37.27 -32.98
CA PRO C 307 -26.59 36.04 -33.70
C PRO C 307 -27.07 36.36 -35.10
N ASN C 308 -26.75 35.45 -36.03
CA ASN C 308 -27.04 35.52 -37.47
C ASN C 308 -26.68 36.87 -38.08
N GLY C 309 -25.77 37.60 -37.45
CA GLY C 309 -25.31 38.87 -37.98
C GLY C 309 -24.32 38.67 -39.10
N LEU C 310 -23.58 37.57 -39.05
CA LEU C 310 -22.63 37.27 -40.13
C LEU C 310 -23.37 36.82 -41.38
N LYS C 311 -24.61 36.36 -41.22
CA LYS C 311 -25.40 35.89 -42.34
C LYS C 311 -25.88 37.04 -43.24
N THR C 312 -26.17 38.19 -42.63
CA THR C 312 -26.91 39.24 -43.34
C THR C 312 -26.15 39.79 -44.55
N MET C 313 -24.82 39.91 -44.48
CA MET C 313 -24.06 40.41 -45.61
C MET C 313 -23.72 39.31 -46.61
N CYS C 314 -23.91 38.05 -46.24
CA CYS C 314 -23.66 36.95 -47.17
C CYS C 314 -24.64 37.01 -48.34
N GLU C 315 -25.90 37.31 -48.05
CA GLU C 315 -26.93 37.37 -49.08
C GLU C 315 -26.61 38.45 -50.10
N CYS C 316 -26.23 39.64 -49.61
CA CYS C 316 -25.94 40.77 -50.49
C CYS C 316 -24.75 40.47 -51.40
N MET C 317 -23.67 39.93 -50.82
CA MET C 317 -22.49 39.64 -51.63
C MET C 317 -22.76 38.51 -52.61
N SER C 318 -23.55 37.51 -52.21
CA SER C 318 -23.91 36.44 -53.13
C SER C 318 -24.74 36.98 -54.30
N SER C 319 -25.69 37.87 -54.01
CA SER C 319 -26.49 38.46 -55.08
C SER C 319 -25.62 39.29 -56.02
N TYR C 320 -24.70 40.08 -55.46
CA TYR C 320 -23.81 40.88 -56.29
C TYR C 320 -22.94 40.00 -57.18
N LEU C 321 -22.37 38.95 -56.60
CA LEU C 321 -21.51 38.05 -57.38
C LEU C 321 -22.31 37.34 -58.46
N ARG C 322 -23.54 36.91 -58.14
CA ARG C 322 -24.38 36.24 -59.13
C ARG C 322 -24.71 37.18 -60.28
N GLU C 323 -25.08 38.43 -59.97
CA GLU C 323 -25.37 39.38 -61.02
C GLU C 323 -24.14 39.65 -61.89
N GLN C 324 -22.98 39.81 -61.25
CA GLN C 324 -21.75 40.06 -62.00
C GLN C 324 -21.42 38.88 -62.91
N GLY C 325 -21.54 37.67 -62.39
CA GLY C 325 -21.26 36.50 -63.20
C GLY C 325 -22.22 36.35 -64.37
N LYS C 326 -23.51 36.57 -64.11
CA LYS C 326 -24.50 36.48 -65.18
C LYS C 326 -24.23 37.52 -66.26
N ALA C 327 -23.87 38.74 -65.85
CA ALA C 327 -23.54 39.77 -66.83
C ALA C 327 -22.30 39.40 -67.62
N LEU C 328 -21.30 38.83 -66.96
CA LEU C 328 -20.06 38.50 -67.66
C LEU C 328 -20.26 37.35 -68.64
N VAL C 329 -21.04 36.34 -68.26
CA VAL C 329 -21.26 35.17 -69.11
C VAL C 329 -22.50 35.32 -69.98
N SER C 330 -23.07 36.53 -70.05
CA SER C 330 -24.27 36.74 -70.84
C SER C 330 -24.00 36.51 -72.32
N GLU C 331 -25.03 36.08 -73.04
CA GLU C 331 -24.93 35.77 -74.45
C GLU C 331 -25.09 37.00 -75.34
N GLU C 332 -25.29 38.18 -74.74
CA GLU C 332 -25.43 39.41 -75.52
C GLU C 332 -24.15 39.68 -76.30
N GLY C 333 -24.23 39.62 -77.61
CA GLY C 333 -23.04 39.76 -78.45
C GLY C 333 -22.39 38.43 -78.73
N GLU C 334 -21.65 38.38 -79.83
CA GLU C 334 -20.99 37.14 -80.24
C GLU C 334 -19.49 37.35 -80.42
N GLY C 335 -18.80 36.33 -80.88
CA GLY C 335 -17.36 36.42 -81.08
C GLY C 335 -16.57 36.62 -79.81
N LYS C 336 -17.01 36.04 -78.70
CA LYS C 336 -16.28 36.14 -77.44
C LYS C 336 -15.08 35.20 -77.48
N ASN C 337 -13.92 35.75 -77.15
CA ASN C 337 -12.70 34.94 -77.14
C ASN C 337 -12.75 33.95 -75.98
N PRO C 338 -12.67 32.65 -76.24
CA PRO C 338 -12.64 31.69 -75.12
C PRO C 338 -11.48 31.93 -74.17
N VAL C 339 -10.30 32.31 -74.69
CA VAL C 339 -9.17 32.60 -73.83
C VAL C 339 -9.48 33.79 -72.93
N ASP C 340 -10.02 34.85 -73.51
CA ASP C 340 -10.36 36.02 -72.71
C ASP C 340 -11.47 35.70 -71.71
N TYR C 341 -12.43 34.88 -72.11
CA TYR C 341 -13.52 34.49 -71.22
C TYR C 341 -12.98 33.74 -70.00
N ILE C 342 -12.12 32.74 -70.24
CA ILE C 342 -11.55 31.97 -69.14
C ILE C 342 -10.66 32.86 -68.29
N GLN C 343 -9.94 33.79 -68.91
CA GLN C 343 -9.13 34.72 -68.15
C GLN C 343 -10.00 35.59 -67.25
N GLY C 344 -11.16 36.04 -67.75
CA GLY C 344 -12.04 36.84 -66.93
C GLY C 344 -12.61 36.06 -65.75
N LEU C 345 -13.01 34.81 -65.99
CA LEU C 345 -13.46 33.98 -64.87
C LEU C 345 -12.35 33.77 -63.86
N LEU C 346 -11.13 33.51 -64.33
CA LEU C 346 -10.01 33.30 -63.42
C LEU C 346 -9.72 34.56 -62.61
N ASP C 347 -9.79 35.72 -63.25
CA ASP C 347 -9.55 36.98 -62.55
C ASP C 347 -10.62 37.23 -61.50
N LEU C 348 -11.89 36.97 -61.84
CA LEU C 348 -12.95 37.15 -60.86
C LEU C 348 -12.78 36.20 -59.68
N LYS C 349 -12.43 34.95 -59.96
CA LYS C 349 -12.19 33.99 -58.88
C LYS C 349 -11.03 34.42 -58.00
N SER C 350 -9.95 34.91 -58.61
CA SER C 350 -8.80 35.36 -57.84
C SER C 350 -9.15 36.56 -56.98
N ARG C 351 -9.92 37.50 -57.52
CA ARG C 351 -10.33 38.66 -56.74
C ARG C 351 -11.19 38.24 -55.56
N PHE C 352 -12.14 37.33 -55.79
CA PHE C 352 -12.97 36.84 -54.69
C PHE C 352 -12.14 36.11 -53.64
N ASP C 353 -11.17 35.30 -54.08
CA ASP C 353 -10.32 34.58 -53.13
C ASP C 353 -9.49 35.55 -52.30
N ARG C 354 -8.94 36.58 -52.95
CA ARG C 354 -8.16 37.57 -52.21
C ARG C 354 -9.02 38.32 -51.21
N PHE C 355 -10.24 38.68 -51.60
CA PHE C 355 -11.15 39.36 -50.68
C PHE C 355 -11.48 38.47 -49.49
N LEU C 356 -11.76 37.19 -49.74
CA LEU C 356 -12.11 36.29 -48.66
C LEU C 356 -10.93 36.05 -47.71
N LEU C 357 -9.73 35.88 -48.27
CA LEU C 357 -8.57 35.59 -47.44
C LEU C 357 -8.10 36.82 -46.67
N GLU C 358 -8.29 38.01 -47.24
CA GLU C 358 -7.78 39.22 -46.59
C GLU C 358 -8.67 39.66 -45.43
N SER C 359 -9.96 39.89 -45.72
CA SER C 359 -10.85 40.44 -44.71
C SER C 359 -11.63 39.37 -43.94
N PHE C 360 -12.00 38.28 -44.61
CA PHE C 360 -12.85 37.26 -44.01
C PHE C 360 -12.05 36.09 -43.42
N ASN C 361 -10.72 36.21 -43.41
CA ASN C 361 -9.79 35.26 -42.77
C ASN C 361 -10.26 33.80 -42.88
N ASN C 362 -10.63 33.42 -44.10
CA ASN C 362 -11.00 32.05 -44.44
C ASN C 362 -12.17 31.56 -43.58
N ASP C 363 -13.31 32.21 -43.77
CA ASP C 363 -14.54 31.80 -43.10
C ASP C 363 -15.23 30.72 -43.91
N ARG C 364 -15.70 29.67 -43.23
CA ARG C 364 -16.31 28.54 -43.91
C ARG C 364 -17.60 28.96 -44.62
N LEU C 365 -18.41 29.80 -43.96
CA LEU C 365 -19.70 30.17 -44.54
C LEU C 365 -19.52 30.93 -45.85
N PHE C 366 -18.58 31.87 -45.88
CA PHE C 366 -18.34 32.62 -47.11
C PHE C 366 -17.82 31.71 -48.22
N LYS C 367 -16.96 30.75 -47.87
CA LYS C 367 -16.47 29.80 -48.86
C LYS C 367 -17.62 28.99 -49.44
N GLN C 368 -18.51 28.51 -48.58
CA GLN C 368 -19.67 27.76 -49.06
C GLN C 368 -20.55 28.64 -49.95
N THR C 369 -20.75 29.89 -49.55
CA THR C 369 -21.60 30.79 -50.33
C THR C 369 -21.01 31.04 -51.72
N ILE C 370 -19.71 31.32 -51.79
CA ILE C 370 -19.11 31.60 -53.08
C ILE C 370 -19.08 30.34 -53.94
N ALA C 371 -18.85 29.18 -53.33
CA ALA C 371 -18.90 27.93 -54.09
C ALA C 371 -20.28 27.69 -54.66
N GLY C 372 -21.33 27.93 -53.86
CA GLY C 372 -22.68 27.76 -54.36
C GLY C 372 -23.01 28.73 -55.47
N ASP C 373 -22.58 29.99 -55.34
CA ASP C 373 -22.82 30.97 -56.39
C ASP C 373 -22.10 30.58 -57.68
N PHE C 374 -20.85 30.11 -57.56
CA PHE C 374 -20.09 29.70 -58.73
C PHE C 374 -20.75 28.51 -59.42
N GLU C 375 -21.20 27.54 -58.63
CA GLU C 375 -21.90 26.39 -59.21
C GLU C 375 -23.21 26.84 -59.87
N TYR C 376 -23.88 27.84 -59.31
CA TYR C 376 -25.13 28.32 -59.88
C TYR C 376 -24.90 28.98 -61.23
N PHE C 377 -23.95 29.91 -61.30
CA PHE C 377 -23.82 30.71 -62.52
C PHE C 377 -22.83 30.12 -63.52
N LEU C 378 -22.12 29.05 -63.17
CA LEU C 378 -21.15 28.48 -64.10
C LEU C 378 -21.81 27.71 -65.23
N ASN C 379 -22.86 26.94 -64.94
CA ASN C 379 -23.51 26.10 -65.93
C ASN C 379 -24.56 26.83 -66.75
N LEU C 380 -24.58 28.16 -66.68
CA LEU C 380 -25.54 28.93 -67.47
C LEU C 380 -25.24 28.84 -68.97
N ASN C 381 -24.04 28.44 -69.35
CA ASN C 381 -23.66 28.31 -70.75
C ASN C 381 -23.47 26.83 -71.08
N SER C 382 -24.21 26.36 -72.10
CA SER C 382 -24.06 24.98 -72.54
C SER C 382 -22.70 24.75 -73.19
N ARG C 383 -22.22 25.72 -73.96
CA ARG C 383 -20.95 25.57 -74.67
C ARG C 383 -19.75 25.92 -73.80
N SER C 384 -19.96 26.32 -72.55
CA SER C 384 -18.85 26.73 -71.70
C SER C 384 -17.77 25.68 -71.53
N PRO C 385 -18.07 24.39 -71.33
CA PRO C 385 -16.97 23.42 -71.19
C PRO C 385 -16.05 23.35 -72.41
N GLU C 386 -16.59 23.55 -73.61
CA GLU C 386 -15.76 23.50 -74.81
C GLU C 386 -14.72 24.61 -74.79
N TYR C 387 -15.13 25.82 -74.40
CA TYR C 387 -14.15 26.90 -74.27
C TYR C 387 -13.15 26.62 -73.16
N LEU C 388 -13.60 25.98 -72.07
CA LEU C 388 -12.67 25.57 -71.03
C LEU C 388 -11.65 24.58 -71.57
N SER C 389 -12.10 23.62 -72.39
CA SER C 389 -11.19 22.67 -72.98
C SER C 389 -10.18 23.36 -73.90
N LEU C 390 -10.66 24.32 -74.70
CA LEU C 390 -9.75 25.06 -75.58
C LEU C 390 -8.72 25.82 -74.77
N PHE C 391 -9.15 26.46 -73.68
CA PHE C 391 -8.24 27.25 -72.85
C PHE C 391 -7.19 26.36 -72.18
N ILE C 392 -7.61 25.19 -71.69
CA ILE C 392 -6.65 24.29 -71.06
C ILE C 392 -5.79 23.55 -72.06
N ASP C 393 -6.19 23.53 -73.33
CA ASP C 393 -5.39 22.88 -74.38
C ASP C 393 -4.36 23.80 -74.99
N ASP C 394 -4.76 24.99 -75.45
CA ASP C 394 -3.81 25.88 -76.11
C ASP C 394 -2.76 26.39 -75.13
N LYS C 395 -3.12 26.56 -73.85
CA LYS C 395 -2.14 26.95 -72.85
C LYS C 395 -1.06 25.89 -72.69
N LEU C 396 -1.45 24.61 -72.67
CA LEU C 396 -0.47 23.54 -72.62
C LEU C 396 0.32 23.40 -73.91
N LYS C 397 -0.21 23.92 -75.02
CA LYS C 397 0.51 23.86 -76.28
C LYS C 397 1.76 24.72 -76.23
N LYS C 398 2.80 24.29 -76.93
CA LYS C 398 4.06 25.02 -76.95
C LYS C 398 3.88 26.39 -77.59
N GLY C 399 4.66 27.36 -77.12
CA GLY C 399 4.59 28.71 -77.63
C GLY C 399 3.51 29.58 -77.01
N VAL C 400 2.89 29.13 -75.93
CA VAL C 400 1.81 29.91 -75.28
C VAL C 400 2.51 30.84 -74.30
N LYS C 401 2.98 31.97 -74.83
CA LYS C 401 3.61 33.05 -74.08
C LYS C 401 4.86 32.61 -73.32
N GLY C 402 5.39 31.42 -73.61
CA GLY C 402 6.54 30.91 -72.91
C GLY C 402 6.28 30.74 -71.42
N LEU C 403 5.15 30.15 -71.08
CA LEU C 403 4.75 30.00 -69.69
C LEU C 403 5.76 29.13 -68.94
N THR C 404 6.14 29.57 -67.74
CA THR C 404 7.08 28.83 -66.92
C THR C 404 6.41 27.61 -66.33
N GLU C 405 7.25 26.71 -65.77
CA GLU C 405 6.73 25.50 -65.15
C GLU C 405 5.81 25.83 -63.98
N GLN C 406 6.21 26.79 -63.13
CA GLN C 406 5.36 27.19 -62.03
C GLN C 406 4.07 27.83 -62.52
N GLU C 407 4.16 28.69 -63.55
CA GLU C 407 2.96 29.32 -64.09
C GLU C 407 2.04 28.29 -64.71
N VAL C 408 2.60 27.32 -65.45
CA VAL C 408 1.79 26.27 -66.04
C VAL C 408 1.13 25.43 -64.96
N GLU C 409 1.86 25.13 -63.88
CA GLU C 409 1.29 24.35 -62.79
C GLU C 409 0.15 25.10 -62.12
N THR C 410 0.31 26.41 -61.89
CA THR C 410 -0.75 27.19 -61.28
C THR C 410 -1.98 27.27 -62.19
N ILE C 411 -1.75 27.45 -63.50
CA ILE C 411 -2.86 27.49 -64.45
C ILE C 411 -3.61 26.16 -64.45
N LEU C 412 -2.87 25.05 -64.44
CA LEU C 412 -3.49 23.74 -64.40
C LEU C 412 -4.26 23.52 -63.10
N ASP C 413 -3.72 23.98 -61.97
CA ASP C 413 -4.43 23.86 -60.70
C ASP C 413 -5.73 24.65 -60.73
N LYS C 414 -5.69 25.87 -61.27
CA LYS C 414 -6.91 26.66 -61.40
C LYS C 414 -7.92 25.97 -62.31
N ALA C 415 -7.44 25.42 -63.43
CA ALA C 415 -8.35 24.72 -64.35
C ALA C 415 -8.98 23.51 -63.68
N MET C 416 -8.20 22.76 -62.90
CA MET C 416 -8.76 21.63 -62.17
C MET C 416 -9.77 22.07 -61.13
N VAL C 417 -9.51 23.18 -60.44
CA VAL C 417 -10.46 23.71 -59.47
C VAL C 417 -11.78 24.06 -60.15
N LEU C 418 -11.69 24.74 -61.30
CA LEU C 418 -12.90 25.06 -62.06
C LEU C 418 -13.62 23.80 -62.55
N PHE C 419 -12.87 22.79 -62.98
CA PHE C 419 -13.49 21.55 -63.43
C PHE C 419 -14.28 20.88 -62.32
N ARG C 420 -13.87 21.06 -61.07
CA ARG C 420 -14.64 20.57 -59.94
C ARG C 420 -15.99 21.27 -59.81
N PHE C 421 -16.11 22.52 -60.28
CA PHE C 421 -17.35 23.26 -60.16
C PHE C 421 -18.34 22.93 -61.26
N MET C 422 -17.88 22.32 -62.35
CA MET C 422 -18.77 22.00 -63.46
C MET C 422 -19.78 20.93 -63.06
N GLN C 423 -21.06 21.19 -63.34
CA GLN C 423 -22.10 20.23 -62.98
C GLN C 423 -22.09 19.03 -63.92
N GLU C 424 -21.93 19.27 -65.22
CA GLU C 424 -21.94 18.22 -66.23
C GLU C 424 -20.49 17.95 -66.64
N LYS C 425 -19.86 17.00 -65.96
CA LYS C 425 -18.47 16.67 -66.21
C LYS C 425 -18.28 15.72 -67.39
N ASP C 426 -19.35 15.09 -67.89
CA ASP C 426 -19.20 14.20 -69.03
C ASP C 426 -18.83 14.97 -70.29
N VAL C 427 -19.51 16.09 -70.54
CA VAL C 427 -19.19 16.92 -71.70
C VAL C 427 -17.77 17.45 -71.59
N PHE C 428 -17.38 17.87 -70.38
CA PHE C 428 -16.02 18.35 -70.16
C PHE C 428 -15.00 17.26 -70.45
N GLU C 429 -15.26 16.04 -69.99
CA GLU C 429 -14.36 14.93 -70.25
C GLU C 429 -14.26 14.63 -71.74
N ARG C 430 -15.39 14.64 -72.45
CA ARG C 430 -15.38 14.39 -73.88
C ARG C 430 -14.59 15.47 -74.62
N TYR C 431 -14.80 16.73 -74.25
CA TYR C 431 -14.07 17.82 -74.88
C TYR C 431 -12.58 17.72 -74.59
N TYR C 432 -12.21 17.38 -73.36
CA TYR C 432 -10.81 17.22 -73.01
C TYR C 432 -10.17 16.09 -73.81
N LYS C 433 -10.89 14.98 -73.96
CA LYS C 433 -10.37 13.86 -74.76
C LYS C 433 -10.18 14.27 -76.21
N GLN C 434 -11.16 15.00 -76.78
CA GLN C 434 -11.04 15.45 -78.16
C GLN C 434 -9.85 16.40 -78.32
N HIS C 435 -9.68 17.32 -77.37
CA HIS C 435 -8.56 18.27 -77.44
C HIS C 435 -7.23 17.54 -77.32
N LEU C 436 -7.14 16.56 -76.42
CA LEU C 436 -5.91 15.79 -76.29
C LEU C 436 -5.60 15.02 -77.56
N ALA C 437 -6.63 14.42 -78.17
CA ALA C 437 -6.43 13.71 -79.42
C ALA C 437 -5.96 14.65 -80.52
N ARG C 438 -6.55 15.84 -80.60
CA ARG C 438 -6.13 16.82 -81.60
C ARG C 438 -4.69 17.25 -81.38
N ARG C 439 -4.32 17.48 -80.11
CA ARG C 439 -2.94 17.88 -79.81
C ARG C 439 -1.96 16.77 -80.17
N LEU C 440 -2.32 15.52 -79.88
CA LEU C 440 -1.46 14.40 -80.25
C LEU C 440 -1.32 14.30 -81.76
N LEU C 441 -2.43 14.47 -82.49
CA LEU C 441 -2.38 14.46 -83.95
C LEU C 441 -1.70 15.69 -84.51
N THR C 442 -1.64 16.79 -83.74
CA THR C 442 -0.99 18.00 -84.22
C THR C 442 0.52 17.84 -84.35
N ASN C 443 1.10 16.83 -83.70
CA ASN C 443 2.54 16.58 -83.75
C ASN C 443 3.33 17.80 -83.28
N LYS C 444 2.80 18.50 -82.28
CA LYS C 444 3.45 19.67 -81.72
C LYS C 444 3.39 19.63 -80.20
N SER C 445 3.56 18.45 -79.63
CA SER C 445 3.53 18.30 -78.18
C SER C 445 4.74 18.97 -77.55
N VAL C 446 4.50 19.69 -76.44
CA VAL C 446 5.57 20.37 -75.73
C VAL C 446 6.25 19.40 -74.79
N SER C 447 5.45 18.74 -73.95
CA SER C 447 5.98 17.75 -73.01
C SER C 447 4.90 16.72 -72.74
N ASP C 448 5.12 15.49 -73.21
CA ASP C 448 4.16 14.43 -72.97
C ASP C 448 4.06 14.09 -71.48
N ASP C 449 5.18 14.14 -70.77
CA ASP C 449 5.14 13.90 -69.32
C ASP C 449 4.32 14.96 -68.61
N SER C 450 4.44 16.22 -69.03
CA SER C 450 3.63 17.28 -68.43
C SER C 450 2.15 17.04 -68.70
N GLU C 451 1.81 16.62 -69.93
CA GLU C 451 0.41 16.33 -70.24
C GLU C 451 -0.11 15.17 -69.39
N LYS C 452 0.70 14.13 -69.21
CA LYS C 452 0.29 13.01 -68.38
C LYS C 452 0.09 13.43 -66.93
N ASN C 453 1.00 14.27 -66.42
CA ASN C 453 0.86 14.76 -65.04
C ASN C 453 -0.40 15.60 -64.90
N MET C 454 -0.68 16.45 -65.88
CA MET C 454 -1.90 17.25 -65.84
C MET C 454 -3.14 16.37 -65.87
N ILE C 455 -3.12 15.33 -66.70
CA ILE C 455 -4.26 14.41 -66.78
C ILE C 455 -4.45 13.70 -65.44
N SER C 456 -3.35 13.25 -64.83
CA SER C 456 -3.46 12.59 -63.53
C SER C 456 -4.00 13.53 -62.46
N LYS C 457 -3.52 14.78 -62.45
CA LYS C 457 -4.02 15.74 -61.48
C LYS C 457 -5.50 16.03 -61.70
N LEU C 458 -5.93 16.17 -62.95
CA LEU C 458 -7.34 16.40 -63.25
C LEU C 458 -8.18 15.21 -62.82
N LYS C 459 -7.71 13.99 -63.06
CA LYS C 459 -8.44 12.80 -62.64
C LYS C 459 -8.56 12.75 -61.12
N THR C 460 -7.48 13.05 -60.41
CA THR C 460 -7.52 13.05 -58.96
C THR C 460 -8.49 14.11 -58.44
N GLU C 461 -8.50 15.29 -59.05
CA GLU C 461 -9.41 16.34 -58.63
C GLU C 461 -10.85 15.97 -58.89
N CYS C 462 -11.13 15.36 -60.05
CA CYS C 462 -12.50 15.02 -60.43
C CYS C 462 -13.00 13.74 -59.77
N GLY C 463 -12.12 12.95 -59.19
CA GLY C 463 -12.58 11.74 -58.53
C GLY C 463 -12.29 10.51 -59.37
N CYS C 464 -11.87 9.44 -58.70
CA CYS C 464 -11.51 8.22 -59.40
C CYS C 464 -12.71 7.61 -60.11
N GLN C 465 -13.87 7.57 -59.45
CA GLN C 465 -15.06 6.98 -60.06
C GLN C 465 -15.46 7.75 -61.32
N PHE C 466 -15.37 9.08 -61.28
CA PHE C 466 -15.77 9.88 -62.43
C PHE C 466 -14.74 9.81 -63.55
N THR C 467 -13.45 9.77 -63.22
CA THR C 467 -12.40 9.89 -64.22
C THR C 467 -11.71 8.58 -64.55
N SER C 468 -12.25 7.45 -64.11
CA SER C 468 -11.66 6.16 -64.48
C SER C 468 -11.68 5.96 -65.99
N LYS C 469 -12.80 6.28 -66.63
CA LYS C 469 -12.89 6.13 -68.08
C LYS C 469 -11.91 7.05 -68.78
N LEU C 470 -11.78 8.30 -68.30
CA LEU C 470 -10.84 9.23 -68.91
C LEU C 470 -9.41 8.75 -68.76
N GLU C 471 -9.05 8.25 -67.57
CA GLU C 471 -7.70 7.75 -67.35
C GLU C 471 -7.42 6.54 -68.22
N GLY C 472 -8.38 5.62 -68.33
CA GLY C 472 -8.21 4.48 -69.20
C GLY C 472 -8.06 4.87 -70.65
N MET C 473 -8.85 5.84 -71.11
CA MET C 473 -8.75 6.31 -72.48
C MET C 473 -7.40 6.96 -72.75
N PHE C 474 -6.91 7.75 -71.79
CA PHE C 474 -5.61 8.38 -71.96
C PHE C 474 -4.49 7.35 -72.01
N ARG C 475 -4.55 6.35 -71.11
CA ARG C 475 -3.55 5.29 -71.13
C ARG C 475 -3.60 4.51 -72.43
N ASP C 476 -4.81 4.23 -72.93
CA ASP C 476 -4.95 3.50 -74.19
C ASP C 476 -4.39 4.32 -75.35
N MET C 477 -4.66 5.63 -75.37
CA MET C 477 -4.13 6.47 -76.44
C MET C 477 -2.60 6.51 -76.39
N SER C 478 -2.04 6.64 -75.19
CA SER C 478 -0.58 6.65 -75.06
C SER C 478 0.02 5.33 -75.52
N ILE C 479 -0.59 4.21 -75.13
CA ILE C 479 -0.09 2.91 -75.54
C ILE C 479 -0.19 2.73 -77.05
N SER C 480 -1.29 3.19 -77.64
CA SER C 480 -1.45 3.10 -79.08
C SER C 480 -0.42 3.94 -79.82
N ASN C 481 -0.16 5.15 -79.31
CA ASN C 481 0.86 6.00 -79.93
C ASN C 481 2.24 5.36 -79.84
N THR C 482 2.58 4.80 -78.67
CA THR C 482 3.86 4.13 -78.51
C THR C 482 3.98 2.92 -79.43
N THR C 483 2.90 2.13 -79.54
CA THR C 483 2.90 0.97 -80.42
C THR C 483 3.05 1.38 -81.88
N MET C 484 2.37 2.45 -82.30
CA MET C 484 2.50 2.93 -83.66
C MET C 484 3.93 3.40 -83.94
N ASP C 485 4.53 4.12 -82.99
CA ASP C 485 5.91 4.57 -83.18
C ASP C 485 6.87 3.38 -83.27
N GLU C 486 6.67 2.38 -82.40
CA GLU C 486 7.52 1.20 -82.44
C GLU C 486 7.36 0.43 -83.75
N PHE C 487 6.12 0.30 -84.22
CA PHE C 487 5.88 -0.39 -85.49
C PHE C 487 6.51 0.36 -86.65
N ARG C 488 6.42 1.69 -86.65
CA ARG C 488 7.05 2.47 -87.70
C ARG C 488 8.57 2.30 -87.66
N GLN C 489 9.16 2.32 -86.47
CA GLN C 489 10.60 2.12 -86.35
C GLN C 489 11.01 0.74 -86.83
N HIS C 490 10.23 -0.29 -86.48
CA HIS C 490 10.54 -1.64 -86.93
C HIS C 490 10.43 -1.76 -88.45
N LEU C 491 9.39 -1.16 -89.03
CA LEU C 491 9.24 -1.20 -90.49
C LEU C 491 10.38 -0.47 -91.19
N GLN C 492 10.83 0.65 -90.62
CA GLN C 492 12.00 1.33 -91.16
C GLN C 492 13.24 0.46 -91.07
N ALA C 493 13.42 -0.23 -89.94
CA ALA C 493 14.53 -1.15 -89.79
C ALA C 493 14.34 -2.40 -90.65
N THR C 494 13.07 -2.62 -90.99
CA THR C 494 12.63 -3.73 -91.82
C THR C 494 13.36 -3.74 -93.15
N GLY C 495 14.28 -2.80 -93.32
CA GLY C 495 15.04 -2.67 -94.54
C GLY C 495 14.09 -2.53 -95.71
N VAL C 496 13.12 -1.63 -95.59
CA VAL C 496 12.10 -1.39 -96.62
C VAL C 496 11.27 -0.12 -96.39
N SER C 497 10.43 0.22 -97.39
CA SER C 497 9.52 1.39 -97.38
C SER C 497 8.51 1.35 -98.54
N LEU C 498 7.62 2.35 -98.64
CA LEU C 498 6.63 2.39 -99.74
C LEU C 498 6.72 3.62 -100.67
N GLY C 499 7.58 4.60 -100.34
CA GLY C 499 7.77 5.71 -101.26
C GLY C 499 8.74 6.74 -100.75
N GLY C 500 9.20 6.57 -99.51
CA GLY C 500 10.13 7.51 -98.90
C GLY C 500 9.48 8.73 -98.28
N VAL C 501 8.15 8.78 -98.20
CA VAL C 501 7.46 9.91 -97.61
C VAL C 501 7.58 9.84 -96.09
N ASP C 502 7.18 10.92 -95.42
CA ASP C 502 7.21 10.94 -93.97
C ASP C 502 6.35 9.83 -93.39
N LEU C 503 6.89 9.11 -92.40
CA LEU C 503 6.21 7.95 -91.81
C LEU C 503 5.11 8.43 -90.89
N THR C 504 4.06 8.98 -91.50
CA THR C 504 2.86 9.40 -90.77
C THR C 504 1.82 8.28 -90.79
N VAL C 505 2.25 7.12 -90.31
CA VAL C 505 1.41 5.92 -90.32
C VAL C 505 0.48 5.94 -89.13
N ARG C 506 -0.76 6.38 -89.36
CA ARG C 506 -1.78 6.42 -88.30
C ARG C 506 -2.58 5.12 -88.28
N VAL C 507 -1.84 4.02 -88.20
CA VAL C 507 -2.45 2.68 -88.15
C VAL C 507 -2.67 2.38 -86.66
N LEU C 508 -3.79 2.87 -86.15
CA LEU C 508 -4.15 2.68 -84.75
C LEU C 508 -5.63 2.36 -84.65
N THR C 509 -5.97 1.48 -83.71
CA THR C 509 -7.36 1.08 -83.52
C THR C 509 -8.21 2.26 -83.09
N THR C 510 -9.45 2.29 -83.57
CA THR C 510 -10.43 3.30 -83.19
C THR C 510 -11.46 2.78 -82.20
N GLY C 511 -11.09 1.76 -81.43
CA GLY C 511 -12.02 1.20 -80.46
C GLY C 511 -12.38 2.17 -79.35
N TYR C 512 -11.39 2.91 -78.85
CA TYR C 512 -11.56 3.87 -77.76
C TYR C 512 -10.89 5.19 -78.10
N TRP C 513 -11.13 5.68 -79.31
CA TRP C 513 -10.55 6.93 -79.78
C TRP C 513 -11.64 7.83 -80.33
N PRO C 514 -11.41 9.15 -80.32
CA PRO C 514 -12.43 10.09 -80.83
C PRO C 514 -12.37 10.24 -82.35
N THR C 515 -12.56 9.12 -83.04
CA THR C 515 -12.55 9.12 -84.50
C THR C 515 -13.86 9.66 -85.04
N GLN C 516 -13.77 10.43 -86.13
CA GLN C 516 -14.96 10.97 -86.76
C GLN C 516 -15.81 9.85 -87.33
N SER C 517 -17.13 10.01 -87.22
CA SER C 517 -18.06 8.99 -87.71
C SER C 517 -18.01 8.85 -89.23
N ALA C 518 -17.59 9.90 -89.94
CA ALA C 518 -17.48 9.86 -91.39
C ALA C 518 -16.01 9.86 -91.78
N THR C 519 -15.65 8.94 -92.69
CA THR C 519 -14.27 8.81 -93.16
C THR C 519 -14.18 9.30 -94.60
N PRO C 520 -13.60 10.48 -94.84
CA PRO C 520 -13.48 10.98 -96.21
C PRO C 520 -12.60 10.06 -97.05
N LYS C 521 -12.96 9.96 -98.33
CA LYS C 521 -12.21 9.16 -99.29
C LYS C 521 -11.47 10.09 -100.24
N CYS C 522 -10.17 9.83 -100.41
CA CYS C 522 -9.32 10.63 -101.28
C CYS C 522 -8.86 9.79 -102.46
N ASN C 523 -8.89 10.39 -103.65
CA ASN C 523 -8.47 9.68 -104.86
C ASN C 523 -6.97 9.44 -104.82
N ILE C 524 -6.58 8.18 -104.56
CA ILE C 524 -5.17 7.82 -104.47
C ILE C 524 -4.60 7.70 -105.87
N PRO C 525 -3.55 8.46 -106.20
CA PRO C 525 -2.91 8.31 -107.51
C PRO C 525 -2.09 7.05 -107.57
N PRO C 526 -1.45 6.76 -108.71
CA PRO C 526 -0.62 5.56 -108.77
C PRO C 526 0.48 5.51 -107.71
N ALA C 527 1.13 6.64 -107.46
CA ALA C 527 2.07 6.72 -106.34
C ALA C 527 1.36 6.55 -105.00
N PRO C 528 0.26 7.24 -104.73
CA PRO C 528 -0.47 6.97 -103.47
C PRO C 528 -1.00 5.56 -103.38
N ARG C 529 -1.44 4.98 -104.50
CA ARG C 529 -1.90 3.59 -104.48
C ARG C 529 -0.76 2.64 -104.14
N HIS C 530 0.41 2.84 -104.72
CA HIS C 530 1.56 2.02 -104.39
C HIS C 530 1.96 2.19 -102.93
N ALA C 531 1.91 3.42 -102.43
CA ALA C 531 2.23 3.66 -101.02
C ALA C 531 1.24 2.95 -100.10
N PHE C 532 -0.05 3.00 -100.44
CA PHE C 532 -1.05 2.32 -99.62
C PHE C 532 -0.86 0.82 -99.66
N GLU C 533 -0.55 0.27 -100.84
CA GLU C 533 -0.31 -1.18 -100.94
C GLU C 533 0.90 -1.59 -100.12
N ILE C 534 1.98 -0.79 -100.17
CA ILE C 534 3.18 -1.11 -99.40
C ILE C 534 2.88 -1.02 -97.91
N PHE C 535 2.12 -0.01 -97.50
CA PHE C 535 1.76 0.11 -96.08
C PHE C 535 0.91 -1.07 -95.62
N ARG C 536 -0.05 -1.50 -96.45
CA ARG C 536 -0.87 -2.65 -96.11
C ARG C 536 -0.03 -3.91 -96.00
N ARG C 537 0.91 -4.09 -96.93
CA ARG C 537 1.79 -5.26 -96.87
C ARG C 537 2.65 -5.24 -95.61
N PHE C 538 3.18 -4.07 -95.25
CA PHE C 538 3.98 -3.96 -94.03
C PHE C 538 3.14 -4.23 -92.79
N TYR C 539 1.91 -3.73 -92.77
CA TYR C 539 1.02 -3.99 -91.62
C TYR C 539 0.71 -5.48 -91.52
N LEU C 540 0.46 -6.13 -92.66
CA LEU C 540 0.26 -7.58 -92.63
C LEU C 540 1.51 -8.31 -92.16
N ALA C 541 2.69 -7.85 -92.60
CA ALA C 541 3.93 -8.44 -92.16
C ALA C 541 4.23 -8.17 -90.69
N LYS C 542 3.53 -7.22 -90.08
CA LYS C 542 3.70 -6.90 -88.67
C LYS C 542 2.66 -7.56 -87.78
N HIS C 543 1.40 -7.57 -88.21
CA HIS C 543 0.33 -8.22 -87.45
C HIS C 543 -0.65 -8.80 -88.45
N SER C 544 -0.49 -10.09 -88.76
CA SER C 544 -1.38 -10.76 -89.69
C SER C 544 -2.78 -10.89 -89.10
N GLY C 545 -3.78 -10.64 -89.93
CA GLY C 545 -5.18 -10.71 -89.53
C GLY C 545 -5.71 -9.46 -88.86
N ARG C 546 -4.95 -8.91 -87.91
CA ARG C 546 -5.35 -7.68 -87.25
C ARG C 546 -5.31 -6.51 -88.23
N GLN C 547 -6.28 -5.61 -88.11
CA GLN C 547 -6.36 -4.47 -89.00
C GLN C 547 -6.85 -3.27 -88.20
N LEU C 548 -5.93 -2.37 -87.86
CA LEU C 548 -6.28 -1.17 -87.12
C LEU C 548 -6.89 -0.14 -88.06
N THR C 549 -7.40 0.95 -87.48
CA THR C 549 -8.03 2.02 -88.26
C THR C 549 -6.94 2.91 -88.86
N LEU C 550 -6.83 2.90 -90.18
CA LEU C 550 -5.85 3.70 -90.91
C LEU C 550 -6.51 4.39 -92.09
N GLN C 551 -7.65 5.04 -91.83
CA GLN C 551 -8.40 5.71 -92.88
C GLN C 551 -7.61 6.89 -93.43
N HIS C 552 -7.87 7.19 -94.71
CA HIS C 552 -7.20 8.29 -95.41
C HIS C 552 -7.95 9.60 -95.28
N HIS C 553 -8.89 9.70 -94.34
CA HIS C 553 -9.63 10.95 -94.14
C HIS C 553 -8.68 12.07 -93.71
N MET C 554 -7.74 11.76 -92.82
CA MET C 554 -6.76 12.73 -92.34
C MET C 554 -5.34 12.29 -92.65
N GLY C 555 -5.17 11.48 -93.70
CA GLY C 555 -3.87 11.00 -94.10
C GLY C 555 -2.91 12.12 -94.49
N SER C 556 -1.67 12.03 -94.04
CA SER C 556 -0.67 13.05 -94.33
C SER C 556 0.63 12.38 -94.75
N ALA C 557 1.35 13.05 -95.65
CA ALA C 557 2.64 12.57 -96.14
C ALA C 557 3.46 13.76 -96.60
N ASP C 558 4.76 13.53 -96.72
CA ASP C 558 5.70 14.56 -97.15
C ASP C 558 6.56 14.01 -98.27
N LEU C 559 6.38 14.53 -99.48
CA LEU C 559 7.14 14.08 -100.64
C LEU C 559 7.31 15.23 -101.61
N ASN C 560 8.32 15.12 -102.47
CA ASN C 560 8.61 16.14 -103.47
C ASN C 560 7.91 15.77 -104.77
N ALA C 561 7.03 16.66 -105.23
CA ALA C 561 6.29 16.45 -106.47
C ALA C 561 6.44 17.68 -107.36
N THR C 562 6.65 17.45 -108.64
CA THR C 562 6.82 18.52 -109.61
C THR C 562 5.68 18.47 -110.63
N PHE C 563 5.06 19.62 -110.89
CA PHE C 563 3.95 19.71 -111.83
C PHE C 563 4.47 20.21 -113.16
N TYR C 564 4.12 19.50 -114.23
CA TYR C 564 4.55 19.86 -115.58
C TYR C 564 3.50 19.50 -116.61
N THR C 587 12.98 23.78 -111.86
CA THR C 587 13.72 24.95 -111.45
C THR C 587 14.45 24.71 -110.12
N ARG C 588 13.69 24.77 -109.03
CA ARG C 588 14.23 24.54 -107.69
C ARG C 588 13.48 23.39 -107.03
N LYS C 589 14.22 22.53 -106.35
CA LYS C 589 13.62 21.39 -105.68
C LYS C 589 13.05 21.80 -104.33
N HIS C 590 11.77 21.50 -104.13
CA HIS C 590 11.08 21.85 -102.89
C HIS C 590 10.24 20.67 -102.42
N ILE C 591 10.10 20.56 -101.11
CA ILE C 591 9.26 19.53 -100.50
C ILE C 591 7.87 20.10 -100.29
N LEU C 592 6.86 19.44 -100.85
CA LEU C 592 5.49 19.92 -100.80
C LEU C 592 4.75 19.23 -99.66
N GLN C 593 4.04 20.02 -98.87
CA GLN C 593 3.22 19.53 -97.76
C GLN C 593 1.77 19.92 -98.04
N VAL C 594 0.92 18.93 -98.33
CA VAL C 594 -0.48 19.16 -98.64
C VAL C 594 -1.32 18.20 -97.82
N SER C 595 -2.60 18.56 -97.66
CA SER C 595 -3.53 17.74 -96.90
C SER C 595 -3.98 16.54 -97.74
N THR C 596 -4.81 15.70 -97.13
CA THR C 596 -5.33 14.53 -97.84
C THR C 596 -6.21 14.95 -99.02
N PHE C 597 -7.06 15.95 -98.82
CA PHE C 597 -7.91 16.42 -99.92
C PHE C 597 -7.09 17.14 -100.98
N GLN C 598 -6.10 17.93 -100.56
CA GLN C 598 -5.26 18.65 -101.53
C GLN C 598 -4.28 17.72 -102.23
N MET C 599 -4.04 16.54 -101.68
CA MET C 599 -3.12 15.59 -102.32
C MET C 599 -3.63 15.15 -103.68
N THR C 600 -4.93 14.88 -103.80
CA THR C 600 -5.48 14.48 -105.10
C THR C 600 -5.34 15.60 -106.13
N ILE C 601 -5.60 16.84 -105.72
CA ILE C 601 -5.46 17.97 -106.63
C ILE C 601 -4.01 18.14 -107.06
N LEU C 602 -3.07 18.01 -106.11
CA LEU C 602 -1.65 18.12 -106.44
C LEU C 602 -1.22 17.02 -107.40
N MET C 603 -1.69 15.79 -107.17
CA MET C 603 -1.35 14.70 -108.07
C MET C 603 -1.92 14.92 -109.46
N LEU C 604 -3.15 15.43 -109.53
CA LEU C 604 -3.75 15.75 -110.83
C LEU C 604 -2.94 16.83 -111.55
N PHE C 605 -2.51 17.85 -110.82
CA PHE C 605 -1.68 18.89 -111.42
C PHE C 605 -0.27 18.43 -111.71
N ASN C 606 0.27 17.50 -110.91
CA ASN C 606 1.62 17.02 -111.13
C ASN C 606 1.70 16.11 -112.35
N ASN C 607 0.66 15.32 -112.61
CA ASN C 607 0.64 14.38 -113.71
C ASN C 607 -0.02 14.93 -114.97
N ARG C 608 -1.19 15.55 -114.83
CA ARG C 608 -1.89 16.13 -115.97
C ARG C 608 -1.52 17.59 -116.13
N GLU C 609 -2.00 18.21 -117.22
CA GLU C 609 -1.74 19.61 -117.51
C GLU C 609 -2.91 20.51 -117.17
N LYS C 610 -4.10 20.21 -117.68
CA LYS C 610 -5.30 21.00 -117.41
C LYS C 610 -6.35 20.09 -116.77
N TYR C 611 -6.81 20.49 -115.58
CA TYR C 611 -7.83 19.74 -114.86
C TYR C 611 -8.86 20.73 -114.32
N THR C 612 -10.13 20.52 -114.66
CA THR C 612 -11.18 21.39 -114.16
C THR C 612 -11.47 21.09 -112.68
N PHE C 613 -11.94 22.12 -111.97
CA PHE C 613 -12.26 21.95 -110.55
C PHE C 613 -13.40 20.95 -110.35
N GLU C 614 -14.43 21.01 -111.20
CA GLU C 614 -15.54 20.06 -111.08
C GLU C 614 -15.06 18.64 -111.34
N GLU C 615 -14.23 18.44 -112.36
CA GLU C 615 -13.71 17.11 -112.65
C GLU C 615 -12.83 16.59 -111.52
N ILE C 616 -11.98 17.47 -110.97
CA ILE C 616 -11.11 17.06 -109.88
C ILE C 616 -11.92 16.69 -108.64
N GLN C 617 -12.93 17.49 -108.32
CA GLN C 617 -13.78 17.20 -107.16
C GLN C 617 -14.56 15.91 -107.37
N GLN C 618 -15.09 15.69 -108.58
CA GLN C 618 -15.82 14.46 -108.85
C GLN C 618 -14.91 13.25 -108.78
N GLU C 619 -13.69 13.36 -109.30
CA GLU C 619 -12.75 12.25 -109.28
C GLU C 619 -12.17 11.99 -107.89
N THR C 620 -12.31 12.92 -106.96
CA THR C 620 -11.76 12.77 -105.62
C THR C 620 -12.83 12.74 -104.53
N ASP C 621 -14.04 13.23 -104.79
CA ASP C 621 -15.13 13.24 -103.82
C ASP C 621 -14.74 13.99 -102.55
N ILE C 622 -13.95 15.05 -102.70
CA ILE C 622 -13.52 15.85 -101.55
C ILE C 622 -14.69 16.64 -101.01
N PRO C 623 -14.74 16.92 -99.71
CA PRO C 623 -15.83 17.73 -99.17
C PRO C 623 -15.79 19.16 -99.69
N GLU C 624 -16.96 19.79 -99.73
CA GLU C 624 -17.04 21.18 -100.17
C GLU C 624 -16.24 22.09 -99.25
N ARG C 625 -16.36 21.88 -97.94
CA ARG C 625 -15.56 22.65 -97.00
C ARG C 625 -14.07 22.39 -97.19
N GLU C 626 -13.70 21.12 -97.40
CA GLU C 626 -12.31 20.80 -97.64
C GLU C 626 -11.79 21.44 -98.92
N LEU C 627 -12.59 21.42 -99.99
CA LEU C 627 -12.19 22.05 -101.24
C LEU C 627 -12.03 23.56 -101.06
N VAL C 628 -12.96 24.18 -100.32
CA VAL C 628 -12.87 25.62 -100.08
C VAL C 628 -11.61 25.95 -99.29
N ARG C 629 -11.32 25.16 -98.25
CA ARG C 629 -10.11 25.38 -97.45
C ARG C 629 -8.85 25.22 -98.30
N ALA C 630 -8.82 24.19 -99.15
CA ALA C 630 -7.66 23.99 -100.01
C ALA C 630 -7.48 25.14 -100.98
N LEU C 631 -8.59 25.64 -101.56
CA LEU C 631 -8.50 26.77 -102.47
C LEU C 631 -8.01 28.02 -101.74
N GLN C 632 -8.51 28.25 -100.53
CA GLN C 632 -8.07 29.41 -99.76
C GLN C 632 -6.59 29.33 -99.40
N SER C 633 -6.12 28.14 -99.01
CA SER C 633 -4.74 27.96 -98.60
C SER C 633 -3.78 27.80 -99.77
N LEU C 634 -4.28 27.62 -100.99
CA LEU C 634 -3.42 27.39 -102.15
C LEU C 634 -3.15 28.69 -102.91
N ALA C 635 -4.21 29.37 -103.34
CA ALA C 635 -4.09 30.58 -104.16
C ALA C 635 -4.51 31.85 -103.46
N CYS C 636 -5.39 31.77 -102.45
CA CYS C 636 -5.89 32.94 -101.75
C CYS C 636 -5.04 33.30 -100.54
N GLY C 637 -3.88 32.67 -100.37
CA GLY C 637 -3.05 32.93 -99.20
C GLY C 637 -2.04 34.04 -99.41
N LYS C 638 -0.81 33.81 -98.96
CA LYS C 638 0.22 34.84 -99.04
C LYS C 638 0.64 35.05 -100.51
N PRO C 639 1.03 36.27 -100.87
CA PRO C 639 1.50 36.50 -102.25
C PRO C 639 2.72 35.68 -102.61
N THR C 640 3.61 35.41 -101.64
CA THR C 640 4.79 34.60 -101.92
C THR C 640 4.45 33.18 -102.32
N GLN C 641 3.40 32.60 -101.75
CA GLN C 641 2.95 31.27 -102.11
C GLN C 641 1.83 31.30 -103.15
N ARG C 642 1.47 32.49 -103.65
CA ARG C 642 0.42 32.63 -104.66
C ARG C 642 1.04 32.48 -106.03
N VAL C 643 1.22 31.22 -106.45
CA VAL C 643 1.77 30.91 -107.76
C VAL C 643 0.69 30.58 -108.79
N LEU C 644 -0.57 30.44 -108.37
CA LEU C 644 -1.67 30.12 -109.26
C LEU C 644 -2.78 31.14 -109.07
N THR C 645 -3.40 31.56 -110.17
CA THR C 645 -4.50 32.51 -110.15
C THR C 645 -5.78 31.73 -110.49
N LYS C 646 -6.42 31.18 -109.47
CA LYS C 646 -7.64 30.43 -109.67
C LYS C 646 -8.78 31.34 -110.11
N GLU C 647 -9.68 30.80 -110.91
CA GLU C 647 -10.81 31.55 -111.45
C GLU C 647 -12.11 30.94 -110.93
N PRO C 648 -12.73 31.52 -109.89
CA PRO C 648 -12.21 32.70 -109.20
C PRO C 648 -11.53 32.37 -107.87
N LYS C 649 -10.45 33.09 -107.56
CA LYS C 649 -9.73 32.91 -106.30
C LYS C 649 -10.19 33.98 -105.32
N SER C 650 -11.37 33.74 -104.73
CA SER C 650 -11.96 34.68 -103.78
C SER C 650 -12.76 33.87 -102.77
N LYS C 651 -13.61 34.57 -102.00
CA LYS C 651 -14.43 33.88 -101.01
C LYS C 651 -15.42 32.92 -101.68
N GLU C 652 -16.01 33.33 -102.78
CA GLU C 652 -16.94 32.47 -103.50
C GLU C 652 -16.18 31.38 -104.25
N ILE C 653 -16.87 30.26 -104.46
CA ILE C 653 -16.31 29.10 -105.16
C ILE C 653 -17.05 28.95 -106.48
N GLU C 654 -16.31 28.92 -107.58
CA GLU C 654 -16.87 28.79 -108.91
C GLU C 654 -16.48 27.45 -109.51
N ASN C 655 -17.46 26.78 -110.11
CA ASN C 655 -17.21 25.48 -110.73
C ASN C 655 -16.32 25.65 -111.95
N GLY C 656 -15.54 24.61 -112.25
CA GLY C 656 -14.62 24.65 -113.36
C GLY C 656 -13.49 25.64 -113.20
N HIS C 657 -13.00 25.81 -111.97
CA HIS C 657 -11.89 26.73 -111.70
C HIS C 657 -10.59 26.10 -112.19
N ILE C 658 -10.09 26.56 -113.34
CA ILE C 658 -8.86 26.02 -113.90
C ILE C 658 -7.67 26.67 -113.21
N PHE C 659 -6.80 25.84 -112.64
CA PHE C 659 -5.60 26.30 -111.96
C PHE C 659 -4.42 25.44 -112.38
N THR C 660 -3.23 26.05 -112.38
CA THR C 660 -2.00 25.37 -112.73
C THR C 660 -0.95 25.63 -111.66
N VAL C 661 -0.19 24.59 -111.33
CA VAL C 661 0.85 24.67 -110.31
C VAL C 661 2.12 25.14 -111.02
N ASN C 662 2.37 26.44 -110.98
CA ASN C 662 3.53 27.04 -111.63
C ASN C 662 4.69 27.03 -110.64
N ASP C 663 5.59 26.06 -110.78
CA ASP C 663 6.76 25.97 -109.91
C ASP C 663 7.83 26.98 -110.24
N GLN C 664 7.75 27.65 -111.40
CA GLN C 664 8.74 28.65 -111.76
C GLN C 664 8.57 29.96 -111.00
N PHE C 665 7.46 30.13 -110.29
CA PHE C 665 7.25 31.36 -109.52
C PHE C 665 8.27 31.45 -108.39
N THR C 666 8.69 32.68 -108.09
CA THR C 666 9.68 32.90 -107.06
C THR C 666 9.08 32.66 -105.67
N SER C 667 9.78 31.88 -104.85
CA SER C 667 9.34 31.57 -103.50
C SER C 667 10.50 31.76 -102.53
N LYS C 668 10.16 32.07 -101.28
CA LYS C 668 11.15 32.31 -100.25
C LYS C 668 11.48 31.05 -99.45
N LEU C 669 10.47 30.36 -98.94
CA LEU C 669 10.69 29.15 -98.16
C LEU C 669 11.22 28.03 -99.05
N HIS C 670 12.21 27.30 -98.54
CA HIS C 670 12.78 26.18 -99.29
C HIS C 670 11.75 25.07 -99.49
N ARG C 671 10.96 24.77 -98.45
CA ARG C 671 9.93 23.75 -98.52
C ARG C 671 8.57 24.43 -98.53
N VAL C 672 7.71 24.03 -99.46
CA VAL C 672 6.38 24.61 -99.60
C VAL C 672 5.44 23.83 -98.69
N LYS C 673 5.25 24.33 -97.48
CA LYS C 673 4.37 23.71 -96.50
C LYS C 673 3.10 24.53 -96.37
N ILE C 674 1.96 23.90 -96.58
CA ILE C 674 0.68 24.60 -96.49
C ILE C 674 0.36 24.86 -95.03
N GLN C 675 0.07 26.12 -94.70
CA GLN C 675 -0.26 26.48 -93.33
C GLN C 675 -1.57 25.84 -92.90
N THR C 676 -1.59 25.30 -91.69
CA THR C 676 -2.79 24.67 -91.18
C THR C 676 -3.88 25.70 -90.92
N VAL C 677 -5.13 25.30 -91.20
CA VAL C 677 -6.28 26.17 -91.00
C VAL C 677 -6.67 26.14 -89.52
N ALA C 678 -6.11 27.05 -88.74
CA ALA C 678 -6.38 27.15 -87.31
C ALA C 678 -7.12 28.45 -87.05
N ALA C 679 -8.45 28.39 -87.15
CA ALA C 679 -9.30 29.55 -86.92
C ALA C 679 -9.50 29.74 -85.41
N LYS C 680 -10.42 30.63 -85.04
CA LYS C 680 -10.72 30.84 -83.65
C LYS C 680 -11.29 29.57 -83.02
N GLN C 681 -11.00 29.39 -81.73
CA GLN C 681 -11.42 28.20 -81.02
C GLN C 681 -12.94 28.06 -81.05
N GLY C 682 -13.41 26.88 -81.38
CA GLY C 682 -14.83 26.62 -81.48
C GLY C 682 -15.13 25.64 -82.60
N GLU C 683 -16.42 25.34 -82.75
CA GLU C 683 -16.89 24.42 -83.77
C GLU C 683 -18.11 25.00 -84.46
N SER C 684 -18.39 24.51 -85.66
CA SER C 684 -19.56 24.94 -86.41
C SER C 684 -20.83 24.59 -85.64
N ASP C 685 -21.81 25.48 -85.69
CA ASP C 685 -23.05 25.27 -84.94
C ASP C 685 -23.72 23.95 -85.28
N PRO C 686 -23.93 23.60 -86.55
CA PRO C 686 -24.45 22.25 -86.84
C PRO C 686 -23.51 21.15 -86.40
N GLU C 687 -22.20 21.33 -86.61
CA GLU C 687 -21.24 20.32 -86.18
C GLU C 687 -21.23 20.19 -84.67
N ARG C 688 -21.26 21.32 -83.96
CA ARG C 688 -21.30 21.28 -82.49
C ARG C 688 -22.57 20.60 -82.01
N LYS C 689 -23.71 20.90 -82.64
CA LYS C 689 -24.97 20.27 -82.25
C LYS C 689 -24.92 18.77 -82.48
N GLU C 690 -24.36 18.34 -83.62
CA GLU C 690 -24.26 16.91 -83.90
C GLU C 690 -23.33 16.21 -82.91
N THR C 691 -22.20 16.84 -82.58
CA THR C 691 -21.29 16.26 -81.60
C THR C 691 -21.95 16.16 -80.23
N ARG C 692 -22.67 17.20 -79.82
CA ARG C 692 -23.37 17.17 -78.55
C ARG C 692 -24.43 16.07 -78.53
N GLN C 693 -25.17 15.92 -79.63
CA GLN C 693 -26.19 14.88 -79.70
C GLN C 693 -25.55 13.49 -79.61
N LYS C 694 -24.44 13.28 -80.31
CA LYS C 694 -23.75 11.99 -80.25
C LYS C 694 -23.24 11.70 -78.84
N VAL C 695 -22.65 12.71 -78.19
CA VAL C 695 -22.16 12.53 -76.83
C VAL C 695 -23.30 12.23 -75.88
N ASP C 696 -24.43 12.93 -76.03
CA ASP C 696 -25.59 12.68 -75.18
C ASP C 696 -26.15 11.28 -75.40
N ASP C 697 -26.20 10.83 -76.65
CA ASP C 697 -26.67 9.48 -76.93
C ASP C 697 -25.76 8.43 -76.30
N ASP C 698 -24.43 8.63 -76.43
CA ASP C 698 -23.50 7.70 -75.81
C ASP C 698 -23.64 7.69 -74.30
N ARG C 699 -23.80 8.87 -73.69
CA ARG C 699 -23.98 8.95 -72.24
C ARG C 699 -25.28 8.26 -71.81
N LYS C 700 -26.34 8.45 -72.58
CA LYS C 700 -27.61 7.80 -72.26
C LYS C 700 -27.49 6.28 -72.37
N HIS C 701 -26.81 5.79 -73.39
CA HIS C 701 -26.59 4.35 -73.53
C HIS C 701 -25.78 3.81 -72.36
N GLU C 702 -24.72 4.52 -71.97
CA GLU C 702 -23.91 4.09 -70.83
C GLU C 702 -24.72 4.09 -69.55
N ILE C 703 -25.55 5.11 -69.35
CA ILE C 703 -26.38 5.19 -68.14
C ILE C 703 -27.39 4.05 -68.11
N GLU C 704 -28.01 3.75 -69.27
CA GLU C 704 -28.95 2.64 -69.33
C GLU C 704 -28.25 1.32 -69.04
N ALA C 705 -27.04 1.13 -69.56
CA ALA C 705 -26.29 -0.09 -69.27
C ALA C 705 -25.94 -0.20 -67.79
N ALA C 706 -25.53 0.91 -67.18
CA ALA C 706 -25.13 0.89 -65.78
C ALA C 706 -26.32 0.81 -64.83
N ILE C 707 -27.52 1.19 -65.28
CA ILE C 707 -28.70 1.15 -64.42
C ILE C 707 -29.00 -0.28 -63.99
N VAL C 708 -28.88 -1.24 -64.92
CA VAL C 708 -29.10 -2.64 -64.58
C VAL C 708 -28.09 -3.17 -63.57
N ARG C 709 -26.89 -2.60 -63.54
CA ARG C 709 -25.89 -3.05 -62.57
C ARG C 709 -26.33 -2.78 -61.14
N ILE C 710 -26.97 -1.64 -60.88
CA ILE C 710 -27.43 -1.32 -59.54
C ILE C 710 -28.49 -2.34 -59.09
N MET C 711 -29.43 -2.68 -59.99
CA MET C 711 -30.44 -3.67 -59.66
C MET C 711 -29.83 -5.05 -59.46
N LYS C 712 -28.84 -5.41 -60.27
CA LYS C 712 -28.21 -6.72 -60.14
C LYS C 712 -27.42 -6.83 -58.84
N SER C 713 -26.78 -5.74 -58.41
CA SER C 713 -25.99 -5.77 -57.18
C SER C 713 -26.86 -6.07 -55.96
N ARG C 714 -28.05 -5.46 -55.88
CA ARG C 714 -28.98 -5.71 -54.80
C ARG C 714 -29.96 -6.84 -55.10
N LYS C 715 -30.01 -7.31 -56.35
CA LYS C 715 -30.86 -8.43 -56.76
C LYS C 715 -32.35 -8.12 -56.57
N LYS C 716 -32.67 -6.88 -56.20
CA LYS C 716 -34.05 -6.46 -55.97
C LYS C 716 -34.07 -4.95 -55.83
N MET C 717 -35.12 -4.35 -56.37
CA MET C 717 -35.29 -2.91 -56.30
C MET C 717 -36.75 -2.56 -56.50
N GLN C 718 -37.13 -1.36 -56.08
CA GLN C 718 -38.48 -0.84 -56.25
C GLN C 718 -38.49 0.24 -57.31
N HIS C 719 -39.68 0.78 -57.56
CA HIS C 719 -39.81 1.85 -58.56
C HIS C 719 -39.01 3.08 -58.15
N ASN C 720 -39.14 3.51 -56.90
CA ASN C 720 -38.35 4.64 -56.41
C ASN C 720 -36.93 4.22 -56.04
N VAL C 721 -36.75 3.00 -55.55
CA VAL C 721 -35.43 2.54 -55.13
C VAL C 721 -34.49 2.46 -56.32
N LEU C 722 -34.96 1.92 -57.44
CA LEU C 722 -34.13 1.84 -58.64
C LEU C 722 -33.76 3.22 -59.15
N VAL C 723 -34.72 4.15 -59.12
CA VAL C 723 -34.44 5.52 -59.58
C VAL C 723 -33.39 6.16 -58.68
N ALA C 724 -33.51 5.99 -57.36
CA ALA C 724 -32.53 6.55 -56.44
C ALA C 724 -31.16 5.94 -56.66
N GLU C 725 -31.09 4.63 -56.86
CA GLU C 725 -29.82 3.97 -57.10
C GLU C 725 -29.18 4.46 -58.39
N VAL C 726 -29.99 4.63 -59.44
CA VAL C 726 -29.46 5.14 -60.71
C VAL C 726 -28.95 6.57 -60.54
N THR C 727 -29.72 7.42 -59.85
CA THR C 727 -29.29 8.79 -59.64
C THR C 727 -28.05 8.89 -58.77
N GLN C 728 -27.83 7.92 -57.88
CA GLN C 728 -26.61 7.93 -57.07
C GLN C 728 -25.37 7.81 -57.94
N GLN C 729 -25.41 6.95 -58.95
CA GLN C 729 -24.28 6.76 -59.85
C GLN C 729 -24.33 7.68 -61.07
N LEU C 730 -25.43 8.39 -61.28
CA LEU C 730 -25.59 9.29 -62.42
C LEU C 730 -25.76 10.74 -61.98
N LYS C 731 -24.94 11.17 -61.03
CA LYS C 731 -24.98 12.54 -60.52
C LYS C 731 -23.73 13.33 -60.87
N ALA C 732 -22.54 12.79 -60.58
CA ALA C 732 -21.31 13.51 -60.87
C ALA C 732 -21.03 13.55 -62.37
N ARG C 733 -21.19 12.41 -63.05
CA ARG C 733 -20.86 12.36 -64.47
C ARG C 733 -21.90 13.11 -65.30
N PHE C 734 -23.18 12.90 -65.01
CA PHE C 734 -24.26 13.51 -65.77
C PHE C 734 -25.45 13.71 -64.85
N LEU C 735 -26.62 13.98 -65.44
CA LEU C 735 -27.84 14.17 -64.68
C LEU C 735 -28.81 13.03 -64.94
N PRO C 736 -29.24 12.31 -63.90
CA PRO C 736 -30.18 11.21 -64.12
C PRO C 736 -31.53 11.71 -64.61
N SER C 737 -32.19 10.86 -65.40
CA SER C 737 -33.50 11.18 -65.95
C SER C 737 -34.42 9.98 -65.76
N PRO C 738 -35.68 10.20 -65.39
CA PRO C 738 -36.61 9.06 -65.24
C PRO C 738 -36.83 8.29 -66.53
N VAL C 739 -36.76 8.96 -67.68
CA VAL C 739 -36.97 8.29 -68.96
C VAL C 739 -35.89 7.23 -69.20
N VAL C 740 -34.63 7.57 -68.87
CA VAL C 740 -33.55 6.61 -69.05
C VAL C 740 -33.74 5.41 -68.13
N ILE C 741 -34.16 5.65 -66.90
CA ILE C 741 -34.39 4.54 -65.96
C ILE C 741 -35.52 3.65 -66.45
N LYS C 742 -36.60 4.25 -66.94
CA LYS C 742 -37.71 3.45 -67.48
C LYS C 742 -37.28 2.65 -68.69
N LYS C 743 -36.49 3.25 -69.57
CA LYS C 743 -35.99 2.53 -70.75
C LYS C 743 -35.10 1.37 -70.35
N ARG C 744 -34.22 1.58 -69.36
CA ARG C 744 -33.37 0.50 -68.88
C ARG C 744 -34.18 -0.62 -68.25
N ILE C 745 -35.21 -0.26 -67.48
CA ILE C 745 -36.06 -1.28 -66.86
C ILE C 745 -36.78 -2.09 -67.92
N GLU C 746 -37.31 -1.42 -68.95
CA GLU C 746 -37.98 -2.14 -70.03
C GLU C 746 -37.00 -3.03 -70.79
N GLY C 747 -35.79 -2.52 -71.08
CA GLY C 747 -34.83 -3.31 -71.81
C GLY C 747 -34.29 -4.49 -71.03
N LEU C 748 -34.29 -4.41 -69.70
CA LEU C 748 -33.88 -5.55 -68.90
C LEU C 748 -34.82 -6.73 -69.12
N ILE C 749 -36.12 -6.48 -69.17
CA ILE C 749 -37.08 -7.54 -69.46
C ILE C 749 -37.00 -7.94 -70.92
N GLU C 750 -36.85 -6.97 -71.82
CA GLU C 750 -36.88 -7.27 -73.25
C GLU C 750 -35.70 -8.14 -73.66
N ARG C 751 -34.48 -7.74 -73.31
CA ARG C 751 -33.29 -8.50 -73.69
C ARG C 751 -32.98 -9.63 -72.72
N GLU C 752 -33.78 -9.78 -71.65
CA GLU C 752 -33.61 -10.82 -70.64
C GLU C 752 -32.26 -10.71 -69.93
N TYR C 753 -31.64 -9.54 -69.95
CA TYR C 753 -30.39 -9.35 -69.20
C TYR C 753 -30.63 -9.46 -67.70
N LEU C 754 -31.75 -8.92 -67.23
CA LEU C 754 -32.14 -9.01 -65.82
C LEU C 754 -33.45 -9.76 -65.70
N ALA C 755 -33.61 -10.44 -64.56
CA ALA C 755 -34.80 -11.24 -64.31
C ALA C 755 -35.91 -10.41 -63.67
N ARG C 756 -36.25 -9.29 -64.32
CA ARG C 756 -37.31 -8.41 -63.86
C ARG C 756 -38.53 -8.55 -64.76
N THR C 757 -39.56 -7.77 -64.46
CA THR C 757 -40.79 -7.78 -65.24
C THR C 757 -41.24 -6.34 -65.50
N PRO C 758 -41.47 -5.96 -66.76
CA PRO C 758 -41.94 -4.60 -67.04
C PRO C 758 -43.27 -4.28 -66.35
N GLU C 759 -44.16 -5.27 -66.29
CA GLU C 759 -45.45 -5.06 -65.65
C GLU C 759 -45.29 -4.95 -64.13
N ASP C 760 -44.47 -5.83 -63.54
CA ASP C 760 -44.28 -5.86 -62.09
C ASP C 760 -43.01 -5.08 -61.77
N ARG C 761 -43.17 -3.77 -61.54
CA ARG C 761 -42.03 -2.94 -61.20
C ARG C 761 -41.45 -3.27 -59.82
N LYS C 762 -42.28 -3.73 -58.89
CA LYS C 762 -41.78 -4.10 -57.57
C LYS C 762 -40.85 -5.31 -57.65
N VAL C 763 -41.17 -6.27 -58.51
CA VAL C 763 -40.36 -7.46 -58.68
C VAL C 763 -39.20 -7.13 -59.61
N TYR C 764 -37.97 -7.31 -59.10
CA TYR C 764 -36.78 -7.02 -59.88
C TYR C 764 -35.69 -7.99 -59.46
N THR C 765 -35.01 -8.59 -60.44
CA THR C 765 -33.91 -9.50 -60.18
C THR C 765 -32.91 -9.39 -61.33
N TYR C 766 -31.85 -10.20 -61.24
CA TYR C 766 -30.80 -10.21 -62.24
C TYR C 766 -30.75 -11.58 -62.92
N VAL C 767 -30.48 -11.57 -64.22
CA VAL C 767 -30.39 -12.78 -65.02
C VAL C 767 -28.98 -13.00 -65.55
N ALA C 768 -28.40 -11.98 -66.17
CA ALA C 768 -27.04 -12.10 -66.72
C ALA C 768 -26.01 -11.94 -65.61
N LYS D 15 17.95 31.83 -20.63
CA LYS D 15 18.26 33.25 -20.47
C LYS D 15 18.24 33.64 -18.99
N MET D 16 19.14 33.04 -18.20
CA MET D 16 19.20 33.35 -16.78
C MET D 16 19.60 34.81 -16.56
N ARG D 17 20.56 35.30 -17.35
CA ARG D 17 21.05 36.67 -17.26
C ARG D 17 21.56 36.99 -15.85
N ILE D 18 22.62 36.27 -15.47
CA ILE D 18 23.19 36.43 -14.14
C ILE D 18 23.86 37.80 -14.06
N ARG D 19 23.42 38.61 -13.09
CA ARG D 19 24.00 39.93 -12.91
C ARG D 19 25.44 39.82 -12.38
N ALA D 20 26.30 40.69 -12.89
CA ALA D 20 27.69 40.69 -12.47
C ALA D 20 27.85 41.38 -11.13
N PHE D 21 28.86 40.95 -10.37
CA PHE D 21 29.16 41.52 -9.07
C PHE D 21 30.67 41.52 -8.87
N PRO D 22 31.24 42.60 -8.35
CA PRO D 22 32.69 42.68 -8.18
C PRO D 22 33.16 42.06 -6.87
N MET D 23 34.44 41.68 -6.87
CA MET D 23 35.12 41.16 -5.69
C MET D 23 36.41 41.95 -5.48
N THR D 24 36.62 42.43 -4.26
CA THR D 24 37.80 43.22 -3.93
C THR D 24 38.42 42.68 -2.65
N MET D 25 39.75 42.81 -2.55
CA MET D 25 40.51 42.35 -1.40
C MET D 25 41.54 43.40 -1.00
N ASP D 26 41.13 44.67 -0.95
CA ASP D 26 42.00 45.75 -0.52
C ASP D 26 42.36 45.58 0.95
N GLU D 27 43.64 45.35 1.23
CA GLU D 27 44.11 44.97 2.56
C GLU D 27 43.80 46.03 3.62
N LYS D 28 44.04 47.29 3.30
CA LYS D 28 43.83 48.36 4.28
C LYS D 28 42.36 48.41 4.70
N TYR D 29 41.44 48.32 3.74
CA TYR D 29 40.02 48.29 4.06
C TYR D 29 39.68 47.06 4.89
N VAL D 30 40.26 45.91 4.52
CA VAL D 30 40.06 44.70 5.30
C VAL D 30 40.64 44.86 6.70
N ASN D 31 41.83 45.44 6.81
CA ASN D 31 42.48 45.61 8.10
C ASN D 31 41.69 46.51 9.03
N SER D 32 41.12 47.61 8.52
CA SER D 32 40.37 48.52 9.36
C SER D 32 39.14 47.83 9.96
N ILE D 33 38.51 46.96 9.17
CA ILE D 33 37.37 46.18 9.63
C ILE D 33 37.79 45.33 10.81
N TRP D 34 39.00 44.75 10.72
CA TRP D 34 39.48 43.92 11.82
C TRP D 34 39.71 44.75 13.08
N ASP D 35 40.25 45.96 12.93
CA ASP D 35 40.45 46.83 14.08
C ASP D 35 39.11 47.16 14.73
N LEU D 36 38.11 47.48 13.92
CA LEU D 36 36.78 47.77 14.45
C LEU D 36 36.21 46.56 15.20
N LEU D 37 36.34 45.37 14.60
CA LEU D 37 35.81 44.17 15.25
C LEU D 37 36.54 43.88 16.56
N LYS D 38 37.86 44.07 16.58
CA LYS D 38 38.63 43.87 17.81
C LYS D 38 38.17 44.84 18.89
N ASN D 39 37.96 46.10 18.51
CA ASN D 39 37.48 47.08 19.48
C ASN D 39 36.11 46.68 20.03
N ALA D 40 35.21 46.22 19.15
CA ALA D 40 33.89 45.80 19.61
C ALA D 40 33.99 44.61 20.56
N ILE D 41 34.83 43.64 20.23
CA ILE D 41 34.97 42.46 21.08
C ILE D 41 35.55 42.84 22.43
N GLN D 42 36.55 43.72 22.44
CA GLN D 42 37.12 44.18 23.71
C GLN D 42 36.08 44.92 24.54
N GLU D 43 35.25 45.74 23.89
CA GLU D 43 34.19 46.43 24.62
C GLU D 43 33.20 45.44 25.21
N ILE D 44 32.88 44.37 24.47
CA ILE D 44 31.99 43.35 25.00
C ILE D 44 32.61 42.67 26.21
N GLN D 45 33.90 42.34 26.12
CA GLN D 45 34.56 41.64 27.22
C GLN D 45 34.62 42.50 28.47
N ARG D 46 34.61 43.83 28.33
CA ARG D 46 34.62 44.73 29.47
C ARG D 46 33.22 45.01 30.00
N LYS D 47 32.22 44.23 29.57
CA LYS D 47 30.83 44.39 30.01
C LYS D 47 30.31 45.78 29.66
N ASN D 48 30.34 46.10 28.37
CA ASN D 48 29.89 47.38 27.85
C ASN D 48 29.15 47.18 26.54
N ASN D 49 28.28 46.18 26.50
CA ASN D 49 27.56 45.80 25.28
C ASN D 49 26.30 46.61 25.06
N SER D 50 25.88 47.45 26.02
CA SER D 50 24.61 48.14 25.93
C SER D 50 24.58 49.20 24.85
N GLY D 51 25.74 49.60 24.31
CA GLY D 51 25.77 50.64 23.30
C GLY D 51 26.17 50.17 21.92
N LEU D 52 26.78 48.98 21.85
CA LEU D 52 27.25 48.47 20.57
C LEU D 52 26.09 48.12 19.66
N SER D 53 26.24 48.41 18.37
CA SER D 53 25.25 48.05 17.38
C SER D 53 25.41 46.58 16.99
N PHE D 54 24.43 46.07 16.26
CA PHE D 54 24.45 44.69 15.79
C PHE D 54 24.60 44.55 14.28
N GLU D 55 23.88 45.36 13.50
CA GLU D 55 23.91 45.18 12.05
C GLU D 55 25.29 45.44 11.48
N GLU D 56 25.99 46.46 11.99
CA GLU D 56 27.31 46.79 11.45
C GLU D 56 28.30 45.65 11.70
N LEU D 57 28.29 45.10 12.91
CA LEU D 57 29.25 44.04 13.25
C LEU D 57 28.97 42.77 12.44
N TYR D 58 27.71 42.38 12.33
CA TYR D 58 27.37 41.20 11.55
C TYR D 58 27.70 41.40 10.08
N ARG D 59 27.44 42.60 9.55
CA ARG D 59 27.79 42.89 8.17
C ARG D 59 29.28 42.79 7.93
N ASN D 60 30.08 43.33 8.87
CA ASN D 60 31.53 43.23 8.72
C ASN D 60 32.00 41.79 8.78
N ALA D 61 31.45 41.00 9.72
CA ALA D 61 31.84 39.60 9.81
C ALA D 61 31.47 38.83 8.55
N TYR D 62 30.29 39.11 7.98
CA TYR D 62 29.92 38.52 6.70
C TYR D 62 30.89 38.95 5.61
N THR D 63 31.32 40.21 5.64
CA THR D 63 32.24 40.70 4.62
C THR D 63 33.57 39.96 4.67
N MET D 64 34.10 39.71 5.87
CA MET D 64 35.38 39.04 5.97
C MET D 64 35.33 37.59 5.49
N VAL D 65 34.18 36.93 5.57
CA VAL D 65 34.07 35.55 5.11
C VAL D 65 33.84 35.48 3.60
N LEU D 66 33.24 36.50 3.00
CA LEU D 66 33.01 36.54 1.57
C LEU D 66 34.29 36.69 0.76
N HIS D 67 35.32 37.31 1.33
CA HIS D 67 36.59 37.53 0.64
C HIS D 67 37.66 36.54 1.07
N LYS D 68 37.27 35.45 1.73
CA LYS D 68 38.18 34.36 2.11
C LYS D 68 39.31 34.88 3.01
N HIS D 69 38.91 35.39 4.17
CA HIS D 69 39.85 35.87 5.18
C HIS D 69 39.55 35.25 6.54
N GLY D 70 38.94 34.07 6.55
CA GLY D 70 38.53 33.46 7.80
C GLY D 70 39.68 33.10 8.72
N GLU D 71 40.85 32.79 8.15
CA GLU D 71 42.01 32.48 8.98
C GLU D 71 42.39 33.66 9.86
N LYS D 72 42.41 34.86 9.28
CA LYS D 72 42.72 36.04 10.06
C LYS D 72 41.70 36.24 11.18
N LEU D 73 40.42 36.07 10.87
CA LEU D 73 39.37 36.25 11.88
C LEU D 73 39.55 35.26 13.03
N TYR D 74 39.77 33.99 12.70
CA TYR D 74 39.90 32.96 13.73
C TYR D 74 41.13 33.21 14.59
N THR D 75 42.27 33.51 13.96
CA THR D 75 43.50 33.74 14.71
C THR D 75 43.35 34.96 15.62
N GLY D 76 42.77 36.05 15.11
CA GLY D 76 42.60 37.23 15.92
C GLY D 76 41.64 36.99 17.08
N LEU D 77 40.56 36.27 16.83
CA LEU D 77 39.63 35.96 17.92
C LEU D 77 40.31 35.15 19.00
N ARG D 78 41.07 34.13 18.60
CA ARG D 78 41.78 33.31 19.58
C ARG D 78 42.76 34.15 20.39
N GLU D 79 43.55 34.98 19.70
CA GLU D 79 44.55 35.79 20.41
C GLU D 79 43.88 36.76 21.39
N VAL D 80 42.82 37.43 20.94
CA VAL D 80 42.15 38.40 21.79
C VAL D 80 41.55 37.72 23.01
N VAL D 81 40.88 36.58 22.79
CA VAL D 81 40.23 35.87 23.90
C VAL D 81 41.28 35.42 24.92
N THR D 82 42.38 34.82 24.43
CA THR D 82 43.43 34.36 25.34
C THR D 82 44.02 35.51 26.13
N GLU D 83 44.36 36.61 25.45
CA GLU D 83 44.97 37.75 26.12
C GLU D 83 44.04 38.31 27.19
N HIS D 84 42.77 38.53 26.83
CA HIS D 84 41.84 39.11 27.79
C HIS D 84 41.63 38.18 28.97
N LEU D 85 41.39 36.89 28.72
CA LEU D 85 41.16 35.97 29.83
C LEU D 85 42.36 35.93 30.77
N ILE D 86 43.57 35.76 30.22
CA ILE D 86 44.75 35.74 31.07
C ILE D 86 44.82 37.02 31.89
N ASN D 87 44.98 38.16 31.20
CA ASN D 87 45.34 39.40 31.87
C ASN D 87 44.20 39.99 32.71
N LYS D 88 42.98 39.46 32.60
CA LYS D 88 41.90 40.04 33.38
C LYS D 88 41.22 39.00 34.28
N VAL D 89 41.69 37.76 34.28
CA VAL D 89 41.11 36.74 35.14
C VAL D 89 42.17 36.13 36.03
N ARG D 90 43.34 35.79 35.46
CA ARG D 90 44.35 35.11 36.26
C ARG D 90 44.85 36.00 37.39
N GLU D 91 45.09 37.28 37.09
CA GLU D 91 45.53 38.21 38.13
C GLU D 91 44.45 38.37 39.20
N ASP D 92 43.18 38.47 38.78
CA ASP D 92 42.10 38.62 39.75
C ASP D 92 41.99 37.40 40.66
N VAL D 93 42.09 36.20 40.09
CA VAL D 93 41.99 34.99 40.91
C VAL D 93 43.17 34.89 41.86
N LEU D 94 44.37 35.19 41.38
CA LEU D 94 45.54 35.17 42.25
C LEU D 94 45.41 36.19 43.37
N ASN D 95 44.82 37.35 43.09
CA ASN D 95 44.57 38.34 44.13
C ASN D 95 43.57 37.80 45.15
N SER D 96 42.52 37.12 44.68
CA SER D 96 41.51 36.53 45.55
C SER D 96 41.84 35.08 45.91
N LEU D 97 43.12 34.70 45.82
CA LEU D 97 43.51 33.34 46.14
C LEU D 97 43.31 33.02 47.62
N ASN D 98 43.61 33.99 48.49
CA ASN D 98 43.56 33.75 49.93
C ASN D 98 42.12 33.59 50.42
N ASN D 99 41.30 34.63 50.23
CA ASN D 99 39.94 34.64 50.73
C ASN D 99 38.97 34.91 49.59
N ASN D 100 37.73 34.48 49.78
CA ASN D 100 36.67 34.64 48.78
C ASN D 100 37.08 34.04 47.44
N PHE D 101 37.44 32.76 47.47
CA PHE D 101 37.98 32.09 46.29
C PHE D 101 36.90 31.53 45.38
N LEU D 102 35.88 30.87 45.93
CA LEU D 102 34.86 30.24 45.10
C LEU D 102 34.00 31.29 44.40
N GLN D 103 33.63 32.36 45.11
CA GLN D 103 32.71 33.34 44.55
C GLN D 103 33.31 34.04 43.34
N THR D 104 34.58 34.47 43.43
CA THR D 104 35.19 35.15 42.30
C THR D 104 35.36 34.22 41.10
N LEU D 105 35.69 32.95 41.36
CA LEU D 105 35.81 32.00 40.27
C LEU D 105 34.48 31.79 39.57
N ASN D 106 33.41 31.64 40.35
CA ASN D 106 32.08 31.47 39.76
C ASN D 106 31.67 32.71 38.96
N GLN D 107 31.95 33.90 39.50
CA GLN D 107 31.63 35.13 38.79
C GLN D 107 32.38 35.23 37.47
N ALA D 108 33.68 34.90 37.49
CA ALA D 108 34.46 34.93 36.26
C ALA D 108 33.94 33.92 35.26
N TRP D 109 33.55 32.73 35.73
CA TRP D 109 33.01 31.72 34.84
C TRP D 109 31.72 32.21 34.18
N ASN D 110 30.83 32.81 34.97
CA ASN D 110 29.57 33.29 34.42
C ASN D 110 29.80 34.42 33.42
N ASP D 111 30.70 35.35 33.75
CA ASP D 111 31.00 36.45 32.83
C ASP D 111 31.59 35.94 31.53
N HIS D 112 32.51 34.97 31.62
CA HIS D 112 33.09 34.39 30.42
C HIS D 112 32.05 33.70 29.58
N GLN D 113 31.14 32.95 30.21
CA GLN D 113 30.10 32.26 29.47
C GLN D 113 29.19 33.26 28.74
N THR D 114 28.80 34.34 29.43
CA THR D 114 27.92 35.33 28.81
C THR D 114 28.63 36.02 27.65
N ALA D 115 29.89 36.41 27.84
CA ALA D 115 30.62 37.08 26.77
C ALA D 115 30.77 36.16 25.56
N MET D 116 31.09 34.88 25.80
CA MET D 116 31.24 33.95 24.69
C MET D 116 29.93 33.70 23.97
N VAL D 117 28.82 33.60 24.70
CA VAL D 117 27.55 33.38 24.01
C VAL D 117 27.16 34.59 23.19
N MET D 118 27.45 35.79 23.69
CA MET D 118 27.17 36.98 22.90
C MET D 118 28.04 37.04 21.65
N ILE D 119 29.32 36.70 21.78
CA ILE D 119 30.21 36.71 20.63
C ILE D 119 29.75 35.70 19.59
N ARG D 120 29.36 34.51 20.04
CA ARG D 120 28.82 33.50 19.12
C ARG D 120 27.56 34.02 18.45
N ASP D 121 26.72 34.74 19.18
CA ASP D 121 25.51 35.31 18.59
C ASP D 121 25.86 36.32 17.50
N ILE D 122 26.93 37.09 17.68
CA ILE D 122 27.30 38.05 16.65
C ILE D 122 27.80 37.34 15.38
N LEU D 123 28.61 36.30 15.55
CA LEU D 123 29.35 35.70 14.44
C LEU D 123 28.76 34.37 13.99
N MET D 124 27.42 34.27 13.91
CA MET D 124 26.82 33.00 13.51
C MET D 124 27.25 32.59 12.10
N TYR D 125 27.50 33.57 11.22
CA TYR D 125 27.88 33.24 9.85
C TYR D 125 29.21 32.50 9.81
N MET D 126 30.17 32.95 10.61
CA MET D 126 31.48 32.29 10.64
C MET D 126 31.34 30.84 11.07
N ASP D 127 30.65 30.61 12.20
CA ASP D 127 30.49 29.25 12.70
C ASP D 127 29.61 28.40 11.79
N ARG D 128 28.80 29.03 10.94
CA ARG D 128 27.94 28.27 10.03
C ARG D 128 28.62 27.96 8.71
N VAL D 129 29.64 28.71 8.33
CA VAL D 129 30.29 28.46 7.05
C VAL D 129 31.74 28.00 7.24
N TYR D 130 32.57 28.87 7.83
CA TYR D 130 34.00 28.61 7.87
C TYR D 130 34.33 27.41 8.75
N VAL D 131 33.70 27.32 9.92
CA VAL D 131 34.00 26.25 10.85
C VAL D 131 33.66 24.90 10.25
N GLN D 132 32.48 24.79 9.63
CA GLN D 132 32.10 23.53 9.01
C GLN D 132 32.92 23.26 7.76
N GLN D 133 33.44 24.30 7.10
CA GLN D 133 34.27 24.08 5.92
C GLN D 133 35.63 23.52 6.29
N ASN D 134 36.28 24.09 7.30
CA ASN D 134 37.63 23.70 7.65
C ASN D 134 37.69 22.75 8.85
N ASN D 135 36.55 22.38 9.42
CA ASN D 135 36.47 21.36 10.47
C ASN D 135 37.34 21.71 11.67
N VAL D 136 36.98 22.82 12.32
CA VAL D 136 37.65 23.27 13.53
C VAL D 136 36.61 23.40 14.64
N GLU D 137 37.07 23.80 15.82
CA GLU D 137 36.17 24.00 16.95
C GLU D 137 35.36 25.28 16.76
N ASN D 138 34.11 25.24 17.20
CA ASN D 138 33.24 26.41 17.09
C ASN D 138 33.66 27.47 18.10
N VAL D 139 32.93 28.59 18.11
CA VAL D 139 33.26 29.69 19.01
C VAL D 139 33.09 29.27 20.47
N TYR D 140 31.96 28.63 20.77
CA TYR D 140 31.69 28.24 22.15
C TYR D 140 32.71 27.21 22.63
N ASN D 141 33.00 26.21 21.80
CA ASN D 141 33.97 25.20 22.17
C ASN D 141 35.37 25.81 22.32
N LEU D 142 35.71 26.75 21.44
CA LEU D 142 37.00 27.42 21.56
C LEU D 142 37.11 28.19 22.86
N GLY D 143 36.05 28.91 23.23
CA GLY D 143 36.07 29.63 24.48
C GLY D 143 36.19 28.71 25.69
N LEU D 144 35.45 27.60 25.66
CA LEU D 144 35.55 26.64 26.76
C LEU D 144 36.96 26.05 26.84
N ILE D 145 37.55 25.73 25.69
CA ILE D 145 38.89 25.15 25.68
C ILE D 145 39.89 26.14 26.25
N ILE D 146 39.80 27.41 25.84
CA ILE D 146 40.75 28.41 26.33
C ILE D 146 40.57 28.61 27.83
N PHE D 147 39.33 28.67 28.30
CA PHE D 147 39.10 28.84 29.73
C PHE D 147 39.65 27.66 30.52
N ARG D 148 39.45 26.45 30.02
CA ARG D 148 39.99 25.28 30.71
C ARG D 148 41.51 25.30 30.74
N ASP D 149 42.13 25.69 29.63
CA ASP D 149 43.58 25.60 29.53
C ASP D 149 44.27 26.69 30.36
N GLN D 150 43.67 27.87 30.44
CA GLN D 150 44.36 29.02 31.00
C GLN D 150 43.85 29.45 32.37
N VAL D 151 42.76 28.89 32.87
CA VAL D 151 42.22 29.34 34.15
C VAL D 151 42.12 28.18 35.13
N VAL D 152 41.29 27.18 34.80
CA VAL D 152 41.01 26.12 35.76
C VAL D 152 42.22 25.22 35.95
N ARG D 153 42.91 24.88 34.86
CA ARG D 153 44.03 23.95 34.91
C ARG D 153 45.37 24.65 35.07
N TYR D 154 45.39 25.80 35.75
CA TYR D 154 46.65 26.46 36.06
C TYR D 154 47.42 25.65 37.09
N GLY D 155 48.72 25.93 37.18
CA GLY D 155 49.58 25.15 38.06
C GLY D 155 49.17 25.21 39.52
N CYS D 156 48.79 26.39 39.99
CA CYS D 156 48.43 26.58 41.40
C CYS D 156 46.93 26.63 41.64
N ILE D 157 46.15 27.17 40.69
CA ILE D 157 44.72 27.30 40.91
C ILE D 157 44.06 25.94 41.05
N ARG D 158 44.44 24.99 40.19
CA ARG D 158 43.91 23.64 40.30
C ARG D 158 44.29 23.02 41.65
N ASP D 159 45.53 23.23 42.08
CA ASP D 159 45.97 22.74 43.38
C ASP D 159 45.06 23.28 44.48
N HIS D 160 45.10 24.59 44.69
CA HIS D 160 44.32 25.20 45.76
C HIS D 160 42.85 24.81 45.69
N LEU D 161 42.32 24.67 44.48
CA LEU D 161 40.96 24.19 44.33
C LEU D 161 40.80 22.80 44.91
N ARG D 162 41.75 21.90 44.63
CA ARG D 162 41.62 20.55 45.15
C ARG D 162 41.75 20.53 46.68
N GLN D 163 42.71 21.28 47.23
CA GLN D 163 42.82 21.27 48.70
C GLN D 163 41.60 21.87 49.36
N THR D 164 41.05 22.96 48.82
CA THR D 164 39.88 23.56 49.46
C THR D 164 38.66 22.65 49.32
N LEU D 165 38.51 21.98 48.18
CA LEU D 165 37.38 21.07 48.01
C LEU D 165 37.47 19.90 48.98
N LEU D 166 38.65 19.29 49.09
CA LEU D 166 38.84 18.22 50.05
C LEU D 166 38.67 18.74 51.48
N ASP D 167 39.01 20.01 51.72
CA ASP D 167 38.83 20.59 53.05
C ASP D 167 37.36 20.71 53.42
N MET D 168 36.53 21.24 52.52
CA MET D 168 35.10 21.31 52.83
C MET D 168 34.50 19.93 52.92
N ILE D 169 34.99 18.98 52.12
CA ILE D 169 34.50 17.61 52.23
C ILE D 169 34.81 17.03 53.60
N ALA D 170 36.04 17.23 54.08
CA ALA D 170 36.42 16.72 55.40
C ALA D 170 35.62 17.41 56.50
N ARG D 171 35.38 18.72 56.36
CA ARG D 171 34.58 19.44 57.34
C ARG D 171 33.15 18.91 57.38
N GLU D 172 32.56 18.64 56.22
CA GLU D 172 31.22 18.06 56.18
C GLU D 172 31.20 16.67 56.80
N ARG D 173 32.23 15.87 56.53
CA ARG D 173 32.32 14.55 57.13
C ARG D 173 32.42 14.62 58.65
N LYS D 174 33.20 15.58 59.15
CA LYS D 174 33.33 15.75 60.60
C LYS D 174 32.01 16.16 61.22
N GLY D 175 31.26 17.05 60.57
CA GLY D 175 29.99 17.50 61.09
C GLY D 175 29.78 18.99 60.95
N GLU D 176 30.72 19.68 60.30
CA GLU D 176 30.61 21.11 60.08
C GLU D 176 29.60 21.39 58.97
N VAL D 177 29.34 22.67 58.72
CA VAL D 177 28.39 23.11 57.71
C VAL D 177 29.16 23.81 56.59
N VAL D 178 28.92 23.38 55.36
CA VAL D 178 29.59 23.94 54.20
C VAL D 178 28.54 24.32 53.15
N ASP D 179 28.93 25.23 52.26
CA ASP D 179 28.04 25.71 51.21
C ASP D 179 27.92 24.62 50.15
N ARG D 180 26.87 23.80 50.26
CA ARG D 180 26.66 22.73 49.28
C ARG D 180 26.39 23.29 47.89
N GLY D 181 25.79 24.48 47.82
CA GLY D 181 25.54 25.08 46.52
C GLY D 181 26.81 25.40 45.77
N ALA D 182 27.82 25.92 46.47
CA ALA D 182 29.10 26.22 45.83
C ALA D 182 29.76 24.94 45.34
N ILE D 183 29.70 23.87 46.12
CA ILE D 183 30.28 22.59 45.71
C ILE D 183 29.57 22.07 44.46
N ARG D 184 28.23 22.16 44.47
CA ARG D 184 27.46 21.69 43.31
C ARG D 184 27.80 22.51 42.06
N ASN D 185 27.92 23.83 42.21
CA ASN D 185 28.26 24.67 41.07
C ASN D 185 29.65 24.34 40.55
N ALA D 186 30.61 24.13 41.45
CA ALA D 186 31.96 23.77 41.01
C ALA D 186 31.96 22.44 40.28
N CYS D 187 31.23 21.45 40.80
CA CYS D 187 31.15 20.15 40.14
C CYS D 187 30.52 20.27 38.76
N GLN D 188 29.44 21.04 38.65
CA GLN D 188 28.78 21.21 37.35
C GLN D 188 29.70 21.91 36.37
N MET D 189 30.43 22.95 36.82
CA MET D 189 31.37 23.63 35.94
C MET D 189 32.46 22.69 35.47
N LEU D 190 33.01 21.88 36.39
CA LEU D 190 34.04 20.94 36.00
C LEU D 190 33.53 19.93 34.99
N MET D 191 32.31 19.41 35.19
CA MET D 191 31.76 18.44 34.25
C MET D 191 31.51 19.08 32.89
N ILE D 192 31.04 20.33 32.87
CA ILE D 192 30.81 21.01 31.60
C ILE D 192 32.13 21.26 30.88
N LEU D 193 33.19 21.53 31.62
CA LEU D 193 34.46 21.92 31.03
C LEU D 193 35.12 20.81 30.21
N GLY D 194 34.55 19.61 30.23
CA GLY D 194 35.07 18.55 29.38
C GLY D 194 34.62 18.63 27.94
N LEU D 195 33.49 19.31 27.69
CA LEU D 195 32.92 19.55 26.37
C LEU D 195 32.31 18.29 25.76
N GLU D 196 32.56 17.14 26.38
CA GLU D 196 31.92 15.90 25.94
C GLU D 196 31.45 15.01 27.09
N GLY D 197 32.03 15.11 28.28
CA GLY D 197 31.70 14.20 29.36
C GLY D 197 32.39 14.51 30.66
N ARG D 198 32.92 13.49 31.32
CA ARG D 198 33.52 13.65 32.64
C ARG D 198 35.02 13.38 32.65
N SER D 199 35.71 13.56 31.52
CA SER D 199 37.15 13.28 31.48
C SER D 199 37.92 14.18 32.44
N VAL D 200 37.68 15.49 32.36
CA VAL D 200 38.35 16.41 33.26
C VAL D 200 37.87 16.19 34.70
N TYR D 201 36.59 15.88 34.87
CA TYR D 201 36.05 15.61 36.20
C TYR D 201 36.73 14.41 36.84
N GLU D 202 36.94 13.35 36.06
CA GLU D 202 37.69 12.19 36.57
C GLU D 202 39.14 12.56 36.84
N GLU D 203 39.75 13.35 35.94
CA GLU D 203 41.19 13.60 36.01
C GLU D 203 41.55 14.45 37.22
N ASP D 204 40.85 15.55 37.44
CA ASP D 204 41.29 16.54 38.42
C ASP D 204 40.59 16.42 39.76
N PHE D 205 39.38 15.85 39.81
CA PHE D 205 38.62 15.82 41.05
C PHE D 205 38.39 14.43 41.62
N GLU D 206 38.17 13.42 40.76
CA GLU D 206 37.74 12.11 41.25
C GLU D 206 38.83 11.44 42.08
N ALA D 207 40.07 11.43 41.58
CA ALA D 207 41.11 10.65 42.24
C ALA D 207 41.42 11.13 43.65
N PRO D 208 41.69 12.42 43.90
CA PRO D 208 41.95 12.83 45.29
C PRO D 208 40.77 12.58 46.21
N PHE D 209 39.56 12.79 45.72
CA PHE D 209 38.37 12.56 46.54
C PHE D 209 38.27 11.09 46.94
N LEU D 210 38.45 10.18 45.98
CA LEU D 210 38.39 8.77 46.28
C LEU D 210 39.50 8.36 47.24
N GLU D 211 40.71 8.89 47.06
CA GLU D 211 41.80 8.53 47.94
C GLU D 211 41.53 8.98 49.37
N MET D 212 41.12 10.24 49.54
CA MET D 212 40.86 10.74 50.89
C MET D 212 39.69 9.99 51.53
N SER D 213 38.64 9.72 50.76
CA SER D 213 37.49 9.00 51.29
C SER D 213 37.88 7.59 51.72
N ALA D 214 38.71 6.92 50.93
CA ALA D 214 39.16 5.57 51.28
C ALA D 214 39.97 5.60 52.57
N GLU D 215 40.90 6.56 52.69
CA GLU D 215 41.71 6.64 53.90
C GLU D 215 40.85 6.93 55.12
N PHE D 216 39.91 7.88 54.99
CA PHE D 216 39.04 8.22 56.10
C PHE D 216 38.17 7.04 56.51
N PHE D 217 37.64 6.31 55.54
CA PHE D 217 36.79 5.16 55.85
C PHE D 217 37.59 4.04 56.48
N GLN D 218 38.83 3.83 56.02
CA GLN D 218 39.67 2.83 56.66
C GLN D 218 39.96 3.18 58.12
N MET D 219 40.28 4.45 58.38
CA MET D 219 40.53 4.88 59.75
C MET D 219 39.28 4.74 60.61
N GLU D 220 38.13 5.13 60.08
CA GLU D 220 36.88 5.04 60.83
C GLU D 220 36.52 3.59 61.12
N SER D 221 36.73 2.70 60.13
CA SER D 221 36.44 1.29 60.33
C SER D 221 37.36 0.69 61.39
N GLN D 222 38.64 1.06 61.36
CA GLN D 222 39.56 0.58 62.39
C GLN D 222 39.15 1.06 63.77
N LYS D 223 38.77 2.35 63.88
CA LYS D 223 38.33 2.89 65.16
C LYS D 223 37.07 2.21 65.65
N PHE D 224 36.10 1.97 64.77
CA PHE D 224 34.85 1.32 65.17
C PHE D 224 35.11 -0.13 65.59
N LEU D 225 35.98 -0.84 64.87
CA LEU D 225 36.30 -2.21 65.25
C LEU D 225 36.99 -2.26 66.59
N ALA D 226 37.92 -1.33 66.85
CA ALA D 226 38.60 -1.30 68.13
C ALA D 226 37.74 -0.73 69.25
N GLU D 227 36.61 -0.10 68.92
CA GLU D 227 35.83 0.59 69.94
C GLU D 227 34.78 -0.33 70.56
N ASN D 228 33.86 -0.87 69.75
CA ASN D 228 32.72 -1.59 70.30
C ASN D 228 32.42 -2.87 69.53
N SER D 229 31.28 -3.47 69.81
CA SER D 229 30.90 -4.75 69.24
C SER D 229 30.35 -4.55 67.83
N ALA D 230 29.76 -5.61 67.27
CA ALA D 230 29.30 -5.60 65.88
C ALA D 230 28.06 -4.76 65.66
N SER D 231 27.16 -4.66 66.66
CA SER D 231 25.96 -3.86 66.49
C SER D 231 26.30 -2.38 66.33
N VAL D 232 27.25 -1.89 67.13
CA VAL D 232 27.68 -0.50 66.99
C VAL D 232 28.34 -0.26 65.64
N TYR D 233 29.11 -1.24 65.17
CA TYR D 233 29.72 -1.12 63.84
C TYR D 233 28.66 -1.06 62.76
N ILE D 234 27.60 -1.87 62.89
CA ILE D 234 26.51 -1.85 61.92
C ILE D 234 25.82 -0.49 61.94
N LYS D 235 25.55 0.03 63.13
CA LYS D 235 24.92 1.35 63.22
C LYS D 235 25.80 2.42 62.61
N LYS D 236 27.11 2.38 62.87
CA LYS D 236 28.03 3.37 62.33
C LYS D 236 28.10 3.29 60.82
N VAL D 237 28.16 2.08 60.26
CA VAL D 237 28.25 1.94 58.81
C VAL D 237 26.95 2.38 58.15
N GLU D 238 25.80 2.11 58.80
CA GLU D 238 24.53 2.59 58.26
C GLU D 238 24.48 4.12 58.27
N ALA D 239 24.96 4.73 59.35
CA ALA D 239 25.00 6.19 59.41
C ALA D 239 25.91 6.76 58.34
N ARG D 240 27.07 6.13 58.13
CA ARG D 240 27.99 6.59 57.10
C ARG D 240 27.38 6.44 55.71
N ILE D 241 26.65 5.34 55.47
CA ILE D 241 25.98 5.15 54.19
C ILE D 241 24.94 6.23 53.97
N ASN D 242 24.15 6.53 55.00
CA ASN D 242 23.17 7.60 54.88
C ASN D 242 23.84 8.95 54.60
N GLU D 243 24.94 9.24 55.30
CA GLU D 243 25.63 10.51 55.10
C GLU D 243 26.18 10.63 53.69
N GLU D 244 26.82 9.57 53.19
CA GLU D 244 27.39 9.64 51.85
C GLU D 244 26.32 9.69 50.78
N ILE D 245 25.20 8.98 50.97
CA ILE D 245 24.13 9.04 49.97
C ILE D 245 23.39 10.37 50.01
N GLU D 246 23.40 11.06 51.16
CA GLU D 246 22.85 12.41 51.19
C GLU D 246 23.79 13.42 50.55
N ARG D 247 25.10 13.25 50.76
CA ARG D 247 26.07 14.18 50.20
C ARG D 247 26.12 14.09 48.68
N VAL D 248 26.08 12.89 48.12
CA VAL D 248 26.16 12.74 46.68
C VAL D 248 24.91 13.28 46.00
N MET D 249 23.75 13.15 46.65
CA MET D 249 22.50 13.57 46.06
C MET D 249 22.25 15.07 46.16
N HIS D 250 23.02 15.77 46.98
CA HIS D 250 22.82 17.20 47.19
C HIS D 250 23.99 18.06 46.75
N CYS D 251 25.22 17.71 47.14
CA CYS D 251 26.39 18.52 46.80
C CYS D 251 27.12 17.96 45.59
N LEU D 252 27.53 16.70 45.65
CA LEU D 252 28.29 16.08 44.57
C LEU D 252 27.35 15.73 43.42
N ASP D 253 27.92 15.22 42.33
CA ASP D 253 27.15 14.80 41.18
C ASP D 253 26.71 13.34 41.33
N LYS D 254 25.55 13.04 40.73
CA LYS D 254 24.97 11.70 40.85
C LYS D 254 25.83 10.66 40.14
N SER D 255 26.63 11.09 39.17
CA SER D 255 27.45 10.14 38.42
C SER D 255 28.48 9.45 39.31
N THR D 256 28.95 10.14 40.36
CA THR D 256 29.95 9.57 41.27
C THR D 256 29.26 8.94 42.48
N GLU D 257 28.59 7.82 42.23
CA GLU D 257 27.90 7.07 43.27
C GLU D 257 28.48 5.68 43.46
N GLU D 258 28.59 4.92 42.37
CA GLU D 258 29.07 3.55 42.45
C GLU D 258 30.48 3.43 43.02
N PRO D 259 31.47 4.22 42.59
CA PRO D 259 32.81 4.09 43.20
C PRO D 259 32.82 4.37 44.69
N ILE D 260 31.96 5.26 45.18
CA ILE D 260 31.94 5.56 46.61
C ILE D 260 31.41 4.38 47.41
N VAL D 261 30.28 3.81 46.98
CA VAL D 261 29.71 2.68 47.68
C VAL D 261 30.61 1.46 47.56
N LYS D 262 31.34 1.33 46.45
CA LYS D 262 32.28 0.23 46.31
C LYS D 262 33.37 0.32 47.37
N VAL D 263 33.94 1.50 47.57
CA VAL D 263 34.97 1.69 48.59
C VAL D 263 34.38 1.46 49.97
N VAL D 264 33.17 1.96 50.21
CA VAL D 264 32.53 1.79 51.51
C VAL D 264 32.36 0.31 51.83
N GLU D 265 31.86 -0.46 50.87
CA GLU D 265 31.69 -1.90 51.07
C GLU D 265 33.03 -2.61 51.23
N ARG D 266 34.05 -2.23 50.46
CA ARG D 266 35.34 -2.91 50.52
C ARG D 266 36.13 -2.56 51.78
N GLU D 267 35.82 -1.45 52.45
CA GLU D 267 36.58 -1.03 53.61
C GLU D 267 35.81 -1.19 54.92
N LEU D 268 34.62 -0.58 55.03
CA LEU D 268 33.89 -0.64 56.29
C LEU D 268 33.25 -2.00 56.51
N ILE D 269 33.11 -2.81 55.46
CA ILE D 269 32.44 -4.10 55.58
C ILE D 269 33.41 -5.23 55.26
N SER D 270 33.95 -5.23 54.04
CA SER D 270 34.82 -6.33 53.61
C SER D 270 36.10 -6.38 54.42
N LYS D 271 36.78 -5.25 54.53
CA LYS D 271 38.05 -5.18 55.26
C LYS D 271 37.91 -5.44 56.74
N HIS D 272 36.68 -5.36 57.26
CA HIS D 272 36.39 -5.71 58.65
C HIS D 272 35.53 -6.96 58.75
N MET D 273 35.33 -7.68 57.65
CA MET D 273 34.48 -8.86 57.66
C MET D 273 34.99 -9.90 58.65
N LYS D 274 36.31 -10.14 58.63
CA LYS D 274 36.91 -11.03 59.63
C LYS D 274 36.66 -10.52 61.03
N THR D 275 36.74 -9.20 61.23
CA THR D 275 36.39 -8.62 62.51
C THR D 275 34.94 -8.91 62.88
N ILE D 276 34.06 -8.95 61.89
CA ILE D 276 32.69 -9.34 62.15
C ILE D 276 32.57 -10.86 62.28
N VAL D 277 33.51 -11.60 61.67
CA VAL D 277 33.48 -13.06 61.78
C VAL D 277 33.81 -13.49 63.20
N GLU D 278 34.81 -12.86 63.80
CA GLU D 278 35.27 -13.21 65.14
C GLU D 278 34.71 -12.29 66.22
N MET D 279 33.70 -11.49 65.90
CA MET D 279 33.12 -10.58 66.87
C MET D 279 32.47 -11.37 68.02
N GLU D 280 32.65 -10.85 69.23
CA GLU D 280 32.14 -11.48 70.43
C GLU D 280 30.94 -10.73 70.98
N ASN D 281 30.02 -11.51 71.58
CA ASN D 281 28.80 -11.01 72.22
C ASN D 281 27.83 -10.42 71.22
N SER D 282 28.21 -10.37 69.94
CA SER D 282 27.31 -9.91 68.89
C SER D 282 27.46 -10.74 67.62
N GLY D 283 28.21 -11.84 67.67
CA GLY D 283 28.44 -12.65 66.49
C GLY D 283 27.29 -13.61 66.21
N LEU D 284 27.47 -14.38 65.13
CA LEU D 284 26.47 -15.37 64.76
C LEU D 284 26.32 -16.45 65.82
N VAL D 285 27.43 -16.90 66.40
CA VAL D 285 27.37 -17.91 67.46
C VAL D 285 26.68 -17.34 68.68
N HIS D 286 27.02 -16.10 69.06
CA HIS D 286 26.39 -15.48 70.22
C HIS D 286 24.89 -15.29 70.01
N MET D 287 24.50 -14.84 68.82
CA MET D 287 23.09 -14.68 68.50
C MET D 287 22.35 -16.02 68.49
N LEU D 288 22.96 -17.07 67.95
CA LEU D 288 22.32 -18.39 67.95
C LEU D 288 22.17 -18.93 69.36
N LYS D 289 23.19 -18.75 70.21
CA LYS D 289 23.08 -19.18 71.60
C LYS D 289 22.00 -18.41 72.33
N ASN D 290 21.96 -17.09 72.13
CA ASN D 290 20.90 -16.29 72.75
C ASN D 290 19.56 -16.50 72.06
N GLY D 291 19.57 -16.95 70.80
CA GLY D 291 18.34 -17.16 70.08
C GLY D 291 17.68 -15.88 69.60
N LYS D 292 18.40 -14.77 69.59
CA LYS D 292 17.83 -13.50 69.16
C LYS D 292 17.63 -13.49 67.65
N THR D 293 16.69 -12.65 67.21
CA THR D 293 16.36 -12.53 65.80
C THR D 293 16.65 -11.15 65.22
N GLU D 294 16.53 -10.07 66.00
CA GLU D 294 16.86 -8.75 65.50
C GLU D 294 18.34 -8.64 65.17
N ASP D 295 19.20 -9.18 66.03
CA ASP D 295 20.63 -9.17 65.75
C ASP D 295 20.96 -9.97 64.50
N LEU D 296 20.32 -11.14 64.34
CA LEU D 296 20.53 -11.94 63.14
C LEU D 296 20.09 -11.20 61.89
N GLY D 297 18.95 -10.52 61.96
CA GLY D 297 18.48 -9.76 60.81
C GLY D 297 19.40 -8.61 60.48
N CYS D 298 19.90 -7.90 61.49
CA CYS D 298 20.84 -6.81 61.27
C CYS D 298 22.13 -7.33 60.64
N MET D 299 22.63 -8.47 61.14
CA MET D 299 23.83 -9.06 60.55
C MET D 299 23.61 -9.48 59.11
N TYR D 300 22.45 -10.07 58.81
CA TYR D 300 22.14 -10.45 57.44
C TYR D 300 22.07 -9.24 56.52
N LYS D 301 21.43 -8.17 57.00
CA LYS D 301 21.37 -6.94 56.20
C LYS D 301 22.74 -6.34 55.97
N LEU D 302 23.61 -6.36 56.99
CA LEU D 302 24.95 -5.84 56.81
C LEU D 302 25.77 -6.70 55.85
N PHE D 303 25.65 -8.01 55.94
CA PHE D 303 26.43 -8.92 55.10
C PHE D 303 25.89 -9.02 53.69
N SER D 304 24.64 -8.62 53.44
CA SER D 304 24.09 -8.67 52.10
C SER D 304 24.85 -7.74 51.16
N ARG D 305 25.19 -6.53 51.63
CA ARG D 305 25.89 -5.57 50.79
C ARG D 305 27.28 -6.07 50.41
N VAL D 306 27.99 -6.65 51.38
CA VAL D 306 29.36 -7.12 51.15
C VAL D 306 29.32 -8.48 50.48
N PRO D 307 29.89 -8.64 49.29
CA PRO D 307 29.93 -9.96 48.65
C PRO D 307 30.76 -10.94 49.46
N ASN D 308 30.33 -12.20 49.43
CA ASN D 308 30.96 -13.35 50.07
C ASN D 308 30.89 -13.30 51.59
N GLY D 309 30.37 -12.21 52.18
CA GLY D 309 30.18 -12.19 53.62
C GLY D 309 29.08 -13.12 54.08
N LEU D 310 28.05 -13.31 53.25
CA LEU D 310 27.00 -14.27 53.56
C LEU D 310 27.58 -15.68 53.65
N LYS D 311 28.57 -15.98 52.83
CA LYS D 311 29.24 -17.28 52.92
C LYS D 311 29.95 -17.45 54.26
N THR D 312 30.64 -16.42 54.73
CA THR D 312 31.30 -16.51 56.03
C THR D 312 30.28 -16.66 57.16
N MET D 313 29.17 -15.91 57.07
CA MET D 313 28.12 -16.04 58.08
C MET D 313 27.52 -17.45 58.08
N CYS D 314 27.29 -18.01 56.89
CA CYS D 314 26.77 -19.37 56.80
C CYS D 314 27.75 -20.38 57.35
N GLU D 315 29.05 -20.18 57.11
CA GLU D 315 30.05 -21.07 57.66
C GLU D 315 30.08 -21.01 59.18
N CYS D 316 30.01 -19.80 59.74
CA CYS D 316 29.97 -19.66 61.20
C CYS D 316 28.73 -20.31 61.78
N MET D 317 27.58 -20.11 61.14
CA MET D 317 26.34 -20.74 61.60
C MET D 317 26.44 -22.25 61.51
N SER D 318 27.04 -22.79 60.45
CA SER D 318 27.20 -24.23 60.32
C SER D 318 28.11 -24.78 61.41
N SER D 319 29.19 -24.06 61.72
CA SER D 319 30.08 -24.50 62.80
C SER D 319 29.34 -24.50 64.14
N TYR D 320 28.57 -23.44 64.40
CA TYR D 320 27.81 -23.37 65.65
C TYR D 320 26.79 -24.50 65.74
N LEU D 321 26.10 -24.78 64.62
CA LEU D 321 25.13 -25.87 64.59
C LEU D 321 25.80 -27.22 64.80
N ARG D 322 26.98 -27.43 64.20
CA ARG D 322 27.69 -28.69 64.40
C ARG D 322 28.10 -28.85 65.85
N GLU D 323 28.59 -27.77 66.48
CA GLU D 323 28.95 -27.84 67.89
C GLU D 323 27.73 -28.15 68.76
N GLN D 324 26.60 -27.49 68.47
CA GLN D 324 25.38 -27.73 69.24
C GLN D 324 24.90 -29.16 69.07
N GLY D 325 24.97 -29.68 67.84
CA GLY D 325 24.56 -31.06 67.62
C GLY D 325 25.47 -32.06 68.32
N LYS D 326 26.78 -31.81 68.28
CA LYS D 326 27.71 -32.68 68.99
C LYS D 326 27.45 -32.67 70.49
N ALA D 327 27.16 -31.48 71.04
CA ALA D 327 26.88 -31.39 72.46
C ALA D 327 25.56 -32.06 72.83
N LEU D 328 24.54 -31.91 71.97
CA LEU D 328 23.21 -32.37 72.33
C LEU D 328 22.96 -33.82 71.94
N VAL D 329 23.40 -34.23 70.75
CA VAL D 329 23.08 -35.56 70.23
C VAL D 329 23.94 -36.60 70.94
N SER D 330 24.90 -36.14 71.75
CA SER D 330 25.72 -37.06 72.52
C SER D 330 24.86 -37.81 73.53
N GLU D 331 25.03 -39.14 73.57
CA GLU D 331 24.25 -40.01 74.42
C GLU D 331 25.03 -40.45 75.66
N GLU D 332 26.01 -39.67 76.08
CA GLU D 332 26.78 -40.01 77.27
C GLU D 332 25.90 -39.96 78.51
N GLY D 333 26.03 -40.98 79.36
CA GLY D 333 25.25 -41.05 80.57
C GLY D 333 25.23 -42.46 81.12
N GLU D 334 24.70 -42.58 82.34
CA GLU D 334 24.61 -43.86 83.03
C GLU D 334 23.31 -44.56 82.62
N GLY D 335 23.26 -44.97 81.37
CA GLY D 335 22.11 -45.68 80.85
C GLY D 335 20.83 -44.85 80.83
N LYS D 336 20.93 -43.60 80.40
CA LYS D 336 19.75 -42.74 80.34
C LYS D 336 18.82 -43.18 79.22
N ASN D 337 17.55 -42.81 79.36
CA ASN D 337 16.55 -43.17 78.35
C ASN D 337 16.83 -42.40 77.07
N PRO D 338 17.05 -43.07 75.94
CA PRO D 338 17.41 -42.33 74.72
C PRO D 338 16.24 -41.86 73.89
N VAL D 339 15.06 -42.49 74.01
CA VAL D 339 13.94 -42.13 73.15
C VAL D 339 13.44 -40.73 73.48
N ASP D 340 13.16 -40.47 74.76
CA ASP D 340 12.65 -39.16 75.15
C ASP D 340 13.69 -38.06 74.94
N TYR D 341 14.95 -38.34 75.27
CA TYR D 341 16.01 -37.35 75.07
C TYR D 341 16.18 -37.04 73.58
N ILE D 342 16.12 -38.07 72.74
CA ILE D 342 16.24 -37.87 71.30
C ILE D 342 15.06 -37.06 70.77
N GLN D 343 13.85 -37.36 71.23
CA GLN D 343 12.69 -36.59 70.78
C GLN D 343 12.80 -35.12 71.20
N GLY D 344 13.22 -34.87 72.44
CA GLY D 344 13.39 -33.51 72.89
C GLY D 344 14.47 -32.76 72.12
N LEU D 345 15.59 -33.44 71.87
CA LEU D 345 16.67 -32.82 71.10
C LEU D 345 16.22 -32.51 69.67
N LEU D 346 15.47 -33.43 69.06
CA LEU D 346 14.96 -33.18 67.71
C LEU D 346 14.00 -32.01 67.70
N ASP D 347 13.12 -31.92 68.69
CA ASP D 347 12.20 -30.79 68.76
C ASP D 347 12.96 -29.47 68.93
N LEU D 348 13.96 -29.46 69.81
CA LEU D 348 14.75 -28.25 70.03
C LEU D 348 15.50 -27.85 68.77
N LYS D 349 16.08 -28.83 68.06
CA LYS D 349 16.78 -28.55 66.81
C LYS D 349 15.83 -28.01 65.74
N SER D 350 14.63 -28.59 65.64
CA SER D 350 13.66 -28.08 64.68
C SER D 350 13.25 -26.65 65.01
N ARG D 351 13.03 -26.36 66.30
CA ARG D 351 12.67 -25.00 66.69
C ARG D 351 13.79 -24.02 66.38
N PHE D 352 15.04 -24.40 66.67
CA PHE D 352 16.17 -23.54 66.37
C PHE D 352 16.33 -23.31 64.87
N ASP D 353 16.14 -24.37 64.07
CA ASP D 353 16.23 -24.23 62.62
C ASP D 353 15.13 -23.32 62.09
N ARG D 354 13.91 -23.45 62.62
CA ARG D 354 12.83 -22.56 62.19
C ARG D 354 13.12 -21.12 62.57
N PHE D 355 13.63 -20.89 63.77
CA PHE D 355 13.97 -19.53 64.19
C PHE D 355 15.07 -18.95 63.31
N LEU D 356 16.08 -19.75 62.98
CA LEU D 356 17.14 -19.27 62.10
C LEU D 356 16.62 -18.96 60.71
N LEU D 357 15.76 -19.83 60.17
CA LEU D 357 15.20 -19.61 58.84
C LEU D 357 14.36 -18.33 58.82
N GLU D 358 13.58 -18.09 59.87
CA GLU D 358 12.81 -16.86 59.95
C GLU D 358 13.72 -15.64 59.99
N SER D 359 14.80 -15.71 60.77
CA SER D 359 15.73 -14.58 60.84
C SER D 359 16.52 -14.43 59.55
N PHE D 360 16.94 -15.55 58.95
CA PHE D 360 17.72 -15.52 57.73
C PHE D 360 16.88 -15.44 56.47
N ASN D 361 15.55 -15.38 56.61
CA ASN D 361 14.62 -15.30 55.48
C ASN D 361 14.82 -16.50 54.53
N ASN D 362 14.86 -17.68 55.13
CA ASN D 362 14.98 -18.95 54.39
C ASN D 362 16.23 -18.98 53.53
N ASP D 363 17.38 -18.92 54.19
CA ASP D 363 18.68 -19.00 53.51
C ASP D 363 18.92 -20.46 53.11
N ARG D 364 19.07 -20.69 51.80
CA ARG D 364 19.24 -22.06 51.31
C ARG D 364 20.54 -22.68 51.82
N LEU D 365 21.63 -21.93 51.79
CA LEU D 365 22.92 -22.46 52.24
C LEU D 365 22.87 -22.82 53.73
N PHE D 366 22.28 -21.93 54.55
CA PHE D 366 22.19 -22.21 55.98
C PHE D 366 21.33 -23.43 56.25
N LYS D 367 20.19 -23.55 55.55
CA LYS D 367 19.33 -24.71 55.73
C LYS D 367 20.04 -25.99 55.31
N GLN D 368 20.75 -25.96 54.19
CA GLN D 368 21.49 -27.15 53.76
C GLN D 368 22.57 -27.54 54.75
N THR D 369 23.32 -26.55 55.27
CA THR D 369 24.36 -26.85 56.25
C THR D 369 23.75 -27.43 57.53
N ILE D 370 22.63 -26.87 57.98
CA ILE D 370 21.97 -27.38 59.17
C ILE D 370 21.50 -28.80 58.96
N ALA D 371 20.89 -29.09 57.80
CA ALA D 371 20.43 -30.44 57.50
C ALA D 371 21.60 -31.42 57.47
N GLY D 372 22.72 -31.02 56.84
CA GLY D 372 23.88 -31.88 56.80
C GLY D 372 24.46 -32.17 58.18
N ASP D 373 24.55 -31.14 59.01
CA ASP D 373 25.05 -31.33 60.37
C ASP D 373 24.13 -32.24 61.17
N PHE D 374 22.81 -32.05 61.04
CA PHE D 374 21.86 -32.90 61.75
C PHE D 374 21.98 -34.35 61.29
N GLU D 375 22.11 -34.56 59.97
CA GLU D 375 22.26 -35.91 59.44
C GLU D 375 23.53 -36.55 59.97
N TYR D 376 24.63 -35.80 59.99
CA TYR D 376 25.89 -36.34 60.50
C TYR D 376 25.77 -36.70 61.97
N PHE D 377 25.15 -35.82 62.77
CA PHE D 377 25.00 -36.04 64.19
C PHE D 377 24.06 -37.19 64.53
N LEU D 378 23.08 -37.46 63.68
CA LEU D 378 22.18 -38.59 63.90
C LEU D 378 22.75 -39.90 63.38
N ASN D 379 23.56 -39.85 62.31
CA ASN D 379 24.19 -41.05 61.80
C ASN D 379 25.47 -41.42 62.54
N LEU D 380 26.02 -40.51 63.34
CA LEU D 380 27.24 -40.83 64.08
C LEU D 380 26.98 -41.85 65.18
N ASN D 381 25.74 -41.96 65.65
CA ASN D 381 25.38 -42.86 66.74
C ASN D 381 24.71 -44.10 66.17
N SER D 382 25.12 -45.27 66.65
CA SER D 382 24.55 -46.54 66.22
C SER D 382 23.40 -47.00 67.10
N ARG D 383 23.05 -46.23 68.13
CA ARG D 383 21.92 -46.55 68.99
C ARG D 383 20.83 -45.48 68.93
N SER D 384 21.02 -44.44 68.11
CA SER D 384 20.05 -43.38 67.93
C SER D 384 18.89 -43.79 67.03
N PRO D 385 19.13 -44.38 65.85
CA PRO D 385 18.00 -44.78 65.00
C PRO D 385 17.05 -45.75 65.68
N GLU D 386 17.56 -46.69 66.47
CA GLU D 386 16.68 -47.58 67.21
C GLU D 386 15.85 -46.83 68.24
N TYR D 387 16.48 -45.91 68.99
CA TYR D 387 15.75 -45.11 69.96
C TYR D 387 14.73 -44.21 69.27
N LEU D 388 15.10 -43.61 68.15
CA LEU D 388 14.15 -42.78 67.41
C LEU D 388 12.97 -43.59 66.91
N SER D 389 13.23 -44.79 66.39
CA SER D 389 12.13 -45.65 65.92
C SER D 389 11.23 -46.05 67.09
N LEU D 390 11.81 -46.37 68.24
CA LEU D 390 11.01 -46.71 69.40
C LEU D 390 10.15 -45.55 69.85
N PHE D 391 10.73 -44.34 69.87
CA PHE D 391 9.96 -43.15 70.26
C PHE D 391 8.84 -42.88 69.28
N ILE D 392 9.11 -43.05 67.98
CA ILE D 392 8.07 -42.84 66.97
C ILE D 392 6.94 -43.86 67.13
N ASP D 393 7.30 -45.12 67.39
CA ASP D 393 6.28 -46.15 67.58
C ASP D 393 5.45 -45.87 68.83
N ASP D 394 6.10 -45.42 69.91
CA ASP D 394 5.36 -45.06 71.12
C ASP D 394 4.43 -43.88 70.89
N LYS D 395 4.90 -42.87 70.16
CA LYS D 395 4.04 -41.72 69.87
C LYS D 395 2.99 -42.06 68.81
N LEU D 396 3.16 -43.17 68.11
CA LEU D 396 2.22 -43.58 67.07
C LEU D 396 0.94 -44.16 67.62
N LYS D 397 0.84 -44.35 68.94
CA LYS D 397 -0.37 -44.91 69.54
C LYS D 397 -1.54 -43.95 69.35
N LYS D 398 -2.72 -44.53 69.17
CA LYS D 398 -3.92 -43.74 68.94
C LYS D 398 -4.39 -43.08 70.24
N GLY D 399 -5.27 -42.10 70.09
CA GLY D 399 -5.79 -41.37 71.23
C GLY D 399 -4.76 -40.53 71.95
N VAL D 400 -3.88 -39.87 71.21
CA VAL D 400 -2.84 -39.03 71.80
C VAL D 400 -2.52 -37.85 70.89
N GLU D 405 -1.77 -35.03 68.75
CA GLU D 405 -2.53 -34.89 67.51
C GLU D 405 -1.66 -34.31 66.40
N GLN D 406 -2.01 -33.10 65.95
CA GLN D 406 -1.27 -32.45 64.88
C GLN D 406 0.21 -32.34 65.22
N GLU D 407 0.53 -32.12 66.50
CA GLU D 407 1.91 -32.14 66.92
C GLU D 407 2.54 -33.51 66.69
N VAL D 408 1.78 -34.58 66.95
CA VAL D 408 2.29 -35.93 66.74
C VAL D 408 2.57 -36.16 65.25
N GLU D 409 1.64 -35.74 64.38
CA GLU D 409 1.88 -35.89 62.94
C GLU D 409 3.09 -35.09 62.49
N THR D 410 3.25 -33.86 62.99
CA THR D 410 4.41 -33.06 62.61
C THR D 410 5.70 -33.71 63.08
N ILE D 411 5.71 -34.25 64.30
CA ILE D 411 6.89 -34.94 64.81
C ILE D 411 7.22 -36.16 63.96
N LEU D 412 6.18 -36.92 63.58
CA LEU D 412 6.40 -38.08 62.73
C LEU D 412 6.95 -37.69 61.36
N ASP D 413 6.42 -36.61 60.77
CA ASP D 413 6.92 -36.13 59.49
C ASP D 413 8.37 -35.69 59.60
N LYS D 414 8.71 -34.97 60.67
CA LYS D 414 10.09 -34.56 60.87
C LYS D 414 11.02 -35.76 61.06
N ALA D 415 10.57 -36.76 61.81
CA ALA D 415 11.37 -37.96 62.00
C ALA D 415 11.58 -38.70 60.67
N MET D 416 10.54 -38.77 59.85
CA MET D 416 10.69 -39.42 58.54
C MET D 416 11.66 -38.65 57.65
N VAL D 417 11.58 -37.31 57.68
CA VAL D 417 12.50 -36.50 56.89
C VAL D 417 13.93 -36.71 57.37
N LEU D 418 14.14 -36.73 58.69
CA LEU D 418 15.47 -36.96 59.24
C LEU D 418 15.99 -38.35 58.86
N PHE D 419 15.12 -39.36 58.89
CA PHE D 419 15.53 -40.69 58.46
C PHE D 419 15.90 -40.70 56.99
N ARG D 420 15.24 -39.86 56.19
CA ARG D 420 15.61 -39.74 54.77
C ARG D 420 16.88 -38.92 54.57
N PHE D 421 17.39 -38.27 55.62
CA PHE D 421 18.55 -37.39 55.50
C PHE D 421 19.88 -38.13 55.38
N MET D 422 19.91 -39.42 55.68
CA MET D 422 21.12 -40.23 55.50
C MET D 422 20.81 -41.44 54.63
N GLN D 423 21.85 -41.90 53.93
CA GLN D 423 21.71 -43.04 53.02
C GLN D 423 21.40 -44.33 53.75
N GLU D 424 21.67 -44.40 55.06
CA GLU D 424 21.38 -45.61 55.83
C GLU D 424 19.94 -45.64 56.28
N LYS D 425 19.01 -45.44 55.35
CA LYS D 425 17.59 -45.51 55.68
C LYS D 425 17.12 -46.95 55.84
N ASP D 426 17.86 -47.90 55.28
CA ASP D 426 17.47 -49.31 55.38
C ASP D 426 17.49 -49.79 56.82
N VAL D 427 18.52 -49.39 57.59
CA VAL D 427 18.60 -49.82 58.99
C VAL D 427 17.44 -49.24 59.79
N PHE D 428 17.13 -47.95 59.59
CA PHE D 428 16.02 -47.34 60.30
C PHE D 428 14.70 -47.98 59.91
N GLU D 429 14.52 -48.29 58.62
CA GLU D 429 13.29 -48.96 58.19
C GLU D 429 13.17 -50.33 58.81
N ARG D 430 14.27 -51.09 58.89
CA ARG D 430 14.23 -52.40 59.51
C ARG D 430 13.91 -52.30 61.00
N TYR D 431 14.49 -51.30 61.69
CA TYR D 431 14.19 -51.10 63.10
C TYR D 431 12.72 -50.75 63.30
N TYR D 432 12.18 -49.88 62.44
CA TYR D 432 10.76 -49.52 62.54
C TYR D 432 9.86 -50.72 62.27
N LYS D 433 10.23 -51.55 61.29
CA LYS D 433 9.45 -52.75 61.01
C LYS D 433 9.49 -53.72 62.19
N GLN D 434 10.65 -53.88 62.81
CA GLN D 434 10.75 -54.74 63.99
C GLN D 434 9.92 -54.20 65.14
N HIS D 435 9.93 -52.88 65.35
CA HIS D 435 9.12 -52.28 66.39
C HIS D 435 7.63 -52.47 66.11
N LEU D 436 7.22 -52.32 64.85
CA LEU D 436 5.82 -52.54 64.49
C LEU D 436 5.42 -54.00 64.70
N ALA D 437 6.31 -54.93 64.35
CA ALA D 437 6.02 -56.34 64.56
C ALA D 437 5.89 -56.65 66.05
N ARG D 438 6.77 -56.07 66.87
CA ARG D 438 6.67 -56.27 68.32
C ARG D 438 5.36 -55.69 68.86
N ARG D 439 4.98 -54.51 68.39
CA ARG D 439 3.72 -53.91 68.83
C ARG D 439 2.52 -54.77 68.43
N LEU D 440 2.55 -55.31 67.21
CA LEU D 440 1.46 -56.18 66.76
C LEU D 440 1.41 -57.47 67.58
N LEU D 441 2.58 -58.03 67.92
CA LEU D 441 2.60 -59.22 68.77
C LEU D 441 2.08 -58.90 70.16
N THR D 442 2.33 -57.69 70.66
CA THR D 442 1.84 -57.24 71.95
C THR D 442 0.40 -56.73 71.89
N ASN D 443 -0.20 -56.70 70.70
CA ASN D 443 -1.58 -56.23 70.51
C ASN D 443 -1.74 -54.80 71.02
N LYS D 444 -0.83 -53.94 70.58
CA LYS D 444 -0.83 -52.52 70.97
C LYS D 444 -0.96 -51.60 69.77
N SER D 445 -1.46 -52.10 68.64
CA SER D 445 -1.65 -51.30 67.44
C SER D 445 -3.12 -51.34 67.05
N VAL D 446 -3.72 -50.16 66.89
CA VAL D 446 -5.13 -50.06 66.51
C VAL D 446 -5.25 -49.22 65.25
N SER D 447 -4.79 -47.98 65.31
CA SER D 447 -4.88 -47.08 64.16
C SER D 447 -3.93 -47.54 63.06
N ASP D 448 -4.37 -47.43 61.81
CA ASP D 448 -3.57 -47.82 60.67
C ASP D 448 -3.41 -46.73 59.61
N ASP D 449 -4.24 -45.68 59.64
CA ASP D 449 -4.10 -44.59 58.67
C ASP D 449 -2.77 -43.88 58.85
N SER D 450 -2.38 -43.59 60.09
CA SER D 450 -1.09 -42.98 60.34
C SER D 450 0.04 -43.91 59.93
N GLU D 451 -0.10 -45.21 60.22
CA GLU D 451 0.92 -46.17 59.80
C GLU D 451 1.01 -46.24 58.29
N LYS D 452 -0.13 -46.22 57.60
CA LYS D 452 -0.11 -46.25 56.14
C LYS D 452 0.55 -44.99 55.58
N ASN D 453 0.24 -43.83 56.16
CA ASN D 453 0.87 -42.59 55.71
C ASN D 453 2.38 -42.62 55.93
N MET D 454 2.82 -43.13 57.08
CA MET D 454 4.25 -43.24 57.35
C MET D 454 4.91 -44.20 56.36
N ILE D 455 4.26 -45.32 56.06
CA ILE D 455 4.82 -46.28 55.11
C ILE D 455 4.93 -45.64 53.73
N SER D 456 3.90 -44.91 53.31
CA SER D 456 3.96 -44.24 52.01
C SER D 456 5.06 -43.19 51.96
N LYS D 457 5.22 -42.42 53.05
CA LYS D 457 6.28 -41.42 53.09
C LYS D 457 7.66 -42.09 53.03
N LEU D 458 7.84 -43.18 53.76
CA LEU D 458 9.12 -43.90 53.71
C LEU D 458 9.39 -44.46 52.33
N LYS D 459 8.34 -45.00 51.67
CA LYS D 459 8.50 -45.50 50.32
C LYS D 459 8.89 -44.39 49.34
N THR D 460 8.25 -43.24 49.46
CA THR D 460 8.53 -42.13 48.54
C THR D 460 9.86 -41.45 48.86
N GLU D 461 10.38 -41.64 50.07
CA GLU D 461 11.59 -40.94 50.50
C GLU D 461 12.82 -41.85 50.52
N CYS D 462 12.75 -42.97 51.24
CA CYS D 462 13.94 -43.82 51.39
C CYS D 462 14.34 -44.45 50.05
N GLY D 463 13.38 -44.95 49.30
CA GLY D 463 13.66 -45.53 48.00
C GLY D 463 12.74 -46.69 47.71
N CYS D 464 13.07 -47.41 46.64
CA CYS D 464 12.26 -48.54 46.21
C CYS D 464 12.33 -49.71 47.19
N GLN D 465 13.47 -49.86 47.88
CA GLN D 465 13.59 -50.91 48.88
C GLN D 465 12.59 -50.69 50.02
N PHE D 466 12.44 -49.44 50.45
CA PHE D 466 11.44 -49.11 51.47
C PHE D 466 10.04 -49.40 50.96
N THR D 467 9.78 -49.13 49.69
CA THR D 467 8.47 -49.42 49.11
C THR D 467 8.19 -50.92 49.13
N SER D 468 9.17 -51.73 48.75
CA SER D 468 9.00 -53.18 48.76
C SER D 468 8.80 -53.69 50.19
N LYS D 469 9.58 -53.17 51.14
CA LYS D 469 9.42 -53.58 52.54
C LYS D 469 8.04 -53.21 53.07
N LEU D 470 7.56 -52.00 52.76
CA LEU D 470 6.24 -51.59 53.20
C LEU D 470 5.14 -52.45 52.58
N GLU D 471 5.28 -52.76 51.29
CA GLU D 471 4.30 -53.62 50.64
C GLU D 471 4.28 -55.00 51.26
N GLY D 472 5.45 -55.57 51.53
CA GLY D 472 5.51 -56.87 52.17
C GLY D 472 4.91 -56.87 53.58
N MET D 473 5.22 -55.83 54.36
CA MET D 473 4.67 -55.72 55.70
C MET D 473 3.16 -55.57 55.66
N PHE D 474 2.64 -54.76 54.73
CA PHE D 474 1.20 -54.60 54.60
C PHE D 474 0.53 -55.90 54.20
N ARG D 475 1.14 -56.63 53.26
CA ARG D 475 0.58 -57.92 52.85
C ARG D 475 0.57 -58.90 54.01
N ASP D 476 1.66 -58.96 54.79
CA ASP D 476 1.71 -59.85 55.93
C ASP D 476 0.66 -59.48 56.97
N MET D 477 0.51 -58.18 57.24
CA MET D 477 -0.49 -57.74 58.21
C MET D 477 -1.90 -58.07 57.75
N SER D 478 -2.18 -57.86 56.46
CA SER D 478 -3.50 -58.19 55.93
C SER D 478 -3.78 -59.67 56.01
N ILE D 479 -2.77 -60.50 55.68
CA ILE D 479 -2.94 -61.94 55.76
C ILE D 479 -3.19 -62.38 57.20
N SER D 480 -2.44 -61.81 58.14
CA SER D 480 -2.63 -62.15 59.55
C SER D 480 -4.02 -61.73 60.03
N ASN D 481 -4.47 -60.55 59.64
CA ASN D 481 -5.80 -60.08 60.04
C ASN D 481 -6.89 -60.97 59.45
N THR D 482 -6.75 -61.36 58.18
CA THR D 482 -7.73 -62.23 57.56
C THR D 482 -7.76 -63.60 58.24
N THR D 483 -6.59 -64.14 58.56
CA THR D 483 -6.52 -65.43 59.25
C THR D 483 -7.16 -65.34 60.64
N MET D 484 -6.89 -64.26 61.37
CA MET D 484 -7.49 -64.08 62.68
C MET D 484 -9.01 -63.96 62.58
N ASP D 485 -9.50 -63.21 61.59
CA ASP D 485 -10.94 -63.08 61.42
C ASP D 485 -11.59 -64.41 61.07
N GLU D 486 -10.94 -65.18 60.19
CA GLU D 486 -11.48 -66.50 59.83
C GLU D 486 -11.49 -67.44 61.03
N PHE D 487 -10.42 -67.41 61.84
CA PHE D 487 -10.37 -68.25 63.02
C PHE D 487 -11.44 -67.85 64.03
N ARG D 488 -11.65 -66.54 64.21
CA ARG D 488 -12.69 -66.08 65.12
C ARG D 488 -14.07 -66.50 64.63
N GLN D 489 -14.33 -66.38 63.32
CA GLN D 489 -15.62 -66.81 62.78
C GLN D 489 -15.82 -68.30 62.96
N HIS D 490 -14.78 -69.11 62.71
CA HIS D 490 -14.90 -70.55 62.90
C HIS D 490 -15.14 -70.90 64.36
N LEU D 491 -14.45 -70.23 65.28
CA LEU D 491 -14.67 -70.48 66.70
C LEU D 491 -16.08 -70.10 67.13
N GLN D 492 -16.59 -68.97 66.63
CA GLN D 492 -17.94 -68.57 66.96
C GLN D 492 -18.96 -69.56 66.40
N ALA D 493 -18.61 -70.08 65.24
CA ALA D 493 -19.36 -71.14 64.58
C ALA D 493 -19.08 -72.45 65.33
N THR D 494 -17.98 -72.49 66.08
CA THR D 494 -17.56 -73.66 66.83
C THR D 494 -16.46 -73.32 67.84
N GLY D 495 -16.79 -73.33 69.13
CA GLY D 495 -15.84 -73.08 70.21
C GLY D 495 -16.23 -72.13 71.36
N GLY D 499 -13.14 -71.17 79.12
CA GLY D 499 -12.34 -70.04 78.68
C GLY D 499 -13.20 -69.14 77.82
N GLY D 500 -13.68 -69.66 76.68
CA GLY D 500 -14.48 -68.91 75.72
C GLY D 500 -13.59 -67.75 75.43
N VAL D 501 -12.43 -68.08 74.92
CA VAL D 501 -11.41 -67.05 74.84
C VAL D 501 -11.05 -66.77 73.40
N ASP D 502 -10.95 -65.49 73.05
CA ASP D 502 -10.63 -65.07 71.69
C ASP D 502 -9.11 -65.11 71.50
N LEU D 503 -8.61 -66.32 71.29
CA LEU D 503 -7.19 -66.51 71.06
C LEU D 503 -6.76 -65.85 69.75
N THR D 504 -5.56 -65.30 69.75
CA THR D 504 -5.01 -64.59 68.59
C THR D 504 -4.11 -65.56 67.82
N VAL D 505 -4.68 -66.20 66.80
CA VAL D 505 -3.95 -67.12 65.94
C VAL D 505 -3.96 -66.55 64.53
N ARG D 506 -2.78 -66.36 63.96
CA ARG D 506 -2.65 -65.79 62.63
C ARG D 506 -1.39 -66.33 61.99
N VAL D 507 -1.34 -66.26 60.65
CA VAL D 507 -0.21 -66.74 59.87
C VAL D 507 0.25 -65.57 59.01
N LEU D 508 1.28 -64.85 59.48
CA LEU D 508 1.85 -63.74 58.75
C LEU D 508 3.03 -64.22 57.91
N THR D 509 3.57 -63.32 57.09
CA THR D 509 4.71 -63.65 56.23
C THR D 509 5.99 -63.42 57.03
N THR D 510 6.64 -64.52 57.42
CA THR D 510 7.88 -64.44 58.20
C THR D 510 9.08 -64.09 57.35
N GLY D 511 8.96 -64.08 56.03
CA GLY D 511 10.05 -63.74 55.14
C GLY D 511 10.29 -62.26 54.94
N TYR D 512 9.47 -61.41 55.55
CA TYR D 512 9.61 -59.97 55.44
C TYR D 512 9.58 -59.29 56.81
N TRP D 513 9.96 -60.02 57.84
CA TRP D 513 10.00 -59.52 59.21
C TRP D 513 11.31 -59.91 59.87
N PRO D 514 11.74 -59.16 60.88
CA PRO D 514 13.00 -59.49 61.57
C PRO D 514 12.82 -60.60 62.60
N THR D 515 12.47 -61.78 62.13
CA THR D 515 12.23 -62.93 62.99
C THR D 515 13.52 -63.73 63.14
N GLN D 516 13.41 -64.93 63.71
CA GLN D 516 14.57 -65.79 63.94
C GLN D 516 14.25 -67.23 63.56
N SER D 517 15.11 -68.16 63.96
CA SER D 517 14.94 -69.58 63.67
C SER D 517 14.85 -70.38 64.96
N ALA D 518 14.08 -69.88 65.93
CA ALA D 518 13.90 -70.54 67.21
C ALA D 518 12.41 -70.60 67.55
N THR D 519 12.03 -71.66 68.26
CA THR D 519 10.64 -71.86 68.65
C THR D 519 10.57 -72.37 70.08
N PRO D 520 9.77 -71.73 70.94
CA PRO D 520 9.65 -72.18 72.32
C PRO D 520 8.78 -73.43 72.42
N LYS D 521 8.46 -73.85 73.65
CA LYS D 521 7.62 -75.04 73.86
C LYS D 521 6.26 -74.83 74.59
N CYS D 522 5.53 -75.93 74.82
CA CYS D 522 4.22 -75.95 75.50
C CYS D 522 3.68 -77.35 75.95
N ASN D 523 2.37 -77.42 76.24
CA ASN D 523 1.58 -78.61 76.65
C ASN D 523 0.15 -78.14 76.85
N ILE D 524 -0.40 -77.50 75.83
CA ILE D 524 -1.71 -76.86 75.91
C ILE D 524 -3.05 -77.62 75.93
N PRO D 525 -3.90 -77.34 74.93
CA PRO D 525 -5.27 -77.74 74.65
C PRO D 525 -6.04 -77.79 75.95
N PRO D 526 -6.43 -76.61 76.43
CA PRO D 526 -7.14 -76.41 77.69
C PRO D 526 -8.67 -76.49 77.64
N ALA D 527 -9.35 -75.37 77.79
CA ALA D 527 -10.83 -75.31 77.81
C ALA D 527 -11.42 -75.33 76.40
N PRO D 528 -12.23 -74.30 76.03
CA PRO D 528 -12.74 -74.23 74.65
C PRO D 528 -11.44 -74.02 73.95
N ARG D 529 -10.84 -75.10 73.43
CA ARG D 529 -9.44 -75.06 73.03
C ARG D 529 -9.03 -76.36 72.33
N HIS D 530 -9.46 -77.50 72.88
CA HIS D 530 -9.14 -78.78 72.24
C HIS D 530 -9.80 -78.88 70.87
N ALA D 531 -11.05 -78.42 70.75
CA ALA D 531 -11.74 -78.46 69.46
C ALA D 531 -11.02 -77.57 68.44
N PHE D 532 -10.60 -76.37 68.85
CA PHE D 532 -9.89 -75.49 67.96
C PHE D 532 -8.55 -76.09 67.54
N GLU D 533 -7.84 -76.72 68.47
CA GLU D 533 -6.57 -77.36 68.14
C GLU D 533 -6.78 -78.50 67.16
N ILE D 534 -7.82 -79.31 67.37
CA ILE D 534 -8.11 -80.41 66.45
C ILE D 534 -8.46 -79.88 65.07
N PHE D 535 -9.27 -78.83 65.00
CA PHE D 535 -9.63 -78.24 63.71
C PHE D 535 -8.40 -77.69 62.99
N ARG D 536 -7.53 -77.00 63.73
CA ARG D 536 -6.31 -76.46 63.12
C ARG D 536 -5.40 -77.57 62.63
N ARG D 537 -5.26 -78.65 63.40
CA ARG D 537 -4.44 -79.78 62.97
C ARG D 537 -5.02 -80.43 61.72
N PHE D 538 -6.35 -80.59 61.67
CA PHE D 538 -6.99 -81.16 60.50
C PHE D 538 -6.79 -80.28 59.27
N TYR D 539 -6.91 -78.96 59.45
CA TYR D 539 -6.69 -78.05 58.33
C TYR D 539 -5.26 -78.09 57.85
N LEU D 540 -4.30 -78.15 58.77
CA LEU D 540 -2.89 -78.23 58.38
C LEU D 540 -2.59 -79.54 57.66
N ALA D 541 -3.16 -80.65 58.14
CA ALA D 541 -2.93 -81.94 57.48
C ALA D 541 -3.57 -81.96 56.10
N LYS D 542 -4.77 -81.42 55.95
CA LYS D 542 -5.42 -81.39 54.64
C LYS D 542 -4.65 -80.52 53.66
N HIS D 543 -4.16 -79.37 54.12
CA HIS D 543 -3.43 -78.42 53.29
C HIS D 543 -1.94 -78.62 53.57
N SER D 544 -1.34 -79.59 52.90
CA SER D 544 0.08 -79.87 53.06
C SER D 544 0.92 -78.82 52.35
N GLY D 545 1.94 -78.32 53.03
CA GLY D 545 2.80 -77.31 52.48
C GLY D 545 2.27 -75.89 52.58
N ARG D 546 1.12 -75.69 53.20
CA ARG D 546 0.54 -74.36 53.35
C ARG D 546 1.09 -73.71 54.61
N GLN D 547 1.43 -72.42 54.50
CA GLN D 547 1.98 -71.66 55.62
C GLN D 547 0.88 -71.04 56.46
N LEU D 548 -0.06 -71.86 56.92
CA LEU D 548 -1.17 -71.41 57.76
C LEU D 548 -1.00 -72.05 59.14
N THR D 549 -0.37 -71.31 60.05
CA THR D 549 -0.15 -71.81 61.41
C THR D 549 0.02 -70.62 62.34
N LEU D 550 -0.13 -70.89 63.63
CA LEU D 550 0.00 -69.87 64.66
C LEU D 550 1.40 -69.88 65.25
N GLN D 551 1.70 -68.87 66.06
CA GLN D 551 3.01 -68.76 66.68
C GLN D 551 3.13 -69.71 67.86
N HIS D 552 4.12 -70.61 67.79
CA HIS D 552 4.34 -71.56 68.88
C HIS D 552 4.91 -70.85 70.11
N HIS D 553 5.84 -69.92 69.89
CA HIS D 553 6.46 -69.18 70.98
C HIS D 553 5.58 -68.06 71.51
N MET D 554 4.49 -67.72 70.82
CA MET D 554 3.60 -66.65 71.22
C MET D 554 2.15 -67.13 71.18
N GLY D 555 1.91 -68.31 71.76
CA GLY D 555 0.56 -68.85 71.83
C GLY D 555 -0.36 -68.00 72.66
N SER D 556 -1.33 -67.36 72.01
CA SER D 556 -2.26 -66.47 72.71
C SER D 556 -3.37 -67.28 73.37
N ALA D 557 -3.57 -67.04 74.67
CA ALA D 557 -4.60 -67.73 75.42
C ALA D 557 -4.98 -66.88 76.62
N ASP D 558 -6.26 -66.95 76.99
CA ASP D 558 -6.80 -66.21 78.13
C ASP D 558 -7.55 -67.20 79.01
N LEU D 559 -6.85 -67.80 79.95
CA LEU D 559 -7.42 -68.78 80.86
C LEU D 559 -7.71 -68.16 82.22
N ASN D 560 -8.81 -68.58 82.82
CA ASN D 560 -9.23 -68.08 84.14
C ASN D 560 -8.61 -68.97 85.21
N ALA D 561 -7.45 -68.56 85.72
CA ALA D 561 -6.78 -69.32 86.75
C ALA D 561 -7.58 -69.28 88.05
N THR D 562 -7.57 -70.42 88.76
CA THR D 562 -8.30 -70.55 90.01
C THR D 562 -7.34 -70.32 91.16
N PHE D 563 -7.66 -69.35 92.02
CA PHE D 563 -6.84 -68.99 93.16
C PHE D 563 -7.49 -69.44 94.45
N TYR D 564 -6.79 -69.22 95.56
CA TYR D 564 -7.30 -69.57 96.88
C TYR D 564 -8.41 -68.64 97.36
N GLY D 565 -8.65 -67.53 96.65
CA GLY D 565 -9.67 -66.59 97.05
C GLY D 565 -9.15 -65.56 98.03
N PRO D 566 -10.03 -64.68 98.50
CA PRO D 566 -9.61 -63.66 99.47
C PRO D 566 -9.17 -64.29 100.78
N VAL D 567 -8.20 -63.64 101.41
CA VAL D 567 -7.65 -64.12 102.68
C VAL D 567 -7.42 -62.95 103.63
N ARG D 588 -12.52 -59.02 91.07
CA ARG D 588 -12.67 -60.44 91.37
C ARG D 588 -11.72 -61.28 90.52
N LYS D 589 -12.29 -62.13 89.67
CA LYS D 589 -11.52 -63.00 88.80
C LYS D 589 -11.63 -62.50 87.36
N HIS D 590 -10.47 -62.34 86.71
CA HIS D 590 -10.41 -61.88 85.34
C HIS D 590 -9.40 -62.73 84.56
N ILE D 591 -9.57 -62.75 83.24
CA ILE D 591 -8.69 -63.51 82.36
C ILE D 591 -7.32 -62.82 82.34
N LEU D 592 -6.26 -63.60 82.57
CA LEU D 592 -4.90 -63.08 82.60
C LEU D 592 -4.22 -63.43 81.28
N GLN D 593 -3.59 -62.44 80.65
CA GLN D 593 -2.90 -62.63 79.38
C GLN D 593 -1.47 -63.09 79.66
N VAL D 594 -1.18 -64.34 79.29
CA VAL D 594 0.15 -64.91 79.47
C VAL D 594 0.55 -65.61 78.18
N SER D 595 1.86 -65.84 78.04
CA SER D 595 2.40 -66.52 76.87
C SER D 595 2.17 -68.03 77.02
N THR D 596 2.36 -68.78 75.94
CA THR D 596 2.15 -70.22 75.99
C THR D 596 3.17 -70.91 76.88
N PHE D 597 4.45 -70.53 76.75
CA PHE D 597 5.50 -71.18 77.51
C PHE D 597 5.53 -70.72 78.97
N GLN D 598 5.19 -69.46 79.23
CA GLN D 598 5.31 -68.89 80.57
C GLN D 598 4.03 -69.00 81.40
N MET D 599 2.97 -69.63 80.87
CA MET D 599 1.72 -69.73 81.60
C MET D 599 1.71 -70.85 82.63
N THR D 600 2.53 -71.89 82.46
CA THR D 600 2.48 -73.02 83.37
C THR D 600 2.92 -72.62 84.79
N ILE D 601 4.05 -71.91 84.90
CA ILE D 601 4.54 -71.49 86.20
C ILE D 601 3.57 -70.50 86.84
N LEU D 602 2.99 -69.61 86.03
CA LEU D 602 2.02 -68.66 86.56
C LEU D 602 0.78 -69.36 87.10
N MET D 603 0.29 -70.36 86.38
CA MET D 603 -0.87 -71.12 86.86
C MET D 603 -0.53 -71.90 88.11
N LEU D 604 0.66 -72.50 88.17
CA LEU D 604 1.07 -73.24 89.35
C LEU D 604 1.18 -72.33 90.56
N PHE D 605 1.73 -71.13 90.39
CA PHE D 605 1.85 -70.20 91.49
C PHE D 605 0.47 -69.70 91.94
N ASN D 606 -0.44 -69.51 91.00
CA ASN D 606 -1.79 -69.04 91.33
C ASN D 606 -2.72 -70.16 91.77
N ASN D 607 -2.30 -71.42 91.65
CA ASN D 607 -3.13 -72.56 92.04
C ASN D 607 -3.20 -72.74 93.55
N ARG D 608 -2.10 -72.48 94.26
CA ARG D 608 -2.04 -72.64 95.70
C ARG D 608 -1.18 -71.52 96.27
N GLU D 609 -0.99 -71.54 97.59
CA GLU D 609 -0.19 -70.52 98.26
C GLU D 609 1.29 -70.88 98.31
N LYS D 610 1.61 -72.16 98.45
CA LYS D 610 3.00 -72.60 98.55
C LYS D 610 3.58 -72.82 97.16
N TYR D 611 4.72 -72.19 96.91
CA TYR D 611 5.41 -72.32 95.63
C TYR D 611 6.89 -72.57 95.89
N THR D 612 7.52 -73.30 94.97
CA THR D 612 8.93 -73.64 95.08
C THR D 612 9.52 -73.79 93.69
N PHE D 613 10.85 -73.69 93.62
CA PHE D 613 11.53 -73.84 92.34
C PHE D 613 11.37 -75.23 91.76
N GLU D 614 11.41 -76.26 92.62
CA GLU D 614 11.28 -77.63 92.15
C GLU D 614 9.91 -77.90 91.55
N GLU D 615 8.87 -77.22 92.05
CA GLU D 615 7.53 -77.41 91.51
C GLU D 615 7.44 -76.97 90.06
N ILE D 616 8.08 -75.85 89.72
CA ILE D 616 8.07 -75.37 88.34
C ILE D 616 8.77 -76.36 87.41
N GLN D 617 9.91 -76.90 87.85
CA GLN D 617 10.62 -77.88 87.05
C GLN D 617 9.82 -79.17 86.89
N GLN D 618 9.15 -79.60 87.95
CA GLN D 618 8.33 -80.81 87.87
C GLN D 618 7.14 -80.62 86.94
N GLU D 619 6.52 -79.44 86.97
CA GLU D 619 5.36 -79.17 86.13
C GLU D 619 5.70 -79.09 84.65
N THR D 620 6.97 -78.95 84.29
CA THR D 620 7.38 -78.87 82.90
C THR D 620 8.29 -80.01 82.47
N ASP D 621 9.11 -80.54 83.38
CA ASP D 621 10.05 -81.63 83.09
C ASP D 621 10.97 -81.26 81.92
N ILE D 622 11.35 -79.99 81.87
CA ILE D 622 12.24 -79.48 80.84
C ILE D 622 13.69 -79.76 81.24
N PRO D 623 14.63 -79.68 80.30
CA PRO D 623 16.05 -79.87 80.66
C PRO D 623 16.54 -78.74 81.56
N GLU D 624 17.74 -78.94 82.12
CA GLU D 624 18.27 -77.99 83.10
C GLU D 624 18.37 -76.59 82.51
N ARG D 625 18.98 -76.44 81.33
CA ARG D 625 19.04 -75.14 80.69
C ARG D 625 17.64 -74.66 80.29
N GLU D 626 16.82 -75.56 79.76
CA GLU D 626 15.46 -75.20 79.39
C GLU D 626 14.64 -74.80 80.61
N LEU D 627 14.79 -75.54 81.72
CA LEU D 627 14.08 -75.19 82.95
C LEU D 627 14.53 -73.84 83.48
N VAL D 628 15.84 -73.57 83.43
CA VAL D 628 16.35 -72.28 83.90
C VAL D 628 15.80 -71.14 83.04
N ARG D 629 15.79 -71.33 81.71
CA ARG D 629 15.24 -70.29 80.83
C ARG D 629 13.75 -70.08 81.08
N ALA D 630 13.01 -71.17 81.27
CA ALA D 630 11.57 -71.04 81.53
C ALA D 630 11.31 -70.33 82.85
N LEU D 631 12.09 -70.65 83.88
CA LEU D 631 11.94 -69.97 85.16
C LEU D 631 12.27 -68.49 85.04
N GLN D 632 13.34 -68.17 84.29
CA GLN D 632 13.71 -66.77 84.11
C GLN D 632 12.62 -66.01 83.36
N SER D 633 12.03 -66.62 82.34
CA SER D 633 11.02 -65.95 81.53
C SER D 633 9.62 -66.02 82.13
N LEU D 634 9.43 -66.81 83.19
CA LEU D 634 8.10 -67.00 83.76
C LEU D 634 7.77 -65.94 84.81
N ALA D 635 8.62 -65.78 85.83
CA ALA D 635 8.36 -64.84 86.90
C ALA D 635 9.48 -63.84 87.14
N CYS D 636 10.62 -63.98 86.47
CA CYS D 636 11.73 -63.04 86.60
C CYS D 636 11.99 -62.29 85.30
N GLY D 637 10.97 -62.19 84.45
CA GLY D 637 11.11 -61.53 83.16
C GLY D 637 10.75 -60.06 83.20
N LYS D 638 9.69 -59.69 82.47
CA LYS D 638 9.26 -58.30 82.38
C LYS D 638 8.65 -57.85 83.70
N PRO D 639 8.31 -56.56 83.83
CA PRO D 639 7.70 -56.10 85.09
C PRO D 639 6.40 -56.77 85.42
N THR D 640 5.60 -57.15 84.42
CA THR D 640 4.33 -57.82 84.70
C THR D 640 4.55 -59.16 85.39
N GLN D 641 5.53 -59.94 84.91
CA GLN D 641 5.84 -61.22 85.56
C GLN D 641 6.35 -61.02 86.98
N ARG D 642 7.24 -60.05 87.18
CA ARG D 642 7.78 -59.75 88.51
C ARG D 642 6.94 -58.66 89.17
N VAL D 643 5.72 -59.06 89.55
CA VAL D 643 4.77 -58.15 90.18
C VAL D 643 4.56 -58.51 91.66
N LEU D 644 5.48 -59.27 92.24
CA LEU D 644 5.40 -59.67 93.64
C LEU D 644 6.64 -59.19 94.38
N THR D 645 6.43 -58.64 95.57
CA THR D 645 7.53 -58.14 96.41
C THR D 645 8.10 -59.29 97.25
N LYS D 646 8.73 -60.23 96.56
CA LYS D 646 9.29 -61.40 97.22
C LYS D 646 10.48 -61.00 98.10
N GLU D 647 10.69 -61.77 99.17
CA GLU D 647 11.77 -61.56 100.13
C GLU D 647 12.61 -62.82 100.21
N PRO D 648 13.77 -62.86 99.56
CA PRO D 648 14.34 -61.80 98.71
C PRO D 648 13.80 -61.85 97.28
N LYS D 649 13.94 -60.74 96.55
CA LYS D 649 13.53 -60.64 95.16
C LYS D 649 14.79 -60.48 94.30
N SER D 650 14.96 -61.37 93.34
CA SER D 650 16.12 -61.31 92.46
C SER D 650 15.73 -61.87 91.09
N LYS D 651 16.29 -61.28 90.05
CA LYS D 651 16.01 -61.74 88.69
C LYS D 651 16.73 -63.05 88.38
N GLU D 652 17.86 -63.30 89.03
CA GLU D 652 18.60 -64.52 88.79
C GLU D 652 17.82 -65.74 89.27
N ILE D 653 17.97 -66.83 88.55
CA ILE D 653 17.31 -68.10 88.86
C ILE D 653 18.39 -69.14 89.15
N GLU D 654 18.27 -69.79 90.30
CA GLU D 654 19.23 -70.80 90.72
C GLU D 654 18.47 -71.95 91.38
N ASN D 655 19.21 -72.94 91.85
CA ASN D 655 18.64 -74.11 92.51
C ASN D 655 18.57 -73.88 94.02
N GLY D 656 17.45 -74.29 94.61
CA GLY D 656 17.23 -74.14 96.03
C GLY D 656 16.58 -72.83 96.44
N HIS D 657 16.40 -71.90 95.51
CA HIS D 657 15.74 -70.64 95.81
C HIS D 657 14.23 -70.81 95.75
N ILE D 658 13.55 -70.37 96.81
CA ILE D 658 12.10 -70.52 96.93
C ILE D 658 11.49 -69.13 96.89
N PHE D 659 10.60 -68.90 95.91
CA PHE D 659 9.92 -67.62 95.82
C PHE D 659 8.96 -67.44 96.99
N THR D 660 8.82 -66.20 97.43
CA THR D 660 7.94 -65.86 98.56
C THR D 660 6.60 -65.39 98.03
N VAL D 661 5.53 -66.06 98.45
CA VAL D 661 4.19 -65.69 98.02
C VAL D 661 3.71 -64.52 98.89
N ASN D 662 3.30 -63.43 98.25
CA ASN D 662 2.85 -62.23 98.95
C ASN D 662 1.37 -62.39 99.28
N ASP D 663 1.08 -63.29 100.21
CA ASP D 663 -0.29 -63.52 100.63
C ASP D 663 -0.82 -62.40 101.53
N GLN D 664 0.07 -61.67 102.22
CA GLN D 664 -0.38 -60.56 103.06
C GLN D 664 -0.82 -59.37 102.21
N PHE D 665 -0.23 -59.18 101.04
CA PHE D 665 -0.62 -58.09 100.16
C PHE D 665 -2.04 -58.29 99.66
N THR D 666 -2.80 -57.19 99.60
CA THR D 666 -4.19 -57.21 99.19
C THR D 666 -4.31 -56.55 97.82
N SER D 667 -5.00 -57.24 96.90
CA SER D 667 -5.25 -56.73 95.56
C SER D 667 -6.75 -56.56 95.35
N LYS D 668 -7.16 -55.36 94.94
CA LYS D 668 -8.57 -55.06 94.72
C LYS D 668 -8.93 -54.78 93.28
N LEU D 669 -7.95 -54.53 92.41
CA LEU D 669 -8.22 -54.26 91.02
C LEU D 669 -8.78 -55.51 90.33
N HIS D 670 -9.80 -55.31 89.48
CA HIS D 670 -10.39 -56.43 88.76
C HIS D 670 -9.38 -57.05 87.79
N ARG D 671 -8.61 -56.21 87.09
CA ARG D 671 -7.62 -56.69 86.14
C ARG D 671 -6.42 -57.26 86.89
N VAL D 672 -6.03 -58.50 86.54
CA VAL D 672 -4.92 -59.17 87.18
C VAL D 672 -4.03 -59.77 86.12
N LYS D 673 -2.79 -60.08 86.51
CA LYS D 673 -1.80 -60.68 85.63
C LYS D 673 -1.32 -61.99 86.24
N ILE D 674 -1.15 -62.99 85.39
CA ILE D 674 -0.73 -64.32 85.84
C ILE D 674 0.78 -64.30 86.06
N GLN D 675 1.20 -64.67 87.27
CA GLN D 675 2.62 -64.69 87.61
C GLN D 675 2.93 -65.82 88.59
N GLN D 681 13.06 -49.47 76.97
CA GLN D 681 13.79 -50.33 77.90
C GLN D 681 15.24 -50.52 77.45
N GLY D 682 15.43 -50.80 76.16
CA GLY D 682 16.75 -51.00 75.61
C GLY D 682 17.01 -52.42 75.15
N GLU D 683 17.03 -52.63 73.84
CA GLU D 683 17.27 -53.94 73.27
C GLU D 683 18.77 -54.20 73.12
N SER D 684 19.10 -55.38 72.61
CA SER D 684 20.49 -55.76 72.39
C SER D 684 20.99 -55.10 71.12
N ASP D 685 21.93 -54.15 71.26
CA ASP D 685 22.49 -53.48 70.10
C ASP D 685 23.21 -54.44 69.16
N PRO D 686 24.04 -55.37 69.64
CA PRO D 686 24.72 -56.29 68.72
C PRO D 686 23.77 -57.15 67.91
N GLU D 687 22.64 -57.57 68.48
CA GLU D 687 21.69 -58.38 67.72
C GLU D 687 21.10 -57.60 66.56
N ARG D 688 20.74 -56.33 66.78
CA ARG D 688 20.22 -55.50 65.70
C ARG D 688 21.27 -55.27 64.63
N LYS D 689 22.53 -55.03 65.02
CA LYS D 689 23.59 -54.85 64.05
C LYS D 689 23.80 -56.11 63.21
N GLU D 690 23.78 -57.28 63.86
CA GLU D 690 23.94 -58.53 63.14
C GLU D 690 22.77 -58.76 62.17
N THR D 691 21.55 -58.46 62.61
CA THR D 691 20.40 -58.61 61.73
C THR D 691 20.49 -57.67 60.53
N ARG D 692 20.91 -56.42 60.76
CA ARG D 692 21.06 -55.48 59.67
C ARG D 692 22.15 -55.93 58.70
N GLN D 693 23.26 -56.45 59.22
CA GLN D 693 24.32 -56.94 58.35
C GLN D 693 23.85 -58.13 57.52
N LYS D 694 23.09 -59.04 58.14
CA LYS D 694 22.57 -60.18 57.39
C LYS D 694 21.59 -59.73 56.32
N VAL D 695 20.73 -58.77 56.64
CA VAL D 695 19.79 -58.25 55.65
C VAL D 695 20.54 -57.59 54.48
N ASP D 696 21.57 -56.81 54.79
CA ASP D 696 22.36 -56.17 53.75
C ASP D 696 23.05 -57.21 52.88
N ASP D 697 23.61 -58.26 53.49
CA ASP D 697 24.27 -59.31 52.72
C ASP D 697 23.27 -60.03 51.81
N ASP D 698 22.07 -60.30 52.33
CA ASP D 698 21.05 -60.96 51.51
C ASP D 698 20.61 -60.07 50.36
N ARG D 699 20.44 -58.78 50.60
CA ARG D 699 19.98 -57.87 49.55
C ARG D 699 21.10 -57.51 48.59
N LYS D 700 22.35 -57.81 48.95
CA LYS D 700 23.47 -57.53 48.06
C LYS D 700 23.36 -58.32 46.76
N HIS D 701 22.97 -59.59 46.86
CA HIS D 701 22.80 -60.40 45.64
C HIS D 701 21.70 -59.84 44.76
N GLU D 702 20.57 -59.44 45.36
CA GLU D 702 19.47 -58.87 44.58
C GLU D 702 19.89 -57.57 43.92
N ILE D 703 20.65 -56.73 44.63
CA ILE D 703 21.09 -55.46 44.05
C ILE D 703 22.09 -55.70 42.92
N GLU D 704 23.01 -56.66 43.10
CA GLU D 704 24.02 -56.94 42.09
C GLU D 704 23.47 -57.72 40.90
N ALA D 705 22.31 -58.35 41.03
CA ALA D 705 21.72 -59.04 39.90
C ALA D 705 21.40 -58.07 38.77
N ALA D 706 20.84 -56.91 39.10
CA ALA D 706 20.56 -55.91 38.07
C ALA D 706 21.83 -55.40 37.42
N ILE D 707 22.88 -55.18 38.22
CA ILE D 707 24.16 -54.72 37.66
C ILE D 707 24.74 -55.77 36.74
N VAL D 708 24.67 -57.05 37.12
CA VAL D 708 25.19 -58.12 36.27
C VAL D 708 24.39 -58.21 34.98
N ARG D 709 23.06 -58.06 35.07
CA ARG D 709 22.24 -58.09 33.86
C ARG D 709 22.58 -56.92 32.94
N ILE D 710 22.78 -55.73 33.50
CA ILE D 710 23.14 -54.57 32.69
C ILE D 710 24.50 -54.79 32.03
N MET D 711 25.46 -55.32 32.78
CA MET D 711 26.79 -55.59 32.22
C MET D 711 26.71 -56.62 31.10
N LYS D 712 25.90 -57.67 31.27
CA LYS D 712 25.73 -58.66 30.22
C LYS D 712 25.08 -58.06 28.99
N SER D 713 24.09 -57.19 29.18
CA SER D 713 23.45 -56.52 28.06
C SER D 713 24.37 -55.53 27.38
N ARG D 714 25.37 -55.01 28.08
CA ARG D 714 26.32 -54.07 27.53
C ARG D 714 27.62 -54.73 27.09
N LYS D 715 28.32 -55.40 28.01
CA LYS D 715 29.57 -56.11 27.75
C LYS D 715 30.67 -55.20 27.22
N LYS D 716 30.52 -53.88 27.34
CA LYS D 716 31.53 -52.94 26.87
C LYS D 716 31.40 -51.65 27.65
N MET D 717 32.33 -51.40 28.57
CA MET D 717 32.32 -50.21 29.39
C MET D 717 33.69 -50.05 30.03
N GLN D 718 33.88 -48.94 30.74
CA GLN D 718 35.13 -48.69 31.44
C GLN D 718 35.26 -49.63 32.63
N HIS D 719 36.51 -49.86 33.05
CA HIS D 719 36.77 -50.73 34.19
C HIS D 719 36.12 -50.20 35.47
N ASN D 720 36.25 -48.89 35.70
CA ASN D 720 35.61 -48.28 36.86
C ASN D 720 34.12 -48.04 36.67
N VAL D 721 33.65 -48.03 35.42
CA VAL D 721 32.23 -47.79 35.17
C VAL D 721 31.38 -48.94 35.71
N LEU D 722 31.88 -50.18 35.59
CA LEU D 722 31.16 -51.32 36.12
C LEU D 722 31.02 -51.24 37.63
N VAL D 723 32.09 -50.82 38.32
CA VAL D 723 32.02 -50.68 39.77
C VAL D 723 31.10 -49.53 40.16
N ALA D 724 31.15 -48.42 39.41
CA ALA D 724 30.29 -47.29 39.71
C ALA D 724 28.82 -47.63 39.53
N GLU D 725 28.48 -48.37 38.47
CA GLU D 725 27.09 -48.77 38.26
C GLU D 725 26.60 -49.68 39.38
N VAL D 726 27.45 -50.61 39.82
CA VAL D 726 27.08 -51.50 40.92
C VAL D 726 26.88 -50.71 42.21
N THR D 727 27.77 -49.74 42.48
CA THR D 727 27.63 -48.92 43.67
C THR D 727 26.35 -48.09 43.62
N GLN D 728 26.04 -47.51 42.46
CA GLN D 728 24.83 -46.70 42.34
C GLN D 728 23.58 -47.56 42.47
N GLN D 729 23.61 -48.78 41.92
CA GLN D 729 22.44 -49.66 42.01
C GLN D 729 22.16 -50.04 43.46
N LEU D 730 23.20 -50.31 44.24
CA LEU D 730 23.05 -50.67 45.65
C LEU D 730 22.93 -49.46 46.56
N LYS D 731 23.11 -48.25 46.03
CA LYS D 731 22.94 -47.05 46.85
C LYS D 731 21.49 -46.86 47.28
N ALA D 732 20.55 -47.20 46.40
CA ALA D 732 19.13 -47.06 46.74
C ALA D 732 18.68 -48.07 47.79
N ARG D 733 19.27 -49.26 47.80
CA ARG D 733 18.89 -50.30 48.75
C ARG D 733 19.52 -50.10 50.13
N PHE D 734 20.80 -49.73 50.17
CA PHE D 734 21.51 -49.53 51.43
C PHE D 734 22.69 -48.61 51.16
N LEU D 735 23.60 -48.53 52.13
CA LEU D 735 24.80 -47.70 52.00
C LEU D 735 26.03 -48.57 52.19
N PRO D 736 26.49 -49.27 51.15
CA PRO D 736 27.67 -50.13 51.31
C PRO D 736 28.95 -49.39 50.96
N SER D 737 30.04 -49.81 51.58
CA SER D 737 31.34 -49.22 51.31
C SER D 737 31.81 -49.61 49.91
N PRO D 738 32.77 -48.86 49.34
CA PRO D 738 33.27 -49.21 48.01
C PRO D 738 33.84 -50.61 47.92
N VAL D 739 34.50 -51.10 48.98
CA VAL D 739 34.98 -52.47 49.00
C VAL D 739 33.80 -53.44 48.97
N VAL D 740 32.75 -53.15 49.75
CA VAL D 740 31.57 -54.00 49.76
C VAL D 740 30.87 -53.96 48.41
N ILE D 741 30.83 -52.77 47.78
CA ILE D 741 30.20 -52.65 46.47
C ILE D 741 30.96 -53.47 45.44
N LYS D 742 32.30 -53.42 45.47
CA LYS D 742 33.09 -54.21 44.55
C LYS D 742 32.92 -55.71 44.81
N LYS D 743 32.86 -56.10 46.08
CA LYS D 743 32.68 -57.51 46.42
C LYS D 743 31.31 -58.03 45.95
N ARG D 744 30.27 -57.19 46.06
CA ARG D 744 28.95 -57.61 45.60
C ARG D 744 28.95 -57.88 44.10
N ILE D 745 29.62 -57.02 43.33
CA ILE D 745 29.70 -57.23 41.89
C ILE D 745 30.56 -58.46 41.56
N GLU D 746 31.66 -58.65 42.29
CA GLU D 746 32.53 -59.78 42.04
C GLU D 746 31.89 -61.11 42.43
N GLY D 747 30.97 -61.11 43.39
CA GLY D 747 30.33 -62.34 43.82
C GLY D 747 29.20 -62.82 42.96
N LEU D 748 28.90 -62.12 41.86
CA LEU D 748 27.83 -62.54 40.97
C LEU D 748 28.09 -63.90 40.34
N ILE D 749 29.34 -64.18 39.98
CA ILE D 749 29.67 -65.49 39.41
C ILE D 749 29.53 -66.58 40.47
N GLU D 750 29.91 -66.27 41.72
CA GLU D 750 29.82 -67.25 42.80
C GLU D 750 28.39 -67.51 43.25
N ARG D 751 27.43 -66.73 42.78
CA ARG D 751 26.02 -66.91 43.15
C ARG D 751 25.36 -68.07 42.42
N GLU D 752 26.12 -68.85 41.65
CA GLU D 752 25.58 -69.99 40.90
C GLU D 752 24.47 -69.56 39.95
N TYR D 753 24.61 -68.38 39.37
CA TYR D 753 23.66 -67.84 38.41
C TYR D 753 24.29 -67.45 37.08
N LEU D 754 25.50 -66.89 37.11
CA LEU D 754 26.20 -66.49 35.90
C LEU D 754 27.69 -66.69 36.11
N ALA D 755 28.50 -66.11 35.23
CA ALA D 755 29.95 -66.22 35.29
C ALA D 755 30.56 -64.83 35.35
N ARG D 756 31.89 -64.77 35.30
CA ARG D 756 32.63 -63.51 35.35
C ARG D 756 33.63 -63.49 34.20
N THR D 757 34.30 -62.34 34.04
CA THR D 757 35.29 -62.16 32.99
C THR D 757 36.67 -61.99 33.61
N PRO D 758 37.53 -63.02 33.58
CA PRO D 758 38.87 -62.87 34.17
C PRO D 758 39.81 -62.00 33.36
N GLU D 759 39.45 -61.66 32.12
CA GLU D 759 40.32 -60.81 31.31
C GLU D 759 40.48 -59.42 31.93
N ASP D 760 39.40 -58.85 32.45
CA ASP D 760 39.41 -57.54 33.07
C ASP D 760 39.31 -57.70 34.58
N ARG D 761 40.22 -57.04 35.31
CA ARG D 761 40.25 -57.14 36.75
C ARG D 761 39.04 -56.48 37.41
N LYS D 762 38.43 -55.49 36.76
CA LYS D 762 37.28 -54.77 37.29
C LYS D 762 36.00 -55.02 36.53
N VAL D 763 36.06 -55.05 35.19
CA VAL D 763 34.86 -55.28 34.40
C VAL D 763 34.48 -56.76 34.47
N TYR D 764 33.21 -57.03 34.77
CA TYR D 764 32.70 -58.39 34.88
C TYR D 764 31.58 -58.59 33.87
N THR D 765 31.61 -59.73 33.18
CA THR D 765 30.60 -60.07 32.19
C THR D 765 29.86 -61.32 32.66
N TYR D 766 28.55 -61.28 32.59
CA TYR D 766 27.69 -62.37 33.04
C TYR D 766 27.22 -63.17 31.83
N VAL D 767 27.51 -64.47 31.83
CA VAL D 767 27.06 -65.33 30.75
C VAL D 767 25.54 -65.45 30.75
N ALA D 768 24.95 -65.63 31.93
CA ALA D 768 23.50 -65.75 32.05
C ALA D 768 23.00 -64.98 33.27
N ALA E 34 5.57 -74.12 61.47
CA ALA E 34 6.19 -75.17 60.67
C ALA E 34 5.35 -75.50 59.45
N TRP E 35 6.00 -75.74 58.32
CA TRP E 35 5.33 -76.07 57.07
C TRP E 35 5.45 -77.57 56.80
N ASP E 36 4.33 -78.19 56.43
CA ASP E 36 4.30 -79.61 56.13
C ASP E 36 4.77 -79.84 54.70
N ILE E 37 6.07 -79.68 54.50
CA ILE E 37 6.69 -79.83 53.18
C ILE E 37 7.86 -80.79 53.19
N VAL E 38 8.07 -81.54 54.28
CA VAL E 38 9.15 -82.51 54.42
C VAL E 38 10.50 -81.81 54.31
N VAL E 39 11.06 -81.43 55.46
CA VAL E 39 12.35 -80.74 55.49
C VAL E 39 13.53 -81.67 55.23
N ASP E 40 13.29 -82.99 55.19
CA ASP E 40 14.37 -83.93 54.93
C ASP E 40 14.96 -83.72 53.54
N ASN E 41 14.11 -83.51 52.54
CA ASN E 41 14.54 -83.26 51.17
C ASN E 41 13.82 -82.02 50.66
N CYS E 42 14.57 -80.98 50.35
CA CYS E 42 14.00 -79.72 49.86
C CYS E 42 14.05 -79.63 48.34
N ALA E 43 15.24 -79.75 47.76
CA ALA E 43 15.42 -79.70 46.32
C ALA E 43 16.73 -80.39 45.98
N ILE E 44 17.18 -80.22 44.74
CA ILE E 44 18.45 -80.79 44.27
C ILE E 44 19.53 -79.78 44.61
N CYS E 45 20.01 -79.83 45.85
CA CYS E 45 21.06 -78.92 46.32
C CYS E 45 22.18 -79.60 47.07
N ARG E 46 21.97 -80.80 47.61
CA ARG E 46 22.98 -81.53 48.40
C ARG E 46 23.48 -80.71 49.57
N ASN E 47 22.59 -79.93 50.20
CA ASN E 47 22.94 -79.10 51.34
C ASN E 47 21.92 -79.18 52.47
N HIS E 48 20.93 -80.07 52.36
CA HIS E 48 19.90 -80.27 53.39
C HIS E 48 19.05 -79.02 53.60
N ILE E 49 18.01 -79.15 54.42
CA ILE E 49 17.13 -78.02 54.72
C ILE E 49 16.96 -77.88 56.22
N VAL E 70 5.74 -70.61 59.71
CA VAL E 70 6.54 -71.20 58.64
C VAL E 70 7.33 -70.13 57.90
N ALA E 71 8.08 -70.54 56.89
CA ALA E 71 8.89 -69.63 56.07
C ALA E 71 8.20 -69.45 54.73
N TRP E 72 7.91 -68.20 54.38
CA TRP E 72 7.24 -67.86 53.13
C TRP E 72 8.24 -67.26 52.16
N GLY E 73 8.32 -67.84 50.97
CA GLY E 73 9.22 -67.35 49.94
C GLY E 73 8.49 -66.73 48.77
N VAL E 74 8.91 -67.05 47.55
CA VAL E 74 8.27 -66.54 46.35
C VAL E 74 7.63 -67.64 45.51
N CYS E 75 8.11 -68.88 45.60
CA CYS E 75 7.55 -69.99 44.85
C CYS E 75 6.80 -71.00 45.71
N ASN E 76 6.98 -70.96 47.03
CA ASN E 76 6.33 -71.89 47.95
C ASN E 76 6.64 -73.35 47.58
N HIS E 77 7.87 -73.59 47.14
CA HIS E 77 8.31 -74.93 46.77
C HIS E 77 9.19 -75.59 47.81
N ALA E 78 9.46 -74.92 48.93
CA ALA E 78 10.32 -75.45 49.99
C ALA E 78 11.70 -75.81 49.45
N PHE E 79 12.38 -74.80 48.91
CA PHE E 79 13.70 -74.95 48.33
C PHE E 79 14.70 -74.09 49.10
N HIS E 80 15.95 -74.56 49.15
CA HIS E 80 17.00 -73.83 49.83
C HIS E 80 17.44 -72.63 48.98
N PHE E 81 18.22 -71.75 49.61
CA PHE E 81 18.71 -70.57 48.90
C PHE E 81 19.63 -70.96 47.75
N HIS E 82 20.51 -71.94 47.97
CA HIS E 82 21.39 -72.40 46.91
C HIS E 82 20.61 -73.04 45.77
N CYS E 83 19.60 -73.84 46.11
CA CYS E 83 18.79 -74.50 45.07
C CYS E 83 18.04 -73.47 44.23
N ILE E 84 17.49 -72.44 44.88
CA ILE E 84 16.76 -71.41 44.14
C ILE E 84 17.69 -70.67 43.20
N SER E 85 18.90 -70.34 43.66
CA SER E 85 19.87 -69.66 42.80
C SER E 85 20.29 -70.55 41.64
N ARG E 86 20.50 -71.85 41.89
CA ARG E 86 20.86 -72.76 40.82
C ARG E 86 19.76 -72.88 39.78
N TRP E 87 18.50 -72.95 40.25
CA TRP E 87 17.38 -73.01 39.32
C TRP E 87 17.25 -71.72 38.51
N LEU E 88 17.49 -70.58 39.16
CA LEU E 88 17.38 -69.29 38.46
C LEU E 88 18.54 -69.05 37.51
N LYS E 89 19.58 -69.90 37.55
CA LYS E 89 20.72 -69.71 36.65
C LYS E 89 20.32 -69.87 35.19
N THR E 90 19.26 -70.63 34.91
CA THR E 90 18.78 -70.83 33.55
C THR E 90 17.46 -70.14 33.29
N ARG E 91 16.45 -70.39 34.13
CA ARG E 91 15.13 -69.77 33.98
C ARG E 91 14.73 -69.15 35.31
N GLN E 92 14.33 -67.87 35.26
CA GLN E 92 13.90 -67.19 36.48
C GLN E 92 12.52 -67.63 36.93
N VAL E 93 11.72 -68.19 36.04
CA VAL E 93 10.37 -68.64 36.40
C VAL E 93 10.46 -69.97 37.12
N CYS E 94 9.86 -70.04 38.31
CA CYS E 94 9.85 -71.26 39.10
C CYS E 94 8.72 -72.16 38.65
N PRO E 95 8.99 -73.41 38.23
CA PRO E 95 7.93 -74.32 37.79
C PRO E 95 7.25 -75.08 38.95
N LEU E 96 6.87 -74.33 39.98
CA LEU E 96 6.20 -74.90 41.14
C LEU E 96 4.96 -74.16 41.58
N ASP E 97 4.80 -72.88 41.23
CA ASP E 97 3.62 -72.11 41.61
C ASP E 97 3.06 -71.27 40.47
N ASN E 98 3.60 -71.39 39.26
CA ASN E 98 3.16 -70.66 38.07
C ASN E 98 3.25 -69.14 38.24
N ARG E 99 4.02 -68.66 39.21
CA ARG E 99 4.19 -67.23 39.45
C ARG E 99 5.68 -66.88 39.41
N GLU E 100 5.95 -65.60 39.23
CA GLU E 100 7.32 -65.12 39.18
C GLU E 100 7.98 -65.30 40.55
N TRP E 101 9.20 -65.83 40.55
CA TRP E 101 9.94 -66.10 41.77
C TRP E 101 11.15 -65.20 41.87
N GLU E 102 11.35 -64.63 43.06
CA GLU E 102 12.51 -63.78 43.34
C GLU E 102 13.20 -64.12 44.66
N PHE E 103 12.72 -65.11 45.39
CA PHE E 103 13.30 -65.56 46.66
C PHE E 103 13.16 -64.50 47.75
N GLN E 104 13.24 -64.93 49.02
CA GLN E 104 13.12 -64.02 50.14
C GLN E 104 13.86 -64.61 51.32
N LYS E 105 14.20 -63.75 52.28
CA LYS E 105 14.92 -64.12 53.49
C LYS E 105 16.22 -64.86 53.18
N LEU F 32 -5.88 -4.22 -95.00
CA LEU F 32 -5.26 -5.51 -95.28
C LEU F 32 -6.29 -6.63 -95.27
N TRP F 33 -6.93 -6.83 -94.12
CA TRP F 33 -7.93 -7.86 -93.93
C TRP F 33 -9.25 -7.23 -93.50
N ALA F 34 -10.34 -7.70 -94.09
CA ALA F 34 -11.66 -7.19 -93.73
C ALA F 34 -12.06 -7.66 -92.34
N TRP F 35 -13.01 -6.92 -91.74
CA TRP F 35 -13.51 -7.22 -90.41
C TRP F 35 -14.88 -7.86 -90.51
N ASP F 36 -15.02 -9.06 -89.95
CA ASP F 36 -16.27 -9.80 -89.92
C ASP F 36 -16.64 -10.04 -88.47
N ILE F 37 -17.62 -9.28 -87.98
CA ILE F 37 -18.05 -9.36 -86.59
C ILE F 37 -19.39 -10.08 -86.47
N VAL F 38 -19.91 -10.60 -87.58
CA VAL F 38 -21.18 -11.33 -87.65
C VAL F 38 -22.33 -10.38 -87.29
N VAL F 39 -23.15 -10.04 -88.29
CA VAL F 39 -24.25 -9.12 -88.07
C VAL F 39 -25.24 -9.70 -87.06
N ASP F 40 -25.57 -10.99 -87.19
CA ASP F 40 -26.54 -11.60 -86.28
C ASP F 40 -25.91 -11.85 -84.91
N ASN F 41 -24.91 -12.73 -84.85
CA ASN F 41 -24.24 -13.03 -83.60
C ASN F 41 -22.96 -13.79 -83.89
N CYS F 42 -21.85 -13.32 -83.31
CA CYS F 42 -20.58 -14.02 -83.45
C CYS F 42 -20.55 -15.29 -82.60
N ALA F 43 -21.07 -15.21 -81.38
CA ALA F 43 -21.11 -16.35 -80.47
C ALA F 43 -22.22 -16.10 -79.46
N ILE F 44 -22.27 -16.90 -78.40
CA ILE F 44 -23.28 -16.74 -77.35
C ILE F 44 -22.97 -15.46 -76.59
N CYS F 45 -23.83 -14.46 -76.73
CA CYS F 45 -23.60 -13.16 -76.12
C CYS F 45 -24.61 -12.77 -75.05
N ARG F 46 -25.80 -13.38 -75.01
CA ARG F 46 -26.85 -13.04 -74.05
C ARG F 46 -27.20 -11.55 -74.10
N ASN F 47 -27.17 -10.98 -75.31
CA ASN F 47 -27.43 -9.55 -75.47
C ASN F 47 -28.35 -9.22 -76.64
N HIS F 48 -28.81 -10.20 -77.41
CA HIS F 48 -29.70 -10.00 -78.56
C HIS F 48 -29.01 -9.21 -79.67
N ILE F 49 -29.56 -9.28 -80.88
CA ILE F 49 -28.95 -8.60 -82.04
C ILE F 49 -29.47 -7.18 -82.02
N MET F 50 -28.81 -6.34 -81.22
CA MET F 50 -29.18 -4.94 -81.08
C MET F 50 -28.01 -4.20 -80.47
N ASP F 51 -28.04 -2.88 -80.60
CA ASP F 51 -27.00 -2.03 -80.02
C ASP F 51 -27.28 -1.69 -78.56
N LEU F 52 -28.47 -1.99 -78.05
CA LEU F 52 -28.78 -1.69 -76.65
C LEU F 52 -27.94 -2.52 -75.71
N CYS F 53 -27.75 -3.81 -76.03
CA CYS F 53 -26.95 -4.69 -75.19
C CYS F 53 -25.83 -5.34 -75.98
N THR F 69 -18.03 -4.32 -81.71
CA THR F 69 -17.38 -4.34 -83.02
C THR F 69 -16.11 -3.51 -83.01
N VAL F 70 -16.18 -2.31 -82.43
CA VAL F 70 -15.01 -1.44 -82.35
C VAL F 70 -13.95 -2.06 -81.45
N ALA F 71 -14.36 -2.63 -80.32
CA ALA F 71 -13.41 -3.25 -79.41
C ALA F 71 -12.83 -4.52 -80.03
N TRP F 72 -11.51 -4.66 -79.94
CA TRP F 72 -10.84 -5.82 -80.50
C TRP F 72 -11.12 -7.06 -79.64
N GLY F 73 -11.19 -8.21 -80.30
CA GLY F 73 -11.44 -9.46 -79.61
C GLY F 73 -10.18 -10.03 -78.98
N VAL F 74 -10.35 -11.21 -78.38
CA VAL F 74 -9.21 -11.88 -77.74
C VAL F 74 -8.18 -12.28 -78.77
N CYS F 75 -8.62 -12.82 -79.91
CA CYS F 75 -7.73 -13.26 -80.98
C CYS F 75 -7.45 -12.15 -81.99
N ASN F 76 -7.74 -10.90 -81.65
CA ASN F 76 -7.54 -9.76 -82.55
C ASN F 76 -8.30 -9.92 -83.86
N HIS F 77 -9.47 -10.55 -83.80
CA HIS F 77 -10.32 -10.74 -84.97
C HIS F 77 -11.65 -10.02 -84.83
N ALA F 78 -11.78 -9.15 -83.82
CA ALA F 78 -12.96 -8.33 -83.57
C ALA F 78 -14.13 -9.18 -83.08
N PHE F 79 -14.91 -8.63 -82.14
CA PHE F 79 -16.08 -9.31 -81.61
C PHE F 79 -17.35 -8.65 -82.14
N HIS F 80 -18.48 -9.30 -81.87
CA HIS F 80 -19.77 -8.78 -82.32
C HIS F 80 -20.11 -7.51 -81.57
N PHE F 81 -20.94 -6.67 -82.21
CA PHE F 81 -21.36 -5.43 -81.60
C PHE F 81 -22.16 -5.68 -80.32
N HIS F 82 -23.07 -6.66 -80.35
CA HIS F 82 -23.77 -7.05 -79.13
C HIS F 82 -22.82 -7.65 -78.11
N CYS F 83 -21.88 -8.49 -78.56
CA CYS F 83 -20.93 -9.11 -77.64
C CYS F 83 -20.02 -8.07 -77.00
N ILE F 84 -19.54 -7.11 -77.79
CA ILE F 84 -18.66 -6.07 -77.24
C ILE F 84 -19.41 -5.21 -76.23
N SER F 85 -20.65 -4.84 -76.55
CA SER F 85 -21.44 -4.03 -75.62
C SER F 85 -21.74 -4.80 -74.34
N ARG F 86 -22.04 -6.10 -74.46
CA ARG F 86 -22.30 -6.91 -73.28
C ARG F 86 -21.06 -7.07 -72.41
N TRP F 87 -19.89 -7.21 -73.04
CA TRP F 87 -18.65 -7.40 -72.30
C TRP F 87 -18.02 -6.09 -71.83
N LEU F 88 -18.53 -4.93 -72.28
CA LEU F 88 -17.91 -3.68 -71.90
C LEU F 88 -18.30 -3.28 -70.48
N LYS F 89 -19.59 -3.02 -70.25
CA LYS F 89 -20.06 -2.55 -68.95
C LYS F 89 -21.38 -3.16 -68.52
N THR F 90 -21.87 -4.20 -69.19
CA THR F 90 -23.19 -4.76 -68.88
C THR F 90 -23.15 -5.72 -67.70
N ARG F 91 -22.18 -6.64 -67.67
CA ARG F 91 -22.09 -7.63 -66.60
C ARG F 91 -20.65 -7.76 -66.15
N GLN F 92 -20.48 -8.12 -64.87
CA GLN F 92 -19.14 -8.34 -64.33
C GLN F 92 -18.45 -9.51 -65.01
N VAL F 93 -19.18 -10.60 -65.24
CA VAL F 93 -18.67 -11.76 -65.96
C VAL F 93 -19.20 -11.70 -67.38
N CYS F 94 -18.29 -11.64 -68.35
CA CYS F 94 -18.69 -11.43 -69.74
C CYS F 94 -19.15 -12.74 -70.35
N PRO F 95 -20.47 -12.96 -70.52
CA PRO F 95 -20.97 -14.10 -71.28
C PRO F 95 -21.19 -13.79 -72.76
N LEU F 96 -20.16 -13.23 -73.40
CA LEU F 96 -20.28 -12.77 -74.78
C LEU F 96 -19.21 -13.30 -75.72
N ASP F 97 -18.12 -13.88 -75.23
CA ASP F 97 -17.08 -14.43 -76.10
C ASP F 97 -16.55 -15.75 -75.54
N ASN F 98 -17.44 -16.53 -74.91
CA ASN F 98 -17.07 -17.78 -74.24
C ASN F 98 -16.10 -17.49 -73.10
N ARG F 99 -14.87 -17.14 -73.44
CA ARG F 99 -13.92 -16.68 -72.45
C ARG F 99 -14.19 -15.21 -72.11
N GLU F 100 -13.67 -14.78 -70.97
CA GLU F 100 -13.85 -13.39 -70.56
C GLU F 100 -13.24 -12.45 -71.59
N TRP F 101 -14.01 -11.45 -72.00
CA TRP F 101 -13.59 -10.47 -72.98
C TRP F 101 -13.64 -9.08 -72.36
N GLU F 102 -12.53 -8.36 -72.45
CA GLU F 102 -12.44 -7.00 -71.91
C GLU F 102 -11.87 -5.99 -72.90
N PHE F 103 -11.18 -6.43 -73.95
CA PHE F 103 -10.60 -5.57 -74.98
C PHE F 103 -9.49 -4.68 -74.42
N GLN F 104 -8.69 -4.11 -75.31
CA GLN F 104 -7.60 -3.21 -74.94
C GLN F 104 -7.28 -2.34 -76.15
N LYS F 105 -6.30 -1.45 -75.99
CA LYS F 105 -5.84 -0.54 -77.04
C LYS F 105 -6.88 0.52 -77.36
N TYR F 106 -6.43 1.72 -77.73
CA TYR F 106 -7.34 2.80 -78.05
C TYR F 106 -8.06 2.57 -79.39
#